data_2L9P
#
_entry.id   2L9P
#
_entity_poly.entity_id   1
_entity_poly.type   'polypeptide(L)'
_entity_poly.pdbx_seq_one_letter_code
;MTIEKKKNKIIFTRTFSAPINKVFDAYTKRELFEQWFHPQDASVTVYDFNATKGGSAFYAIQAPQMISYTIAEYLQVDAP
YYIEYLDYFATSKGEKDTSMPGMHITLNFEEVKGKTTVTSTSTFPTESAAQQAIDMGVETGMNSTLNQLEKLLNQKLEHH
HHHH
;
_entity_poly.pdbx_strand_id   A
#
# COMPACT_ATOMS: atom_id res chain seq x y z
N MET A 1 7.64 -14.62 4.02
CA MET A 1 6.36 -14.96 4.70
C MET A 1 5.72 -16.23 4.10
N THR A 2 4.67 -16.72 4.80
CA THR A 2 3.89 -17.93 4.41
C THR A 2 2.76 -17.55 3.38
N ILE A 3 2.78 -16.29 2.88
CA ILE A 3 1.78 -15.76 1.92
C ILE A 3 1.74 -16.56 0.59
N GLU A 4 0.66 -16.37 -0.19
CA GLU A 4 0.39 -17.20 -1.40
C GLU A 4 1.00 -16.54 -2.67
N LYS A 5 1.59 -17.39 -3.54
CA LYS A 5 2.29 -16.95 -4.78
C LYS A 5 1.62 -17.55 -6.04
N LYS A 6 1.54 -16.75 -7.11
CA LYS A 6 1.03 -17.17 -8.45
C LYS A 6 2.08 -16.83 -9.55
N LYS A 7 1.66 -16.85 -10.83
CA LYS A 7 2.52 -16.53 -12.00
C LYS A 7 2.97 -15.05 -12.00
N ASN A 8 2.01 -14.13 -12.21
CA ASN A 8 2.22 -12.66 -12.17
C ASN A 8 1.33 -12.00 -11.09
N LYS A 9 1.05 -12.73 -10.00
CA LYS A 9 0.17 -12.27 -8.90
C LYS A 9 0.78 -12.68 -7.53
N ILE A 10 0.90 -11.70 -6.62
CA ILE A 10 1.37 -11.92 -5.24
C ILE A 10 0.22 -11.62 -4.26
N ILE A 11 -0.19 -12.62 -3.48
CA ILE A 11 -1.20 -12.46 -2.42
C ILE A 11 -0.47 -12.22 -1.07
N PHE A 12 -0.51 -10.98 -0.56
CA PHE A 12 0.15 -10.59 0.71
C PHE A 12 -0.87 -10.54 1.86
N THR A 13 -0.47 -10.91 3.08
CA THR A 13 -1.32 -10.82 4.29
C THR A 13 -0.50 -10.37 5.50
N ARG A 14 -1.09 -9.50 6.36
CA ARG A 14 -0.39 -8.89 7.52
C ARG A 14 -1.41 -8.50 8.61
N THR A 15 -1.12 -8.89 9.86
CA THR A 15 -2.00 -8.63 11.04
C THR A 15 -1.63 -7.28 11.71
N PHE A 16 -2.56 -6.32 11.67
CA PHE A 16 -2.41 -5.00 12.31
C PHE A 16 -3.08 -4.99 13.70
N SER A 17 -2.31 -4.62 14.74
CA SER A 17 -2.88 -4.34 16.08
C SER A 17 -3.51 -2.93 16.04
N ALA A 18 -4.84 -2.88 15.75
CA ALA A 18 -5.60 -1.62 15.55
C ALA A 18 -7.07 -1.93 15.19
N PRO A 19 -8.06 -1.07 15.61
CA PRO A 19 -9.49 -1.17 15.17
C PRO A 19 -9.68 -1.01 13.63
N ILE A 20 -10.68 -1.75 13.09
CA ILE A 20 -10.95 -1.89 11.63
C ILE A 20 -11.09 -0.52 10.88
N ASN A 21 -11.67 0.47 11.57
CA ASN A 21 -11.97 1.80 10.98
C ASN A 21 -10.67 2.53 10.55
N LYS A 22 -9.71 2.69 11.48
CA LYS A 22 -8.44 3.42 11.20
C LYS A 22 -7.50 2.61 10.27
N VAL A 23 -7.65 1.28 10.29
CA VAL A 23 -6.92 0.36 9.36
C VAL A 23 -7.39 0.59 7.90
N PHE A 24 -8.70 0.81 7.72
CA PHE A 24 -9.30 1.18 6.43
C PHE A 24 -8.88 2.62 6.01
N ASP A 25 -9.08 3.58 6.94
CA ASP A 25 -8.73 5.02 6.75
C ASP A 25 -7.22 5.23 6.44
N ALA A 26 -6.38 4.22 6.75
CA ALA A 26 -4.95 4.20 6.33
C ALA A 26 -4.79 4.26 4.79
N TYR A 27 -5.67 3.52 4.09
CA TYR A 27 -5.67 3.38 2.62
C TYR A 27 -6.66 4.36 1.95
N THR A 28 -7.49 5.03 2.79
CA THR A 28 -8.68 5.77 2.33
C THR A 28 -8.65 7.27 2.72
N LYS A 29 -7.70 7.64 3.59
CA LYS A 29 -7.49 9.05 4.05
C LYS A 29 -6.01 9.47 3.87
N ARG A 30 -5.76 10.67 3.32
CA ARG A 30 -4.37 11.15 3.05
C ARG A 30 -3.63 11.50 4.34
N GLU A 31 -4.35 12.08 5.33
CA GLU A 31 -3.76 12.54 6.62
C GLU A 31 -3.07 11.37 7.38
N LEU A 32 -3.46 10.13 7.03
CA LEU A 32 -2.84 8.91 7.56
C LEU A 32 -1.86 8.29 6.53
N PHE A 33 -2.29 8.29 5.24
CA PHE A 33 -1.55 7.63 4.13
C PHE A 33 -0.09 8.13 4.01
N GLU A 34 0.11 9.46 3.99
CA GLU A 34 1.46 10.05 3.92
C GLU A 34 2.24 10.03 5.26
N GLN A 35 1.65 9.43 6.33
CA GLN A 35 2.37 9.19 7.61
C GLN A 35 2.96 7.74 7.70
N TRP A 36 2.64 6.86 6.72
CA TRP A 36 3.16 5.45 6.73
C TRP A 36 3.74 5.01 5.35
N PHE A 37 3.01 5.32 4.25
CA PHE A 37 3.36 4.82 2.90
C PHE A 37 4.57 5.58 2.31
N HIS A 38 5.78 5.12 2.68
CA HIS A 38 7.05 5.70 2.19
C HIS A 38 8.21 4.69 2.42
N PRO A 39 9.25 4.67 1.52
CA PRO A 39 10.46 3.85 1.73
C PRO A 39 11.43 4.48 2.77
N GLN A 40 12.50 3.73 3.10
CA GLN A 40 13.47 4.11 4.16
C GLN A 40 14.33 5.35 3.76
N ASP A 41 14.46 6.31 4.72
CA ASP A 41 15.16 7.61 4.52
C ASP A 41 14.49 8.50 3.43
N ALA A 42 13.20 8.24 3.14
CA ALA A 42 12.43 8.99 2.12
C ALA A 42 11.01 9.36 2.64
N SER A 43 10.54 10.55 2.27
CA SER A 43 9.20 11.08 2.61
C SER A 43 8.18 10.82 1.48
N VAL A 44 6.93 11.30 1.67
CA VAL A 44 5.84 11.18 0.67
C VAL A 44 4.86 12.39 0.77
N THR A 45 4.66 13.10 -0.35
CA THR A 45 3.73 14.25 -0.43
C THR A 45 2.49 13.89 -1.27
N VAL A 46 1.31 13.77 -0.61
CA VAL A 46 0.03 13.57 -1.31
C VAL A 46 -0.58 14.94 -1.71
N TYR A 47 -0.55 15.24 -3.03
CA TYR A 47 -1.10 16.50 -3.58
C TYR A 47 -2.64 16.55 -3.49
N ASP A 48 -3.28 15.42 -3.87
CA ASP A 48 -4.75 15.26 -3.80
C ASP A 48 -5.09 13.77 -3.53
N PHE A 49 -6.23 13.52 -2.88
CA PHE A 49 -6.63 12.14 -2.49
C PHE A 49 -8.16 11.97 -2.54
N ASN A 50 -8.61 10.85 -3.13
CA ASN A 50 -10.02 10.43 -3.14
C ASN A 50 -10.10 8.89 -3.30
N ALA A 51 -10.39 8.17 -2.21
CA ALA A 51 -10.57 6.71 -2.24
C ALA A 51 -12.06 6.33 -2.10
N THR A 52 -12.68 6.09 -3.27
CA THR A 52 -14.08 5.63 -3.38
C THR A 52 -14.24 4.75 -4.64
N LYS A 53 -15.45 4.25 -4.90
CA LYS A 53 -15.73 3.51 -6.14
C LYS A 53 -15.74 4.47 -7.35
N GLY A 54 -14.68 4.37 -8.16
CA GLY A 54 -14.42 5.32 -9.28
C GLY A 54 -13.65 6.58 -8.85
N GLY A 55 -12.84 6.49 -7.77
CA GLY A 55 -12.00 7.62 -7.29
C GLY A 55 -10.53 7.54 -7.73
N SER A 56 -9.68 8.46 -7.21
CA SER A 56 -8.23 8.52 -7.53
C SER A 56 -7.44 9.37 -6.51
N ALA A 57 -6.12 9.07 -6.34
CA ALA A 57 -5.22 9.82 -5.42
C ALA A 57 -3.87 10.12 -6.10
N PHE A 58 -3.51 11.41 -6.23
CA PHE A 58 -2.20 11.85 -6.76
C PHE A 58 -1.22 12.15 -5.60
N TYR A 59 -0.16 11.33 -5.53
CA TYR A 59 0.91 11.46 -4.51
C TYR A 59 2.31 11.34 -5.15
N ALA A 60 3.35 11.68 -4.37
CA ALA A 60 4.74 11.68 -4.84
C ALA A 60 5.70 11.14 -3.75
N ILE A 61 6.55 10.19 -4.11
CA ILE A 61 7.59 9.65 -3.22
C ILE A 61 8.83 10.59 -3.24
N GLN A 62 9.03 11.32 -2.14
CA GLN A 62 10.16 12.26 -1.98
C GLN A 62 11.41 11.49 -1.47
N ALA A 63 12.31 11.14 -2.40
CA ALA A 63 13.58 10.44 -2.11
C ALA A 63 14.76 11.45 -1.95
N PRO A 64 15.88 11.08 -1.20
CA PRO A 64 17.04 12.01 -0.92
C PRO A 64 17.55 12.89 -2.09
N GLN A 65 17.49 12.39 -3.35
CA GLN A 65 18.01 13.11 -4.55
C GLN A 65 16.99 13.06 -5.74
N MET A 66 15.76 12.59 -5.47
CA MET A 66 14.73 12.36 -6.53
C MET A 66 13.30 12.57 -5.97
N ILE A 67 12.40 13.20 -6.75
CA ILE A 67 10.96 13.24 -6.44
C ILE A 67 10.20 12.52 -7.57
N SER A 68 9.71 11.32 -7.26
CA SER A 68 8.97 10.46 -8.20
C SER A 68 7.45 10.56 -7.96
N TYR A 69 6.64 10.35 -9.00
CA TYR A 69 5.16 10.55 -8.95
C TYR A 69 4.40 9.23 -9.21
N THR A 70 3.21 9.09 -8.57
CA THR A 70 2.34 7.90 -8.72
C THR A 70 0.87 8.28 -8.41
N ILE A 71 -0.05 7.93 -9.32
CA ILE A 71 -1.51 8.09 -9.08
C ILE A 71 -2.16 6.70 -8.93
N ALA A 72 -2.90 6.48 -7.83
CA ALA A 72 -3.69 5.26 -7.63
C ALA A 72 -5.16 5.51 -8.02
N GLU A 73 -5.65 4.80 -9.06
CA GLU A 73 -7.07 4.87 -9.48
C GLU A 73 -7.91 3.87 -8.65
N TYR A 74 -8.75 4.38 -7.76
CA TYR A 74 -9.57 3.54 -6.87
C TYR A 74 -10.84 3.05 -7.62
N LEU A 75 -10.77 1.81 -8.11
CA LEU A 75 -11.82 1.19 -8.94
C LEU A 75 -13.08 0.91 -8.07
N GLN A 76 -12.91 0.13 -6.98
CA GLN A 76 -13.98 -0.13 -5.99
C GLN A 76 -13.44 -0.02 -4.54
N VAL A 77 -13.92 0.98 -3.79
CA VAL A 77 -13.68 1.08 -2.33
C VAL A 77 -15.05 1.11 -1.63
N ASP A 78 -15.38 0.04 -0.91
CA ASP A 78 -16.75 -0.21 -0.39
C ASP A 78 -16.67 -0.87 1.01
N ALA A 79 -17.28 -0.19 2.03
CA ALA A 79 -17.25 -0.62 3.46
C ALA A 79 -15.82 -0.52 4.08
N PRO A 80 -15.66 -0.49 5.45
CA PRO A 80 -14.32 -0.58 6.11
C PRO A 80 -13.56 -1.94 5.91
N TYR A 81 -13.98 -2.75 4.92
CA TYR A 81 -13.59 -4.18 4.78
C TYR A 81 -13.02 -4.50 3.37
N TYR A 82 -13.32 -3.67 2.34
CA TYR A 82 -12.86 -3.91 0.95
C TYR A 82 -12.31 -2.62 0.28
N ILE A 83 -11.08 -2.73 -0.27
CA ILE A 83 -10.43 -1.67 -1.07
C ILE A 83 -9.98 -2.27 -2.43
N GLU A 84 -10.05 -1.49 -3.51
CA GLU A 84 -9.46 -1.83 -4.82
C GLU A 84 -8.90 -0.57 -5.49
N TYR A 85 -7.64 -0.62 -5.96
CA TYR A 85 -7.03 0.48 -6.74
C TYR A 85 -6.07 -0.04 -7.83
N LEU A 86 -5.64 0.89 -8.70
CA LEU A 86 -4.68 0.64 -9.78
C LEU A 86 -3.47 1.56 -9.60
N ASP A 87 -2.26 0.99 -9.50
CA ASP A 87 -1.04 1.78 -9.26
C ASP A 87 -0.40 2.17 -10.62
N TYR A 88 -0.54 3.45 -10.99
CA TYR A 88 0.07 4.02 -12.20
C TYR A 88 1.29 4.88 -11.82
N PHE A 89 2.49 4.51 -12.30
CA PHE A 89 3.68 5.40 -12.23
C PHE A 89 3.38 6.69 -13.04
N ALA A 90 3.26 7.82 -12.32
CA ALA A 90 2.85 9.12 -12.91
C ALA A 90 4.06 9.97 -13.35
N THR A 91 3.77 11.13 -13.96
CA THR A 91 4.79 12.01 -14.58
C THR A 91 4.65 13.48 -14.10
N SER A 92 5.55 14.36 -14.59
CA SER A 92 5.51 15.82 -14.30
C SER A 92 4.24 16.51 -14.90
N LYS A 93 3.68 15.91 -15.96
CA LYS A 93 2.39 16.35 -16.57
C LYS A 93 1.16 15.78 -15.81
N GLY A 94 1.42 15.08 -14.68
CA GLY A 94 0.36 14.53 -13.82
C GLY A 94 -0.05 13.11 -14.23
N GLU A 95 -0.73 13.01 -15.38
CA GLU A 95 -1.40 11.79 -15.92
C GLU A 95 -0.72 10.43 -15.56
N LYS A 96 0.29 10.04 -16.36
CA LYS A 96 1.04 8.77 -16.19
C LYS A 96 2.20 8.69 -17.19
N ASP A 97 3.11 7.74 -16.95
CA ASP A 97 4.28 7.51 -17.80
C ASP A 97 3.89 7.01 -19.21
N THR A 98 2.78 6.25 -19.29
CA THR A 98 2.13 5.79 -20.56
C THR A 98 2.84 4.57 -21.21
N SER A 99 4.18 4.45 -21.02
CA SER A 99 4.99 3.35 -21.59
C SER A 99 4.87 2.03 -20.76
N MET A 100 3.98 2.02 -19.74
CA MET A 100 3.74 0.84 -18.88
C MET A 100 2.21 0.59 -18.69
N PRO A 101 1.77 -0.68 -18.39
CA PRO A 101 0.35 -0.97 -18.00
C PRO A 101 0.05 -0.63 -16.50
N GLY A 102 -1.25 -0.54 -16.17
CA GLY A 102 -1.70 -0.28 -14.79
C GLY A 102 -1.59 -1.51 -13.88
N MET A 103 -0.82 -1.38 -12.79
CA MET A 103 -0.70 -2.39 -11.71
C MET A 103 -2.06 -2.54 -10.96
N HIS A 104 -2.45 -3.76 -10.56
CA HIS A 104 -3.78 -4.01 -9.91
C HIS A 104 -3.63 -4.59 -8.48
N ILE A 105 -4.24 -3.89 -7.48
CA ILE A 105 -4.36 -4.40 -6.08
C ILE A 105 -5.85 -4.41 -5.65
N THR A 106 -6.28 -5.51 -5.00
CA THR A 106 -7.55 -5.58 -4.22
C THR A 106 -7.23 -6.07 -2.79
N LEU A 107 -7.47 -5.23 -1.78
CA LEU A 107 -7.18 -5.55 -0.38
C LEU A 107 -8.50 -5.93 0.35
N ASN A 108 -8.59 -7.21 0.79
CA ASN A 108 -9.85 -7.83 1.24
C ASN A 108 -9.70 -8.34 2.70
N PHE A 109 -10.72 -8.08 3.54
CA PHE A 109 -10.77 -8.60 4.93
C PHE A 109 -10.92 -10.15 4.96
N GLU A 110 -10.13 -10.83 5.81
CA GLU A 110 -10.28 -12.30 6.02
C GLU A 110 -10.21 -12.63 7.52
N GLU A 111 -9.02 -12.49 8.13
CA GLU A 111 -8.79 -12.80 9.55
C GLU A 111 -9.09 -11.58 10.45
N VAL A 112 -10.38 -11.40 10.74
CA VAL A 112 -10.88 -10.33 11.63
C VAL A 112 -11.62 -10.97 12.84
N LYS A 113 -10.88 -11.11 13.96
CA LYS A 113 -11.40 -11.69 15.23
C LYS A 113 -11.27 -10.63 16.35
N GLY A 114 -10.02 -10.22 16.64
CA GLY A 114 -9.73 -9.10 17.55
C GLY A 114 -8.88 -8.03 16.86
N LYS A 115 -7.67 -8.45 16.43
CA LYS A 115 -6.80 -7.63 15.55
C LYS A 115 -7.18 -7.84 14.07
N THR A 116 -6.97 -6.80 13.25
CA THR A 116 -7.35 -6.79 11.82
C THR A 116 -6.29 -7.47 10.94
N THR A 117 -6.73 -8.09 9.83
CA THR A 117 -5.83 -8.69 8.82
C THR A 117 -6.49 -8.55 7.43
N VAL A 118 -6.04 -7.57 6.66
CA VAL A 118 -6.53 -7.28 5.30
C VAL A 118 -5.50 -7.78 4.25
N THR A 119 -5.90 -8.85 3.56
CA THR A 119 -5.07 -9.59 2.59
C THR A 119 -5.15 -8.98 1.17
N SER A 120 -4.00 -8.46 0.67
CA SER A 120 -3.92 -7.82 -0.66
C SER A 120 -3.66 -8.84 -1.80
N THR A 121 -4.67 -9.06 -2.67
CA THR A 121 -4.48 -9.76 -3.96
C THR A 121 -3.88 -8.76 -4.97
N SER A 122 -2.58 -8.92 -5.30
CA SER A 122 -1.85 -7.94 -6.13
C SER A 122 -1.40 -8.56 -7.47
N THR A 123 -2.09 -8.23 -8.58
CA THR A 123 -1.74 -8.71 -9.93
C THR A 123 -0.78 -7.74 -10.64
N PHE A 124 0.48 -8.16 -10.75
CA PHE A 124 1.56 -7.43 -11.48
C PHE A 124 1.44 -7.67 -13.01
N PRO A 125 2.02 -6.75 -13.88
CA PRO A 125 1.85 -6.76 -15.38
C PRO A 125 1.82 -8.17 -16.05
N THR A 126 2.98 -8.86 -16.11
CA THR A 126 3.10 -10.20 -16.76
C THR A 126 4.54 -10.78 -16.62
N GLU A 127 4.73 -12.00 -17.20
CA GLU A 127 6.05 -12.65 -17.40
C GLU A 127 6.80 -12.96 -16.08
N SER A 128 7.54 -11.98 -15.56
CA SER A 128 8.45 -12.16 -14.41
C SER A 128 8.48 -10.92 -13.48
N ALA A 129 7.53 -9.98 -13.67
CA ALA A 129 7.45 -8.73 -12.85
C ALA A 129 7.18 -9.03 -11.35
N ALA A 130 6.16 -9.85 -11.08
CA ALA A 130 5.81 -10.30 -9.72
C ALA A 130 6.87 -11.25 -9.12
N GLN A 131 7.35 -12.18 -9.97
CA GLN A 131 8.41 -13.13 -9.62
C GLN A 131 9.71 -12.42 -9.19
N GLN A 132 10.05 -11.34 -9.90
CA GLN A 132 11.28 -10.55 -9.62
C GLN A 132 11.22 -9.96 -8.20
N ALA A 133 10.01 -9.56 -7.77
CA ALA A 133 9.74 -9.08 -6.41
C ALA A 133 9.97 -10.20 -5.36
N ILE A 134 9.71 -11.47 -5.75
CA ILE A 134 9.95 -12.65 -4.88
C ILE A 134 11.48 -12.89 -4.71
N ASP A 135 12.22 -12.85 -5.85
CA ASP A 135 13.70 -12.94 -5.86
C ASP A 135 14.36 -11.74 -5.12
N MET A 136 13.66 -10.59 -5.10
CA MET A 136 14.08 -9.39 -4.36
C MET A 136 13.77 -9.51 -2.83
N GLY A 137 12.73 -10.30 -2.50
CA GLY A 137 12.27 -10.46 -1.11
C GLY A 137 11.42 -9.29 -0.63
N VAL A 138 10.38 -8.96 -1.43
CA VAL A 138 9.50 -7.79 -1.21
C VAL A 138 8.58 -7.98 0.04
N GLU A 139 8.41 -9.23 0.47
CA GLU A 139 7.49 -9.63 1.57
C GLU A 139 7.82 -8.92 2.90
N THR A 140 9.11 -8.92 3.29
CA THR A 140 9.59 -8.23 4.51
C THR A 140 9.59 -6.69 4.31
N GLY A 141 9.82 -6.25 3.06
CA GLY A 141 9.80 -4.82 2.69
C GLY A 141 8.41 -4.17 2.80
N MET A 142 7.37 -4.94 2.41
CA MET A 142 5.95 -4.54 2.57
C MET A 142 5.60 -4.44 4.06
N ASN A 143 5.98 -5.49 4.81
CA ASN A 143 5.79 -5.57 6.29
C ASN A 143 6.52 -4.41 7.02
N SER A 144 7.63 -3.93 6.46
CA SER A 144 8.42 -2.79 7.02
C SER A 144 7.66 -1.44 6.87
N THR A 145 6.95 -1.27 5.74
CA THR A 145 6.08 -0.10 5.49
C THR A 145 4.79 -0.19 6.35
N LEU A 146 4.29 -1.42 6.52
CA LEU A 146 3.11 -1.74 7.36
C LEU A 146 3.46 -1.72 8.87
N ASN A 147 4.77 -1.88 9.18
CA ASN A 147 5.32 -1.66 10.53
C ASN A 147 5.13 -0.18 10.94
N GLN A 148 5.43 0.71 9.98
CA GLN A 148 5.22 2.17 10.11
C GLN A 148 3.71 2.53 10.19
N LEU A 149 2.86 1.69 9.56
CA LEU A 149 1.39 1.83 9.62
C LEU A 149 0.85 1.48 11.02
N GLU A 150 1.23 0.32 11.56
CA GLU A 150 0.85 -0.10 12.92
C GLU A 150 1.37 0.90 13.99
N LYS A 151 2.57 1.44 13.72
CA LYS A 151 3.20 2.51 14.53
C LYS A 151 2.38 3.84 14.48
N LEU A 152 1.90 4.19 13.26
CA LEU A 152 1.02 5.37 13.01
C LEU A 152 -0.32 5.27 13.81
N LEU A 153 -0.98 4.12 13.68
CA LEU A 153 -2.34 3.90 14.21
C LEU A 153 -2.35 3.86 15.76
N ASN A 154 -1.27 3.30 16.35
CA ASN A 154 -1.06 3.33 17.82
C ASN A 154 -0.45 4.68 18.30
N GLN A 155 0.11 5.45 17.33
CA GLN A 155 0.60 6.85 17.53
C GLN A 155 1.89 6.94 18.39
N LYS A 156 1.77 6.68 19.70
CA LYS A 156 2.93 6.72 20.65
C LYS A 156 3.80 5.43 20.58
N LEU A 157 3.44 4.49 19.68
CA LEU A 157 4.24 3.28 19.41
C LEU A 157 5.63 3.68 18.84
N GLU A 158 6.71 3.22 19.50
CA GLU A 158 8.09 3.35 18.99
C GLU A 158 8.97 2.25 19.61
N HIS A 159 9.69 1.52 18.76
CA HIS A 159 10.58 0.40 19.17
C HIS A 159 11.76 0.25 18.18
N HIS A 160 11.64 0.87 16.99
CA HIS A 160 12.61 0.72 15.89
C HIS A 160 13.84 1.62 16.15
N HIS A 161 14.90 1.03 16.73
CA HIS A 161 16.21 1.70 16.92
C HIS A 161 17.10 1.54 15.66
N HIS A 162 18.34 2.07 15.70
CA HIS A 162 19.27 2.04 14.54
C HIS A 162 19.65 0.58 14.19
N HIS A 163 19.08 0.08 13.08
CA HIS A 163 19.14 -1.36 12.70
C HIS A 163 20.58 -1.85 12.45
N HIS A 164 21.08 -2.75 13.32
CA HIS A 164 22.42 -3.36 13.21
C HIS A 164 22.44 -4.75 13.89
N MET A 1 0.10 -14.26 7.68
CA MET A 1 1.34 -14.75 8.34
C MET A 1 2.47 -14.90 7.28
N THR A 2 2.32 -15.89 6.38
CA THR A 2 3.23 -16.05 5.21
C THR A 2 2.58 -15.47 3.93
N ILE A 3 3.40 -15.30 2.87
CA ILE A 3 2.97 -14.68 1.60
C ILE A 3 2.82 -15.76 0.51
N GLU A 4 1.65 -15.80 -0.16
CA GLU A 4 1.39 -16.72 -1.29
C GLU A 4 1.60 -16.00 -2.64
N LYS A 5 2.28 -16.65 -3.59
CA LYS A 5 2.57 -16.07 -4.93
C LYS A 5 1.98 -16.96 -6.05
N LYS A 6 1.14 -16.35 -6.92
CA LYS A 6 0.61 -17.02 -8.13
C LYS A 6 1.28 -16.43 -9.41
N LYS A 7 2.60 -16.70 -9.55
CA LYS A 7 3.46 -16.30 -10.72
C LYS A 7 3.55 -14.75 -10.90
N ASN A 8 2.45 -14.12 -11.40
CA ASN A 8 2.34 -12.64 -11.51
C ASN A 8 1.28 -12.09 -10.52
N LYS A 9 1.28 -12.65 -9.31
CA LYS A 9 0.40 -12.24 -8.21
C LYS A 9 1.09 -12.46 -6.85
N ILE A 10 1.02 -11.46 -5.97
CA ILE A 10 1.52 -11.54 -4.59
C ILE A 10 0.35 -11.31 -3.61
N ILE A 11 -0.14 -12.40 -3.01
CA ILE A 11 -1.14 -12.35 -1.93
C ILE A 11 -0.40 -12.16 -0.58
N PHE A 12 -0.47 -10.93 -0.05
CA PHE A 12 0.17 -10.53 1.21
C PHE A 12 -0.91 -10.47 2.32
N THR A 13 -0.61 -10.97 3.53
CA THR A 13 -1.56 -10.94 4.67
C THR A 13 -0.83 -10.61 5.99
N ARG A 14 -1.26 -9.50 6.65
CA ARG A 14 -0.59 -8.91 7.83
C ARG A 14 -1.62 -8.55 8.93
N THR A 15 -1.36 -9.00 10.17
CA THR A 15 -2.26 -8.76 11.33
C THR A 15 -1.84 -7.49 12.12
N PHE A 16 -2.66 -6.43 12.01
CA PHE A 16 -2.43 -5.13 12.69
C PHE A 16 -3.14 -5.09 14.06
N SER A 17 -2.43 -4.64 15.12
CA SER A 17 -3.06 -4.37 16.42
C SER A 17 -3.80 -3.01 16.37
N ALA A 18 -5.09 -3.06 15.98
CA ALA A 18 -5.95 -1.89 15.72
C ALA A 18 -7.36 -2.32 15.24
N PRO A 19 -8.42 -1.49 15.48
CA PRO A 19 -9.76 -1.69 14.85
C PRO A 19 -9.77 -1.40 13.31
N ILE A 20 -10.64 -2.11 12.57
CA ILE A 20 -10.60 -2.16 11.08
C ILE A 20 -10.99 -0.81 10.40
N ASN A 21 -11.77 0.03 11.10
CA ASN A 21 -12.21 1.34 10.58
C ASN A 21 -11.02 2.29 10.33
N LYS A 22 -10.08 2.38 11.30
CA LYS A 22 -8.86 3.22 11.15
C LYS A 22 -7.86 2.58 10.17
N VAL A 23 -7.84 1.23 10.12
CA VAL A 23 -7.02 0.46 9.13
C VAL A 23 -7.45 0.80 7.68
N PHE A 24 -8.78 0.93 7.49
CA PHE A 24 -9.40 1.35 6.22
C PHE A 24 -9.00 2.79 5.84
N ASP A 25 -9.10 3.70 6.82
CA ASP A 25 -8.78 5.14 6.62
C ASP A 25 -7.30 5.40 6.26
N ALA A 26 -6.44 4.39 6.48
CA ALA A 26 -5.01 4.43 6.08
C ALA A 26 -4.82 4.31 4.56
N TYR A 27 -5.76 3.62 3.90
CA TYR A 27 -5.77 3.39 2.44
C TYR A 27 -6.71 4.39 1.74
N THR A 28 -7.68 4.89 2.49
CA THR A 28 -8.84 5.63 1.94
C THR A 28 -8.78 7.15 2.24
N LYS A 29 -8.06 7.52 3.31
CA LYS A 29 -7.82 8.95 3.70
C LYS A 29 -6.29 9.22 3.74
N ARG A 30 -5.83 10.35 3.17
CA ARG A 30 -4.38 10.66 3.09
C ARG A 30 -3.75 10.99 4.45
N GLU A 31 -4.59 11.51 5.38
CA GLU A 31 -4.15 11.94 6.73
C GLU A 31 -3.30 10.87 7.45
N LEU A 32 -3.55 9.60 7.10
CA LEU A 32 -2.80 8.44 7.61
C LEU A 32 -1.83 7.90 6.52
N PHE A 33 -2.26 7.93 5.23
CA PHE A 33 -1.49 7.36 4.10
C PHE A 33 -0.04 7.91 4.01
N GLU A 34 0.09 9.25 4.01
CA GLU A 34 1.43 9.93 3.95
C GLU A 34 2.22 9.83 5.29
N GLN A 35 1.65 9.16 6.32
CA GLN A 35 2.37 8.85 7.59
C GLN A 35 3.09 7.47 7.53
N TRP A 36 2.52 6.50 6.78
CA TRP A 36 3.08 5.11 6.74
C TRP A 36 3.79 4.79 5.39
N PHE A 37 3.16 5.16 4.26
CA PHE A 37 3.61 4.77 2.90
C PHE A 37 4.86 5.59 2.46
N HIS A 38 6.05 5.14 2.90
CA HIS A 38 7.34 5.79 2.56
C HIS A 38 8.52 4.77 2.71
N PRO A 39 9.52 4.78 1.77
CA PRO A 39 10.72 3.91 1.88
C PRO A 39 11.78 4.46 2.87
N GLN A 40 12.90 3.70 3.01
CA GLN A 40 14.00 4.04 3.93
C GLN A 40 14.75 5.32 3.48
N ASP A 41 14.97 6.26 4.44
CA ASP A 41 15.70 7.54 4.22
C ASP A 41 15.02 8.47 3.17
N ALA A 42 13.76 8.17 2.83
CA ALA A 42 12.96 8.93 1.85
C ALA A 42 11.52 9.13 2.38
N SER A 43 10.91 10.25 1.98
CA SER A 43 9.59 10.68 2.47
C SER A 43 8.53 10.63 1.34
N VAL A 44 7.30 11.03 1.69
CA VAL A 44 6.17 11.12 0.74
C VAL A 44 5.36 12.41 1.01
N THR A 45 4.80 13.00 -0.04
CA THR A 45 3.88 14.15 0.05
C THR A 45 2.69 13.92 -0.89
N VAL A 46 1.47 13.81 -0.32
CA VAL A 46 0.23 13.72 -1.11
C VAL A 46 -0.24 15.13 -1.50
N TYR A 47 -0.53 15.33 -2.80
CA TYR A 47 -1.02 16.62 -3.35
C TYR A 47 -2.54 16.54 -3.63
N ASP A 48 -3.01 15.33 -3.98
CA ASP A 48 -4.43 15.06 -4.26
C ASP A 48 -4.76 13.60 -3.86
N PHE A 49 -6.01 13.35 -3.41
CA PHE A 49 -6.43 12.06 -2.87
C PHE A 49 -7.98 11.96 -2.81
N ASN A 50 -8.55 10.93 -3.45
CA ASN A 50 -10.00 10.65 -3.42
C ASN A 50 -10.23 9.13 -3.66
N ALA A 51 -10.51 8.39 -2.57
CA ALA A 51 -10.66 6.92 -2.62
C ALA A 51 -12.15 6.51 -2.71
N THR A 52 -12.63 6.39 -3.96
CA THR A 52 -14.02 6.00 -4.27
C THR A 52 -14.05 5.24 -5.61
N LYS A 53 -15.19 4.59 -5.96
CA LYS A 53 -15.33 3.92 -7.28
C LYS A 53 -15.29 4.97 -8.43
N GLY A 54 -14.18 4.95 -9.20
CA GLY A 54 -13.88 6.00 -10.19
C GLY A 54 -13.14 7.20 -9.58
N GLY A 55 -12.28 6.93 -8.57
CA GLY A 55 -11.46 7.99 -7.92
C GLY A 55 -9.99 7.98 -8.34
N SER A 56 -9.15 8.81 -7.69
CA SER A 56 -7.69 8.92 -7.99
C SER A 56 -6.92 9.59 -6.82
N ALA A 57 -5.58 9.38 -6.77
CA ALA A 57 -4.72 9.95 -5.70
C ALA A 57 -3.29 10.25 -6.21
N PHE A 58 -2.95 11.55 -6.38
CA PHE A 58 -1.60 12.00 -6.81
C PHE A 58 -0.69 12.28 -5.57
N TYR A 59 0.47 11.63 -5.54
CA TYR A 59 1.50 11.82 -4.50
C TYR A 59 2.92 11.63 -5.07
N ALA A 60 3.93 12.06 -4.31
CA ALA A 60 5.35 11.98 -4.73
C ALA A 60 6.25 11.45 -3.60
N ILE A 61 7.06 10.43 -3.93
CA ILE A 61 8.12 9.92 -3.05
C ILE A 61 9.34 10.87 -3.12
N GLN A 62 9.44 11.76 -2.12
CA GLN A 62 10.51 12.76 -2.02
C GLN A 62 11.81 12.12 -1.48
N ALA A 63 12.75 11.80 -2.39
CA ALA A 63 14.05 11.17 -2.03
C ALA A 63 15.22 12.13 -2.39
N PRO A 64 16.41 12.04 -1.67
CA PRO A 64 17.54 13.03 -1.77
C PRO A 64 17.97 13.45 -3.21
N GLN A 65 18.14 12.45 -4.11
CA GLN A 65 18.57 12.70 -5.52
C GLN A 65 17.37 12.67 -6.50
N MET A 66 16.59 11.58 -6.46
CA MET A 66 15.44 11.37 -7.39
C MET A 66 14.10 11.56 -6.64
N ILE A 67 13.11 12.17 -7.31
CA ILE A 67 11.73 12.28 -6.78
C ILE A 67 10.75 11.61 -7.77
N SER A 68 10.21 10.45 -7.38
CA SER A 68 9.30 9.66 -8.27
C SER A 68 7.82 9.90 -7.89
N TYR A 69 6.98 10.07 -8.92
CA TYR A 69 5.54 10.39 -8.76
C TYR A 69 4.68 9.15 -9.05
N THR A 70 3.54 9.01 -8.35
CA THR A 70 2.60 7.86 -8.53
C THR A 70 1.14 8.33 -8.31
N ILE A 71 0.23 7.90 -9.22
CA ILE A 71 -1.21 8.16 -9.08
C ILE A 71 -1.99 6.81 -9.06
N ALA A 72 -2.76 6.57 -7.98
CA ALA A 72 -3.60 5.36 -7.86
C ALA A 72 -5.07 5.68 -8.23
N GLU A 73 -5.58 5.08 -9.31
CA GLU A 73 -6.99 5.23 -9.74
C GLU A 73 -7.88 4.19 -9.01
N TYR A 74 -8.76 4.64 -8.11
CA TYR A 74 -9.58 3.72 -7.29
C TYR A 74 -10.78 3.18 -8.08
N LEU A 75 -10.84 1.84 -8.24
CA LEU A 75 -11.83 1.16 -9.12
C LEU A 75 -13.12 0.84 -8.33
N GLN A 76 -12.98 0.27 -7.10
CA GLN A 76 -14.14 -0.10 -6.25
C GLN A 76 -13.76 -0.05 -4.75
N VAL A 77 -14.40 0.84 -3.98
CA VAL A 77 -14.12 1.02 -2.52
C VAL A 77 -15.45 0.97 -1.74
N ASP A 78 -15.61 -0.01 -0.83
CA ASP A 78 -16.88 -0.18 -0.07
C ASP A 78 -16.64 -0.66 1.38
N ALA A 79 -16.78 0.28 2.34
CA ALA A 79 -16.76 0.00 3.81
C ALA A 79 -15.38 -0.52 4.31
N PRO A 80 -15.08 -0.48 5.67
CA PRO A 80 -13.79 -0.95 6.26
C PRO A 80 -13.24 -2.31 5.75
N TYR A 81 -14.11 -3.17 5.21
CA TYR A 81 -13.76 -4.57 4.88
C TYR A 81 -13.22 -4.75 3.43
N TYR A 82 -13.51 -3.80 2.50
CA TYR A 82 -13.15 -3.96 1.05
C TYR A 82 -12.56 -2.67 0.42
N ILE A 83 -11.38 -2.82 -0.21
CA ILE A 83 -10.71 -1.76 -1.02
C ILE A 83 -10.24 -2.37 -2.37
N GLU A 84 -10.40 -1.62 -3.48
CA GLU A 84 -9.83 -1.99 -4.81
C GLU A 84 -9.35 -0.72 -5.56
N TYR A 85 -8.16 -0.80 -6.18
CA TYR A 85 -7.61 0.32 -7.00
C TYR A 85 -6.65 -0.17 -8.10
N LEU A 86 -6.21 0.79 -8.92
CA LEU A 86 -5.25 0.60 -10.01
C LEU A 86 -4.02 1.49 -9.75
N ASP A 87 -2.83 0.90 -9.69
CA ASP A 87 -1.58 1.63 -9.49
C ASP A 87 -0.98 2.02 -10.86
N TYR A 88 -0.83 3.33 -11.08
CA TYR A 88 -0.08 3.87 -12.22
C TYR A 88 1.15 4.64 -11.68
N PHE A 89 2.36 4.20 -12.05
CA PHE A 89 3.57 5.04 -11.90
C PHE A 89 3.40 6.28 -12.78
N ALA A 90 3.50 7.46 -12.18
CA ALA A 90 3.30 8.72 -12.89
C ALA A 90 4.64 9.27 -13.43
N THR A 91 4.57 9.83 -14.64
CA THR A 91 5.68 10.60 -15.27
C THR A 91 6.02 11.87 -14.43
N SER A 92 7.16 12.52 -14.76
CA SER A 92 7.57 13.82 -14.15
C SER A 92 6.56 14.96 -14.43
N LYS A 93 5.71 14.78 -15.46
CA LYS A 93 4.61 15.72 -15.80
C LYS A 93 3.38 15.55 -14.86
N GLY A 94 3.43 14.52 -13.98
CA GLY A 94 2.41 14.29 -12.95
C GLY A 94 1.11 13.65 -13.46
N GLU A 95 1.25 12.67 -14.39
CA GLU A 95 0.09 11.97 -15.01
C GLU A 95 0.23 10.42 -14.90
N LYS A 96 0.92 9.80 -15.87
CA LYS A 96 1.12 8.33 -15.93
C LYS A 96 2.28 8.02 -16.90
N ASP A 97 2.97 6.91 -16.67
CA ASP A 97 4.18 6.54 -17.43
C ASP A 97 3.88 5.35 -18.38
N THR A 98 4.53 5.35 -19.55
CA THR A 98 4.35 4.33 -20.61
C THR A 98 5.07 2.99 -20.29
N SER A 99 5.92 2.98 -19.24
CA SER A 99 6.72 1.79 -18.84
C SER A 99 5.87 0.71 -18.11
N MET A 100 4.64 1.05 -17.69
CA MET A 100 3.73 0.11 -16.99
C MET A 100 2.23 0.39 -17.32
N PRO A 101 1.35 -0.67 -17.29
CA PRO A 101 -0.13 -0.51 -17.41
C PRO A 101 -0.84 -0.39 -16.02
N GLY A 102 -2.18 -0.51 -16.03
CA GLY A 102 -2.99 -0.50 -14.80
C GLY A 102 -2.77 -1.72 -13.90
N MET A 103 -1.93 -1.54 -12.87
CA MET A 103 -1.61 -2.56 -11.83
C MET A 103 -2.82 -2.76 -10.87
N HIS A 104 -3.31 -3.99 -10.69
CA HIS A 104 -4.59 -4.26 -9.97
C HIS A 104 -4.38 -4.81 -8.53
N ILE A 105 -4.70 -3.99 -7.50
CA ILE A 105 -4.70 -4.42 -6.07
C ILE A 105 -6.15 -4.48 -5.52
N THR A 106 -6.47 -5.56 -4.79
CA THR A 106 -7.70 -5.67 -3.95
C THR A 106 -7.31 -6.08 -2.51
N LEU A 107 -7.56 -5.19 -1.53
CA LEU A 107 -7.29 -5.48 -0.10
C LEU A 107 -8.61 -5.81 0.63
N ASN A 108 -8.61 -6.85 1.48
CA ASN A 108 -9.84 -7.39 2.09
C ASN A 108 -9.57 -7.94 3.50
N PHE A 109 -10.62 -8.00 4.34
CA PHE A 109 -10.53 -8.59 5.70
C PHE A 109 -10.47 -10.14 5.62
N GLU A 110 -9.55 -10.75 6.38
CA GLU A 110 -9.42 -12.21 6.48
C GLU A 110 -10.55 -12.80 7.36
N GLU A 111 -10.66 -12.23 8.57
CA GLU A 111 -11.60 -12.68 9.62
C GLU A 111 -11.83 -11.51 10.60
N VAL A 112 -12.73 -11.69 11.60
CA VAL A 112 -13.01 -10.68 12.63
C VAL A 112 -11.77 -10.47 13.56
N LYS A 113 -11.54 -11.42 14.49
CA LYS A 113 -10.42 -11.40 15.47
C LYS A 113 -10.45 -10.17 16.45
N GLY A 114 -9.50 -10.16 17.40
CA GLY A 114 -9.23 -8.98 18.25
C GLY A 114 -8.28 -8.00 17.57
N LYS A 115 -7.31 -8.56 16.83
CA LYS A 115 -6.40 -7.80 15.93
C LYS A 115 -6.81 -8.04 14.47
N THR A 116 -7.02 -6.94 13.71
CA THR A 116 -7.48 -7.01 12.31
C THR A 116 -6.40 -7.55 11.36
N THR A 117 -6.80 -8.25 10.29
CA THR A 117 -5.89 -8.90 9.33
C THR A 117 -6.36 -8.58 7.90
N VAL A 118 -5.68 -7.64 7.24
CA VAL A 118 -6.07 -7.17 5.89
C VAL A 118 -5.12 -7.75 4.81
N THR A 119 -5.67 -8.65 4.01
CA THR A 119 -4.99 -9.34 2.89
C THR A 119 -4.97 -8.46 1.62
N SER A 120 -3.77 -8.01 1.20
CA SER A 120 -3.60 -7.32 -0.09
C SER A 120 -3.28 -8.34 -1.23
N THR A 121 -4.26 -8.55 -2.10
CA THR A 121 -4.10 -9.41 -3.30
C THR A 121 -3.67 -8.54 -4.50
N SER A 122 -2.39 -8.63 -4.88
CA SER A 122 -1.82 -7.83 -6.00
C SER A 122 -1.67 -8.72 -7.24
N THR A 123 -2.16 -8.26 -8.39
CA THR A 123 -1.93 -8.94 -9.69
C THR A 123 -0.97 -8.09 -10.54
N PHE A 124 0.31 -8.51 -10.56
CA PHE A 124 1.37 -7.87 -11.37
C PHE A 124 1.19 -8.13 -12.90
N PRO A 125 1.82 -7.27 -13.78
CA PRO A 125 1.66 -7.35 -15.27
C PRO A 125 2.44 -8.52 -15.96
N THR A 126 2.08 -9.77 -15.57
CA THR A 126 2.46 -11.04 -16.27
C THR A 126 3.97 -11.29 -16.45
N GLU A 127 4.31 -12.47 -17.03
CA GLU A 127 5.70 -12.84 -17.43
C GLU A 127 6.70 -12.79 -16.23
N SER A 128 6.25 -13.32 -15.08
CA SER A 128 7.07 -13.45 -13.83
C SER A 128 7.40 -12.09 -13.17
N ALA A 129 6.62 -11.03 -13.53
CA ALA A 129 6.79 -9.65 -12.98
C ALA A 129 6.76 -9.60 -11.42
N ALA A 130 5.83 -10.35 -10.84
CA ALA A 130 5.66 -10.44 -9.36
C ALA A 130 6.82 -11.21 -8.69
N GLN A 131 7.29 -12.27 -9.38
CA GLN A 131 8.47 -13.04 -8.93
C GLN A 131 9.72 -12.15 -8.84
N GLN A 132 9.95 -11.32 -9.86
CA GLN A 132 11.11 -10.40 -9.88
C GLN A 132 11.01 -9.33 -8.74
N ALA A 133 9.77 -9.00 -8.33
CA ALA A 133 9.50 -8.17 -7.12
C ALA A 133 9.89 -8.93 -5.83
N ILE A 134 9.61 -10.25 -5.80
CA ILE A 134 10.03 -11.16 -4.70
C ILE A 134 11.57 -11.26 -4.62
N ASP A 135 12.22 -11.24 -5.81
CA ASP A 135 13.70 -11.27 -5.91
C ASP A 135 14.33 -9.91 -5.47
N MET A 136 13.52 -8.84 -5.51
CA MET A 136 13.89 -7.53 -4.93
C MET A 136 13.72 -7.59 -3.38
N GLY A 137 12.75 -8.41 -2.92
CA GLY A 137 12.45 -8.56 -1.49
C GLY A 137 11.24 -7.75 -1.05
N VAL A 138 10.19 -7.72 -1.90
CA VAL A 138 8.95 -6.95 -1.66
C VAL A 138 8.10 -7.52 -0.49
N GLU A 139 8.33 -8.79 -0.12
CA GLU A 139 7.71 -9.42 1.07
C GLU A 139 8.17 -8.70 2.36
N THR A 140 9.49 -8.46 2.45
CA THR A 140 10.10 -7.66 3.53
C THR A 140 9.73 -6.17 3.40
N GLY A 141 9.76 -5.65 2.16
CA GLY A 141 9.45 -4.24 1.86
C GLY A 141 8.03 -3.82 2.28
N MET A 142 7.02 -4.61 1.86
CA MET A 142 5.61 -4.43 2.27
C MET A 142 5.45 -4.53 3.80
N ASN A 143 6.00 -5.62 4.40
CA ASN A 143 5.84 -5.90 5.85
C ASN A 143 6.38 -4.75 6.73
N SER A 144 7.60 -4.30 6.42
CA SER A 144 8.28 -3.19 7.13
C SER A 144 7.46 -1.88 7.07
N THR A 145 6.91 -1.57 5.87
CA THR A 145 6.05 -0.39 5.65
C THR A 145 4.66 -0.58 6.35
N LEU A 146 4.23 -1.85 6.50
CA LEU A 146 3.02 -2.21 7.27
C LEU A 146 3.28 -2.20 8.81
N ASN A 147 4.57 -2.31 9.24
CA ASN A 147 4.96 -2.04 10.65
C ASN A 147 4.93 -0.52 10.93
N GLN A 148 5.25 0.30 9.90
CA GLN A 148 5.07 1.78 9.96
C GLN A 148 3.56 2.11 10.07
N LEU A 149 2.75 1.31 9.34
CA LEU A 149 1.28 1.39 9.34
C LEU A 149 0.68 0.94 10.69
N GLU A 150 1.21 -0.14 11.26
CA GLU A 150 0.73 -0.67 12.56
C GLU A 150 1.03 0.33 13.69
N LYS A 151 2.28 0.83 13.73
CA LYS A 151 2.73 1.93 14.64
C LYS A 151 1.81 3.18 14.54
N LEU A 152 1.51 3.57 13.30
CA LEU A 152 0.54 4.64 12.96
C LEU A 152 -0.85 4.41 13.62
N LEU A 153 -1.41 3.22 13.42
CA LEU A 153 -2.78 2.87 13.87
C LEU A 153 -2.83 2.53 15.38
N ASN A 154 -1.65 2.28 15.98
CA ASN A 154 -1.49 2.18 17.45
C ASN A 154 -1.56 3.58 18.09
N GLN A 155 -1.19 4.62 17.28
CA GLN A 155 -1.31 6.06 17.62
C GLN A 155 -0.48 6.48 18.86
N LYS A 156 0.60 7.26 18.61
CA LYS A 156 1.63 7.60 19.62
C LYS A 156 2.26 6.30 20.19
N LEU A 157 3.16 5.70 19.40
CA LEU A 157 3.74 4.39 19.70
C LEU A 157 5.20 4.33 19.23
N GLU A 158 6.12 4.75 20.11
CA GLU A 158 7.57 4.51 19.94
C GLU A 158 7.86 3.13 20.58
N HIS A 159 8.51 2.23 19.82
CA HIS A 159 8.66 0.80 20.18
C HIS A 159 9.52 0.60 21.46
N HIS A 160 10.46 1.55 21.69
CA HIS A 160 11.40 1.56 22.85
C HIS A 160 12.47 0.44 22.74
N HIS A 161 13.71 0.75 23.17
CA HIS A 161 14.79 -0.25 23.23
C HIS A 161 14.51 -1.27 24.36
N HIS A 162 13.82 -2.36 24.00
CA HIS A 162 13.41 -3.42 24.94
C HIS A 162 14.58 -4.37 25.30
N HIS A 163 14.31 -5.27 26.26
CA HIS A 163 15.25 -6.33 26.68
C HIS A 163 15.62 -7.30 25.52
N HIS A 164 16.80 -7.92 25.60
CA HIS A 164 17.36 -8.77 24.54
C HIS A 164 16.69 -10.15 24.48
N MET A 1 9.24 -15.46 2.63
CA MET A 1 8.72 -15.52 4.03
C MET A 1 7.59 -16.57 4.15
N THR A 2 6.32 -16.18 3.89
CA THR A 2 5.14 -17.03 4.23
C THR A 2 3.96 -16.89 3.21
N ILE A 3 3.92 -15.80 2.43
CA ILE A 3 2.70 -15.43 1.64
C ILE A 3 2.56 -16.20 0.30
N GLU A 4 1.39 -16.02 -0.36
CA GLU A 4 1.05 -16.72 -1.64
C GLU A 4 1.42 -15.86 -2.87
N LYS A 5 2.00 -16.51 -3.91
CA LYS A 5 2.32 -15.89 -5.21
C LYS A 5 1.73 -16.74 -6.36
N LYS A 6 0.82 -16.15 -7.16
CA LYS A 6 0.19 -16.83 -8.32
C LYS A 6 0.69 -16.21 -9.65
N LYS A 7 1.81 -16.75 -10.18
CA LYS A 7 2.47 -16.28 -11.45
C LYS A 7 2.85 -14.77 -11.39
N ASN A 8 1.90 -13.89 -11.75
CA ASN A 8 2.10 -12.42 -11.80
C ASN A 8 1.34 -11.70 -10.66
N LYS A 9 1.02 -12.45 -9.60
CA LYS A 9 0.17 -11.96 -8.49
C LYS A 9 0.87 -12.21 -7.14
N ILE A 10 0.94 -11.17 -6.29
CA ILE A 10 1.50 -11.26 -4.93
C ILE A 10 0.38 -10.99 -3.91
N ILE A 11 -0.02 -12.05 -3.20
CA ILE A 11 -1.05 -11.98 -2.15
C ILE A 11 -0.34 -11.83 -0.78
N PHE A 12 -0.36 -10.61 -0.20
CA PHE A 12 0.33 -10.30 1.08
C PHE A 12 -0.67 -10.22 2.24
N THR A 13 -0.34 -10.81 3.40
CA THR A 13 -1.18 -10.76 4.61
C THR A 13 -0.37 -10.21 5.80
N ARG A 14 -1.03 -9.40 6.67
CA ARG A 14 -0.34 -8.68 7.77
C ARG A 14 -1.34 -8.39 8.92
N THR A 15 -0.87 -8.59 10.18
CA THR A 15 -1.69 -8.40 11.40
C THR A 15 -1.41 -7.02 12.07
N PHE A 16 -2.49 -6.36 12.58
CA PHE A 16 -2.44 -5.05 13.27
C PHE A 16 -3.34 -5.11 14.53
N SER A 17 -2.84 -4.68 15.71
CA SER A 17 -3.68 -4.52 16.92
C SER A 17 -4.46 -3.17 16.83
N ALA A 18 -5.68 -3.25 16.29
CA ALA A 18 -6.51 -2.08 15.94
C ALA A 18 -7.88 -2.54 15.36
N PRO A 19 -8.93 -1.66 15.35
CA PRO A 19 -10.13 -1.89 14.51
C PRO A 19 -9.81 -1.76 12.99
N ILE A 20 -10.50 -2.58 12.18
CA ILE A 20 -10.33 -2.62 10.70
C ILE A 20 -10.64 -1.26 10.02
N ASN A 21 -11.45 -0.44 10.71
CA ASN A 21 -11.86 0.89 10.25
C ASN A 21 -10.63 1.82 10.03
N LYS A 22 -9.68 1.80 11.00
CA LYS A 22 -8.42 2.59 10.90
C LYS A 22 -7.57 2.13 9.69
N VAL A 23 -7.47 0.79 9.58
CA VAL A 23 -6.72 0.08 8.52
C VAL A 23 -7.25 0.48 7.12
N PHE A 24 -8.58 0.63 7.03
CA PHE A 24 -9.27 1.14 5.82
C PHE A 24 -8.85 2.60 5.51
N ASP A 25 -9.02 3.49 6.50
CA ASP A 25 -8.72 4.95 6.35
C ASP A 25 -7.23 5.24 6.09
N ALA A 26 -6.36 4.26 6.32
CA ALA A 26 -4.93 4.32 5.94
C ALA A 26 -4.75 4.36 4.40
N TYR A 27 -5.66 3.66 3.69
CA TYR A 27 -5.69 3.60 2.21
C TYR A 27 -6.69 4.62 1.64
N THR A 28 -7.61 5.09 2.50
CA THR A 28 -8.76 5.91 2.08
C THR A 28 -8.59 7.41 2.42
N LYS A 29 -7.66 7.73 3.34
CA LYS A 29 -7.36 9.12 3.77
C LYS A 29 -5.83 9.40 3.70
N ARG A 30 -5.44 10.55 3.09
CA ARG A 30 -4.01 10.95 3.00
C ARG A 30 -3.45 11.40 4.36
N GLU A 31 -4.33 11.90 5.25
CA GLU A 31 -3.96 12.30 6.64
C GLU A 31 -3.26 11.16 7.41
N LEU A 32 -3.50 9.91 6.97
CA LEU A 32 -2.83 8.70 7.51
C LEU A 32 -1.82 8.11 6.50
N PHE A 33 -2.19 8.12 5.20
CA PHE A 33 -1.46 7.44 4.10
C PHE A 33 0.04 7.81 4.06
N GLU A 34 0.35 9.11 4.02
CA GLU A 34 1.76 9.59 3.96
C GLU A 34 2.60 9.26 5.24
N GLN A 35 1.94 9.03 6.39
CA GLN A 35 2.64 8.69 7.65
C GLN A 35 3.23 7.25 7.65
N TRP A 36 2.61 6.31 6.91
CA TRP A 36 3.08 4.90 6.85
C TRP A 36 3.75 4.58 5.48
N PHE A 37 3.13 5.02 4.37
CA PHE A 37 3.54 4.65 2.99
C PHE A 37 4.80 5.43 2.55
N HIS A 38 5.97 4.84 2.84
CA HIS A 38 7.30 5.39 2.47
C HIS A 38 8.40 4.34 2.71
N PRO A 39 9.52 4.36 1.92
CA PRO A 39 10.74 3.55 2.23
C PRO A 39 11.58 4.17 3.40
N GLN A 40 12.85 3.73 3.54
CA GLN A 40 13.73 4.15 4.67
C GLN A 40 14.05 5.67 4.64
N ASP A 41 15.02 6.09 3.79
CA ASP A 41 15.44 7.50 3.68
C ASP A 41 14.88 8.14 2.39
N ALA A 42 13.55 8.27 2.35
CA ALA A 42 12.82 8.96 1.26
C ALA A 42 11.41 9.36 1.74
N SER A 43 11.04 10.63 1.51
CA SER A 43 9.73 11.19 1.97
C SER A 43 8.61 10.88 0.94
N VAL A 44 7.37 11.30 1.26
CA VAL A 44 6.20 11.14 0.37
C VAL A 44 5.30 12.42 0.41
N THR A 45 5.44 13.25 -0.63
CA THR A 45 4.62 14.46 -0.84
C THR A 45 3.30 14.10 -1.56
N VAL A 46 2.18 14.14 -0.84
CA VAL A 46 0.84 13.88 -1.42
C VAL A 46 0.19 15.22 -1.85
N TYR A 47 0.22 15.49 -3.17
CA TYR A 47 -0.33 16.72 -3.77
C TYR A 47 -1.87 16.75 -3.69
N ASP A 48 -2.49 15.58 -3.97
CA ASP A 48 -3.95 15.42 -3.96
C ASP A 48 -4.33 13.94 -3.67
N PHE A 49 -5.53 13.72 -3.13
CA PHE A 49 -5.99 12.37 -2.73
C PHE A 49 -7.53 12.31 -2.77
N ASN A 50 -8.08 11.24 -3.37
CA ASN A 50 -9.52 10.98 -3.41
C ASN A 50 -9.77 9.46 -3.51
N ALA A 51 -10.17 8.84 -2.40
CA ALA A 51 -10.41 7.38 -2.34
C ALA A 51 -11.91 7.08 -2.14
N THR A 52 -12.55 6.63 -3.22
CA THR A 52 -14.00 6.37 -3.26
C THR A 52 -14.35 5.45 -4.45
N LYS A 53 -15.65 5.14 -4.61
CA LYS A 53 -16.17 4.42 -5.79
C LYS A 53 -15.93 5.28 -7.07
N GLY A 54 -14.76 5.09 -7.72
CA GLY A 54 -14.36 5.94 -8.85
C GLY A 54 -13.54 7.17 -8.43
N GLY A 55 -12.49 6.95 -7.61
CA GLY A 55 -11.55 8.02 -7.18
C GLY A 55 -10.14 7.87 -7.76
N SER A 56 -9.21 8.76 -7.33
CA SER A 56 -7.76 8.74 -7.74
C SER A 56 -6.90 9.48 -6.67
N ALA A 57 -5.63 9.07 -6.48
CA ALA A 57 -4.72 9.67 -5.46
C ALA A 57 -3.33 10.02 -6.05
N PHE A 58 -3.03 11.33 -6.17
CA PHE A 58 -1.75 11.84 -6.75
C PHE A 58 -0.72 12.19 -5.64
N TYR A 59 0.34 11.37 -5.54
CA TYR A 59 1.44 11.56 -4.56
C TYR A 59 2.82 11.34 -5.22
N ALA A 60 3.90 11.59 -4.46
CA ALA A 60 5.28 11.51 -4.99
C ALA A 60 6.32 11.17 -3.89
N ILE A 61 7.12 10.14 -4.15
CA ILE A 61 8.26 9.75 -3.30
C ILE A 61 9.47 10.70 -3.54
N GLN A 62 9.79 11.52 -2.52
CA GLN A 62 10.99 12.38 -2.52
C GLN A 62 12.23 11.54 -2.15
N ALA A 63 12.98 11.10 -3.18
CA ALA A 63 14.23 10.33 -3.02
C ALA A 63 15.45 11.30 -2.92
N PRO A 64 16.64 10.84 -2.38
CA PRO A 64 17.84 11.72 -2.18
C PRO A 64 18.42 12.35 -3.48
N GLN A 65 18.03 11.83 -4.67
CA GLN A 65 18.56 12.31 -5.98
C GLN A 65 17.44 12.62 -7.01
N MET A 66 16.16 12.42 -6.63
CA MET A 66 15.01 12.51 -7.59
C MET A 66 13.65 12.55 -6.85
N ILE A 67 12.58 12.92 -7.58
CA ILE A 67 11.18 12.85 -7.10
C ILE A 67 10.35 12.01 -8.09
N SER A 68 9.85 10.84 -7.65
CA SER A 68 9.05 9.92 -8.50
C SER A 68 7.57 9.93 -8.08
N TYR A 69 6.68 10.09 -9.07
CA TYR A 69 5.23 10.28 -8.85
C TYR A 69 4.44 8.97 -9.14
N THR A 70 3.32 8.78 -8.41
CA THR A 70 2.42 7.60 -8.57
C THR A 70 0.95 8.01 -8.28
N ILE A 71 0.02 7.57 -9.14
CA ILE A 71 -1.43 7.77 -8.94
C ILE A 71 -2.12 6.39 -8.79
N ALA A 72 -2.84 6.20 -7.67
CA ALA A 72 -3.70 5.02 -7.46
C ALA A 72 -5.16 5.40 -7.80
N GLU A 73 -5.74 4.79 -8.85
CA GLU A 73 -7.13 5.07 -9.26
C GLU A 73 -8.09 4.03 -8.65
N TYR A 74 -8.92 4.49 -7.71
CA TYR A 74 -9.83 3.63 -6.93
C TYR A 74 -11.08 3.27 -7.73
N LEU A 75 -11.16 2.01 -8.19
CA LEU A 75 -12.28 1.53 -9.03
C LEU A 75 -13.55 1.32 -8.18
N GLN A 76 -13.50 0.39 -7.21
CA GLN A 76 -14.62 0.12 -6.26
C GLN A 76 -14.06 0.08 -4.82
N VAL A 77 -14.47 1.06 -4.00
CA VAL A 77 -14.15 1.10 -2.56
C VAL A 77 -15.46 0.93 -1.76
N ASP A 78 -15.54 -0.13 -0.93
CA ASP A 78 -16.79 -0.54 -0.28
C ASP A 78 -16.53 -1.07 1.15
N ALA A 79 -16.66 -0.15 2.15
CA ALA A 79 -16.54 -0.48 3.60
C ALA A 79 -15.09 -0.98 3.98
N PRO A 80 -14.71 -1.02 5.31
CA PRO A 80 -13.35 -1.44 5.76
C PRO A 80 -12.88 -2.83 5.27
N TYR A 81 -13.82 -3.70 4.82
CA TYR A 81 -13.49 -5.09 4.44
C TYR A 81 -13.08 -5.25 2.95
N TYR A 82 -13.26 -4.18 2.13
CA TYR A 82 -12.93 -4.24 0.67
C TYR A 82 -12.46 -2.89 0.09
N ILE A 83 -11.25 -2.87 -0.48
CA ILE A 83 -10.69 -1.75 -1.26
C ILE A 83 -10.23 -2.29 -2.64
N GLU A 84 -10.63 -1.64 -3.74
CA GLU A 84 -10.13 -1.96 -5.10
C GLU A 84 -9.59 -0.70 -5.78
N TYR A 85 -8.32 -0.75 -6.26
CA TYR A 85 -7.72 0.34 -7.05
C TYR A 85 -6.74 -0.20 -8.13
N LEU A 86 -6.28 0.72 -8.98
CA LEU A 86 -5.34 0.45 -10.07
C LEU A 86 -4.06 1.26 -9.83
N ASP A 87 -2.89 0.62 -9.85
CA ASP A 87 -1.61 1.30 -9.61
C ASP A 87 -1.03 1.82 -10.95
N TYR A 88 -1.11 3.13 -11.14
CA TYR A 88 -0.51 3.84 -12.29
C TYR A 88 0.77 4.57 -11.84
N PHE A 89 1.88 4.35 -12.57
CA PHE A 89 3.05 5.24 -12.48
C PHE A 89 2.63 6.64 -13.00
N ALA A 90 3.09 7.71 -12.35
CA ALA A 90 2.67 9.08 -12.71
C ALA A 90 3.89 9.97 -13.04
N THR A 91 3.58 11.22 -13.37
CA THR A 91 4.57 12.27 -13.76
C THR A 91 4.18 13.60 -13.09
N SER A 92 5.13 14.57 -13.08
CA SER A 92 4.92 15.93 -12.49
C SER A 92 3.84 16.75 -13.24
N LYS A 93 3.45 16.26 -14.43
CA LYS A 93 2.34 16.84 -15.23
C LYS A 93 0.95 16.62 -14.57
N GLY A 94 0.88 15.66 -13.62
CA GLY A 94 -0.37 15.30 -12.95
C GLY A 94 -1.27 14.38 -13.79
N GLU A 95 -0.76 13.90 -14.94
CA GLU A 95 -1.49 12.98 -15.82
C GLU A 95 -1.31 11.52 -15.37
N LYS A 96 -0.28 10.84 -15.93
CA LYS A 96 0.02 9.40 -15.71
C LYS A 96 1.19 8.98 -16.62
N ASP A 97 1.56 7.70 -16.58
CA ASP A 97 2.58 7.11 -17.47
C ASP A 97 1.95 6.80 -18.88
N THR A 98 2.51 5.86 -19.65
CA THR A 98 1.99 5.51 -21.01
C THR A 98 2.23 4.01 -21.30
N SER A 99 3.38 3.48 -20.80
CA SER A 99 3.77 2.07 -21.03
C SER A 99 3.06 1.10 -20.07
N MET A 100 3.17 1.33 -18.75
CA MET A 100 2.51 0.48 -17.75
C MET A 100 1.02 0.94 -17.52
N PRO A 101 0.03 -0.01 -17.56
CA PRO A 101 -1.42 0.31 -17.42
C PRO A 101 -1.97 0.17 -15.98
N GLY A 102 -3.30 -0.08 -15.86
CA GLY A 102 -3.94 -0.31 -14.56
C GLY A 102 -3.54 -1.63 -13.89
N MET A 103 -2.62 -1.54 -12.91
CA MET A 103 -2.19 -2.69 -12.07
C MET A 103 -3.28 -3.00 -11.00
N HIS A 104 -4.03 -4.09 -11.20
CA HIS A 104 -5.25 -4.41 -10.40
C HIS A 104 -4.91 -4.91 -8.96
N ILE A 105 -5.06 -4.02 -7.97
CA ILE A 105 -4.94 -4.35 -6.52
C ILE A 105 -6.35 -4.42 -5.88
N THR A 106 -6.60 -5.50 -5.11
CA THR A 106 -7.82 -5.66 -4.27
C THR A 106 -7.44 -6.18 -2.87
N LEU A 107 -7.69 -5.37 -1.84
CA LEU A 107 -7.41 -5.74 -0.43
C LEU A 107 -8.73 -6.15 0.26
N ASN A 108 -8.71 -7.29 0.94
CA ASN A 108 -9.90 -7.91 1.57
C ASN A 108 -9.58 -8.35 3.00
N PHE A 109 -10.62 -8.45 3.84
CA PHE A 109 -10.49 -9.02 5.20
C PHE A 109 -10.08 -10.53 5.11
N GLU A 110 -9.24 -11.00 6.05
CA GLU A 110 -8.90 -12.43 6.18
C GLU A 110 -9.76 -13.04 7.31
N GLU A 111 -9.48 -12.63 8.56
CA GLU A 111 -10.27 -13.04 9.74
C GLU A 111 -10.89 -11.79 10.42
N VAL A 112 -10.03 -10.98 11.08
CA VAL A 112 -10.41 -9.74 11.81
C VAL A 112 -11.39 -10.02 12.99
N LYS A 113 -10.85 -10.19 14.21
CA LYS A 113 -11.67 -10.27 15.45
C LYS A 113 -11.43 -8.98 16.31
N GLY A 114 -10.42 -9.03 17.19
CA GLY A 114 -9.94 -7.83 17.92
C GLY A 114 -8.68 -7.25 17.28
N LYS A 115 -7.92 -8.14 16.64
CA LYS A 115 -6.74 -7.80 15.82
C LYS A 115 -7.12 -7.91 14.33
N THR A 116 -6.90 -6.84 13.58
CA THR A 116 -7.23 -6.79 12.13
C THR A 116 -6.16 -7.50 11.28
N THR A 117 -6.59 -8.15 10.20
CA THR A 117 -5.71 -8.74 9.17
C THR A 117 -6.38 -8.56 7.80
N VAL A 118 -5.92 -7.55 7.04
CA VAL A 118 -6.39 -7.30 5.66
C VAL A 118 -5.34 -7.80 4.65
N THR A 119 -5.72 -8.84 3.92
CA THR A 119 -4.88 -9.52 2.92
C THR A 119 -5.01 -8.84 1.52
N SER A 120 -3.91 -8.22 1.06
CA SER A 120 -3.80 -7.58 -0.26
C SER A 120 -3.62 -8.62 -1.39
N THR A 121 -4.34 -8.44 -2.50
CA THR A 121 -4.19 -9.27 -3.73
C THR A 121 -3.72 -8.36 -4.90
N SER A 122 -2.41 -8.39 -5.19
CA SER A 122 -1.75 -7.44 -6.12
C SER A 122 -1.41 -8.12 -7.46
N THR A 123 -2.12 -7.75 -8.55
CA THR A 123 -1.88 -8.29 -9.91
C THR A 123 -0.87 -7.40 -10.67
N PHE A 124 0.39 -7.86 -10.73
CA PHE A 124 1.50 -7.24 -11.51
C PHE A 124 1.35 -7.50 -13.04
N PRO A 125 2.05 -6.70 -13.92
CA PRO A 125 1.99 -6.87 -15.40
C PRO A 125 2.35 -8.30 -15.89
N THR A 126 3.62 -8.71 -15.65
CA THR A 126 4.15 -10.03 -16.11
C THR A 126 4.53 -10.93 -14.92
N GLU A 127 4.72 -12.24 -15.21
CA GLU A 127 5.10 -13.27 -14.21
C GLU A 127 6.45 -12.93 -13.55
N SER A 128 7.43 -12.46 -14.36
CA SER A 128 8.77 -12.07 -13.88
C SER A 128 8.78 -10.70 -13.18
N ALA A 129 7.76 -9.85 -13.47
CA ALA A 129 7.60 -8.52 -12.79
C ALA A 129 7.26 -8.70 -11.29
N ALA A 130 6.28 -9.58 -11.00
CA ALA A 130 5.89 -9.92 -9.61
C ALA A 130 7.00 -10.74 -8.91
N GLN A 131 7.55 -11.70 -9.65
CA GLN A 131 8.70 -12.53 -9.22
C GLN A 131 9.91 -11.66 -8.77
N GLN A 132 10.21 -10.61 -9.55
CA GLN A 132 11.37 -9.72 -9.33
C GLN A 132 11.36 -9.08 -7.91
N ALA A 133 10.14 -8.76 -7.45
CA ALA A 133 9.90 -8.22 -6.11
C ALA A 133 10.27 -9.25 -5.00
N ILE A 134 10.02 -10.55 -5.27
CA ILE A 134 10.37 -11.64 -4.33
C ILE A 134 11.91 -11.84 -4.25
N ASP A 135 12.60 -11.67 -5.39
CA ASP A 135 14.09 -11.62 -5.44
C ASP A 135 14.65 -10.40 -4.68
N MET A 136 13.87 -9.31 -4.64
CA MET A 136 14.21 -8.08 -3.87
C MET A 136 13.99 -8.30 -2.33
N GLY A 137 13.09 -9.24 -1.98
CA GLY A 137 12.71 -9.49 -0.58
C GLY A 137 11.54 -8.59 -0.13
N VAL A 138 10.53 -8.47 -1.01
CA VAL A 138 9.39 -7.55 -0.82
C VAL A 138 8.47 -7.96 0.36
N GLU A 139 8.48 -9.25 0.73
CA GLU A 139 7.67 -9.79 1.85
C GLU A 139 8.08 -9.12 3.20
N THR A 140 9.40 -9.06 3.45
CA THR A 140 9.97 -8.41 4.65
C THR A 140 9.87 -6.86 4.54
N GLY A 141 10.07 -6.33 3.31
CA GLY A 141 10.00 -4.87 3.04
C GLY A 141 8.61 -4.26 3.30
N MET A 142 7.57 -4.89 2.75
CA MET A 142 6.15 -4.48 2.95
C MET A 142 5.71 -4.71 4.41
N ASN A 143 6.26 -5.74 5.06
CA ASN A 143 6.03 -6.00 6.50
C ASN A 143 6.59 -4.85 7.36
N SER A 144 7.72 -4.26 6.93
CA SER A 144 8.36 -3.09 7.60
C SER A 144 7.56 -1.79 7.39
N THR A 145 7.02 -1.59 6.17
CA THR A 145 6.18 -0.41 5.83
C THR A 145 4.82 -0.46 6.58
N LEU A 146 4.25 -1.68 6.69
CA LEU A 146 3.02 -1.95 7.47
C LEU A 146 3.32 -2.00 8.99
N ASN A 147 4.57 -2.27 9.35
CA ASN A 147 5.05 -2.11 10.76
C ASN A 147 5.06 -0.61 11.18
N GLN A 148 5.18 0.30 10.19
CA GLN A 148 4.96 1.77 10.42
C GLN A 148 3.45 2.09 10.52
N LEU A 149 2.63 1.36 9.73
CA LEU A 149 1.15 1.46 9.76
C LEU A 149 0.59 1.04 11.14
N GLU A 150 1.20 0.00 11.71
CA GLU A 150 0.97 -0.46 13.11
C GLU A 150 1.04 0.73 14.11
N LYS A 151 2.16 1.46 14.06
CA LYS A 151 2.45 2.60 14.98
C LYS A 151 1.51 3.80 14.74
N LEU A 152 1.16 3.99 13.45
CA LEU A 152 0.23 5.04 12.99
C LEU A 152 -1.18 4.87 13.63
N LEU A 153 -1.75 3.68 13.47
CA LEU A 153 -3.16 3.39 13.87
C LEU A 153 -3.30 3.25 15.39
N ASN A 154 -2.24 2.75 16.04
CA ASN A 154 -2.15 2.69 17.53
C ASN A 154 -1.88 4.10 18.12
N GLN A 155 -1.19 4.96 17.33
CA GLN A 155 -0.81 6.35 17.68
C GLN A 155 0.18 6.42 18.88
N LYS A 156 1.23 7.25 18.72
CA LYS A 156 2.29 7.51 19.75
C LYS A 156 3.14 6.24 20.07
N LEU A 157 2.96 5.15 19.28
CA LEU A 157 3.69 3.87 19.45
C LEU A 157 4.99 3.92 18.59
N GLU A 158 5.77 5.00 18.76
CA GLU A 158 6.97 5.31 17.91
C GLU A 158 8.00 4.15 17.88
N HIS A 159 8.14 3.45 19.02
CA HIS A 159 9.01 2.26 19.15
C HIS A 159 8.50 1.35 20.29
N HIS A 160 8.68 0.03 20.13
CA HIS A 160 8.27 -0.97 21.15
C HIS A 160 9.31 -1.11 22.27
N HIS A 161 8.88 -1.77 23.35
CA HIS A 161 9.78 -2.25 24.43
C HIS A 161 9.55 -3.78 24.62
N HIS A 162 10.54 -4.49 25.19
CA HIS A 162 10.49 -5.96 25.34
C HIS A 162 10.55 -6.38 26.83
N HIS A 163 9.46 -7.00 27.33
CA HIS A 163 9.40 -7.52 28.73
C HIS A 163 10.07 -8.92 28.86
N HIS A 164 10.39 -9.31 30.11
CA HIS A 164 11.01 -10.64 30.43
C HIS A 164 10.01 -11.80 30.23
N MET A 1 4.58 -13.32 8.18
CA MET A 1 5.71 -13.28 7.22
C MET A 1 5.60 -14.48 6.23
N THR A 2 4.44 -14.56 5.55
CA THR A 2 4.11 -15.65 4.58
C THR A 2 3.11 -15.14 3.53
N ILE A 3 3.43 -15.32 2.23
CA ILE A 3 2.58 -14.84 1.10
C ILE A 3 2.39 -15.92 0.01
N GLU A 4 1.25 -15.84 -0.69
CA GLU A 4 0.92 -16.73 -1.84
C GLU A 4 1.25 -16.02 -3.18
N LYS A 5 1.71 -16.78 -4.20
CA LYS A 5 2.06 -16.24 -5.54
C LYS A 5 1.27 -16.94 -6.67
N LYS A 6 0.69 -16.14 -7.59
CA LYS A 6 0.07 -16.64 -8.85
C LYS A 6 0.80 -16.02 -10.06
N LYS A 7 2.05 -16.49 -10.30
CA LYS A 7 2.96 -16.03 -11.40
C LYS A 7 3.28 -14.50 -11.27
N ASN A 8 2.37 -13.65 -11.74
CA ASN A 8 2.49 -12.17 -11.70
C ASN A 8 1.48 -11.57 -10.68
N LYS A 9 1.37 -12.24 -9.53
CA LYS A 9 0.44 -11.85 -8.44
C LYS A 9 1.04 -12.22 -7.07
N ILE A 10 1.03 -11.26 -6.14
CA ILE A 10 1.47 -11.47 -4.74
C ILE A 10 0.27 -11.22 -3.79
N ILE A 11 -0.27 -12.30 -3.26
CA ILE A 11 -1.32 -12.27 -2.23
C ILE A 11 -0.66 -12.07 -0.84
N PHE A 12 -0.77 -10.85 -0.31
CA PHE A 12 -0.10 -10.44 0.94
C PHE A 12 -1.09 -10.44 2.11
N THR A 13 -0.80 -11.17 3.19
CA THR A 13 -1.64 -11.17 4.41
C THR A 13 -0.93 -10.44 5.57
N ARG A 14 -1.68 -9.55 6.26
CA ARG A 14 -1.15 -8.72 7.37
C ARG A 14 -2.23 -8.49 8.46
N THR A 15 -1.77 -8.38 9.73
CA THR A 15 -2.65 -8.10 10.89
C THR A 15 -2.12 -6.88 11.69
N PHE A 16 -3.05 -6.07 12.24
CA PHE A 16 -2.74 -4.89 13.08
C PHE A 16 -3.53 -4.93 14.40
N SER A 17 -2.86 -4.61 15.52
CA SER A 17 -3.53 -4.40 16.82
C SER A 17 -4.02 -2.94 16.91
N ALA A 18 -5.29 -2.74 16.52
CA ALA A 18 -5.95 -1.41 16.41
C ALA A 18 -7.34 -1.60 15.77
N PRO A 19 -8.39 -0.78 16.12
CA PRO A 19 -9.71 -0.84 15.45
C PRO A 19 -9.61 -0.65 13.91
N ILE A 20 -10.44 -1.40 13.15
CA ILE A 20 -10.48 -1.37 11.66
C ILE A 20 -10.76 0.07 11.11
N ASN A 21 -11.38 0.91 11.97
CA ASN A 21 -11.65 2.34 11.67
C ASN A 21 -10.36 3.14 11.42
N LYS A 22 -9.26 2.76 12.09
CA LYS A 22 -7.92 3.37 11.83
C LYS A 22 -7.28 2.71 10.59
N VAL A 23 -7.36 1.37 10.57
CA VAL A 23 -6.68 0.49 9.59
C VAL A 23 -7.14 0.73 8.12
N PHE A 24 -8.46 0.64 7.89
CA PHE A 24 -9.10 0.91 6.58
C PHE A 24 -8.82 2.36 6.12
N ASP A 25 -9.13 3.33 7.01
CA ASP A 25 -8.96 4.78 6.72
C ASP A 25 -7.50 5.18 6.45
N ALA A 26 -6.54 4.34 6.87
CA ALA A 26 -5.09 4.52 6.55
C ALA A 26 -4.82 4.43 5.03
N TYR A 27 -5.60 3.58 4.34
CA TYR A 27 -5.52 3.41 2.86
C TYR A 27 -6.48 4.39 2.15
N THR A 28 -7.49 4.88 2.90
CA THR A 28 -8.68 5.56 2.34
C THR A 28 -8.71 7.08 2.67
N LYS A 29 -7.75 7.56 3.50
CA LYS A 29 -7.62 9.01 3.86
C LYS A 29 -6.17 9.50 3.68
N ARG A 30 -6.02 10.75 3.18
CA ARG A 30 -4.72 11.30 2.73
C ARG A 30 -3.71 11.47 3.89
N GLU A 31 -4.14 12.17 4.96
CA GLU A 31 -3.26 12.53 6.10
C GLU A 31 -2.63 11.29 6.76
N LEU A 32 -3.35 10.15 6.70
CA LEU A 32 -2.90 8.87 7.24
C LEU A 32 -1.98 8.14 6.22
N PHE A 33 -2.37 8.20 4.93
CA PHE A 33 -1.65 7.52 3.81
C PHE A 33 -0.17 7.98 3.74
N GLU A 34 0.05 9.31 3.74
CA GLU A 34 1.42 9.89 3.71
C GLU A 34 2.21 9.74 5.05
N GLN A 35 1.60 9.19 6.11
CA GLN A 35 2.31 8.89 7.38
C GLN A 35 2.97 7.49 7.37
N TRP A 36 2.54 6.57 6.48
CA TRP A 36 3.08 5.18 6.44
C TRP A 36 3.76 4.83 5.10
N PHE A 37 3.16 5.26 3.96
CA PHE A 37 3.63 4.89 2.59
C PHE A 37 4.89 5.69 2.18
N HIS A 38 6.05 5.31 2.73
CA HIS A 38 7.35 5.98 2.46
C HIS A 38 8.54 5.01 2.73
N PRO A 39 9.56 4.96 1.81
CA PRO A 39 10.75 4.07 1.97
C PRO A 39 11.82 4.61 2.96
N GLN A 40 13.10 4.18 2.79
CA GLN A 40 14.22 4.47 3.72
C GLN A 40 14.51 6.00 3.87
N ASP A 41 15.24 6.57 2.91
CA ASP A 41 15.69 7.99 2.93
C ASP A 41 14.55 8.95 2.51
N ALA A 42 13.65 8.47 1.66
CA ALA A 42 12.64 9.32 0.98
C ALA A 42 11.32 9.44 1.79
N SER A 43 10.78 10.66 1.80
CA SER A 43 9.43 10.98 2.34
C SER A 43 8.38 10.90 1.21
N VAL A 44 7.11 11.23 1.53
CA VAL A 44 6.00 11.29 0.55
C VAL A 44 5.10 12.52 0.79
N THR A 45 4.64 13.15 -0.30
CA THR A 45 3.67 14.27 -0.28
C THR A 45 2.49 13.93 -1.21
N VAL A 46 1.26 13.91 -0.65
CA VAL A 46 0.03 13.72 -1.43
C VAL A 46 -0.55 15.10 -1.85
N TYR A 47 -0.58 15.37 -3.17
CA TYR A 47 -1.06 16.65 -3.74
C TYR A 47 -2.58 16.61 -4.07
N ASP A 48 -3.09 15.40 -4.31
CA ASP A 48 -4.51 15.15 -4.65
C ASP A 48 -4.95 13.81 -4.04
N PHE A 49 -6.16 13.74 -3.48
CA PHE A 49 -6.68 12.50 -2.87
C PHE A 49 -8.22 12.47 -2.85
N ASN A 50 -8.80 11.38 -3.39
CA ASN A 50 -10.24 11.08 -3.25
C ASN A 50 -10.43 9.54 -3.31
N ALA A 51 -10.64 8.92 -2.14
CA ALA A 51 -10.75 7.45 -2.02
C ALA A 51 -12.20 7.01 -1.81
N THR A 52 -12.78 6.40 -2.86
CA THR A 52 -14.18 5.94 -2.86
C THR A 52 -14.41 4.95 -4.03
N LYS A 53 -15.61 4.36 -4.11
CA LYS A 53 -16.01 3.51 -5.25
C LYS A 53 -16.21 4.38 -6.51
N GLY A 54 -15.13 4.46 -7.33
CA GLY A 54 -15.04 5.43 -8.44
C GLY A 54 -14.31 6.72 -8.03
N GLY A 55 -13.16 6.56 -7.33
CA GLY A 55 -12.28 7.68 -6.92
C GLY A 55 -10.87 7.63 -7.54
N SER A 56 -10.01 8.59 -7.15
CA SER A 56 -8.62 8.74 -7.68
C SER A 56 -7.75 9.62 -6.75
N ALA A 57 -6.41 9.40 -6.78
CA ALA A 57 -5.46 10.11 -5.87
C ALA A 57 -4.05 10.24 -6.49
N PHE A 58 -3.53 11.48 -6.57
CA PHE A 58 -2.15 11.76 -7.06
C PHE A 58 -1.21 12.12 -5.88
N TYR A 59 -0.01 11.51 -5.84
CA TYR A 59 1.01 11.75 -4.82
C TYR A 59 2.44 11.59 -5.40
N ALA A 60 3.46 11.80 -4.55
CA ALA A 60 4.88 11.77 -4.99
C ALA A 60 5.84 11.35 -3.86
N ILE A 61 6.78 10.45 -4.18
CA ILE A 61 7.88 10.05 -3.28
C ILE A 61 9.03 11.09 -3.36
N GLN A 62 9.15 11.92 -2.32
CA GLN A 62 10.14 13.02 -2.22
C GLN A 62 11.47 12.51 -1.60
N ALA A 63 12.46 12.24 -2.46
CA ALA A 63 13.80 11.73 -2.05
C ALA A 63 14.84 12.89 -1.95
N PRO A 64 15.89 12.78 -1.07
CA PRO A 64 16.95 13.85 -0.91
C PRO A 64 17.76 14.16 -2.21
N GLN A 65 17.70 13.25 -3.21
CA GLN A 65 18.44 13.40 -4.51
C GLN A 65 17.51 13.25 -5.76
N MET A 66 16.20 13.06 -5.53
CA MET A 66 15.25 12.67 -6.61
C MET A 66 13.80 12.97 -6.18
N ILE A 67 12.88 13.25 -7.13
CA ILE A 67 11.43 13.31 -6.83
C ILE A 67 10.67 12.44 -7.85
N SER A 68 10.18 11.28 -7.38
CA SER A 68 9.35 10.36 -8.17
C SER A 68 7.87 10.59 -7.86
N TYR A 69 6.97 10.25 -8.78
CA TYR A 69 5.50 10.44 -8.62
C TYR A 69 4.78 9.09 -8.80
N THR A 70 3.66 8.89 -8.08
CA THR A 70 2.83 7.66 -8.18
C THR A 70 1.34 8.00 -7.91
N ILE A 71 0.42 7.24 -8.54
CA ILE A 71 -1.04 7.48 -8.48
C ILE A 71 -1.78 6.19 -8.07
N ALA A 72 -2.83 6.30 -7.23
CA ALA A 72 -3.78 5.21 -6.96
C ALA A 72 -5.18 5.60 -7.47
N GLU A 73 -5.71 4.86 -8.47
CA GLU A 73 -7.08 5.04 -8.97
C GLU A 73 -8.02 4.08 -8.24
N TYR A 74 -8.89 4.60 -7.37
CA TYR A 74 -9.77 3.75 -6.54
C TYR A 74 -10.97 3.27 -7.37
N LEU A 75 -10.80 2.11 -8.02
CA LEU A 75 -11.78 1.55 -8.98
C LEU A 75 -13.11 1.25 -8.24
N GLN A 76 -13.05 0.34 -7.24
CA GLN A 76 -14.21 0.01 -6.38
C GLN A 76 -13.77 -0.18 -4.91
N VAL A 77 -14.21 0.74 -4.04
CA VAL A 77 -14.02 0.62 -2.58
C VAL A 77 -15.42 0.39 -1.96
N ASP A 78 -15.67 -0.82 -1.44
CA ASP A 78 -17.00 -1.26 -1.00
C ASP A 78 -16.94 -1.64 0.50
N ALA A 79 -17.46 -0.73 1.37
CA ALA A 79 -17.48 -0.91 2.84
C ALA A 79 -16.04 -0.92 3.46
N PRO A 80 -15.88 -0.84 4.84
CA PRO A 80 -14.53 -0.98 5.49
C PRO A 80 -13.90 -2.42 5.37
N TYR A 81 -14.56 -3.32 4.60
CA TYR A 81 -14.13 -4.73 4.46
C TYR A 81 -13.37 -4.96 3.12
N TYR A 82 -13.74 -4.22 2.05
CA TYR A 82 -13.14 -4.42 0.70
C TYR A 82 -12.68 -3.10 0.05
N ILE A 83 -11.46 -3.12 -0.52
CA ILE A 83 -10.87 -2.01 -1.31
C ILE A 83 -10.40 -2.56 -2.69
N GLU A 84 -10.48 -1.73 -3.74
CA GLU A 84 -9.85 -2.00 -5.05
C GLU A 84 -9.29 -0.69 -5.64
N TYR A 85 -7.98 -0.68 -5.98
CA TYR A 85 -7.34 0.46 -6.68
C TYR A 85 -6.27 -0.02 -7.70
N LEU A 86 -5.88 0.91 -8.58
CA LEU A 86 -4.89 0.68 -9.66
C LEU A 86 -3.64 1.54 -9.42
N ASP A 87 -2.45 0.93 -9.40
CA ASP A 87 -1.18 1.64 -9.19
C ASP A 87 -0.57 2.05 -10.55
N TYR A 88 -0.48 3.37 -10.78
CA TYR A 88 0.19 3.95 -11.97
C TYR A 88 1.42 4.77 -11.52
N PHE A 89 2.62 4.38 -11.97
CA PHE A 89 3.84 5.18 -11.78
C PHE A 89 3.73 6.47 -12.61
N ALA A 90 3.67 7.63 -11.93
CA ALA A 90 3.38 8.94 -12.57
C ALA A 90 4.67 9.69 -12.99
N THR A 91 4.60 10.37 -14.14
CA THR A 91 5.74 11.09 -14.75
C THR A 91 6.09 12.42 -14.03
N SER A 92 5.15 13.39 -14.07
CA SER A 92 5.38 14.78 -13.59
C SER A 92 4.12 15.65 -13.82
N LYS A 93 3.44 15.43 -14.97
CA LYS A 93 2.27 16.25 -15.43
C LYS A 93 0.95 15.95 -14.66
N GLY A 94 1.04 15.35 -13.46
CA GLY A 94 -0.16 14.90 -12.72
C GLY A 94 -0.79 13.63 -13.30
N GLU A 95 -0.04 12.92 -14.17
CA GLU A 95 -0.52 11.71 -14.87
C GLU A 95 0.59 10.64 -14.94
N LYS A 96 0.22 9.46 -15.47
CA LYS A 96 1.08 8.25 -15.53
C LYS A 96 2.26 8.38 -16.54
N ASP A 97 3.22 7.45 -16.42
CA ASP A 97 4.26 7.19 -17.43
C ASP A 97 3.72 6.23 -18.50
N THR A 98 3.59 6.72 -19.74
CA THR A 98 3.17 5.89 -20.90
C THR A 98 4.31 4.91 -21.29
N SER A 99 4.37 3.80 -20.53
CA SER A 99 5.44 2.77 -20.63
C SER A 99 5.03 1.50 -19.87
N MET A 100 4.51 1.69 -18.64
CA MET A 100 4.08 0.59 -17.75
C MET A 100 2.57 0.69 -17.41
N PRO A 101 1.85 -0.47 -17.21
CA PRO A 101 0.37 -0.49 -17.02
C PRO A 101 -0.11 -0.25 -15.56
N GLY A 102 -1.44 -0.40 -15.34
CA GLY A 102 -2.06 -0.27 -14.02
C GLY A 102 -1.97 -1.55 -13.18
N MET A 103 -1.11 -1.53 -12.16
CA MET A 103 -0.92 -2.65 -11.21
C MET A 103 -2.18 -2.81 -10.30
N HIS A 104 -3.00 -3.84 -10.59
CA HIS A 104 -4.33 -4.03 -9.96
C HIS A 104 -4.24 -4.67 -8.55
N ILE A 105 -4.44 -3.84 -7.51
CA ILE A 105 -4.51 -4.28 -6.09
C ILE A 105 -5.98 -4.35 -5.63
N THR A 106 -6.37 -5.48 -5.02
CA THR A 106 -7.68 -5.66 -4.34
C THR A 106 -7.43 -6.19 -2.92
N LEU A 107 -7.81 -5.41 -1.88
CA LEU A 107 -7.60 -5.82 -0.48
C LEU A 107 -8.93 -6.38 0.06
N ASN A 108 -8.92 -7.70 0.32
CA ASN A 108 -10.09 -8.46 0.77
C ASN A 108 -9.99 -8.73 2.29
N PHE A 109 -11.11 -8.54 3.01
CA PHE A 109 -11.20 -8.85 4.46
C PHE A 109 -10.88 -10.32 4.76
N GLU A 110 -10.23 -10.57 5.90
CA GLU A 110 -9.88 -11.95 6.35
C GLU A 110 -10.17 -12.08 7.87
N GLU A 111 -10.11 -13.33 8.40
CA GLU A 111 -10.52 -13.70 9.77
C GLU A 111 -9.97 -12.75 10.88
N VAL A 112 -10.84 -11.84 11.35
CA VAL A 112 -10.55 -10.95 12.49
C VAL A 112 -11.02 -11.62 13.81
N LYS A 113 -10.06 -12.16 14.57
CA LYS A 113 -10.35 -12.84 15.88
C LYS A 113 -10.07 -11.89 17.08
N GLY A 114 -10.20 -10.57 16.81
CA GLY A 114 -9.92 -9.50 17.80
C GLY A 114 -8.99 -8.44 17.22
N LYS A 115 -7.95 -8.91 16.52
CA LYS A 115 -6.96 -8.06 15.81
C LYS A 115 -7.32 -7.99 14.30
N THR A 116 -7.33 -6.76 13.73
CA THR A 116 -7.78 -6.52 12.33
C THR A 116 -6.85 -7.20 11.28
N THR A 117 -7.42 -8.11 10.47
CA THR A 117 -6.67 -8.83 9.40
C THR A 117 -7.26 -8.52 8.02
N VAL A 118 -6.42 -8.03 7.10
CA VAL A 118 -6.80 -7.78 5.68
C VAL A 118 -5.68 -8.29 4.73
N THR A 119 -6.09 -8.98 3.67
CA THR A 119 -5.18 -9.53 2.64
C THR A 119 -5.18 -8.67 1.34
N SER A 120 -4.02 -8.05 1.03
CA SER A 120 -3.84 -7.23 -0.21
C SER A 120 -3.36 -8.11 -1.39
N THR A 121 -4.23 -8.30 -2.39
CA THR A 121 -3.95 -9.13 -3.58
C THR A 121 -3.47 -8.25 -4.77
N SER A 122 -2.16 -8.29 -5.06
CA SER A 122 -1.51 -7.44 -6.09
C SER A 122 -1.44 -8.16 -7.44
N THR A 123 -1.52 -7.42 -8.55
CA THR A 123 -1.29 -7.97 -9.90
C THR A 123 -0.18 -7.18 -10.63
N PHE A 124 1.03 -7.78 -10.65
CA PHE A 124 2.23 -7.26 -11.35
C PHE A 124 2.11 -7.40 -12.91
N PRO A 125 2.95 -6.67 -13.72
CA PRO A 125 2.86 -6.63 -15.21
C PRO A 125 3.38 -7.91 -15.93
N THR A 126 2.65 -9.04 -15.76
CA THR A 126 2.84 -10.35 -16.44
C THR A 126 4.30 -10.91 -16.48
N GLU A 127 4.46 -12.12 -17.08
CA GLU A 127 5.78 -12.77 -17.33
C GLU A 127 6.55 -13.05 -15.99
N SER A 128 5.76 -13.42 -14.95
CA SER A 128 6.27 -13.73 -13.59
C SER A 128 6.98 -12.54 -12.91
N ALA A 129 6.62 -11.30 -13.30
CA ALA A 129 7.20 -10.04 -12.74
C ALA A 129 7.13 -9.99 -11.19
N ALA A 130 6.07 -10.60 -10.63
CA ALA A 130 5.88 -10.72 -9.17
C ALA A 130 6.82 -11.79 -8.54
N GLN A 131 7.04 -12.90 -9.27
CA GLN A 131 7.99 -13.96 -8.84
C GLN A 131 9.43 -13.39 -8.72
N GLN A 132 9.88 -12.65 -9.76
CA GLN A 132 11.20 -11.99 -9.75
C GLN A 132 11.36 -11.06 -8.51
N ALA A 133 10.24 -10.42 -8.10
CA ALA A 133 10.20 -9.52 -6.93
C ALA A 133 10.42 -10.30 -5.60
N ILE A 134 10.02 -11.58 -5.56
CA ILE A 134 10.21 -12.45 -4.36
C ILE A 134 11.71 -12.76 -4.14
N ASP A 135 12.41 -13.08 -5.24
CA ASP A 135 13.88 -13.27 -5.25
C ASP A 135 14.63 -11.95 -4.91
N MET A 136 13.98 -10.80 -5.19
CA MET A 136 14.47 -9.46 -4.80
C MET A 136 14.28 -9.19 -3.27
N GLY A 137 13.25 -9.85 -2.67
CA GLY A 137 12.92 -9.70 -1.23
C GLY A 137 11.83 -8.67 -0.97
N VAL A 138 10.83 -8.60 -1.86
CA VAL A 138 9.71 -7.63 -1.78
C VAL A 138 8.75 -7.95 -0.61
N GLU A 139 8.68 -9.24 -0.17
CA GLU A 139 7.80 -9.69 0.94
C GLU A 139 8.09 -8.90 2.23
N THR A 140 9.37 -8.92 2.63
CA THR A 140 9.85 -8.22 3.84
C THR A 140 9.80 -6.68 3.66
N GLY A 141 9.98 -6.22 2.40
CA GLY A 141 9.87 -4.79 2.06
C GLY A 141 8.46 -4.20 2.28
N MET A 142 7.44 -4.90 1.75
CA MET A 142 6.00 -4.53 1.89
C MET A 142 5.55 -4.66 3.36
N ASN A 143 6.10 -5.68 4.05
CA ASN A 143 5.85 -5.90 5.49
C ASN A 143 6.43 -4.75 6.34
N SER A 144 7.60 -4.21 5.89
CA SER A 144 8.27 -3.06 6.56
C SER A 144 7.50 -1.73 6.33
N THR A 145 6.90 -1.56 5.14
CA THR A 145 6.04 -0.39 4.82
C THR A 145 4.76 -0.40 5.71
N LEU A 146 4.22 -1.62 5.93
CA LEU A 146 3.11 -1.86 6.88
C LEU A 146 3.58 -1.86 8.36
N ASN A 147 4.88 -2.11 8.61
CA ASN A 147 5.49 -1.91 9.95
C ASN A 147 5.60 -0.40 10.28
N GLN A 148 5.64 0.47 9.25
CA GLN A 148 5.50 1.95 9.43
C GLN A 148 4.03 2.30 9.78
N LEU A 149 3.09 1.60 9.13
CA LEU A 149 1.63 1.70 9.39
C LEU A 149 1.28 1.19 10.81
N GLU A 150 2.05 0.21 11.28
CA GLU A 150 1.92 -0.37 12.65
C GLU A 150 2.08 0.72 13.75
N LYS A 151 3.15 1.53 13.64
CA LYS A 151 3.44 2.64 14.60
C LYS A 151 2.41 3.79 14.47
N LEU A 152 1.90 4.02 13.24
CA LEU A 152 0.84 5.02 12.95
C LEU A 152 -0.49 4.69 13.71
N LEU A 153 -0.97 3.45 13.56
CA LEU A 153 -2.30 3.03 14.08
C LEU A 153 -2.29 2.78 15.60
N ASN A 154 -1.16 2.31 16.12
CA ASN A 154 -0.94 2.18 17.59
C ASN A 154 -0.55 3.54 18.23
N GLN A 155 -0.12 4.51 17.37
CA GLN A 155 0.18 5.92 17.71
C GLN A 155 1.42 6.06 18.65
N LYS A 156 1.27 5.68 19.93
CA LYS A 156 2.35 5.79 20.95
C LYS A 156 3.38 4.63 20.85
N LEU A 157 3.26 3.77 19.81
CA LEU A 157 4.25 2.70 19.52
C LEU A 157 5.58 3.35 19.06
N GLU A 158 6.62 3.23 19.91
CA GLU A 158 7.90 3.95 19.72
C GLU A 158 9.05 3.22 20.44
N HIS A 159 8.92 3.14 21.76
CA HIS A 159 10.02 2.77 22.69
C HIS A 159 10.11 1.24 22.85
N HIS A 160 11.33 0.70 22.95
CA HIS A 160 11.54 -0.73 23.29
C HIS A 160 11.38 -0.96 24.81
N HIS A 161 10.11 -0.95 25.27
CA HIS A 161 9.74 -1.37 26.63
C HIS A 161 9.42 -2.90 26.63
N HIS A 162 9.16 -3.43 25.42
CA HIS A 162 9.23 -4.87 25.13
C HIS A 162 10.56 -5.18 24.40
N HIS A 163 11.47 -5.92 25.07
CA HIS A 163 12.75 -6.36 24.47
C HIS A 163 12.51 -7.43 23.38
N HIS A 164 11.51 -8.32 23.63
CA HIS A 164 11.06 -9.32 22.64
C HIS A 164 10.29 -8.62 21.49
N MET A 1 7.86 -17.10 6.96
CA MET A 1 7.03 -16.19 6.13
C MET A 1 6.67 -16.87 4.79
N THR A 2 5.38 -17.24 4.60
CA THR A 2 4.90 -17.87 3.34
C THR A 2 3.54 -17.28 2.91
N ILE A 3 3.58 -16.31 1.99
CA ILE A 3 2.37 -15.76 1.33
C ILE A 3 2.15 -16.43 -0.06
N GLU A 4 1.10 -16.00 -0.77
CA GLU A 4 0.70 -16.63 -2.06
C GLU A 4 1.20 -15.85 -3.29
N LYS A 5 2.21 -16.40 -4.00
CA LYS A 5 2.75 -15.82 -5.25
C LYS A 5 2.28 -16.64 -6.46
N LYS A 6 1.62 -15.96 -7.42
CA LYS A 6 1.15 -16.56 -8.68
C LYS A 6 1.86 -15.89 -9.88
N LYS A 7 3.19 -16.13 -9.97
CA LYS A 7 4.10 -15.62 -11.05
C LYS A 7 4.13 -14.07 -11.15
N ASN A 8 3.09 -13.48 -11.76
CA ASN A 8 2.92 -12.01 -11.89
C ASN A 8 1.82 -11.49 -10.92
N LYS A 9 1.75 -12.10 -9.74
CA LYS A 9 0.83 -11.70 -8.65
C LYS A 9 1.47 -12.00 -7.27
N ILE A 10 1.42 -11.01 -6.35
CA ILE A 10 1.78 -11.19 -4.93
C ILE A 10 0.53 -10.94 -4.05
N ILE A 11 0.00 -12.01 -3.45
CA ILE A 11 -1.07 -11.91 -2.45
C ILE A 11 -0.43 -11.91 -1.04
N PHE A 12 -0.40 -10.74 -0.39
CA PHE A 12 0.22 -10.52 0.93
C PHE A 12 -0.86 -10.53 2.03
N THR A 13 -0.51 -10.97 3.24
CA THR A 13 -1.43 -10.92 4.41
C THR A 13 -0.67 -10.45 5.67
N ARG A 14 -1.33 -9.62 6.51
CA ARG A 14 -0.70 -9.05 7.72
C ARG A 14 -1.76 -8.66 8.79
N THR A 15 -1.44 -8.97 10.06
CA THR A 15 -2.32 -8.67 11.22
C THR A 15 -1.82 -7.40 11.97
N PHE A 16 -2.68 -6.36 12.05
CA PHE A 16 -2.37 -5.05 12.66
C PHE A 16 -2.99 -4.95 14.07
N SER A 17 -2.25 -4.35 15.02
CA SER A 17 -2.81 -4.01 16.35
C SER A 17 -3.58 -2.67 16.24
N ALA A 18 -4.91 -2.78 15.98
CA ALA A 18 -5.83 -1.64 15.71
C ALA A 18 -7.19 -2.19 15.19
N PRO A 19 -8.33 -1.45 15.42
CA PRO A 19 -9.64 -1.79 14.78
C PRO A 19 -9.66 -1.58 13.24
N ILE A 20 -10.46 -2.43 12.55
CA ILE A 20 -10.64 -2.41 11.06
C ILE A 20 -11.04 -1.01 10.51
N ASN A 21 -11.71 -0.21 11.35
CA ASN A 21 -12.18 1.15 10.99
C ASN A 21 -11.01 2.06 10.55
N LYS A 22 -10.01 2.23 11.44
CA LYS A 22 -8.88 3.15 11.20
C LYS A 22 -7.79 2.53 10.29
N VAL A 23 -7.75 1.19 10.22
CA VAL A 23 -6.87 0.45 9.28
C VAL A 23 -7.32 0.70 7.82
N PHE A 24 -8.64 0.71 7.63
CA PHE A 24 -9.29 1.04 6.34
C PHE A 24 -9.03 2.51 5.93
N ASP A 25 -9.09 3.42 6.93
CA ASP A 25 -8.90 4.86 6.70
C ASP A 25 -7.46 5.24 6.23
N ALA A 26 -6.52 4.28 6.28
CA ALA A 26 -5.18 4.42 5.68
C ALA A 26 -5.23 4.58 4.13
N TYR A 27 -6.33 4.08 3.52
CA TYR A 27 -6.53 4.12 2.04
C TYR A 27 -7.62 5.13 1.62
N THR A 28 -8.31 5.76 2.59
CA THR A 28 -9.33 6.83 2.32
C THR A 28 -8.84 8.23 2.74
N LYS A 29 -7.89 8.27 3.68
CA LYS A 29 -7.32 9.53 4.23
C LYS A 29 -5.83 9.66 3.86
N ARG A 30 -5.42 10.80 3.24
CA ARG A 30 -3.98 11.03 2.93
C ARG A 30 -3.15 11.27 4.20
N GLU A 31 -3.75 11.96 5.19
CA GLU A 31 -3.11 12.27 6.49
C GLU A 31 -2.63 11.00 7.22
N LEU A 32 -3.19 9.83 6.83
CA LEU A 32 -2.72 8.52 7.29
C LEU A 32 -1.79 7.88 6.22
N PHE A 33 -2.24 7.92 4.94
CA PHE A 33 -1.56 7.27 3.78
C PHE A 33 -0.06 7.69 3.64
N GLU A 34 0.20 9.00 3.59
CA GLU A 34 1.58 9.52 3.43
C GLU A 34 2.47 9.42 4.71
N GLN A 35 1.96 8.80 5.80
CA GLN A 35 2.79 8.52 7.01
C GLN A 35 3.35 7.08 7.01
N TRP A 36 2.69 6.14 6.29
CA TRP A 36 3.14 4.71 6.24
C TRP A 36 3.67 4.31 4.83
N PHE A 37 2.97 4.75 3.76
CA PHE A 37 3.25 4.32 2.36
C PHE A 37 4.47 5.07 1.76
N HIS A 38 5.68 4.59 2.08
CA HIS A 38 6.96 5.19 1.60
C HIS A 38 8.13 4.18 1.78
N PRO A 39 9.17 4.22 0.89
CA PRO A 39 10.40 3.39 1.05
C PRO A 39 11.35 3.92 2.17
N GLN A 40 12.42 3.14 2.45
CA GLN A 40 13.43 3.46 3.50
C GLN A 40 14.28 4.70 3.10
N ASP A 41 14.49 5.62 4.06
CA ASP A 41 15.26 6.89 3.88
C ASP A 41 14.61 7.84 2.82
N ALA A 42 13.31 7.63 2.55
CA ALA A 42 12.53 8.46 1.60
C ALA A 42 11.10 8.71 2.11
N SER A 43 10.58 9.91 1.82
CA SER A 43 9.23 10.35 2.25
C SER A 43 8.25 10.38 1.04
N VAL A 44 7.01 10.82 1.29
CA VAL A 44 5.94 10.90 0.25
C VAL A 44 5.01 12.12 0.51
N THR A 45 4.71 12.90 -0.55
CA THR A 45 3.83 14.10 -0.47
C THR A 45 2.62 13.94 -1.40
N VAL A 46 1.41 13.80 -0.82
CA VAL A 46 0.15 13.68 -1.58
C VAL A 46 -0.39 15.10 -1.94
N TYR A 47 -0.40 15.42 -3.25
CA TYR A 47 -0.93 16.71 -3.77
C TYR A 47 -2.49 16.74 -3.74
N ASP A 48 -3.10 15.60 -4.10
CA ASP A 48 -4.57 15.42 -4.13
C ASP A 48 -4.92 13.95 -3.81
N PHE A 49 -6.07 13.72 -3.13
CA PHE A 49 -6.48 12.36 -2.71
C PHE A 49 -8.01 12.20 -2.84
N ASN A 50 -8.45 11.06 -3.39
CA ASN A 50 -9.88 10.68 -3.48
C ASN A 50 -10.01 9.14 -3.51
N ALA A 51 -10.87 8.59 -2.65
CA ALA A 51 -11.03 7.12 -2.48
C ALA A 51 -12.49 6.70 -2.22
N THR A 52 -13.45 7.55 -2.59
CA THR A 52 -14.89 7.27 -2.37
C THR A 52 -15.56 6.66 -3.64
N LYS A 53 -15.22 5.38 -3.92
CA LYS A 53 -15.79 4.57 -5.04
C LYS A 53 -15.58 5.26 -6.44
N GLY A 54 -14.51 4.86 -7.15
CA GLY A 54 -14.14 5.48 -8.44
C GLY A 54 -13.36 6.79 -8.28
N GLY A 55 -12.50 6.85 -7.25
CA GLY A 55 -11.65 8.03 -6.97
C GLY A 55 -10.22 7.91 -7.53
N SER A 56 -9.36 8.91 -7.23
CA SER A 56 -7.93 8.94 -7.65
C SER A 56 -7.07 9.74 -6.65
N ALA A 57 -5.80 9.35 -6.46
CA ALA A 57 -4.89 9.97 -5.48
C ALA A 57 -3.51 10.28 -6.10
N PHE A 58 -3.21 11.57 -6.31
CA PHE A 58 -1.92 12.04 -6.88
C PHE A 58 -0.90 12.36 -5.75
N TYR A 59 0.25 11.66 -5.78
CA TYR A 59 1.35 11.83 -4.79
C TYR A 59 2.74 11.72 -5.44
N ALA A 60 3.80 12.02 -4.66
CA ALA A 60 5.21 11.97 -5.13
C ALA A 60 6.13 11.39 -4.05
N ILE A 61 6.96 10.41 -4.43
CA ILE A 61 7.99 9.81 -3.56
C ILE A 61 9.21 10.77 -3.48
N GLN A 62 9.31 11.49 -2.35
CA GLN A 62 10.45 12.38 -2.06
C GLN A 62 11.68 11.52 -1.63
N ALA A 63 12.61 11.27 -2.57
CA ALA A 63 13.81 10.45 -2.32
C ALA A 63 15.10 11.32 -2.43
N PRO A 64 16.22 10.98 -1.70
CA PRO A 64 17.38 11.90 -1.52
C PRO A 64 18.13 12.30 -2.84
N GLN A 65 17.92 11.55 -3.93
CA GLN A 65 18.51 11.87 -5.27
C GLN A 65 17.40 12.18 -6.32
N MET A 66 16.34 11.35 -6.34
CA MET A 66 15.24 11.45 -7.36
C MET A 66 13.86 11.70 -6.71
N ILE A 67 12.92 12.31 -7.46
CA ILE A 67 11.51 12.48 -7.01
C ILE A 67 10.57 11.98 -8.13
N SER A 68 9.92 10.84 -7.89
CA SER A 68 8.94 10.23 -8.84
C SER A 68 7.50 10.51 -8.39
N TYR A 69 6.57 10.46 -9.36
CA TYR A 69 5.14 10.76 -9.16
C TYR A 69 4.29 9.52 -9.47
N THR A 70 3.16 9.36 -8.76
CA THR A 70 2.26 8.18 -8.92
C THR A 70 0.80 8.54 -8.54
N ILE A 71 -0.15 8.14 -9.38
CA ILE A 71 -1.60 8.31 -9.14
C ILE A 71 -2.26 6.94 -8.87
N ALA A 72 -2.80 6.73 -7.65
CA ALA A 72 -3.55 5.50 -7.31
C ALA A 72 -5.07 5.76 -7.43
N GLU A 73 -5.73 5.08 -8.38
CA GLU A 73 -7.16 5.28 -8.67
C GLU A 73 -8.02 4.22 -7.96
N TYR A 74 -8.80 4.63 -6.94
CA TYR A 74 -9.58 3.71 -6.09
C TYR A 74 -10.93 3.36 -6.75
N LEU A 75 -10.94 2.28 -7.56
CA LEU A 75 -12.11 1.91 -8.42
C LEU A 75 -13.34 1.47 -7.58
N GLN A 76 -13.13 0.52 -6.65
CA GLN A 76 -14.22 -0.10 -5.88
C GLN A 76 -13.85 -0.14 -4.38
N VAL A 77 -14.62 0.59 -3.57
CA VAL A 77 -14.41 0.71 -2.11
C VAL A 77 -15.73 0.35 -1.42
N ASP A 78 -15.75 -0.81 -0.75
CA ASP A 78 -16.97 -1.43 -0.20
C ASP A 78 -16.76 -1.79 1.28
N ALA A 79 -17.36 -0.99 2.20
CA ALA A 79 -17.22 -1.17 3.66
C ALA A 79 -15.76 -0.97 4.14
N PRO A 80 -15.45 -1.04 5.49
CA PRO A 80 -14.05 -1.17 5.95
C PRO A 80 -13.37 -2.52 5.54
N TYR A 81 -14.19 -3.46 5.04
CA TYR A 81 -13.74 -4.82 4.68
C TYR A 81 -12.97 -4.87 3.33
N TYR A 82 -13.48 -4.21 2.29
CA TYR A 82 -12.93 -4.33 0.92
C TYR A 82 -12.44 -2.98 0.35
N ILE A 83 -11.22 -2.99 -0.22
CA ILE A 83 -10.61 -1.85 -0.94
C ILE A 83 -10.13 -2.34 -2.34
N GLU A 84 -10.22 -1.48 -3.35
CA GLU A 84 -9.62 -1.73 -4.69
C GLU A 84 -9.03 -0.43 -5.26
N TYR A 85 -7.76 -0.46 -5.72
CA TYR A 85 -7.14 0.67 -6.45
C TYR A 85 -6.17 0.21 -7.56
N LEU A 86 -5.85 1.15 -8.45
CA LEU A 86 -4.91 0.95 -9.57
C LEU A 86 -3.70 1.88 -9.38
N ASP A 87 -2.48 1.33 -9.31
CA ASP A 87 -1.26 2.12 -9.15
C ASP A 87 -0.72 2.47 -10.56
N TYR A 88 -0.93 3.72 -10.98
CA TYR A 88 -0.42 4.27 -12.25
C TYR A 88 0.82 5.10 -11.97
N PHE A 89 1.99 4.70 -12.52
CA PHE A 89 3.21 5.54 -12.44
C PHE A 89 2.98 6.85 -13.24
N ALA A 90 3.00 7.98 -12.53
CA ALA A 90 2.78 9.31 -13.14
C ALA A 90 4.12 9.98 -13.51
N THR A 91 4.05 10.91 -14.46
CA THR A 91 5.22 11.73 -14.89
C THR A 91 5.36 13.00 -14.02
N SER A 92 6.55 13.63 -14.07
CA SER A 92 6.83 14.92 -13.38
C SER A 92 5.97 16.08 -13.93
N LYS A 93 5.38 15.89 -15.13
CA LYS A 93 4.44 16.85 -15.76
C LYS A 93 3.01 16.79 -15.12
N GLY A 94 2.82 15.89 -14.13
CA GLY A 94 1.55 15.80 -13.38
C GLY A 94 0.51 14.87 -14.00
N GLU A 95 0.79 14.36 -15.22
CA GLU A 95 -0.15 13.49 -15.96
C GLU A 95 0.08 11.99 -15.60
N LYS A 96 0.73 11.24 -16.50
CA LYS A 96 1.02 9.81 -16.33
C LYS A 96 2.14 9.42 -17.30
N ASP A 97 2.87 8.36 -16.97
CA ASP A 97 3.99 7.89 -17.79
C ASP A 97 3.48 7.16 -19.06
N THR A 98 2.32 6.47 -18.92
CA THR A 98 1.57 5.83 -20.04
C THR A 98 2.19 4.48 -20.52
N SER A 99 3.51 4.27 -20.27
CA SER A 99 4.25 3.08 -20.77
C SER A 99 3.81 1.77 -20.05
N MET A 100 3.94 1.73 -18.71
CA MET A 100 3.57 0.53 -17.90
C MET A 100 2.02 0.36 -17.80
N PRO A 101 1.49 -0.92 -17.77
CA PRO A 101 0.06 -1.20 -17.52
C PRO A 101 -0.43 -0.80 -16.09
N GLY A 102 -1.76 -0.68 -15.92
CA GLY A 102 -2.38 -0.39 -14.62
C GLY A 102 -2.17 -1.50 -13.58
N MET A 103 -1.31 -1.22 -12.59
CA MET A 103 -0.98 -2.15 -11.48
C MET A 103 -2.21 -2.34 -10.55
N HIS A 104 -2.77 -3.55 -10.49
CA HIS A 104 -4.09 -3.79 -9.83
C HIS A 104 -3.95 -4.39 -8.40
N ILE A 105 -4.24 -3.58 -7.36
CA ILE A 105 -4.32 -4.06 -5.95
C ILE A 105 -5.80 -4.15 -5.51
N THR A 106 -6.18 -5.30 -4.92
CA THR A 106 -7.49 -5.50 -4.24
C THR A 106 -7.23 -6.09 -2.85
N LEU A 107 -7.56 -5.34 -1.79
CA LEU A 107 -7.31 -5.76 -0.40
C LEU A 107 -8.63 -6.21 0.26
N ASN A 108 -8.64 -7.44 0.82
CA ASN A 108 -9.85 -8.11 1.36
C ASN A 108 -9.63 -8.48 2.84
N PHE A 109 -10.59 -8.11 3.69
CA PHE A 109 -10.53 -8.37 5.14
C PHE A 109 -10.69 -9.89 5.44
N GLU A 110 -9.89 -10.36 6.40
CA GLU A 110 -9.70 -11.78 6.72
C GLU A 110 -9.56 -11.98 8.26
N GLU A 111 -9.72 -13.24 8.73
CA GLU A 111 -9.63 -13.64 10.15
C GLU A 111 -10.86 -13.15 10.96
N VAL A 112 -10.95 -11.81 11.15
CA VAL A 112 -12.12 -11.11 11.76
C VAL A 112 -12.41 -11.62 13.22
N LYS A 113 -11.57 -11.20 14.19
CA LYS A 113 -11.73 -11.56 15.62
C LYS A 113 -11.65 -10.29 16.52
N GLY A 114 -10.44 -9.72 16.63
CA GLY A 114 -10.20 -8.48 17.39
C GLY A 114 -9.23 -7.57 16.67
N LYS A 115 -8.00 -8.08 16.45
CA LYS A 115 -6.99 -7.42 15.61
C LYS A 115 -7.33 -7.60 14.11
N THR A 116 -7.08 -6.54 13.33
CA THR A 116 -7.38 -6.51 11.87
C THR A 116 -6.39 -7.41 11.09
N THR A 117 -6.87 -8.06 10.03
CA THR A 117 -6.02 -8.84 9.11
C THR A 117 -6.52 -8.63 7.67
N VAL A 118 -5.85 -7.78 6.89
CA VAL A 118 -6.27 -7.47 5.50
C VAL A 118 -5.25 -8.05 4.49
N THR A 119 -5.73 -9.01 3.67
CA THR A 119 -4.95 -9.71 2.65
C THR A 119 -5.01 -8.98 1.28
N SER A 120 -3.88 -8.41 0.84
CA SER A 120 -3.78 -7.66 -0.45
C SER A 120 -3.47 -8.60 -1.65
N THR A 121 -4.46 -8.81 -2.53
CA THR A 121 -4.25 -9.49 -3.82
C THR A 121 -3.71 -8.48 -4.87
N SER A 122 -2.38 -8.50 -5.10
CA SER A 122 -1.71 -7.50 -5.96
C SER A 122 -1.25 -8.14 -7.29
N THR A 123 -2.00 -7.86 -8.37
CA THR A 123 -1.66 -8.32 -9.73
C THR A 123 -0.60 -7.41 -10.38
N PHE A 124 0.64 -7.90 -10.45
CA PHE A 124 1.74 -7.26 -11.20
C PHE A 124 1.54 -7.48 -12.74
N PRO A 125 2.15 -6.61 -13.62
CA PRO A 125 1.85 -6.59 -15.07
C PRO A 125 2.08 -7.96 -15.78
N THR A 126 3.36 -8.43 -15.82
CA THR A 126 3.75 -9.66 -16.54
C THR A 126 5.25 -9.97 -16.34
N GLU A 127 5.74 -11.03 -17.05
CA GLU A 127 7.18 -11.43 -17.10
C GLU A 127 7.67 -11.96 -15.71
N SER A 128 6.70 -12.37 -14.85
CA SER A 128 6.94 -12.78 -13.45
C SER A 128 7.68 -11.69 -12.64
N ALA A 129 7.32 -10.42 -12.93
CA ALA A 129 7.84 -9.21 -12.22
C ALA A 129 7.54 -9.28 -10.70
N ALA A 130 6.41 -9.92 -10.36
CA ALA A 130 6.00 -10.18 -8.95
C ALA A 130 6.95 -11.16 -8.23
N GLN A 131 7.23 -12.31 -8.89
CA GLN A 131 8.21 -13.30 -8.40
C GLN A 131 9.59 -12.63 -8.19
N GLN A 132 10.05 -11.94 -9.23
CA GLN A 132 11.33 -11.18 -9.22
C GLN A 132 11.39 -10.15 -8.06
N ALA A 133 10.22 -9.55 -7.74
CA ALA A 133 10.09 -8.60 -6.61
C ALA A 133 10.28 -9.28 -5.23
N ILE A 134 9.79 -10.52 -5.09
CA ILE A 134 9.98 -11.33 -3.85
C ILE A 134 11.49 -11.67 -3.65
N ASP A 135 12.19 -11.98 -4.75
CA ASP A 135 13.65 -12.18 -4.76
C ASP A 135 14.42 -10.85 -4.48
N MET A 136 13.79 -9.72 -4.84
CA MET A 136 14.30 -8.36 -4.51
C MET A 136 14.13 -8.05 -3.00
N GLY A 137 13.17 -8.76 -2.34
CA GLY A 137 12.93 -8.64 -0.88
C GLY A 137 11.69 -7.82 -0.50
N VAL A 138 10.72 -7.71 -1.44
CA VAL A 138 9.48 -6.92 -1.22
C VAL A 138 8.52 -7.62 -0.21
N GLU A 139 8.72 -8.94 0.02
CA GLU A 139 7.88 -9.71 0.98
C GLU A 139 8.06 -9.18 2.43
N THR A 140 9.34 -9.06 2.85
CA THR A 140 9.71 -8.45 4.15
C THR A 140 9.62 -6.90 4.09
N GLY A 141 9.82 -6.32 2.89
CA GLY A 141 9.67 -4.87 2.67
C GLY A 141 8.25 -4.35 2.96
N MET A 142 7.23 -5.02 2.38
CA MET A 142 5.80 -4.71 2.61
C MET A 142 5.36 -5.09 4.04
N ASN A 143 5.99 -6.14 4.62
CA ASN A 143 5.81 -6.49 6.05
C ASN A 143 6.17 -5.27 6.91
N SER A 144 7.37 -4.71 6.68
CA SER A 144 7.91 -3.54 7.42
C SER A 144 7.03 -2.29 7.23
N THR A 145 6.61 -2.03 5.98
CA THR A 145 5.75 -0.88 5.62
C THR A 145 4.35 -0.97 6.31
N LEU A 146 3.81 -2.20 6.40
CA LEU A 146 2.54 -2.48 7.12
C LEU A 146 2.72 -2.51 8.67
N ASN A 147 3.95 -2.79 9.14
CA ASN A 147 4.32 -2.60 10.57
C ASN A 147 4.33 -1.10 10.90
N GLN A 148 4.80 -0.27 9.96
CA GLN A 148 4.80 1.21 10.08
C GLN A 148 3.36 1.77 10.05
N LEU A 149 2.46 1.07 9.32
CA LEU A 149 1.01 1.33 9.34
C LEU A 149 0.44 1.11 10.77
N GLU A 150 0.88 0.03 11.43
CA GLU A 150 0.51 -0.23 12.85
C GLU A 150 1.07 0.88 13.78
N LYS A 151 2.36 1.25 13.58
CA LYS A 151 3.03 2.30 14.42
C LYS A 151 2.38 3.69 14.21
N LEU A 152 1.78 3.87 13.02
CA LEU A 152 0.94 5.04 12.68
C LEU A 152 -0.39 5.04 13.49
N LEU A 153 -1.13 3.92 13.43
CA LEU A 153 -2.49 3.82 14.01
C LEU A 153 -2.47 3.77 15.55
N ASN A 154 -1.34 3.31 16.12
CA ASN A 154 -1.05 3.44 17.58
C ASN A 154 -0.46 4.85 17.89
N GLN A 155 0.24 5.43 16.89
CA GLN A 155 0.99 6.71 16.99
C GLN A 155 2.23 6.59 17.91
N LYS A 156 1.99 6.42 19.22
CA LYS A 156 3.05 6.38 20.25
C LYS A 156 3.71 4.98 20.38
N LEU A 157 3.88 4.26 19.25
CA LEU A 157 4.52 2.93 19.21
C LEU A 157 5.84 3.03 18.40
N GLU A 158 6.96 3.15 19.13
CA GLU A 158 8.32 3.31 18.54
C GLU A 158 9.00 1.94 18.26
N HIS A 159 10.25 2.00 17.75
CA HIS A 159 11.17 0.84 17.69
C HIS A 159 12.16 0.94 18.87
N HIS A 160 11.71 0.52 20.06
CA HIS A 160 12.42 0.77 21.33
C HIS A 160 13.41 -0.38 21.71
N HIS A 161 14.35 -0.65 20.78
CA HIS A 161 15.51 -1.58 21.00
C HIS A 161 15.06 -2.98 21.49
N HIS A 162 14.01 -3.53 20.85
CA HIS A 162 13.33 -4.77 21.29
C HIS A 162 13.51 -5.92 20.25
N HIS A 163 13.94 -7.11 20.74
CA HIS A 163 14.05 -8.34 19.90
C HIS A 163 12.67 -8.99 19.67
N HIS A 164 12.47 -9.58 18.48
CA HIS A 164 11.21 -10.25 18.09
C HIS A 164 11.52 -11.65 17.53
N MET A 1 5.04 -12.63 7.88
CA MET A 1 6.36 -13.13 7.41
C MET A 1 6.23 -13.73 5.99
N THR A 2 5.90 -15.04 5.88
CA THR A 2 5.79 -15.75 4.59
C THR A 2 4.36 -15.68 4.04
N ILE A 3 4.22 -15.49 2.71
CA ILE A 3 2.90 -15.26 2.04
C ILE A 3 2.75 -16.09 0.73
N GLU A 4 1.61 -15.88 0.04
CA GLU A 4 1.26 -16.59 -1.23
C GLU A 4 1.70 -15.79 -2.46
N LYS A 5 2.34 -16.46 -3.45
CA LYS A 5 2.71 -15.87 -4.75
C LYS A 5 2.33 -16.83 -5.91
N LYS A 6 1.64 -16.30 -6.94
CA LYS A 6 1.16 -17.08 -8.10
C LYS A 6 1.55 -16.37 -9.43
N LYS A 7 2.67 -16.82 -10.04
CA LYS A 7 3.21 -16.31 -11.35
C LYS A 7 3.52 -14.78 -11.30
N ASN A 8 2.51 -13.92 -11.62
CA ASN A 8 2.67 -12.44 -11.64
C ASN A 8 1.81 -11.78 -10.53
N LYS A 9 1.44 -12.54 -9.50
CA LYS A 9 0.59 -12.05 -8.40
C LYS A 9 1.26 -12.31 -7.03
N ILE A 10 1.29 -11.28 -6.18
CA ILE A 10 1.78 -11.39 -4.79
C ILE A 10 0.63 -11.06 -3.81
N ILE A 11 0.18 -12.08 -3.09
CA ILE A 11 -0.89 -12.01 -2.09
C ILE A 11 -0.27 -11.91 -0.66
N PHE A 12 -0.34 -10.72 -0.05
CA PHE A 12 0.24 -10.45 1.30
C PHE A 12 -0.84 -10.49 2.39
N THR A 13 -0.47 -10.92 3.62
CA THR A 13 -1.36 -10.89 4.80
C THR A 13 -0.57 -10.48 6.08
N ARG A 14 -1.21 -9.66 6.95
CA ARG A 14 -0.63 -9.25 8.26
C ARG A 14 -1.76 -8.90 9.27
N THR A 15 -1.56 -9.30 10.54
CA THR A 15 -2.48 -8.94 11.65
C THR A 15 -1.99 -7.67 12.40
N PHE A 16 -2.82 -6.60 12.35
CA PHE A 16 -2.56 -5.32 13.06
C PHE A 16 -3.29 -5.31 14.41
N SER A 17 -2.64 -4.83 15.49
CA SER A 17 -3.32 -4.60 16.78
C SER A 17 -4.10 -3.26 16.73
N ALA A 18 -5.38 -3.33 16.29
CA ALA A 18 -6.22 -2.13 15.97
C ALA A 18 -7.59 -2.55 15.39
N PRO A 19 -8.64 -1.67 15.48
CA PRO A 19 -9.88 -1.85 14.67
C PRO A 19 -9.63 -1.61 13.15
N ILE A 20 -10.44 -2.31 12.30
CA ILE A 20 -10.28 -2.31 10.83
C ILE A 20 -10.58 -0.94 10.18
N ASN A 21 -11.34 -0.09 10.89
CA ASN A 21 -11.68 1.30 10.45
C ASN A 21 -10.40 2.15 10.26
N LYS A 22 -9.44 2.04 11.20
CA LYS A 22 -8.12 2.74 11.10
C LYS A 22 -7.36 2.31 9.83
N VAL A 23 -7.32 0.98 9.65
CA VAL A 23 -6.65 0.30 8.53
C VAL A 23 -7.22 0.76 7.17
N PHE A 24 -8.56 0.81 7.11
CA PHE A 24 -9.32 1.27 5.93
C PHE A 24 -9.00 2.75 5.59
N ASP A 25 -9.09 3.63 6.61
CA ASP A 25 -8.86 5.08 6.46
C ASP A 25 -7.39 5.42 6.12
N ALA A 26 -6.48 4.46 6.33
CA ALA A 26 -5.07 4.58 5.89
C ALA A 26 -4.92 4.43 4.35
N TYR A 27 -5.92 3.79 3.74
CA TYR A 27 -6.00 3.60 2.27
C TYR A 27 -6.93 4.67 1.65
N THR A 28 -7.86 5.19 2.48
CA THR A 28 -9.01 5.99 2.01
C THR A 28 -8.85 7.51 2.34
N LYS A 29 -7.92 7.85 3.27
CA LYS A 29 -7.53 9.28 3.57
C LYS A 29 -6.00 9.43 3.45
N ARG A 30 -5.52 10.56 2.87
CA ARG A 30 -4.06 10.80 2.67
C ARG A 30 -3.34 11.07 3.98
N GLU A 31 -4.02 11.72 4.94
CA GLU A 31 -3.45 12.13 6.25
C GLU A 31 -2.73 10.96 6.98
N LEU A 32 -3.14 9.71 6.66
CA LEU A 32 -2.51 8.49 7.18
C LEU A 32 -1.62 7.84 6.10
N PHE A 33 -2.12 7.83 4.83
CA PHE A 33 -1.44 7.21 3.66
C PHE A 33 0.02 7.70 3.51
N GLU A 34 0.22 9.03 3.53
CA GLU A 34 1.56 9.66 3.42
C GLU A 34 2.46 9.49 4.70
N GLN A 35 1.94 8.86 5.76
CA GLN A 35 2.74 8.56 6.99
C GLN A 35 3.33 7.12 6.96
N TRP A 36 2.68 6.16 6.24
CA TRP A 36 3.15 4.74 6.20
C TRP A 36 3.69 4.35 4.79
N PHE A 37 2.99 4.76 3.71
CA PHE A 37 3.28 4.31 2.33
C PHE A 37 4.49 5.07 1.74
N HIS A 38 5.70 4.62 2.10
CA HIS A 38 6.98 5.18 1.61
C HIS A 38 8.14 4.22 1.94
N PRO A 39 9.24 4.22 1.12
CA PRO A 39 10.49 3.47 1.45
C PRO A 39 11.22 4.00 2.72
N GLN A 40 12.36 3.38 3.08
CA GLN A 40 13.07 3.63 4.37
C GLN A 40 13.68 5.05 4.44
N ASP A 41 14.68 5.34 3.58
CA ASP A 41 15.43 6.63 3.62
C ASP A 41 14.69 7.76 2.85
N ALA A 42 13.50 7.46 2.30
CA ALA A 42 12.72 8.42 1.47
C ALA A 42 11.26 8.57 1.98
N SER A 43 10.73 9.80 1.86
CA SER A 43 9.35 10.15 2.27
C SER A 43 8.38 10.16 1.06
N VAL A 44 7.12 10.53 1.31
CA VAL A 44 6.09 10.71 0.24
C VAL A 44 5.25 11.98 0.51
N THR A 45 4.88 12.68 -0.58
CA THR A 45 4.01 13.86 -0.53
C THR A 45 2.77 13.61 -1.40
N VAL A 46 1.58 13.54 -0.78
CA VAL A 46 0.30 13.42 -1.52
C VAL A 46 -0.29 14.82 -1.79
N TYR A 47 -0.21 15.26 -3.05
CA TYR A 47 -0.68 16.59 -3.49
C TYR A 47 -2.22 16.64 -3.60
N ASP A 48 -2.83 15.53 -4.03
CA ASP A 48 -4.29 15.40 -4.18
C ASP A 48 -4.74 13.94 -3.91
N PHE A 49 -5.93 13.75 -3.34
CA PHE A 49 -6.41 12.41 -2.92
C PHE A 49 -7.96 12.33 -2.94
N ASN A 50 -8.51 11.42 -3.75
CA ASN A 50 -9.96 11.16 -3.81
C ASN A 50 -10.20 9.62 -3.84
N ALA A 51 -10.62 9.05 -2.70
CA ALA A 51 -10.92 7.61 -2.56
C ALA A 51 -12.35 7.41 -2.01
N THR A 52 -13.33 7.38 -2.93
CA THR A 52 -14.76 7.27 -2.57
C THR A 52 -15.59 6.73 -3.77
N LYS A 53 -15.25 5.48 -4.20
CA LYS A 53 -15.94 4.77 -5.30
C LYS A 53 -15.78 5.53 -6.66
N GLY A 54 -14.81 5.12 -7.49
CA GLY A 54 -14.57 5.75 -8.80
C GLY A 54 -13.80 7.09 -8.71
N GLY A 55 -12.73 7.10 -7.89
CA GLY A 55 -11.87 8.29 -7.71
C GLY A 55 -10.41 8.04 -8.11
N SER A 56 -9.53 9.02 -7.81
CA SER A 56 -8.07 8.94 -8.12
C SER A 56 -7.26 9.76 -7.08
N ALA A 57 -5.97 9.43 -6.90
CA ALA A 57 -5.11 10.07 -5.86
C ALA A 57 -3.67 10.30 -6.37
N PHE A 58 -3.30 11.58 -6.57
CA PHE A 58 -1.95 11.98 -7.07
C PHE A 58 -0.97 12.22 -5.89
N TYR A 59 0.16 11.49 -5.92
CA TYR A 59 1.25 11.64 -4.94
C TYR A 59 2.64 11.51 -5.62
N ALA A 60 3.72 11.66 -4.82
CA ALA A 60 5.11 11.52 -5.31
C ALA A 60 6.05 11.08 -4.18
N ILE A 61 6.90 10.08 -4.46
CA ILE A 61 7.93 9.60 -3.52
C ILE A 61 9.12 10.58 -3.48
N GLN A 62 9.26 11.31 -2.36
CA GLN A 62 10.36 12.27 -2.15
C GLN A 62 11.63 11.53 -1.65
N ALA A 63 12.56 11.26 -2.57
CA ALA A 63 13.86 10.63 -2.26
C ALA A 63 15.00 11.69 -2.34
N PRO A 64 16.11 11.54 -1.54
CA PRO A 64 17.22 12.55 -1.49
C PRO A 64 17.86 12.91 -2.87
N GLN A 65 17.79 11.98 -3.84
CA GLN A 65 18.40 12.17 -5.20
C GLN A 65 17.31 12.23 -6.33
N MET A 66 16.07 11.85 -6.00
CA MET A 66 15.06 11.48 -7.02
C MET A 66 13.61 11.69 -6.51
N ILE A 67 12.69 12.15 -7.38
CA ILE A 67 11.25 12.26 -7.05
C ILE A 67 10.41 11.59 -8.17
N SER A 68 9.74 10.48 -7.84
CA SER A 68 8.85 9.75 -8.79
C SER A 68 7.38 9.99 -8.46
N TYR A 69 6.60 10.40 -9.46
CA TYR A 69 5.17 10.72 -9.30
C TYR A 69 4.31 9.48 -9.65
N THR A 70 3.19 9.29 -8.94
CA THR A 70 2.32 8.11 -9.10
C THR A 70 0.86 8.43 -8.65
N ILE A 71 -0.13 7.93 -9.42
CA ILE A 71 -1.57 8.08 -9.11
C ILE A 71 -2.21 6.70 -8.85
N ALA A 72 -2.96 6.57 -7.73
CA ALA A 72 -3.79 5.38 -7.48
C ALA A 72 -5.26 5.70 -7.84
N GLU A 73 -5.83 4.99 -8.84
CA GLU A 73 -7.24 5.15 -9.24
C GLU A 73 -8.13 4.12 -8.51
N TYR A 74 -8.98 4.63 -7.60
CA TYR A 74 -9.82 3.78 -6.72
C TYR A 74 -11.17 3.43 -7.39
N LEU A 75 -11.33 2.17 -7.85
CA LEU A 75 -12.52 1.75 -8.64
C LEU A 75 -13.75 1.56 -7.71
N GLN A 76 -13.57 0.75 -6.65
CA GLN A 76 -14.61 0.53 -5.64
C GLN A 76 -14.02 0.60 -4.21
N VAL A 77 -14.50 1.59 -3.45
CA VAL A 77 -14.20 1.77 -2.03
C VAL A 77 -15.54 1.71 -1.27
N ASP A 78 -15.76 0.64 -0.50
CA ASP A 78 -17.08 0.35 0.12
C ASP A 78 -16.92 -0.58 1.35
N ALA A 79 -17.27 -0.04 2.55
CA ALA A 79 -17.16 -0.74 3.86
C ALA A 79 -15.69 -0.99 4.30
N PRO A 80 -15.37 -0.92 5.65
CA PRO A 80 -13.98 -1.03 6.18
C PRO A 80 -13.13 -2.24 5.67
N TYR A 81 -13.78 -3.29 5.15
CA TYR A 81 -13.08 -4.52 4.70
C TYR A 81 -12.61 -4.44 3.22
N TYR A 82 -13.32 -3.67 2.37
CA TYR A 82 -13.08 -3.68 0.91
C TYR A 82 -12.43 -2.36 0.41
N ILE A 83 -11.15 -2.46 -0.02
CA ILE A 83 -10.45 -1.38 -0.74
C ILE A 83 -10.00 -1.93 -2.12
N GLU A 84 -10.13 -1.10 -3.18
CA GLU A 84 -9.69 -1.46 -4.54
C GLU A 84 -9.10 -0.23 -5.28
N TYR A 85 -7.88 -0.39 -5.88
CA TYR A 85 -7.26 0.67 -6.71
C TYR A 85 -6.30 0.11 -7.79
N LEU A 86 -5.95 0.98 -8.74
CA LEU A 86 -4.95 0.74 -9.81
C LEU A 86 -3.76 1.69 -9.60
N ASP A 87 -2.54 1.15 -9.51
CA ASP A 87 -1.33 1.96 -9.36
C ASP A 87 -0.77 2.28 -10.77
N TYR A 88 -0.97 3.54 -11.19
CA TYR A 88 -0.43 4.09 -12.44
C TYR A 88 0.75 5.02 -12.13
N PHE A 89 1.92 4.75 -12.71
CA PHE A 89 3.06 5.69 -12.65
C PHE A 89 2.67 7.00 -13.37
N ALA A 90 2.81 8.15 -12.71
CA ALA A 90 2.49 9.47 -13.30
C ALA A 90 3.76 10.17 -13.80
N THR A 91 3.66 10.86 -14.95
CA THR A 91 4.75 11.69 -15.49
C THR A 91 5.19 12.80 -14.48
N SER A 92 4.24 13.67 -14.12
CA SER A 92 4.40 14.83 -13.18
C SER A 92 3.14 15.72 -13.25
N LYS A 93 2.63 15.86 -14.49
CA LYS A 93 1.46 16.72 -14.83
C LYS A 93 0.12 16.24 -14.19
N GLY A 94 0.10 14.99 -13.69
CA GLY A 94 -1.10 14.42 -13.05
C GLY A 94 -1.96 13.58 -14.00
N GLU A 95 -1.33 12.94 -14.99
CA GLU A 95 -1.99 11.99 -15.92
C GLU A 95 -1.46 10.55 -15.72
N LYS A 96 -0.37 10.20 -16.45
CA LYS A 96 0.25 8.84 -16.40
C LYS A 96 1.59 8.83 -17.17
N ASP A 97 2.28 7.69 -17.13
CA ASP A 97 3.54 7.47 -17.86
C ASP A 97 3.28 6.83 -19.24
N THR A 98 2.11 6.15 -19.37
CA THR A 98 1.60 5.53 -20.62
C THR A 98 2.33 4.19 -20.96
N SER A 99 3.40 3.86 -20.21
CA SER A 99 4.25 2.67 -20.46
C SER A 99 3.83 1.47 -19.57
N MET A 100 3.48 1.72 -18.29
CA MET A 100 3.00 0.65 -17.38
C MET A 100 1.45 0.62 -17.36
N PRO A 101 0.80 -0.59 -17.24
CA PRO A 101 -0.67 -0.72 -17.12
C PRO A 101 -1.17 -0.45 -15.67
N GLY A 102 -2.48 -0.69 -15.45
CA GLY A 102 -3.08 -0.59 -14.13
C GLY A 102 -2.67 -1.72 -13.19
N MET A 103 -1.68 -1.45 -12.32
CA MET A 103 -1.24 -2.37 -11.26
C MET A 103 -2.40 -2.58 -10.23
N HIS A 104 -3.11 -3.72 -10.34
CA HIS A 104 -4.40 -3.92 -9.63
C HIS A 104 -4.22 -4.54 -8.21
N ILE A 105 -4.44 -3.71 -7.17
CA ILE A 105 -4.47 -4.18 -5.75
C ILE A 105 -5.93 -4.14 -5.23
N THR A 106 -6.40 -5.26 -4.65
CA THR A 106 -7.63 -5.30 -3.80
C THR A 106 -7.26 -5.81 -2.39
N LEU A 107 -7.42 -4.94 -1.37
CA LEU A 107 -7.10 -5.30 0.02
C LEU A 107 -8.41 -5.62 0.77
N ASN A 108 -8.57 -6.89 1.14
CA ASN A 108 -9.80 -7.46 1.72
C ASN A 108 -9.44 -8.37 2.91
N PHE A 109 -10.31 -8.45 3.93
CA PHE A 109 -10.04 -9.23 5.16
C PHE A 109 -9.90 -10.75 4.84
N GLU A 110 -8.84 -11.38 5.40
CA GLU A 110 -8.64 -12.84 5.30
C GLU A 110 -9.55 -13.57 6.30
N GLU A 111 -9.36 -13.21 7.58
CA GLU A 111 -10.14 -13.75 8.71
C GLU A 111 -10.22 -12.64 9.79
N VAL A 112 -11.38 -12.53 10.46
CA VAL A 112 -11.63 -11.48 11.47
C VAL A 112 -10.73 -11.67 12.72
N LYS A 113 -10.92 -12.83 13.42
CA LYS A 113 -10.26 -13.17 14.71
C LYS A 113 -10.68 -12.18 15.83
N GLY A 114 -10.14 -10.96 15.76
CA GLY A 114 -10.47 -9.86 16.66
C GLY A 114 -9.67 -8.63 16.26
N LYS A 115 -8.34 -8.82 16.21
CA LYS A 115 -7.40 -7.85 15.62
C LYS A 115 -7.42 -7.98 14.07
N THR A 116 -7.30 -6.84 13.38
CA THR A 116 -7.49 -6.74 11.92
C THR A 116 -6.49 -7.58 11.12
N THR A 117 -6.98 -8.38 10.16
CA THR A 117 -6.14 -9.15 9.21
C THR A 117 -6.65 -8.89 7.77
N VAL A 118 -5.97 -8.00 7.04
CA VAL A 118 -6.37 -7.59 5.67
C VAL A 118 -5.31 -8.07 4.63
N THR A 119 -5.76 -8.98 3.75
CA THR A 119 -4.98 -9.54 2.63
C THR A 119 -4.96 -8.59 1.40
N SER A 120 -3.75 -8.19 0.97
CA SER A 120 -3.56 -7.40 -0.26
C SER A 120 -3.30 -8.33 -1.48
N THR A 121 -4.27 -8.43 -2.39
CA THR A 121 -4.16 -9.23 -3.63
C THR A 121 -3.63 -8.34 -4.77
N SER A 122 -2.31 -8.44 -5.03
CA SER A 122 -1.58 -7.52 -5.93
C SER A 122 -1.16 -8.22 -7.23
N THR A 123 -1.84 -7.91 -8.35
CA THR A 123 -1.50 -8.49 -9.68
C THR A 123 -0.48 -7.58 -10.41
N PHE A 124 0.79 -8.00 -10.36
CA PHE A 124 1.93 -7.31 -11.01
C PHE A 124 1.85 -7.36 -12.58
N PRO A 125 2.49 -6.36 -13.28
CA PRO A 125 2.38 -6.20 -14.77
C PRO A 125 3.30 -7.15 -15.60
N THR A 126 3.16 -8.48 -15.35
CA THR A 126 3.82 -9.57 -16.13
C THR A 126 5.37 -9.41 -16.17
N GLU A 127 6.06 -10.09 -17.13
CA GLU A 127 7.54 -9.95 -17.32
C GLU A 127 8.32 -10.59 -16.12
N SER A 128 7.59 -11.34 -15.27
CA SER A 128 8.07 -11.85 -13.96
C SER A 128 8.46 -10.69 -13.02
N ALA A 129 7.71 -9.57 -13.12
CA ALA A 129 7.84 -8.36 -12.26
C ALA A 129 7.61 -8.68 -10.77
N ALA A 130 6.62 -9.55 -10.52
CA ALA A 130 6.31 -10.07 -9.17
C ALA A 130 7.48 -10.89 -8.60
N GLN A 131 7.95 -11.88 -9.40
CA GLN A 131 9.14 -12.70 -9.09
C GLN A 131 10.38 -11.83 -8.78
N GLN A 132 10.59 -10.81 -9.63
CA GLN A 132 11.71 -9.87 -9.53
C GLN A 132 11.67 -9.11 -8.18
N ALA A 133 10.44 -8.76 -7.75
CA ALA A 133 10.18 -8.13 -6.44
C ALA A 133 10.48 -9.10 -5.26
N ILE A 134 10.17 -10.41 -5.45
CA ILE A 134 10.47 -11.45 -4.42
C ILE A 134 12.00 -11.56 -4.18
N ASP A 135 12.77 -11.49 -5.28
CA ASP A 135 14.24 -11.48 -5.22
C ASP A 135 14.77 -10.17 -4.58
N MET A 136 14.06 -9.05 -4.86
CA MET A 136 14.38 -7.71 -4.30
C MET A 136 14.09 -7.65 -2.77
N GLY A 137 13.13 -8.47 -2.29
CA GLY A 137 12.75 -8.54 -0.87
C GLY A 137 11.43 -7.83 -0.56
N VAL A 138 10.40 -8.05 -1.40
CA VAL A 138 9.08 -7.41 -1.24
C VAL A 138 8.23 -8.09 -0.14
N GLU A 139 8.41 -9.41 0.05
CA GLU A 139 7.66 -10.21 1.06
C GLU A 139 7.97 -9.67 2.48
N THR A 140 9.28 -9.61 2.80
CA THR A 140 9.78 -9.02 4.07
C THR A 140 9.59 -7.48 4.10
N GLY A 141 9.76 -6.84 2.92
CA GLY A 141 9.63 -5.38 2.77
C GLY A 141 8.23 -4.85 3.12
N MET A 142 7.19 -5.59 2.70
CA MET A 142 5.78 -5.26 2.98
C MET A 142 5.41 -5.54 4.45
N ASN A 143 6.04 -6.57 5.08
CA ASN A 143 5.93 -6.77 6.56
C ASN A 143 6.38 -5.48 7.29
N SER A 144 7.58 -4.99 6.94
CA SER A 144 8.18 -3.76 7.51
C SER A 144 7.29 -2.52 7.26
N THR A 145 6.81 -2.37 6.00
CA THR A 145 5.93 -1.23 5.59
C THR A 145 4.59 -1.22 6.36
N LEU A 146 4.01 -2.41 6.58
CA LEU A 146 2.77 -2.57 7.37
C LEU A 146 3.03 -2.51 8.91
N ASN A 147 4.29 -2.77 9.35
CA ASN A 147 4.72 -2.44 10.75
C ASN A 147 4.80 -0.90 10.94
N GLN A 148 5.09 -0.15 9.84
CA GLN A 148 5.03 1.34 9.85
C GLN A 148 3.54 1.78 9.98
N LEU A 149 2.67 1.07 9.22
CA LEU A 149 1.21 1.28 9.23
C LEU A 149 0.60 1.01 10.62
N GLU A 150 1.06 -0.05 11.29
CA GLU A 150 0.55 -0.43 12.63
C GLU A 150 0.92 0.64 13.70
N LYS A 151 2.20 1.08 13.74
CA LYS A 151 2.66 2.15 14.68
C LYS A 151 1.94 3.49 14.43
N LEU A 152 1.64 3.77 13.14
CA LEU A 152 0.82 4.92 12.70
C LEU A 152 -0.58 4.92 13.38
N LEU A 153 -1.33 3.81 13.19
CA LEU A 153 -2.73 3.69 13.62
C LEU A 153 -2.86 3.55 15.16
N ASN A 154 -1.85 2.93 15.78
CA ASN A 154 -1.75 2.80 17.25
C ASN A 154 -1.23 4.11 17.91
N GLN A 155 -0.54 4.96 17.11
CA GLN A 155 -0.02 6.30 17.52
C GLN A 155 1.04 6.22 18.66
N LYS A 156 0.61 5.87 19.88
CA LYS A 156 1.48 5.69 21.06
C LYS A 156 2.27 4.33 21.01
N LEU A 157 2.31 3.67 19.83
CA LEU A 157 3.24 2.54 19.58
C LEU A 157 4.65 3.09 19.22
N GLU A 158 5.20 3.88 20.17
CA GLU A 158 6.59 4.36 20.14
C GLU A 158 7.51 3.41 20.95
N HIS A 159 6.90 2.36 21.54
CA HIS A 159 7.61 1.31 22.30
C HIS A 159 8.40 0.44 21.30
N HIS A 160 9.61 0.90 20.92
CA HIS A 160 10.41 0.27 19.88
C HIS A 160 11.00 -1.07 20.37
N HIS A 161 10.32 -2.17 19.99
CA HIS A 161 10.76 -3.55 20.25
C HIS A 161 10.23 -4.47 19.12
N HIS A 162 10.90 -5.62 18.91
CA HIS A 162 10.48 -6.65 17.93
C HIS A 162 9.03 -7.14 18.20
N HIS A 163 8.09 -6.67 17.35
CA HIS A 163 6.64 -6.98 17.47
C HIS A 163 6.35 -8.41 16.98
N HIS A 164 6.43 -9.36 17.92
CA HIS A 164 6.12 -10.79 17.68
C HIS A 164 4.61 -11.06 17.77
N MET A 1 0.82 -13.28 7.56
CA MET A 1 2.15 -13.87 7.21
C MET A 1 2.01 -15.00 6.15
N THR A 2 3.06 -15.86 5.99
CA THR A 2 3.15 -16.90 4.91
C THR A 2 3.45 -16.27 3.54
N ILE A 3 2.46 -15.49 3.00
CA ILE A 3 2.51 -14.83 1.68
C ILE A 3 2.61 -15.89 0.53
N GLU A 4 1.52 -16.04 -0.23
CA GLU A 4 1.44 -17.05 -1.31
C GLU A 4 1.84 -16.44 -2.67
N LYS A 5 2.44 -17.25 -3.55
CA LYS A 5 2.93 -16.80 -4.88
C LYS A 5 2.11 -17.45 -6.03
N LYS A 6 1.82 -16.65 -7.09
CA LYS A 6 0.98 -17.06 -8.25
C LYS A 6 1.77 -16.87 -9.58
N LYS A 7 1.05 -16.76 -10.74
CA LYS A 7 1.64 -16.41 -12.06
C LYS A 7 2.15 -14.93 -12.07
N ASN A 8 1.23 -13.99 -12.36
CA ASN A 8 1.53 -12.54 -12.42
C ASN A 8 0.95 -11.82 -11.19
N LYS A 9 1.01 -12.52 -10.04
CA LYS A 9 0.35 -12.08 -8.79
C LYS A 9 1.10 -12.59 -7.53
N ILE A 10 1.11 -11.76 -6.48
CA ILE A 10 1.60 -12.13 -5.13
C ILE A 10 0.49 -11.81 -4.08
N ILE A 11 0.13 -12.83 -3.28
CA ILE A 11 -0.87 -12.71 -2.19
C ILE A 11 -0.19 -12.35 -0.86
N PHE A 12 -0.33 -11.09 -0.40
CA PHE A 12 0.24 -10.64 0.89
C PHE A 12 -0.87 -10.58 1.96
N THR A 13 -0.55 -10.95 3.21
CA THR A 13 -1.47 -10.79 4.38
C THR A 13 -0.69 -10.38 5.65
N ARG A 14 -1.28 -9.48 6.46
CA ARG A 14 -0.62 -8.83 7.62
C ARG A 14 -1.66 -8.47 8.72
N THR A 15 -1.36 -8.85 9.97
CA THR A 15 -2.26 -8.61 11.12
C THR A 15 -1.85 -7.34 11.91
N PHE A 16 -2.65 -6.26 11.79
CA PHE A 16 -2.44 -4.98 12.51
C PHE A 16 -3.26 -4.94 13.82
N SER A 17 -2.72 -4.24 14.83
CA SER A 17 -3.39 -4.06 16.13
C SER A 17 -4.14 -2.71 16.15
N ALA A 18 -5.45 -2.73 15.82
CA ALA A 18 -6.28 -1.50 15.67
C ALA A 18 -7.75 -1.83 15.30
N PRO A 19 -8.72 -0.88 15.53
CA PRO A 19 -10.10 -0.95 14.95
C PRO A 19 -10.10 -0.89 13.38
N ILE A 20 -10.98 -1.71 12.77
CA ILE A 20 -11.06 -1.90 11.29
C ILE A 20 -11.32 -0.58 10.51
N ASN A 21 -11.98 0.39 11.16
CA ASN A 21 -12.32 1.70 10.56
C ASN A 21 -11.07 2.50 10.15
N LYS A 22 -10.13 2.70 11.11
CA LYS A 22 -8.89 3.48 10.85
C LYS A 22 -7.88 2.71 9.98
N VAL A 23 -7.91 1.36 10.07
CA VAL A 23 -7.10 0.46 9.22
C VAL A 23 -7.46 0.64 7.73
N PHE A 24 -8.76 0.79 7.50
CA PHE A 24 -9.35 1.15 6.20
C PHE A 24 -8.95 2.58 5.77
N ASP A 25 -9.21 3.57 6.66
CA ASP A 25 -8.93 5.00 6.40
C ASP A 25 -7.43 5.31 6.19
N ALA A 26 -6.56 4.35 6.57
CA ALA A 26 -5.11 4.42 6.27
C ALA A 26 -4.83 4.42 4.75
N TYR A 27 -5.62 3.64 4.02
CA TYR A 27 -5.54 3.52 2.55
C TYR A 27 -6.45 4.55 1.87
N THR A 28 -7.57 4.85 2.54
CA THR A 28 -8.72 5.55 1.96
C THR A 28 -8.70 7.08 2.22
N LYS A 29 -7.99 7.53 3.27
CA LYS A 29 -7.85 8.97 3.63
C LYS A 29 -6.35 9.35 3.64
N ARG A 30 -5.99 10.49 3.01
CA ARG A 30 -4.57 10.93 2.90
C ARG A 30 -4.00 11.40 4.25
N GLU A 31 -4.89 11.88 5.15
CA GLU A 31 -4.52 12.31 6.52
C GLU A 31 -3.73 11.22 7.29
N LEU A 32 -3.92 9.95 6.88
CA LEU A 32 -3.19 8.80 7.43
C LEU A 32 -2.20 8.21 6.37
N PHE A 33 -2.60 8.25 5.08
CA PHE A 33 -1.86 7.60 3.97
C PHE A 33 -0.38 8.10 3.87
N GLU A 34 -0.18 9.43 3.88
CA GLU A 34 1.19 10.01 3.81
C GLU A 34 2.02 9.76 5.10
N GLN A 35 1.37 9.39 6.22
CA GLN A 35 2.07 9.06 7.49
C GLN A 35 2.78 7.68 7.45
N TRP A 36 2.30 6.75 6.59
CA TRP A 36 2.86 5.37 6.52
C TRP A 36 3.49 5.04 5.13
N PHE A 37 2.78 5.43 4.04
CA PHE A 37 3.16 5.05 2.65
C PHE A 37 4.33 5.93 2.14
N HIS A 38 5.54 5.53 2.54
CA HIS A 38 6.80 6.18 2.12
C HIS A 38 7.99 5.25 2.50
N PRO A 39 8.99 5.05 1.57
CA PRO A 39 10.22 4.27 1.88
C PRO A 39 11.06 4.88 3.04
N GLN A 40 11.96 4.08 3.62
CA GLN A 40 12.71 4.46 4.85
C GLN A 40 13.68 5.64 4.59
N ASP A 41 13.64 6.65 5.52
CA ASP A 41 14.42 7.92 5.43
C ASP A 41 13.89 8.85 4.27
N ALA A 42 12.73 8.50 3.69
CA ALA A 42 12.07 9.29 2.61
C ALA A 42 10.62 9.68 3.02
N SER A 43 10.20 10.90 2.63
CA SER A 43 8.83 11.45 2.89
C SER A 43 7.94 11.34 1.64
N VAL A 44 6.68 11.84 1.72
CA VAL A 44 5.74 11.87 0.57
C VAL A 44 4.78 13.10 0.64
N THR A 45 4.75 13.90 -0.44
CA THR A 45 3.80 15.03 -0.61
C THR A 45 2.57 14.59 -1.45
N VAL A 46 1.39 14.48 -0.82
CA VAL A 46 0.13 14.14 -1.52
C VAL A 46 -0.57 15.44 -2.00
N TYR A 47 -0.59 15.65 -3.33
CA TYR A 47 -1.19 16.85 -3.97
C TYR A 47 -2.73 16.71 -4.06
N ASP A 48 -3.18 15.53 -4.52
CA ASP A 48 -4.60 15.20 -4.69
C ASP A 48 -4.87 13.79 -4.16
N PHE A 49 -6.07 13.56 -3.62
CA PHE A 49 -6.46 12.26 -3.05
C PHE A 49 -8.00 12.12 -3.01
N ASN A 50 -8.49 11.02 -3.58
CA ASN A 50 -9.90 10.61 -3.54
C ASN A 50 -9.92 9.07 -3.56
N ALA A 51 -10.62 8.46 -2.58
CA ALA A 51 -10.70 6.99 -2.46
C ALA A 51 -12.12 6.54 -2.11
N THR A 52 -13.02 6.55 -3.12
CA THR A 52 -14.41 6.07 -2.97
C THR A 52 -15.08 5.80 -4.33
N LYS A 53 -15.25 4.49 -4.67
CA LYS A 53 -16.11 4.01 -5.79
C LYS A 53 -15.70 4.56 -7.19
N GLY A 54 -14.41 4.90 -7.37
CA GLY A 54 -13.91 5.48 -8.64
C GLY A 54 -13.09 6.75 -8.41
N GLY A 55 -12.28 6.75 -7.34
CA GLY A 55 -11.44 7.91 -6.95
C GLY A 55 -10.05 7.93 -7.59
N SER A 56 -9.28 9.00 -7.29
CA SER A 56 -7.94 9.26 -7.89
C SER A 56 -7.02 9.92 -6.86
N ALA A 57 -5.77 9.44 -6.73
CA ALA A 57 -4.80 9.95 -5.73
C ALA A 57 -3.42 10.24 -6.37
N PHE A 58 -3.10 11.54 -6.57
CA PHE A 58 -1.78 11.99 -7.12
C PHE A 58 -0.84 12.43 -5.97
N TYR A 59 0.33 11.77 -5.86
CA TYR A 59 1.33 12.06 -4.83
C TYR A 59 2.77 11.88 -5.36
N ALA A 60 3.76 12.35 -4.58
CA ALA A 60 5.18 12.30 -4.94
C ALA A 60 6.04 11.85 -3.74
N ILE A 61 6.86 10.82 -3.95
CA ILE A 61 7.82 10.32 -2.95
C ILE A 61 9.06 11.24 -2.89
N GLN A 62 9.20 12.00 -1.79
CA GLN A 62 10.36 12.88 -1.55
C GLN A 62 11.53 12.05 -0.97
N ALA A 63 12.49 11.67 -1.83
CA ALA A 63 13.68 10.88 -1.42
C ALA A 63 14.96 11.76 -1.49
N PRO A 64 16.01 11.49 -0.62
CA PRO A 64 17.21 12.37 -0.46
C PRO A 64 17.95 12.79 -1.79
N GLN A 65 17.86 11.95 -2.85
CA GLN A 65 18.52 12.26 -4.17
C GLN A 65 17.52 12.28 -5.36
N MET A 66 16.25 11.96 -5.13
CA MET A 66 15.24 11.83 -6.23
C MET A 66 13.80 12.07 -5.73
N ILE A 67 12.92 12.63 -6.59
CA ILE A 67 11.49 12.79 -6.29
C ILE A 67 10.65 12.08 -7.38
N SER A 68 10.03 10.94 -7.03
CA SER A 68 9.23 10.12 -7.98
C SER A 68 7.72 10.43 -7.83
N TYR A 69 6.96 10.24 -8.91
CA TYR A 69 5.50 10.54 -8.93
C TYR A 69 4.70 9.25 -9.22
N THR A 70 3.69 8.98 -8.37
CA THR A 70 2.87 7.75 -8.44
C THR A 70 1.38 8.09 -8.17
N ILE A 71 0.46 7.44 -8.90
CA ILE A 71 -0.99 7.68 -8.78
C ILE A 71 -1.74 6.36 -8.45
N ALA A 72 -2.54 6.36 -7.36
CA ALA A 72 -3.44 5.25 -7.04
C ALA A 72 -4.90 5.62 -7.42
N GLU A 73 -5.48 4.87 -8.39
CA GLU A 73 -6.89 5.07 -8.81
C GLU A 73 -7.79 4.06 -8.06
N TYR A 74 -8.62 4.55 -7.12
CA TYR A 74 -9.44 3.66 -6.28
C TYR A 74 -10.77 3.30 -6.98
N LEU A 75 -10.72 2.21 -7.76
CA LEU A 75 -11.80 1.82 -8.69
C LEU A 75 -13.07 1.35 -7.94
N GLN A 76 -12.89 0.60 -6.85
CA GLN A 76 -14.00 0.06 -6.02
C GLN A 76 -13.67 0.19 -4.52
N VAL A 77 -14.58 0.83 -3.77
CA VAL A 77 -14.48 0.94 -2.29
C VAL A 77 -15.80 0.47 -1.65
N ASP A 78 -15.72 -0.60 -0.82
CA ASP A 78 -16.91 -1.30 -0.28
C ASP A 78 -16.70 -1.69 1.20
N ALA A 79 -17.30 -0.89 2.13
CA ALA A 79 -17.20 -1.08 3.61
C ALA A 79 -15.74 -0.84 4.14
N PRO A 80 -15.52 -0.75 5.50
CA PRO A 80 -14.14 -0.80 6.09
C PRO A 80 -13.38 -2.15 5.85
N TYR A 81 -14.04 -3.12 5.18
CA TYR A 81 -13.54 -4.49 5.01
C TYR A 81 -12.98 -4.78 3.59
N TYR A 82 -13.25 -3.90 2.59
CA TYR A 82 -12.78 -4.11 1.19
C TYR A 82 -12.32 -2.80 0.52
N ILE A 83 -11.06 -2.82 0.01
CA ILE A 83 -10.46 -1.72 -0.78
C ILE A 83 -10.05 -2.28 -2.18
N GLU A 84 -10.15 -1.45 -3.23
CA GLU A 84 -9.61 -1.77 -4.56
C GLU A 84 -9.01 -0.51 -5.22
N TYR A 85 -7.74 -0.59 -5.68
CA TYR A 85 -7.10 0.48 -6.46
C TYR A 85 -6.15 -0.08 -7.57
N LEU A 86 -5.80 0.82 -8.49
CA LEU A 86 -4.90 0.55 -9.63
C LEU A 86 -3.62 1.41 -9.47
N ASP A 87 -2.45 0.78 -9.50
CA ASP A 87 -1.17 1.48 -9.36
C ASP A 87 -0.63 1.91 -10.75
N TYR A 88 -0.75 3.21 -11.04
CA TYR A 88 -0.16 3.83 -12.24
C TYR A 88 1.13 4.56 -11.85
N PHE A 89 2.23 4.30 -12.55
CA PHE A 89 3.40 5.18 -12.50
C PHE A 89 3.09 6.49 -13.25
N ALA A 90 3.31 7.64 -12.59
CA ALA A 90 3.04 8.96 -13.20
C ALA A 90 4.29 9.50 -13.90
N THR A 91 4.07 10.16 -15.04
CA THR A 91 5.13 10.81 -15.85
C THR A 91 5.45 12.25 -15.35
N SER A 92 4.99 12.56 -14.10
CA SER A 92 5.16 13.86 -13.39
C SER A 92 4.14 14.93 -13.86
N LYS A 93 3.64 14.79 -15.11
CA LYS A 93 2.59 15.69 -15.67
C LYS A 93 1.19 15.44 -15.06
N GLY A 94 1.07 14.38 -14.23
CA GLY A 94 -0.17 14.11 -13.49
C GLY A 94 -1.18 13.20 -14.20
N GLU A 95 -0.76 12.58 -15.34
CA GLU A 95 -1.62 11.66 -16.11
C GLU A 95 -1.25 10.18 -15.82
N LYS A 96 -0.23 9.67 -16.54
CA LYS A 96 0.26 8.26 -16.45
C LYS A 96 1.54 8.13 -17.32
N ASP A 97 2.33 7.07 -17.10
CA ASP A 97 3.56 6.82 -17.89
C ASP A 97 3.38 5.59 -18.81
N THR A 98 3.92 5.69 -20.05
CA THR A 98 3.79 4.63 -21.10
C THR A 98 4.46 3.29 -20.70
N SER A 99 5.41 3.33 -19.74
CA SER A 99 6.15 2.14 -19.27
C SER A 99 5.24 1.04 -18.69
N MET A 100 4.19 1.44 -17.93
CA MET A 100 3.30 0.46 -17.23
C MET A 100 1.83 0.95 -17.16
N PRO A 101 0.82 -0.01 -17.13
CA PRO A 101 -0.61 0.32 -16.91
C PRO A 101 -1.02 0.28 -15.40
N GLY A 102 -2.33 0.11 -15.13
CA GLY A 102 -2.84 0.01 -13.75
C GLY A 102 -2.64 -1.37 -13.10
N MET A 103 -1.69 -1.46 -12.17
CA MET A 103 -1.43 -2.68 -11.37
C MET A 103 -2.57 -2.90 -10.32
N HIS A 104 -3.36 -3.98 -10.53
CA HIS A 104 -4.65 -4.18 -9.80
C HIS A 104 -4.47 -4.81 -8.39
N ILE A 105 -4.52 -3.96 -7.34
CA ILE A 105 -4.46 -4.41 -5.92
C ILE A 105 -5.89 -4.34 -5.29
N THR A 106 -6.38 -5.48 -4.75
CA THR A 106 -7.64 -5.54 -3.97
C THR A 106 -7.37 -6.12 -2.57
N LEU A 107 -7.62 -5.31 -1.52
CA LEU A 107 -7.31 -5.71 -0.14
C LEU A 107 -8.61 -6.16 0.57
N ASN A 108 -8.56 -7.38 1.13
CA ASN A 108 -9.76 -8.13 1.59
C ASN A 108 -9.67 -8.36 3.11
N PHE A 109 -10.83 -8.35 3.79
CA PHE A 109 -10.90 -8.62 5.25
C PHE A 109 -10.62 -10.11 5.58
N GLU A 110 -9.94 -10.32 6.72
CA GLU A 110 -9.58 -11.66 7.22
C GLU A 110 -9.29 -11.57 8.76
N GLU A 111 -9.93 -10.56 9.41
CA GLU A 111 -9.75 -10.24 10.85
C GLU A 111 -10.05 -11.46 11.78
N VAL A 112 -9.19 -11.66 12.81
CA VAL A 112 -9.30 -12.84 13.71
C VAL A 112 -10.28 -12.59 14.92
N LYS A 113 -9.98 -11.62 15.82
CA LYS A 113 -10.75 -11.40 17.09
C LYS A 113 -10.78 -9.89 17.51
N GLY A 114 -10.36 -9.00 16.60
CA GLY A 114 -10.19 -7.57 16.92
C GLY A 114 -8.94 -7.00 16.26
N LYS A 115 -7.86 -7.80 16.29
CA LYS A 115 -6.67 -7.58 15.46
C LYS A 115 -7.02 -7.82 13.98
N THR A 116 -7.04 -6.72 13.21
CA THR A 116 -7.40 -6.74 11.78
C THR A 116 -6.34 -7.47 10.94
N THR A 117 -6.77 -8.26 9.98
CA THR A 117 -5.88 -8.97 9.04
C THR A 117 -6.39 -8.70 7.63
N VAL A 118 -5.63 -7.92 6.86
CA VAL A 118 -6.08 -7.46 5.53
C VAL A 118 -5.16 -8.03 4.42
N THR A 119 -5.72 -9.00 3.68
CA THR A 119 -5.03 -9.72 2.60
C THR A 119 -5.03 -8.91 1.28
N SER A 120 -3.86 -8.33 0.93
CA SER A 120 -3.69 -7.57 -0.33
C SER A 120 -3.43 -8.52 -1.54
N THR A 121 -4.42 -8.60 -2.43
CA THR A 121 -4.30 -9.29 -3.73
C THR A 121 -3.53 -8.38 -4.72
N SER A 122 -2.20 -8.60 -4.83
CA SER A 122 -1.32 -7.74 -5.65
C SER A 122 -1.10 -8.36 -7.04
N THR A 123 -1.76 -7.81 -8.07
CA THR A 123 -1.68 -8.34 -9.45
C THR A 123 -0.68 -7.52 -10.30
N PHE A 124 0.52 -8.08 -10.48
CA PHE A 124 1.60 -7.53 -11.35
C PHE A 124 1.23 -7.70 -12.87
N PRO A 125 1.85 -6.87 -13.79
CA PRO A 125 1.48 -6.89 -15.24
C PRO A 125 1.88 -8.21 -15.98
N THR A 126 3.10 -8.72 -15.66
CA THR A 126 3.64 -9.98 -16.28
C THR A 126 4.05 -10.99 -15.20
N GLU A 127 4.11 -12.28 -15.60
CA GLU A 127 4.48 -13.41 -14.72
C GLU A 127 5.93 -13.25 -14.20
N SER A 128 6.80 -12.72 -15.06
CA SER A 128 8.23 -12.50 -14.76
C SER A 128 8.46 -11.27 -13.86
N ALA A 129 7.54 -10.27 -13.93
CA ALA A 129 7.58 -9.07 -13.04
C ALA A 129 7.22 -9.44 -11.59
N ALA A 130 6.16 -10.26 -11.42
CA ALA A 130 5.76 -10.80 -10.11
C ALA A 130 6.85 -11.74 -9.54
N GLN A 131 7.38 -12.60 -10.42
CA GLN A 131 8.52 -13.49 -10.12
C GLN A 131 9.76 -12.70 -9.66
N GLN A 132 10.05 -11.60 -10.36
CA GLN A 132 11.19 -10.72 -10.05
C GLN A 132 11.10 -10.15 -8.60
N ALA A 133 9.85 -9.88 -8.16
CA ALA A 133 9.54 -9.49 -6.77
C ALA A 133 9.73 -10.66 -5.76
N ILE A 134 9.39 -11.90 -6.20
CA ILE A 134 9.60 -13.13 -5.38
C ILE A 134 11.10 -13.34 -5.07
N ASP A 135 11.95 -13.28 -6.11
CA ASP A 135 13.43 -13.43 -5.99
C ASP A 135 14.07 -12.27 -5.20
N MET A 136 13.39 -11.10 -5.20
CA MET A 136 13.80 -9.93 -4.42
C MET A 136 13.61 -10.16 -2.89
N GLY A 137 12.62 -11.02 -2.54
CA GLY A 137 12.16 -11.13 -1.16
C GLY A 137 11.33 -9.92 -0.76
N VAL A 138 10.33 -9.61 -1.61
CA VAL A 138 9.48 -8.40 -1.48
C VAL A 138 8.69 -8.35 -0.13
N GLU A 139 8.54 -9.52 0.52
CA GLU A 139 7.97 -9.64 1.90
C GLU A 139 8.70 -8.70 2.89
N THR A 140 10.04 -8.74 2.83
CA THR A 140 10.93 -7.93 3.70
C THR A 140 10.64 -6.41 3.55
N GLY A 141 10.49 -5.97 2.28
CA GLY A 141 10.20 -4.55 1.96
C GLY A 141 8.76 -4.12 2.27
N MET A 142 7.79 -5.01 2.07
CA MET A 142 6.36 -4.72 2.31
C MET A 142 6.06 -4.60 3.82
N ASN A 143 6.50 -5.59 4.63
CA ASN A 143 6.41 -5.53 6.11
C ASN A 143 7.18 -4.31 6.67
N SER A 144 8.33 -3.96 6.05
CA SER A 144 9.15 -2.78 6.43
C SER A 144 8.32 -1.46 6.40
N THR A 145 7.61 -1.23 5.27
CA THR A 145 6.72 -0.06 5.09
C THR A 145 5.48 -0.14 6.02
N LEU A 146 5.02 -1.39 6.29
CA LEU A 146 3.86 -1.65 7.18
C LEU A 146 4.19 -1.50 8.68
N ASN A 147 5.49 -1.56 9.08
CA ASN A 147 5.92 -1.18 10.46
C ASN A 147 5.58 0.31 10.74
N GLN A 148 5.65 1.16 9.69
CA GLN A 148 5.17 2.56 9.75
C GLN A 148 3.64 2.61 9.99
N LEU A 149 2.90 1.75 9.27
CA LEU A 149 1.43 1.67 9.35
C LEU A 149 0.96 1.13 10.73
N GLU A 150 1.72 0.19 11.30
CA GLU A 150 1.45 -0.38 12.63
C GLU A 150 1.52 0.71 13.73
N LYS A 151 2.57 1.55 13.66
CA LYS A 151 2.75 2.71 14.59
C LYS A 151 1.67 3.78 14.39
N LEU A 152 1.27 4.00 13.12
CA LEU A 152 0.20 4.94 12.74
C LEU A 152 -1.17 4.57 13.37
N LEU A 153 -1.56 3.31 13.24
CA LEU A 153 -2.87 2.81 13.69
C LEU A 153 -2.94 2.68 15.23
N ASN A 154 -1.79 2.39 15.85
CA ASN A 154 -1.63 2.50 17.33
C ASN A 154 -1.33 3.95 17.81
N GLN A 155 -1.23 4.89 16.83
CA GLN A 155 -0.95 6.33 17.06
C GLN A 155 0.42 6.56 17.74
N LYS A 156 0.48 6.39 19.06
CA LYS A 156 1.70 6.63 19.86
C LYS A 156 2.34 5.30 20.32
N LEU A 157 2.43 4.35 19.36
CA LEU A 157 3.28 3.14 19.51
C LEU A 157 4.76 3.61 19.51
N GLU A 158 5.22 4.12 18.33
CA GLU A 158 6.52 4.83 18.11
C GLU A 158 7.79 3.92 18.24
N HIS A 159 7.88 3.13 19.33
CA HIS A 159 8.91 2.08 19.53
C HIS A 159 8.83 1.00 18.41
N HIS A 160 9.51 1.29 17.28
CA HIS A 160 9.49 0.46 16.06
C HIS A 160 10.26 -0.88 16.24
N HIS A 161 9.54 -1.86 16.83
CA HIS A 161 10.01 -3.25 16.98
C HIS A 161 9.84 -4.00 15.63
N HIS A 162 10.84 -4.83 15.26
CA HIS A 162 10.89 -5.49 13.94
C HIS A 162 11.60 -6.86 14.00
N HIS A 163 11.24 -7.76 13.06
CA HIS A 163 11.92 -9.05 12.84
C HIS A 163 11.82 -9.45 11.34
N HIS A 164 12.91 -9.22 10.59
CA HIS A 164 13.00 -9.45 9.13
C HIS A 164 11.94 -8.61 8.36
N MET A 1 7.07 -14.63 6.16
CA MET A 1 5.78 -15.21 5.72
C MET A 1 5.84 -15.68 4.25
N THR A 2 5.62 -16.98 4.02
CA THR A 2 5.57 -17.57 2.67
C THR A 2 4.24 -17.20 1.97
N ILE A 3 4.24 -16.03 1.33
CA ILE A 3 3.06 -15.46 0.64
C ILE A 3 2.75 -16.16 -0.72
N GLU A 4 1.50 -16.00 -1.20
CA GLU A 4 0.99 -16.72 -2.40
C GLU A 4 1.15 -15.88 -3.69
N LYS A 5 1.70 -16.49 -4.76
CA LYS A 5 1.93 -15.81 -6.05
C LYS A 5 1.17 -16.52 -7.19
N LYS A 6 0.14 -15.87 -7.75
CA LYS A 6 -0.63 -16.40 -8.89
C LYS A 6 -0.13 -15.80 -10.23
N LYS A 7 0.94 -16.41 -10.79
CA LYS A 7 1.56 -16.07 -12.11
C LYS A 7 2.25 -14.67 -12.10
N ASN A 8 1.45 -13.59 -12.12
CA ASN A 8 1.94 -12.18 -12.02
C ASN A 8 1.40 -11.48 -10.75
N LYS A 9 0.53 -12.16 -10.02
CA LYS A 9 -0.11 -11.66 -8.79
C LYS A 9 0.72 -12.05 -7.54
N ILE A 10 0.89 -11.12 -6.60
CA ILE A 10 1.44 -11.39 -5.24
C ILE A 10 0.35 -11.09 -4.19
N ILE A 11 0.13 -12.01 -3.25
CA ILE A 11 -0.91 -11.91 -2.21
C ILE A 11 -0.23 -11.89 -0.82
N PHE A 12 -0.19 -10.71 -0.19
CA PHE A 12 0.46 -10.49 1.12
C PHE A 12 -0.59 -10.40 2.26
N THR A 13 -0.50 -11.28 3.26
CA THR A 13 -1.39 -11.25 4.45
C THR A 13 -0.64 -10.72 5.70
N ARG A 14 -1.31 -9.87 6.50
CA ARG A 14 -0.74 -9.25 7.72
C ARG A 14 -1.86 -8.88 8.71
N THR A 15 -1.59 -9.08 10.02
CA THR A 15 -2.55 -8.77 11.11
C THR A 15 -2.07 -7.56 11.95
N PHE A 16 -2.96 -6.57 12.15
CA PHE A 16 -2.72 -5.39 13.01
C PHE A 16 -3.64 -5.42 14.26
N SER A 17 -3.10 -5.04 15.43
CA SER A 17 -3.91 -4.78 16.64
C SER A 17 -4.30 -3.28 16.68
N ALA A 18 -5.50 -3.00 16.12
CA ALA A 18 -6.08 -1.65 16.00
C ALA A 18 -7.52 -1.79 15.42
N PRO A 19 -8.52 -0.94 15.87
CA PRO A 19 -9.90 -0.98 15.33
C PRO A 19 -9.98 -0.91 13.77
N ILE A 20 -10.85 -1.77 13.18
CA ILE A 20 -10.98 -1.94 11.70
C ILE A 20 -11.31 -0.61 10.97
N ASN A 21 -11.91 0.33 11.73
CA ASN A 21 -12.24 1.68 11.25
C ASN A 21 -10.99 2.44 10.77
N LYS A 22 -9.97 2.58 11.65
CA LYS A 22 -8.73 3.34 11.33
C LYS A 22 -7.81 2.56 10.36
N VAL A 23 -7.89 1.21 10.41
CA VAL A 23 -7.18 0.32 9.46
C VAL A 23 -7.66 0.62 8.02
N PHE A 24 -8.99 0.79 7.87
CA PHE A 24 -9.64 1.20 6.60
C PHE A 24 -9.33 2.68 6.26
N ASP A 25 -9.35 3.56 7.28
CA ASP A 25 -9.10 5.01 7.08
C ASP A 25 -7.64 5.31 6.66
N ALA A 26 -6.74 4.32 6.83
CA ALA A 26 -5.35 4.39 6.30
C ALA A 26 -5.33 4.46 4.74
N TYR A 27 -6.40 3.94 4.12
CA TYR A 27 -6.54 3.88 2.64
C TYR A 27 -7.50 4.97 2.11
N THR A 28 -8.37 5.53 2.98
CA THR A 28 -9.38 6.57 2.59
C THR A 28 -8.98 8.00 2.98
N LYS A 29 -8.15 8.13 4.02
CA LYS A 29 -7.69 9.44 4.54
C LYS A 29 -6.18 9.59 4.25
N ARG A 30 -5.80 10.65 3.48
CA ARG A 30 -4.41 10.85 3.05
C ARG A 30 -3.48 11.13 4.24
N GLU A 31 -3.98 11.89 5.22
CA GLU A 31 -3.22 12.27 6.44
C GLU A 31 -2.72 11.04 7.23
N LEU A 32 -3.30 9.86 6.94
CA LEU A 32 -2.80 8.58 7.44
C LEU A 32 -1.91 7.89 6.37
N PHE A 33 -2.38 7.93 5.10
CA PHE A 33 -1.72 7.30 3.91
C PHE A 33 -0.23 7.77 3.75
N GLU A 34 -0.02 9.09 3.70
CA GLU A 34 1.35 9.69 3.57
C GLU A 34 2.23 9.50 4.84
N GLN A 35 1.66 8.94 5.94
CA GLN A 35 2.46 8.55 7.13
C GLN A 35 3.05 7.13 6.99
N TRP A 36 2.37 6.23 6.23
CA TRP A 36 2.79 4.80 6.13
C TRP A 36 3.32 4.41 4.72
N PHE A 37 2.55 4.72 3.65
CA PHE A 37 2.85 4.26 2.27
C PHE A 37 4.06 5.01 1.67
N HIS A 38 5.26 4.54 2.02
CA HIS A 38 6.56 5.09 1.53
C HIS A 38 7.71 4.14 1.91
N PRO A 39 8.81 4.08 1.08
CA PRO A 39 10.04 3.34 1.47
C PRO A 39 10.75 4.00 2.69
N GLN A 40 11.53 3.19 3.41
CA GLN A 40 12.15 3.57 4.68
C GLN A 40 13.29 4.59 4.46
N ASP A 41 13.48 5.51 5.44
CA ASP A 41 14.35 6.72 5.33
C ASP A 41 13.73 7.82 4.41
N ALA A 42 13.08 7.40 3.29
CA ALA A 42 12.35 8.31 2.38
C ALA A 42 10.91 8.63 2.89
N SER A 43 10.22 9.51 2.14
CA SER A 43 8.85 9.99 2.47
C SER A 43 7.96 10.04 1.20
N VAL A 44 6.71 10.52 1.36
CA VAL A 44 5.76 10.70 0.24
C VAL A 44 4.92 11.99 0.43
N THR A 45 4.74 12.74 -0.67
CA THR A 45 3.93 13.97 -0.70
C THR A 45 2.65 13.74 -1.54
N VAL A 46 1.48 13.73 -0.88
CA VAL A 46 0.17 13.59 -1.55
C VAL A 46 -0.39 14.96 -1.98
N TYR A 47 -0.38 15.22 -3.31
CA TYR A 47 -0.89 16.49 -3.90
C TYR A 47 -2.43 16.44 -4.11
N ASP A 48 -2.96 15.22 -4.28
CA ASP A 48 -4.38 14.96 -4.57
C ASP A 48 -4.77 13.56 -4.04
N PHE A 49 -6.03 13.41 -3.54
CA PHE A 49 -6.48 12.14 -2.92
C PHE A 49 -8.03 12.07 -2.86
N ASN A 50 -8.61 10.96 -3.36
CA ASN A 50 -10.06 10.68 -3.30
C ASN A 50 -10.31 9.14 -3.36
N ALA A 51 -10.75 8.56 -2.24
CA ALA A 51 -11.08 7.12 -2.15
C ALA A 51 -12.60 6.88 -2.26
N THR A 52 -13.03 6.44 -3.45
CA THR A 52 -14.46 6.15 -3.76
C THR A 52 -14.53 5.31 -5.06
N LYS A 53 -15.76 4.92 -5.49
CA LYS A 53 -15.96 4.35 -6.85
C LYS A 53 -15.72 5.44 -7.92
N GLY A 54 -14.61 5.30 -8.68
CA GLY A 54 -14.22 6.27 -9.71
C GLY A 54 -13.31 7.39 -9.19
N GLY A 55 -12.71 7.19 -8.00
CA GLY A 55 -11.78 8.16 -7.39
C GLY A 55 -10.34 8.04 -7.92
N SER A 56 -9.43 8.88 -7.39
CA SER A 56 -7.99 8.86 -7.76
C SER A 56 -7.14 9.63 -6.73
N ALA A 57 -5.81 9.37 -6.73
CA ALA A 57 -4.87 9.99 -5.79
C ALA A 57 -3.49 10.24 -6.45
N PHE A 58 -3.14 11.53 -6.66
CA PHE A 58 -1.81 11.93 -7.19
C PHE A 58 -0.85 12.18 -6.02
N TYR A 59 0.18 11.34 -5.92
CA TYR A 59 1.26 11.46 -4.92
C TYR A 59 2.64 11.23 -5.56
N ALA A 60 3.70 11.50 -4.80
CA ALA A 60 5.09 11.29 -5.27
C ALA A 60 6.00 10.89 -4.11
N ILE A 61 6.84 9.88 -4.34
CA ILE A 61 7.80 9.38 -3.34
C ILE A 61 9.00 10.35 -3.24
N GLN A 62 9.00 11.16 -2.17
CA GLN A 62 10.08 12.12 -1.88
C GLN A 62 11.27 11.38 -1.23
N ALA A 63 12.26 11.04 -2.07
CA ALA A 63 13.52 10.39 -1.64
C ALA A 63 14.63 11.47 -1.40
N PRO A 64 15.66 11.19 -0.51
CA PRO A 64 16.80 12.10 -0.21
C PRO A 64 17.40 12.89 -1.41
N GLN A 65 17.50 12.24 -2.60
CA GLN A 65 18.06 12.87 -3.85
C GLN A 65 17.23 12.49 -5.10
N MET A 66 15.92 12.22 -4.93
CA MET A 66 15.01 11.81 -6.05
C MET A 66 13.52 12.07 -5.70
N ILE A 67 12.67 12.34 -6.72
CA ILE A 67 11.19 12.38 -6.57
C ILE A 67 10.56 11.57 -7.73
N SER A 68 9.88 10.44 -7.39
CA SER A 68 9.19 9.57 -8.39
C SER A 68 7.67 9.67 -8.24
N TYR A 69 6.94 9.84 -9.35
CA TYR A 69 5.49 10.17 -9.35
C TYR A 69 4.62 8.91 -9.61
N THR A 70 3.47 8.80 -8.91
CA THR A 70 2.51 7.67 -9.05
C THR A 70 1.07 8.15 -8.72
N ILE A 71 0.11 7.85 -9.61
CA ILE A 71 -1.33 8.14 -9.40
C ILE A 71 -2.13 6.82 -9.28
N ALA A 72 -2.80 6.61 -8.13
CA ALA A 72 -3.63 5.42 -7.90
C ALA A 72 -5.12 5.75 -8.14
N GLU A 73 -5.75 5.12 -9.15
CA GLU A 73 -7.18 5.29 -9.47
C GLU A 73 -8.04 4.35 -8.60
N TYR A 74 -8.84 4.92 -7.69
CA TYR A 74 -9.72 4.13 -6.80
C TYR A 74 -10.97 3.65 -7.58
N LEU A 75 -10.97 2.35 -7.94
CA LEU A 75 -12.03 1.73 -8.76
C LEU A 75 -13.26 1.40 -7.86
N GLN A 76 -13.02 0.64 -6.77
CA GLN A 76 -14.08 0.25 -5.79
C GLN A 76 -13.57 0.38 -4.34
N VAL A 77 -14.27 1.18 -3.52
CA VAL A 77 -14.00 1.28 -2.06
C VAL A 77 -15.32 0.97 -1.32
N ASP A 78 -15.39 -0.21 -0.66
CA ASP A 78 -16.64 -0.78 -0.11
C ASP A 78 -16.42 -1.34 1.31
N ALA A 79 -16.98 -0.64 2.35
CA ALA A 79 -16.93 -1.07 3.78
C ALA A 79 -15.48 -1.05 4.37
N PRO A 80 -15.28 -1.20 5.73
CA PRO A 80 -13.91 -1.43 6.32
C PRO A 80 -13.29 -2.83 5.99
N TYR A 81 -13.69 -3.42 4.86
CA TYR A 81 -13.45 -4.85 4.56
C TYR A 81 -12.90 -5.03 3.12
N TYR A 82 -13.34 -4.16 2.17
CA TYR A 82 -12.91 -4.24 0.75
C TYR A 82 -12.38 -2.87 0.25
N ILE A 83 -11.11 -2.86 -0.22
CA ILE A 83 -10.49 -1.68 -0.85
C ILE A 83 -9.91 -2.11 -2.23
N GLU A 84 -10.13 -1.30 -3.28
CA GLU A 84 -9.60 -1.55 -4.63
C GLU A 84 -9.16 -0.24 -5.31
N TYR A 85 -7.87 -0.18 -5.70
CA TYR A 85 -7.34 0.89 -6.57
C TYR A 85 -6.29 0.32 -7.57
N LEU A 86 -6.28 0.89 -8.78
CA LEU A 86 -5.30 0.58 -9.83
C LEU A 86 -4.09 1.53 -9.68
N ASP A 87 -2.89 1.00 -9.51
CA ASP A 87 -1.68 1.80 -9.28
C ASP A 87 -0.99 2.09 -10.64
N TYR A 88 -1.11 3.32 -11.13
CA TYR A 88 -0.43 3.75 -12.35
C TYR A 88 0.80 4.58 -11.99
N PHE A 89 2.00 4.11 -12.40
CA PHE A 89 3.20 4.96 -12.40
C PHE A 89 2.92 6.22 -13.24
N ALA A 90 3.12 7.41 -12.65
CA ALA A 90 2.81 8.69 -13.33
C ALA A 90 4.05 9.26 -14.05
N THR A 91 3.81 10.05 -15.10
CA THR A 91 4.89 10.73 -15.87
C THR A 91 5.61 11.81 -15.02
N SER A 92 4.96 12.99 -14.82
CA SER A 92 5.55 14.16 -14.09
C SER A 92 4.54 15.33 -14.08
N LYS A 93 3.90 15.54 -15.24
CA LYS A 93 2.90 16.61 -15.47
C LYS A 93 1.70 16.53 -14.47
N GLY A 94 0.80 15.55 -14.66
CA GLY A 94 -0.37 15.36 -13.78
C GLY A 94 -1.26 14.18 -14.19
N GLU A 95 -0.73 13.30 -15.05
CA GLU A 95 -1.40 12.04 -15.46
C GLU A 95 -0.42 10.86 -15.37
N LYS A 96 -0.90 9.65 -15.68
CA LYS A 96 -0.07 8.43 -15.73
C LYS A 96 1.03 8.48 -16.84
N ASP A 97 1.95 7.52 -16.77
CA ASP A 97 3.08 7.37 -17.72
C ASP A 97 2.59 6.75 -19.07
N THR A 98 1.48 5.97 -18.99
CA THR A 98 0.79 5.33 -20.14
C THR A 98 1.50 4.04 -20.64
N SER A 99 2.83 3.95 -20.49
CA SER A 99 3.62 2.74 -20.85
C SER A 99 3.40 1.61 -19.82
N MET A 100 3.12 1.98 -18.55
CA MET A 100 2.76 1.02 -17.48
C MET A 100 1.22 0.82 -17.38
N PRO A 101 0.75 -0.42 -17.04
CA PRO A 101 -0.69 -0.78 -16.99
C PRO A 101 -1.39 -0.42 -15.63
N GLY A 102 -2.69 -0.82 -15.53
CA GLY A 102 -3.46 -0.70 -14.28
C GLY A 102 -3.12 -1.80 -13.27
N MET A 103 -2.00 -1.58 -12.55
CA MET A 103 -1.51 -2.48 -11.47
C MET A 103 -2.64 -2.75 -10.42
N HIS A 104 -3.32 -3.90 -10.52
CA HIS A 104 -4.52 -4.20 -9.71
C HIS A 104 -4.17 -4.46 -8.23
N ILE A 105 -4.35 -3.43 -7.37
CA ILE A 105 -4.25 -3.59 -5.90
C ILE A 105 -5.67 -3.66 -5.28
N THR A 106 -5.97 -4.81 -4.66
CA THR A 106 -7.16 -4.99 -3.82
C THR A 106 -6.71 -5.46 -2.42
N LEU A 107 -7.02 -4.67 -1.37
CA LEU A 107 -6.75 -5.07 0.02
C LEU A 107 -8.07 -5.57 0.64
N ASN A 108 -8.12 -6.87 0.94
CA ASN A 108 -9.38 -7.62 1.20
C ASN A 108 -9.30 -8.30 2.57
N PHE A 109 -10.39 -8.27 3.32
CA PHE A 109 -10.47 -8.97 4.62
C PHE A 109 -10.56 -10.50 4.41
N GLU A 110 -9.90 -11.27 5.28
CA GLU A 110 -10.06 -12.74 5.34
C GLU A 110 -10.34 -13.19 6.79
N GLU A 111 -10.15 -12.26 7.74
CA GLU A 111 -10.18 -12.57 9.18
C GLU A 111 -10.27 -11.23 9.99
N VAL A 112 -11.20 -11.16 10.96
CA VAL A 112 -11.48 -9.93 11.75
C VAL A 112 -12.32 -10.26 13.03
N LYS A 113 -12.07 -11.45 13.62
CA LYS A 113 -12.75 -11.92 14.87
C LYS A 113 -12.46 -11.01 16.10
N GLY A 114 -11.27 -10.38 16.09
CA GLY A 114 -10.88 -9.40 17.11
C GLY A 114 -9.79 -8.49 16.58
N LYS A 115 -8.61 -9.07 16.30
CA LYS A 115 -7.53 -8.40 15.56
C LYS A 115 -7.82 -8.39 14.03
N THR A 116 -7.46 -7.29 13.37
CA THR A 116 -7.78 -7.06 11.94
C THR A 116 -6.74 -7.71 11.02
N THR A 117 -7.20 -8.42 9.98
CA THR A 117 -6.32 -9.07 8.98
C THR A 117 -6.81 -8.71 7.57
N VAL A 118 -6.14 -7.73 6.95
CA VAL A 118 -6.45 -7.23 5.60
C VAL A 118 -5.31 -7.61 4.63
N THR A 119 -5.62 -8.61 3.79
CA THR A 119 -4.69 -9.21 2.82
C THR A 119 -4.60 -8.38 1.51
N SER A 120 -3.43 -7.77 1.27
CA SER A 120 -3.13 -7.00 0.05
C SER A 120 -2.90 -7.95 -1.16
N THR A 121 -3.49 -7.62 -2.30
CA THR A 121 -3.35 -8.39 -3.56
C THR A 121 -2.88 -7.45 -4.68
N SER A 122 -1.79 -7.80 -5.41
CA SER A 122 -1.12 -6.90 -6.38
C SER A 122 -0.75 -7.65 -7.69
N THR A 123 -1.20 -7.17 -8.86
CA THR A 123 -0.87 -7.81 -10.17
C THR A 123 0.24 -7.05 -10.93
N PHE A 124 1.46 -7.59 -10.85
CA PHE A 124 2.65 -7.11 -11.60
C PHE A 124 2.46 -7.31 -13.14
N PRO A 125 3.27 -6.63 -14.03
CA PRO A 125 3.09 -6.68 -15.52
C PRO A 125 3.58 -8.01 -16.19
N THR A 126 2.86 -9.12 -15.88
CA THR A 126 3.03 -10.49 -16.47
C THR A 126 4.51 -11.00 -16.50
N GLU A 127 4.75 -12.17 -17.14
CA GLU A 127 6.10 -12.67 -17.51
C GLU A 127 7.02 -12.91 -16.26
N SER A 128 6.40 -13.34 -15.14
CA SER A 128 7.10 -13.68 -13.86
C SER A 128 7.83 -12.47 -13.21
N ALA A 129 7.38 -11.24 -13.56
CA ALA A 129 7.87 -9.97 -12.96
C ALA A 129 7.65 -9.93 -11.43
N ALA A 130 6.54 -10.54 -10.98
CA ALA A 130 6.17 -10.65 -9.56
C ALA A 130 7.10 -11.61 -8.79
N GLN A 131 7.39 -12.77 -9.39
CA GLN A 131 8.36 -13.76 -8.84
C GLN A 131 9.75 -13.13 -8.66
N GLN A 132 10.16 -12.32 -9.64
CA GLN A 132 11.46 -11.62 -9.60
C GLN A 132 11.57 -10.68 -8.36
N ALA A 133 10.43 -10.05 -7.99
CA ALA A 133 10.32 -9.22 -6.77
C ALA A 133 10.45 -10.06 -5.48
N ILE A 134 9.93 -11.31 -5.51
CA ILE A 134 10.05 -12.28 -4.39
C ILE A 134 11.53 -12.65 -4.15
N ASP A 135 12.27 -12.91 -5.24
CA ASP A 135 13.73 -13.22 -5.19
C ASP A 135 14.56 -11.95 -4.88
N MET A 136 13.95 -10.76 -5.07
CA MET A 136 14.52 -9.45 -4.65
C MET A 136 14.32 -9.24 -3.12
N GLY A 137 13.39 -10.00 -2.52
CA GLY A 137 13.08 -9.88 -1.08
C GLY A 137 12.04 -8.80 -0.78
N VAL A 138 10.98 -8.75 -1.62
CA VAL A 138 9.92 -7.72 -1.53
C VAL A 138 9.17 -7.75 -0.17
N GLU A 139 9.10 -8.94 0.46
CA GLU A 139 8.42 -9.14 1.77
C GLU A 139 8.98 -8.18 2.85
N THR A 140 10.33 -8.07 2.91
CA THR A 140 11.04 -7.21 3.89
C THR A 140 10.62 -5.72 3.78
N GLY A 141 10.49 -5.23 2.53
CA GLY A 141 10.01 -3.86 2.26
C GLY A 141 8.54 -3.67 2.62
N MET A 142 7.70 -4.70 2.36
CA MET A 142 6.27 -4.71 2.75
C MET A 142 6.13 -4.58 4.29
N ASN A 143 6.82 -5.48 5.02
CA ASN A 143 6.82 -5.55 6.51
C ASN A 143 7.16 -4.20 7.15
N SER A 144 8.29 -3.60 6.71
CA SER A 144 8.84 -2.36 7.29
C SER A 144 7.95 -1.12 6.99
N THR A 145 7.31 -1.11 5.79
CA THR A 145 6.30 -0.08 5.42
C THR A 145 4.99 -0.27 6.26
N LEU A 146 4.67 -1.53 6.60
CA LEU A 146 3.55 -1.87 7.49
C LEU A 146 3.88 -1.59 8.97
N ASN A 147 5.18 -1.54 9.35
CA ASN A 147 5.61 -1.03 10.68
C ASN A 147 5.34 0.49 10.78
N GLN A 148 5.44 1.20 9.64
CA GLN A 148 5.01 2.63 9.55
C GLN A 148 3.47 2.75 9.69
N LEU A 149 2.73 1.75 9.16
CA LEU A 149 1.26 1.66 9.31
C LEU A 149 0.89 1.24 10.75
N GLU A 150 1.73 0.41 11.38
CA GLU A 150 1.50 -0.11 12.74
C GLU A 150 1.64 1.00 13.80
N LYS A 151 2.76 1.77 13.73
CA LYS A 151 3.01 2.90 14.67
C LYS A 151 1.96 4.03 14.49
N LEU A 152 1.45 4.16 13.26
CA LEU A 152 0.34 5.07 12.89
C LEU A 152 -0.98 4.67 13.61
N LEU A 153 -1.36 3.40 13.46
CA LEU A 153 -2.65 2.87 13.99
C LEU A 153 -2.60 2.62 15.52
N ASN A 154 -1.39 2.45 16.06
CA ASN A 154 -1.16 2.39 17.52
C ASN A 154 -1.09 3.84 18.12
N GLN A 155 -1.20 4.86 17.23
CA GLN A 155 -1.48 6.27 17.55
C GLN A 155 -0.33 6.97 18.31
N LYS A 156 0.46 7.78 17.56
CA LYS A 156 1.62 8.56 18.10
C LYS A 156 2.70 7.65 18.77
N LEU A 157 2.66 6.35 18.41
CA LEU A 157 3.53 5.31 18.99
C LEU A 157 4.98 5.48 18.45
N GLU A 158 5.08 5.77 17.13
CA GLU A 158 6.34 6.21 16.44
C GLU A 158 7.59 5.32 16.69
N HIS A 159 7.39 4.04 17.04
CA HIS A 159 8.50 3.09 17.25
C HIS A 159 9.05 2.57 15.89
N HIS A 160 10.13 3.22 15.41
CA HIS A 160 10.84 2.83 14.17
C HIS A 160 12.36 2.72 14.46
N HIS A 161 12.88 1.48 14.42
CA HIS A 161 14.32 1.16 14.67
C HIS A 161 14.81 0.10 13.67
N HIS A 162 16.14 0.00 13.51
CA HIS A 162 16.77 -1.06 12.70
C HIS A 162 17.12 -2.28 13.59
N HIS A 163 16.60 -3.48 13.23
CA HIS A 163 16.82 -4.71 14.04
C HIS A 163 18.30 -5.20 13.97
N HIS A 164 18.91 -5.34 15.15
CA HIS A 164 20.32 -5.79 15.30
C HIS A 164 20.37 -7.30 15.58
N MET A 1 3.84 -18.57 8.49
CA MET A 1 3.88 -17.37 7.62
C MET A 1 4.39 -17.74 6.20
N THR A 2 3.46 -17.87 5.25
CA THR A 2 3.75 -18.19 3.83
C THR A 2 2.81 -17.39 2.90
N ILE A 3 3.35 -16.83 1.81
CA ILE A 3 2.59 -16.05 0.81
C ILE A 3 2.32 -16.89 -0.46
N GLU A 4 1.11 -16.78 -1.01
CA GLU A 4 0.68 -17.55 -2.22
C GLU A 4 0.92 -16.73 -3.52
N LYS A 5 1.16 -17.44 -4.64
CA LYS A 5 1.35 -16.81 -5.97
C LYS A 5 0.45 -17.48 -7.04
N LYS A 6 -0.32 -16.65 -7.79
CA LYS A 6 -1.05 -17.09 -9.00
C LYS A 6 -0.42 -16.38 -10.25
N LYS A 7 0.72 -16.91 -10.71
CA LYS A 7 1.51 -16.36 -11.85
C LYS A 7 2.05 -14.93 -11.55
N ASN A 8 1.25 -13.88 -11.87
CA ASN A 8 1.60 -12.46 -11.63
C ASN A 8 1.10 -11.98 -10.24
N LYS A 9 0.09 -12.68 -9.74
CA LYS A 9 -0.59 -12.35 -8.48
C LYS A 9 0.24 -12.83 -7.27
N ILE A 10 0.54 -11.92 -6.32
CA ILE A 10 1.17 -12.24 -5.04
C ILE A 10 0.19 -11.89 -3.90
N ILE A 11 -0.26 -12.92 -3.19
CA ILE A 11 -1.16 -12.82 -2.04
C ILE A 11 -0.37 -12.43 -0.77
N PHE A 12 -0.50 -11.18 -0.34
CA PHE A 12 0.17 -10.64 0.86
C PHE A 12 -0.86 -10.40 1.99
N THR A 13 -0.77 -11.16 3.08
CA THR A 13 -1.66 -11.00 4.26
C THR A 13 -0.87 -10.46 5.47
N ARG A 14 -1.44 -9.48 6.22
CA ARG A 14 -0.78 -8.85 7.38
C ARG A 14 -1.81 -8.45 8.47
N THR A 15 -1.38 -8.47 9.75
CA THR A 15 -2.26 -8.24 10.92
C THR A 15 -1.73 -7.05 11.79
N PHE A 16 -2.49 -5.93 11.78
CA PHE A 16 -2.09 -4.66 12.46
C PHE A 16 -2.89 -4.46 13.77
N SER A 17 -2.22 -3.94 14.82
CA SER A 17 -2.84 -3.71 16.14
C SER A 17 -3.64 -2.38 16.12
N ALA A 18 -4.95 -2.49 15.83
CA ALA A 18 -5.88 -1.34 15.70
C ALA A 18 -7.29 -1.80 15.21
N PRO A 19 -8.37 -1.02 15.54
CA PRO A 19 -9.74 -1.18 14.95
C PRO A 19 -9.78 -1.05 13.38
N ILE A 20 -10.68 -1.84 12.74
CA ILE A 20 -10.80 -1.95 11.25
C ILE A 20 -10.99 -0.57 10.53
N ASN A 21 -11.81 0.30 11.11
CA ASN A 21 -12.18 1.62 10.53
C ASN A 21 -10.97 2.59 10.55
N LYS A 22 -10.27 2.58 11.70
CA LYS A 22 -9.08 3.40 11.97
C LYS A 22 -7.89 2.99 11.05
N VAL A 23 -7.80 1.68 10.75
CA VAL A 23 -6.85 1.12 9.76
C VAL A 23 -7.24 1.51 8.31
N PHE A 24 -8.55 1.43 8.05
CA PHE A 24 -9.15 1.67 6.71
C PHE A 24 -8.97 3.14 6.24
N ASP A 25 -9.02 4.09 7.18
CA ASP A 25 -8.84 5.53 6.87
C ASP A 25 -7.38 5.89 6.49
N ALA A 26 -6.44 4.96 6.71
CA ALA A 26 -5.06 5.08 6.20
C ALA A 26 -4.98 4.82 4.67
N TYR A 27 -6.02 4.16 4.13
CA TYR A 27 -6.17 3.88 2.69
C TYR A 27 -7.17 4.84 2.01
N THR A 28 -7.91 5.66 2.81
CA THR A 28 -8.91 6.63 2.27
C THR A 28 -8.51 8.10 2.51
N LYS A 29 -7.68 8.35 3.53
CA LYS A 29 -7.34 9.72 3.97
C LYS A 29 -5.82 9.94 4.00
N ARG A 30 -5.36 10.99 3.31
CA ARG A 30 -3.92 11.33 3.20
C ARG A 30 -3.32 11.85 4.50
N GLU A 31 -4.19 12.25 5.45
CA GLU A 31 -3.78 12.56 6.84
C GLU A 31 -2.88 11.45 7.42
N LEU A 32 -3.36 10.22 7.28
CA LEU A 32 -2.69 9.02 7.79
C LEU A 32 -1.73 8.43 6.74
N PHE A 33 -2.15 8.45 5.46
CA PHE A 33 -1.42 7.84 4.33
C PHE A 33 0.02 8.39 4.19
N GLU A 34 0.20 9.72 4.31
CA GLU A 34 1.54 10.34 4.20
C GLU A 34 2.42 10.07 5.45
N GLN A 35 1.80 9.67 6.58
CA GLN A 35 2.53 9.27 7.80
C GLN A 35 3.20 7.88 7.65
N TRP A 36 2.51 6.92 6.97
CA TRP A 36 2.99 5.51 6.90
C TRP A 36 3.59 5.12 5.52
N PHE A 37 2.91 5.51 4.41
CA PHE A 37 3.28 5.06 3.05
C PHE A 37 4.52 5.82 2.51
N HIS A 38 5.71 5.37 2.92
CA HIS A 38 7.00 5.91 2.44
C HIS A 38 8.17 4.99 2.89
N PRO A 39 9.27 4.89 2.08
CA PRO A 39 10.51 4.17 2.49
C PRO A 39 11.33 4.93 3.56
N GLN A 40 12.37 4.28 4.11
CA GLN A 40 13.25 4.86 5.15
C GLN A 40 14.09 6.01 4.58
N ASP A 41 14.24 7.09 5.38
CA ASP A 41 14.98 8.34 5.02
C ASP A 41 14.26 9.22 3.94
N ALA A 42 13.20 8.67 3.30
CA ALA A 42 12.44 9.39 2.25
C ALA A 42 10.99 9.68 2.70
N SER A 43 10.53 10.92 2.46
CA SER A 43 9.16 11.38 2.78
C SER A 43 8.19 11.07 1.62
N VAL A 44 6.92 11.50 1.78
CA VAL A 44 5.89 11.41 0.73
C VAL A 44 4.95 12.65 0.80
N THR A 45 4.57 13.18 -0.38
CA THR A 45 3.69 14.36 -0.51
C THR A 45 2.46 13.97 -1.36
N VAL A 46 1.28 13.88 -0.71
CA VAL A 46 0.02 13.52 -1.40
C VAL A 46 -0.75 14.80 -1.82
N TYR A 47 -0.64 15.14 -3.12
CA TYR A 47 -1.22 16.37 -3.70
C TYR A 47 -2.77 16.31 -3.80
N ASP A 48 -3.31 15.10 -3.96
CA ASP A 48 -4.77 14.85 -4.05
C ASP A 48 -5.09 13.44 -3.51
N PHE A 49 -6.30 13.25 -2.94
CA PHE A 49 -6.73 11.93 -2.43
C PHE A 49 -8.27 11.77 -2.45
N ASN A 50 -8.76 10.76 -3.19
CA ASN A 50 -10.17 10.30 -3.13
C ASN A 50 -10.22 8.77 -3.30
N ALA A 51 -10.43 8.03 -2.20
CA ALA A 51 -10.58 6.56 -2.23
C ALA A 51 -12.06 6.15 -2.12
N THR A 52 -12.70 6.03 -3.29
CA THR A 52 -14.11 5.59 -3.41
C THR A 52 -14.22 4.57 -4.55
N LYS A 53 -15.41 3.96 -4.69
CA LYS A 53 -15.71 3.08 -5.83
C LYS A 53 -15.80 3.93 -7.12
N GLY A 54 -14.70 3.95 -7.88
CA GLY A 54 -14.52 4.89 -8.99
C GLY A 54 -13.79 6.18 -8.56
N GLY A 55 -12.79 6.04 -7.66
CA GLY A 55 -11.98 7.18 -7.19
C GLY A 55 -10.54 7.19 -7.74
N SER A 56 -9.72 8.14 -7.23
CA SER A 56 -8.30 8.29 -7.61
C SER A 56 -7.54 9.21 -6.63
N ALA A 57 -6.22 8.99 -6.49
CA ALA A 57 -5.35 9.76 -5.57
C ALA A 57 -3.96 9.99 -6.18
N PHE A 58 -3.46 11.24 -6.13
CA PHE A 58 -2.12 11.60 -6.63
C PHE A 58 -1.16 11.89 -5.46
N TYR A 59 -0.09 11.07 -5.35
CA TYR A 59 0.97 11.23 -4.35
C TYR A 59 2.36 11.22 -5.02
N ALA A 60 3.43 11.40 -4.21
CA ALA A 60 4.82 11.42 -4.72
C ALA A 60 5.83 11.11 -3.60
N ILE A 61 6.71 10.12 -3.84
CA ILE A 61 7.77 9.74 -2.88
C ILE A 61 8.92 10.78 -2.93
N GLN A 62 8.95 11.65 -1.91
CA GLN A 62 9.94 12.75 -1.79
C GLN A 62 11.26 12.19 -1.18
N ALA A 63 12.23 11.89 -2.05
CA ALA A 63 13.57 11.36 -1.65
C ALA A 63 14.58 12.53 -1.42
N PRO A 64 15.73 12.29 -0.70
CA PRO A 64 16.76 13.38 -0.41
C PRO A 64 17.59 13.86 -1.65
N GLN A 65 17.02 13.74 -2.87
CA GLN A 65 17.63 14.25 -4.13
C GLN A 65 16.52 14.41 -5.20
N MET A 66 15.72 13.34 -5.38
CA MET A 66 14.68 13.22 -6.42
C MET A 66 13.27 13.06 -5.80
N ILE A 67 12.22 13.23 -6.61
CA ILE A 67 10.81 12.94 -6.21
C ILE A 67 10.16 12.03 -7.29
N SER A 68 9.56 10.90 -6.87
CA SER A 68 8.87 9.95 -7.81
C SER A 68 7.34 10.04 -7.65
N TYR A 69 6.66 10.54 -8.68
CA TYR A 69 5.20 10.82 -8.65
C TYR A 69 4.41 9.57 -9.11
N THR A 70 3.22 9.33 -8.51
CA THR A 70 2.41 8.11 -8.77
C THR A 70 0.92 8.36 -8.43
N ILE A 71 0.03 7.97 -9.36
CA ILE A 71 -1.44 8.07 -9.22
C ILE A 71 -2.07 6.67 -8.98
N ALA A 72 -2.71 6.45 -7.81
CA ALA A 72 -3.46 5.21 -7.53
C ALA A 72 -4.97 5.45 -7.78
N GLU A 73 -5.54 4.75 -8.78
CA GLU A 73 -6.96 4.90 -9.18
C GLU A 73 -7.82 3.80 -8.52
N TYR A 74 -8.70 4.19 -7.59
CA TYR A 74 -9.50 3.25 -6.76
C TYR A 74 -10.71 2.72 -7.55
N LEU A 75 -10.58 1.48 -8.05
CA LEU A 75 -11.60 0.85 -8.91
C LEU A 75 -12.89 0.56 -8.10
N GLN A 76 -12.77 -0.22 -7.01
CA GLN A 76 -13.92 -0.55 -6.13
C GLN A 76 -13.54 -0.47 -4.64
N VAL A 77 -14.17 0.45 -3.90
CA VAL A 77 -14.08 0.54 -2.44
C VAL A 77 -15.50 0.43 -1.84
N ASP A 78 -15.71 -0.58 -0.98
CA ASP A 78 -17.02 -0.84 -0.34
C ASP A 78 -16.79 -1.31 1.12
N ALA A 79 -17.40 -0.59 2.09
CA ALA A 79 -17.27 -0.89 3.55
C ALA A 79 -15.80 -0.71 4.07
N PRO A 80 -15.55 -0.69 5.43
CA PRO A 80 -14.16 -0.72 5.98
C PRO A 80 -13.39 -2.05 5.66
N TYR A 81 -14.11 -3.05 5.13
CA TYR A 81 -13.59 -4.42 4.90
C TYR A 81 -12.99 -4.61 3.48
N TYR A 82 -13.43 -3.81 2.48
CA TYR A 82 -13.01 -4.03 1.06
C TYR A 82 -12.44 -2.74 0.41
N ILE A 83 -11.18 -2.84 -0.06
CA ILE A 83 -10.48 -1.80 -0.85
C ILE A 83 -9.99 -2.40 -2.18
N GLU A 84 -10.09 -1.67 -3.29
CA GLU A 84 -9.43 -2.05 -4.57
C GLU A 84 -8.95 -0.79 -5.32
N TYR A 85 -7.67 -0.82 -5.79
CA TYR A 85 -7.10 0.27 -6.60
C TYR A 85 -6.13 -0.25 -7.70
N LEU A 86 -5.74 0.67 -8.58
CA LEU A 86 -4.83 0.44 -9.70
C LEU A 86 -3.61 1.38 -9.52
N ASP A 87 -2.38 0.83 -9.48
CA ASP A 87 -1.18 1.68 -9.32
C ASP A 87 -0.62 2.07 -10.71
N TYR A 88 -0.85 3.34 -11.09
CA TYR A 88 -0.27 3.95 -12.29
C TYR A 88 0.85 4.92 -11.88
N PHE A 89 2.09 4.67 -12.31
CA PHE A 89 3.19 5.65 -12.14
C PHE A 89 2.84 6.96 -12.89
N ALA A 90 3.33 8.12 -12.42
CA ALA A 90 3.02 9.41 -13.07
C ALA A 90 4.20 9.91 -13.93
N THR A 91 3.87 10.52 -15.08
CA THR A 91 4.84 11.07 -16.06
C THR A 91 5.70 12.24 -15.49
N SER A 92 5.23 12.83 -14.38
CA SER A 92 5.78 14.08 -13.75
C SER A 92 5.31 15.35 -14.51
N LYS A 93 4.64 15.17 -15.66
CA LYS A 93 3.93 16.24 -16.40
C LYS A 93 2.52 16.47 -15.79
N GLY A 94 1.92 15.40 -15.23
CA GLY A 94 0.67 15.49 -14.47
C GLY A 94 -0.40 14.43 -14.84
N GLU A 95 0.03 13.29 -15.39
CA GLU A 95 -0.89 12.17 -15.74
C GLU A 95 -0.20 10.80 -15.57
N LYS A 96 -0.92 9.72 -15.91
CA LYS A 96 -0.37 8.34 -15.89
C LYS A 96 0.73 8.09 -16.96
N ASP A 97 1.69 7.22 -16.59
CA ASP A 97 2.83 6.83 -17.44
C ASP A 97 2.47 5.59 -18.30
N THR A 98 3.04 5.55 -19.52
CA THR A 98 2.80 4.46 -20.49
C THR A 98 4.05 3.55 -20.68
N SER A 99 5.18 3.93 -20.05
CA SER A 99 6.43 3.11 -20.10
C SER A 99 6.27 1.83 -19.27
N MET A 100 5.43 1.91 -18.22
CA MET A 100 4.96 0.74 -17.45
C MET A 100 3.41 0.65 -17.56
N PRO A 101 2.81 -0.58 -17.55
CA PRO A 101 1.34 -0.75 -17.54
C PRO A 101 0.72 -0.57 -16.12
N GLY A 102 -0.62 -0.53 -16.06
CA GLY A 102 -1.35 -0.33 -14.81
C GLY A 102 -1.26 -1.54 -13.87
N MET A 103 -0.50 -1.38 -12.77
CA MET A 103 -0.45 -2.35 -11.66
C MET A 103 -1.83 -2.42 -10.95
N HIS A 104 -2.14 -3.55 -10.27
CA HIS A 104 -3.47 -3.74 -9.63
C HIS A 104 -3.33 -4.42 -8.24
N ILE A 105 -3.78 -3.73 -7.17
CA ILE A 105 -3.89 -4.29 -5.81
C ILE A 105 -5.38 -4.28 -5.39
N THR A 106 -5.92 -5.46 -5.03
CA THR A 106 -7.24 -5.57 -4.38
C THR A 106 -7.06 -6.10 -2.96
N LEU A 107 -7.38 -5.28 -1.94
CA LEU A 107 -7.19 -5.69 -0.53
C LEU A 107 -8.56 -6.13 0.05
N ASN A 108 -8.67 -7.45 0.32
CA ASN A 108 -9.90 -8.08 0.83
C ASN A 108 -9.71 -8.53 2.29
N PHE A 109 -10.69 -8.22 3.15
CA PHE A 109 -10.65 -8.56 4.58
C PHE A 109 -10.56 -10.10 4.80
N GLU A 110 -9.47 -10.54 5.42
CA GLU A 110 -9.19 -11.97 5.67
C GLU A 110 -10.02 -12.51 6.85
N GLU A 111 -9.65 -12.10 8.08
CA GLU A 111 -10.27 -12.60 9.33
C GLU A 111 -10.46 -11.44 10.33
N VAL A 112 -11.50 -11.55 11.18
CA VAL A 112 -11.79 -10.55 12.22
C VAL A 112 -10.69 -10.55 13.32
N LYS A 113 -10.53 -11.71 14.00
CA LYS A 113 -9.51 -11.95 15.06
C LYS A 113 -9.70 -11.02 16.29
N GLY A 114 -9.26 -9.76 16.12
CA GLY A 114 -9.24 -8.73 17.16
C GLY A 114 -8.38 -7.57 16.68
N LYS A 115 -7.19 -7.94 16.18
CA LYS A 115 -6.33 -7.08 15.35
C LYS A 115 -6.79 -7.18 13.87
N THR A 116 -6.78 -6.04 13.16
CA THR A 116 -7.24 -5.96 11.75
C THR A 116 -6.33 -6.79 10.80
N THR A 117 -6.95 -7.67 10.00
CA THR A 117 -6.22 -8.48 9.00
C THR A 117 -6.85 -8.32 7.60
N VAL A 118 -6.16 -7.59 6.72
CA VAL A 118 -6.59 -7.40 5.32
C VAL A 118 -5.50 -7.96 4.35
N THR A 119 -5.91 -8.87 3.48
CA THR A 119 -5.04 -9.53 2.49
C THR A 119 -5.02 -8.77 1.15
N SER A 120 -3.87 -8.20 0.79
CA SER A 120 -3.67 -7.55 -0.51
C SER A 120 -3.41 -8.60 -1.63
N THR A 121 -4.41 -8.80 -2.48
CA THR A 121 -4.29 -9.60 -3.73
C THR A 121 -3.68 -8.70 -4.85
N SER A 122 -2.36 -8.81 -5.04
CA SER A 122 -1.60 -7.88 -5.92
C SER A 122 -1.20 -8.54 -7.25
N THR A 123 -1.92 -8.20 -8.35
CA THR A 123 -1.63 -8.74 -9.70
C THR A 123 -0.61 -7.83 -10.44
N PHE A 124 0.63 -8.30 -10.54
CA PHE A 124 1.77 -7.57 -11.18
C PHE A 124 1.65 -7.52 -12.74
N PRO A 125 2.42 -6.59 -13.43
CA PRO A 125 2.43 -6.45 -14.92
C PRO A 125 2.55 -7.81 -15.68
N THR A 126 3.52 -8.64 -15.26
CA THR A 126 3.72 -10.02 -15.78
C THR A 126 4.09 -10.99 -14.63
N GLU A 127 4.03 -12.30 -14.93
CA GLU A 127 4.48 -13.38 -14.01
C GLU A 127 5.97 -13.24 -13.61
N SER A 128 6.81 -12.71 -14.54
CA SER A 128 8.24 -12.46 -14.29
C SER A 128 8.47 -11.15 -13.49
N ALA A 129 7.61 -10.13 -13.73
CA ALA A 129 7.65 -8.86 -12.95
C ALA A 129 7.29 -9.11 -11.46
N ALA A 130 6.39 -10.07 -11.23
CA ALA A 130 6.04 -10.56 -9.88
C ALA A 130 7.16 -11.42 -9.29
N GLN A 131 7.70 -12.31 -10.14
CA GLN A 131 8.81 -13.22 -9.80
C GLN A 131 10.04 -12.50 -9.20
N GLN A 132 10.48 -11.41 -9.87
CA GLN A 132 11.62 -10.59 -9.40
C GLN A 132 11.36 -9.98 -7.99
N ALA A 133 10.09 -9.68 -7.68
CA ALA A 133 9.66 -9.23 -6.32
C ALA A 133 9.77 -10.38 -5.28
N ILE A 134 9.44 -11.62 -5.71
CA ILE A 134 9.54 -12.84 -4.86
C ILE A 134 11.02 -13.12 -4.49
N ASP A 135 11.91 -13.06 -5.50
CA ASP A 135 13.37 -13.19 -5.33
C ASP A 135 13.94 -12.04 -4.45
N MET A 136 13.36 -10.83 -4.61
CA MET A 136 13.75 -9.63 -3.84
C MET A 136 13.35 -9.76 -2.34
N GLY A 137 12.34 -10.61 -2.07
CA GLY A 137 11.79 -10.77 -0.73
C GLY A 137 10.59 -9.84 -0.50
N VAL A 138 9.55 -10.00 -1.35
CA VAL A 138 8.31 -9.18 -1.30
C VAL A 138 7.57 -9.28 0.06
N GLU A 139 7.77 -10.42 0.77
CA GLU A 139 7.29 -10.64 2.15
C GLU A 139 7.82 -9.52 3.09
N THR A 140 9.14 -9.29 3.05
CA THR A 140 9.83 -8.28 3.88
C THR A 140 9.67 -6.84 3.28
N GLY A 141 9.65 -6.75 1.94
CA GLY A 141 9.65 -5.47 1.22
C GLY A 141 8.36 -4.65 1.39
N MET A 142 7.20 -5.29 1.15
CA MET A 142 5.87 -4.66 1.40
C MET A 142 5.66 -4.41 2.90
N ASN A 143 6.18 -5.34 3.74
CA ASN A 143 6.07 -5.26 5.21
C ASN A 143 6.81 -4.02 5.78
N SER A 144 7.95 -3.62 5.16
CA SER A 144 8.75 -2.45 5.62
C SER A 144 7.90 -1.16 5.70
N THR A 145 7.05 -0.95 4.67
CA THR A 145 6.13 0.19 4.60
C THR A 145 4.90 0.00 5.55
N LEU A 146 4.45 -1.26 5.67
CA LEU A 146 3.30 -1.64 6.55
C LEU A 146 3.66 -1.64 8.06
N ASN A 147 4.95 -1.76 8.39
CA ASN A 147 5.45 -1.63 9.79
C ASN A 147 5.32 -0.16 10.25
N GLN A 148 5.37 0.77 9.29
CA GLN A 148 5.11 2.21 9.53
C GLN A 148 3.59 2.44 9.75
N LEU A 149 2.74 1.64 9.07
CA LEU A 149 1.27 1.63 9.28
C LEU A 149 0.92 1.15 10.70
N GLU A 150 1.58 0.07 11.14
CA GLU A 150 1.46 -0.46 12.51
C GLU A 150 1.76 0.65 13.56
N LYS A 151 2.94 1.31 13.42
CA LYS A 151 3.40 2.37 14.35
C LYS A 151 2.52 3.65 14.29
N LEU A 152 1.94 3.93 13.10
CA LEU A 152 0.93 5.00 12.92
C LEU A 152 -0.30 4.76 13.83
N LEU A 153 -0.84 3.55 13.73
CA LEU A 153 -2.06 3.12 14.45
C LEU A 153 -1.81 2.97 15.97
N ASN A 154 -0.56 2.64 16.33
CA ASN A 154 -0.09 2.60 17.73
C ASN A 154 0.09 4.03 18.31
N GLN A 155 0.35 5.00 17.39
CA GLN A 155 0.66 6.42 17.71
C GLN A 155 2.00 6.56 18.45
N LYS A 156 2.05 6.15 19.73
CA LYS A 156 3.28 6.17 20.56
C LYS A 156 3.62 4.74 21.06
N LEU A 157 4.44 4.03 20.27
CA LEU A 157 4.94 2.68 20.61
C LEU A 157 6.31 2.49 19.92
N GLU A 158 7.39 2.90 20.61
CA GLU A 158 8.76 2.61 20.14
C GLU A 158 9.12 1.15 20.51
N HIS A 159 9.70 0.95 21.73
CA HIS A 159 10.12 -0.38 22.24
C HIS A 159 10.89 -1.20 21.19
N HIS A 160 12.15 -0.77 20.92
CA HIS A 160 12.99 -1.38 19.86
C HIS A 160 13.46 -2.80 20.29
N HIS A 161 12.58 -3.78 20.03
CA HIS A 161 12.82 -5.20 20.36
C HIS A 161 13.81 -5.86 19.38
N HIS A 162 14.30 -7.04 19.78
CA HIS A 162 15.10 -7.92 18.91
C HIS A 162 14.22 -8.42 17.73
N HIS A 163 14.85 -8.64 16.55
CA HIS A 163 14.15 -8.92 15.25
C HIS A 163 13.49 -7.63 14.68
N HIS A 164 13.70 -7.37 13.38
CA HIS A 164 13.18 -6.19 12.67
C HIS A 164 11.91 -6.52 11.88
N MET A 1 0.47 -18.11 7.02
CA MET A 1 1.30 -16.97 7.54
C MET A 1 2.07 -16.29 6.39
N THR A 2 2.78 -17.10 5.58
CA THR A 2 3.60 -16.61 4.45
C THR A 2 2.72 -16.27 3.21
N ILE A 3 3.31 -15.57 2.23
CA ILE A 3 2.57 -15.00 1.08
C ILE A 3 2.37 -16.01 -0.09
N GLU A 4 1.22 -15.87 -0.78
CA GLU A 4 0.83 -16.72 -1.95
C GLU A 4 1.26 -16.03 -3.27
N LYS A 5 1.75 -16.83 -4.24
CA LYS A 5 2.24 -16.33 -5.56
C LYS A 5 1.52 -17.06 -6.71
N LYS A 6 0.78 -16.31 -7.54
CA LYS A 6 0.11 -16.84 -8.75
C LYS A 6 0.77 -16.25 -10.03
N LYS A 7 2.09 -16.53 -10.19
CA LYS A 7 2.93 -16.04 -11.32
C LYS A 7 3.11 -14.50 -11.32
N ASN A 8 2.08 -13.76 -11.80
CA ASN A 8 2.08 -12.28 -11.84
C ASN A 8 1.13 -11.71 -10.75
N LYS A 9 1.13 -12.35 -9.58
CA LYS A 9 0.30 -11.92 -8.41
C LYS A 9 0.97 -12.31 -7.06
N ILE A 10 1.07 -11.35 -6.12
CA ILE A 10 1.50 -11.58 -4.72
C ILE A 10 0.34 -11.25 -3.75
N ILE A 11 -0.10 -12.26 -2.99
CA ILE A 11 -1.11 -12.12 -1.93
C ILE A 11 -0.39 -11.81 -0.59
N PHE A 12 -0.47 -10.55 -0.14
CA PHE A 12 0.27 -10.05 1.04
C PHE A 12 -0.68 -9.90 2.25
N THR A 13 -0.60 -10.83 3.22
CA THR A 13 -1.43 -10.80 4.45
C THR A 13 -0.62 -10.27 5.65
N ARG A 14 -1.24 -9.38 6.46
CA ARG A 14 -0.57 -8.70 7.59
C ARG A 14 -1.60 -8.41 8.72
N THR A 15 -1.30 -8.91 9.94
CA THR A 15 -2.18 -8.77 11.11
C THR A 15 -1.82 -7.49 11.91
N PHE A 16 -2.66 -6.46 11.82
CA PHE A 16 -2.47 -5.13 12.49
C PHE A 16 -3.20 -5.09 13.85
N SER A 17 -2.50 -4.63 14.89
CA SER A 17 -3.11 -4.40 16.22
C SER A 17 -3.97 -3.11 16.20
N ALA A 18 -5.29 -3.29 15.91
CA ALA A 18 -6.25 -2.18 15.73
C ALA A 18 -7.65 -2.73 15.35
N PRO A 19 -8.77 -1.98 15.65
CA PRO A 19 -10.06 -2.20 14.96
C PRO A 19 -9.98 -1.80 13.45
N ILE A 20 -10.78 -2.49 12.62
CA ILE A 20 -10.72 -2.39 11.13
C ILE A 20 -11.00 -0.96 10.61
N ASN A 21 -11.70 -0.14 11.43
CA ASN A 21 -12.00 1.27 11.13
C ASN A 21 -10.69 2.07 10.89
N LYS A 22 -9.76 2.01 11.86
CA LYS A 22 -8.46 2.76 11.80
C LYS A 22 -7.63 2.30 10.58
N VAL A 23 -7.66 0.98 10.36
CA VAL A 23 -6.93 0.30 9.27
C VAL A 23 -7.43 0.80 7.89
N PHE A 24 -8.76 0.87 7.73
CA PHE A 24 -9.43 1.31 6.49
C PHE A 24 -9.21 2.83 6.23
N ASP A 25 -9.31 3.63 7.30
CA ASP A 25 -9.11 5.10 7.23
C ASP A 25 -7.65 5.46 6.84
N ALA A 26 -6.70 4.55 7.12
CA ALA A 26 -5.30 4.68 6.67
C ALA A 26 -5.16 4.65 5.12
N TYR A 27 -6.10 3.93 4.46
CA TYR A 27 -6.13 3.79 2.99
C TYR A 27 -7.03 4.87 2.32
N THR A 28 -8.01 5.41 3.08
CA THR A 28 -9.04 6.34 2.55
C THR A 28 -8.82 7.82 2.91
N LYS A 29 -8.01 8.09 3.93
CA LYS A 29 -7.71 9.47 4.41
C LYS A 29 -6.22 9.80 4.22
N ARG A 30 -5.93 10.92 3.51
CA ARG A 30 -4.53 11.30 3.15
C ARG A 30 -3.67 11.70 4.35
N GLU A 31 -4.31 12.27 5.38
CA GLU A 31 -3.64 12.67 6.64
C GLU A 31 -3.06 11.44 7.39
N LEU A 32 -3.51 10.24 7.01
CA LEU A 32 -2.98 8.96 7.52
C LEU A 32 -2.13 8.23 6.46
N PHE A 33 -2.58 8.31 5.19
CA PHE A 33 -1.97 7.58 4.05
C PHE A 33 -0.46 7.85 3.92
N GLU A 34 -0.08 9.13 3.86
CA GLU A 34 1.35 9.52 3.73
C GLU A 34 2.22 9.14 4.97
N GLN A 35 1.59 8.99 6.16
CA GLN A 35 2.32 8.61 7.41
C GLN A 35 2.95 7.19 7.34
N TRP A 36 2.30 6.26 6.63
CA TRP A 36 2.78 4.87 6.48
C TRP A 36 3.40 4.62 5.07
N PHE A 37 2.74 5.18 4.02
CA PHE A 37 3.12 4.93 2.60
C PHE A 37 4.39 5.71 2.21
N HIS A 38 5.53 5.10 2.49
CA HIS A 38 6.87 5.61 2.12
C HIS A 38 7.87 4.45 2.20
N PRO A 39 8.76 4.26 1.17
CA PRO A 39 9.71 3.11 1.12
C PRO A 39 10.68 3.06 2.33
N GLN A 40 11.87 3.71 2.25
CA GLN A 40 12.85 3.76 3.37
C GLN A 40 13.26 5.21 3.66
N ASP A 41 14.21 5.75 2.87
CA ASP A 41 14.79 7.10 3.07
C ASP A 41 13.95 8.19 2.35
N ALA A 42 13.07 7.75 1.44
CA ALA A 42 12.21 8.65 0.66
C ALA A 42 10.86 8.93 1.38
N SER A 43 10.51 10.23 1.45
CA SER A 43 9.21 10.72 1.99
C SER A 43 8.15 10.85 0.85
N VAL A 44 6.95 11.35 1.18
CA VAL A 44 5.80 11.42 0.24
C VAL A 44 4.98 12.73 0.42
N THR A 45 4.57 13.34 -0.72
CA THR A 45 3.77 14.58 -0.75
C THR A 45 2.45 14.34 -1.52
N VAL A 46 1.30 14.33 -0.81
CA VAL A 46 -0.02 14.13 -1.42
C VAL A 46 -0.63 15.47 -1.89
N TYR A 47 -0.70 15.67 -3.21
CA TYR A 47 -1.30 16.88 -3.85
C TYR A 47 -2.84 16.82 -3.82
N ASP A 48 -3.36 15.63 -4.13
CA ASP A 48 -4.80 15.36 -4.29
C ASP A 48 -5.13 13.93 -3.80
N PHE A 49 -6.38 13.70 -3.36
CA PHE A 49 -6.79 12.40 -2.78
C PHE A 49 -8.34 12.27 -2.77
N ASN A 50 -8.84 11.15 -3.35
CA ASN A 50 -10.27 10.79 -3.29
C ASN A 50 -10.43 9.25 -3.41
N ALA A 51 -10.69 8.58 -2.28
CA ALA A 51 -10.86 7.12 -2.22
C ALA A 51 -12.36 6.72 -2.31
N THR A 52 -12.81 6.48 -3.55
CA THR A 52 -14.20 6.06 -3.84
C THR A 52 -14.24 5.27 -5.18
N LYS A 53 -15.39 4.64 -5.48
CA LYS A 53 -15.59 3.95 -6.78
C LYS A 53 -15.55 4.98 -7.95
N GLY A 54 -14.49 4.90 -8.78
CA GLY A 54 -14.24 5.88 -9.85
C GLY A 54 -13.44 7.11 -9.41
N GLY A 55 -12.80 7.02 -8.23
CA GLY A 55 -11.96 8.11 -7.69
C GLY A 55 -10.48 7.94 -8.02
N SER A 56 -9.63 8.84 -7.48
CA SER A 56 -8.15 8.77 -7.67
C SER A 56 -7.39 9.69 -6.69
N ALA A 57 -6.06 9.49 -6.58
CA ALA A 57 -5.19 10.25 -5.65
C ALA A 57 -3.83 10.56 -6.30
N PHE A 58 -3.49 11.86 -6.42
CA PHE A 58 -2.18 12.31 -6.97
C PHE A 58 -1.20 12.63 -5.81
N TYR A 59 -0.07 11.90 -5.77
CA TYR A 59 1.01 12.10 -4.77
C TYR A 59 2.41 11.89 -5.41
N ALA A 60 3.48 12.16 -4.63
CA ALA A 60 4.87 12.08 -5.13
C ALA A 60 5.82 11.50 -4.08
N ILE A 61 6.66 10.55 -4.48
CA ILE A 61 7.72 9.97 -3.63
C ILE A 61 9.02 10.81 -3.73
N GLN A 62 9.26 11.63 -2.69
CA GLN A 62 10.44 12.51 -2.58
C GLN A 62 11.67 11.72 -2.03
N ALA A 63 12.56 11.30 -2.94
CA ALA A 63 13.86 10.66 -2.60
C ALA A 63 14.99 11.73 -2.53
N PRO A 64 16.13 11.48 -1.77
CA PRO A 64 17.24 12.46 -1.64
C PRO A 64 17.86 12.92 -2.99
N GLN A 65 17.88 12.00 -3.98
CA GLN A 65 18.54 12.24 -5.31
C GLN A 65 17.52 12.31 -6.47
N MET A 66 16.21 12.22 -6.17
CA MET A 66 15.14 12.04 -7.19
C MET A 66 13.75 12.41 -6.62
N ILE A 67 12.89 13.06 -7.42
CA ILE A 67 11.47 13.25 -7.05
C ILE A 67 10.60 12.49 -8.07
N SER A 68 10.02 11.36 -7.62
CA SER A 68 9.13 10.53 -8.44
C SER A 68 7.66 10.83 -8.11
N TYR A 69 6.74 10.46 -9.02
CA TYR A 69 5.28 10.69 -8.87
C TYR A 69 4.52 9.36 -8.99
N THR A 70 3.39 9.24 -8.28
CA THR A 70 2.52 8.04 -8.31
C THR A 70 1.05 8.44 -8.08
N ILE A 71 0.15 8.00 -8.98
CA ILE A 71 -1.31 8.18 -8.83
C ILE A 71 -2.00 6.83 -8.62
N ALA A 72 -2.81 6.71 -7.55
CA ALA A 72 -3.65 5.51 -7.31
C ALA A 72 -5.08 5.78 -7.80
N GLU A 73 -5.50 5.03 -8.83
CA GLU A 73 -6.87 5.10 -9.39
C GLU A 73 -7.80 4.16 -8.58
N TYR A 74 -8.73 4.73 -7.81
CA TYR A 74 -9.65 3.93 -6.98
C TYR A 74 -10.84 3.41 -7.81
N LEU A 75 -10.79 2.10 -8.17
CA LEU A 75 -11.78 1.45 -9.04
C LEU A 75 -13.10 1.22 -8.27
N GLN A 76 -12.99 0.55 -7.10
CA GLN A 76 -14.15 0.28 -6.22
C GLN A 76 -13.74 0.33 -4.73
N VAL A 77 -14.40 1.21 -3.96
CA VAL A 77 -14.25 1.27 -2.48
C VAL A 77 -15.64 1.02 -1.84
N ASP A 78 -15.80 -0.14 -1.17
CA ASP A 78 -17.09 -0.60 -0.62
C ASP A 78 -16.92 -1.08 0.85
N ALA A 79 -17.61 -0.40 1.80
CA ALA A 79 -17.58 -0.73 3.25
C ALA A 79 -16.15 -0.59 3.87
N PRO A 80 -15.97 -0.61 5.24
CA PRO A 80 -14.62 -0.71 5.87
C PRO A 80 -13.83 -2.04 5.60
N TYR A 81 -14.35 -2.91 4.71
CA TYR A 81 -13.87 -4.31 4.55
C TYR A 81 -13.25 -4.58 3.15
N TYR A 82 -13.65 -3.80 2.12
CA TYR A 82 -13.34 -4.11 0.71
C TYR A 82 -12.78 -2.87 -0.05
N ILE A 83 -11.48 -2.92 -0.42
CA ILE A 83 -10.82 -1.85 -1.20
C ILE A 83 -10.28 -2.44 -2.53
N GLU A 84 -10.44 -1.69 -3.64
CA GLU A 84 -9.85 -2.03 -4.94
C GLU A 84 -9.35 -0.75 -5.65
N TYR A 85 -8.05 -0.73 -6.01
CA TYR A 85 -7.46 0.38 -6.79
C TYR A 85 -6.33 -0.11 -7.74
N LEU A 86 -6.16 0.61 -8.84
CA LEU A 86 -5.03 0.47 -9.76
C LEU A 86 -3.86 1.40 -9.34
N ASP A 87 -2.65 0.84 -9.17
CA ASP A 87 -1.43 1.63 -8.84
C ASP A 87 -0.70 2.03 -10.15
N TYR A 88 -0.71 3.32 -10.49
CA TYR A 88 0.01 3.88 -11.65
C TYR A 88 1.20 4.73 -11.19
N PHE A 89 2.41 4.42 -11.69
CA PHE A 89 3.54 5.37 -11.64
C PHE A 89 3.18 6.59 -12.50
N ALA A 90 3.20 7.79 -11.92
CA ALA A 90 2.91 9.04 -12.64
C ALA A 90 4.21 9.69 -13.16
N THR A 91 4.07 10.39 -14.28
CA THR A 91 5.19 11.10 -14.95
C THR A 91 5.45 12.49 -14.32
N SER A 92 6.57 13.12 -14.70
CA SER A 92 6.94 14.51 -14.32
C SER A 92 5.96 15.57 -14.89
N LYS A 93 5.17 15.18 -15.92
CA LYS A 93 4.06 16.00 -16.47
C LYS A 93 2.89 16.11 -15.44
N GLY A 94 2.79 15.10 -14.56
CA GLY A 94 1.74 15.04 -13.53
C GLY A 94 0.48 14.28 -13.98
N GLU A 95 0.60 13.47 -15.05
CA GLU A 95 -0.54 12.75 -15.67
C GLU A 95 -0.46 11.23 -15.34
N LYS A 96 0.38 10.47 -16.09
CA LYS A 96 0.68 9.03 -15.81
C LYS A 96 1.84 8.55 -16.71
N ASP A 97 2.43 7.39 -16.39
CA ASP A 97 3.53 6.81 -17.18
C ASP A 97 3.01 5.72 -18.15
N THR A 98 3.43 5.82 -19.42
CA THR A 98 3.09 4.84 -20.48
C THR A 98 4.08 3.66 -20.51
N SER A 99 5.31 3.86 -19.99
CA SER A 99 6.40 2.86 -20.06
C SER A 99 6.07 1.56 -19.29
N MET A 100 5.43 1.69 -18.12
CA MET A 100 4.92 0.52 -17.35
C MET A 100 3.38 0.41 -17.45
N PRO A 101 2.80 -0.84 -17.47
CA PRO A 101 1.33 -1.05 -17.38
C PRO A 101 0.77 -0.78 -15.95
N GLY A 102 -0.57 -0.66 -15.86
CA GLY A 102 -1.25 -0.39 -14.58
C GLY A 102 -1.27 -1.59 -13.62
N MET A 103 -0.64 -1.41 -12.44
CA MET A 103 -0.67 -2.38 -11.32
C MET A 103 -2.10 -2.45 -10.69
N HIS A 104 -2.48 -3.58 -10.03
CA HIS A 104 -3.85 -3.76 -9.48
C HIS A 104 -3.85 -4.41 -8.06
N ILE A 105 -4.14 -3.61 -7.01
CA ILE A 105 -4.27 -4.11 -5.60
C ILE A 105 -5.76 -4.19 -5.18
N THR A 106 -6.13 -5.29 -4.50
CA THR A 106 -7.41 -5.41 -3.75
C THR A 106 -7.11 -5.80 -2.29
N LEU A 107 -7.49 -4.95 -1.32
CA LEU A 107 -7.25 -5.24 0.11
C LEU A 107 -8.57 -5.75 0.74
N ASN A 108 -8.54 -7.00 1.22
CA ASN A 108 -9.74 -7.73 1.69
C ASN A 108 -9.55 -8.17 3.16
N PHE A 109 -10.63 -8.18 3.93
CA PHE A 109 -10.64 -8.80 5.29
C PHE A 109 -10.62 -10.35 5.16
N GLU A 110 -9.83 -11.03 6.00
CA GLU A 110 -9.71 -12.52 5.95
C GLU A 110 -9.54 -13.16 7.36
N GLU A 111 -9.71 -12.35 8.43
CA GLU A 111 -9.68 -12.86 9.83
C GLU A 111 -10.26 -11.82 10.81
N VAL A 112 -11.39 -12.18 11.47
CA VAL A 112 -11.99 -11.36 12.54
C VAL A 112 -11.31 -11.68 13.90
N LYS A 113 -10.86 -10.63 14.61
CA LYS A 113 -10.09 -10.75 15.87
C LYS A 113 -9.95 -9.35 16.55
N GLY A 114 -9.30 -9.28 17.74
CA GLY A 114 -8.89 -8.01 18.35
C GLY A 114 -7.85 -7.26 17.49
N LYS A 115 -7.13 -8.04 16.66
CA LYS A 115 -6.34 -7.52 15.54
C LYS A 115 -7.15 -7.61 14.22
N THR A 116 -6.91 -6.67 13.31
CA THR A 116 -7.45 -6.71 11.93
C THR A 116 -6.42 -7.30 10.96
N THR A 117 -6.81 -8.33 10.20
CA THR A 117 -5.91 -9.02 9.26
C THR A 117 -6.43 -8.80 7.84
N VAL A 118 -5.78 -7.85 7.15
CA VAL A 118 -6.14 -7.45 5.79
C VAL A 118 -5.18 -8.10 4.76
N THR A 119 -5.75 -9.05 4.02
CA THR A 119 -5.06 -9.79 2.95
C THR A 119 -5.19 -9.05 1.60
N SER A 120 -4.08 -8.43 1.14
CA SER A 120 -4.04 -7.66 -0.11
C SER A 120 -3.66 -8.56 -1.31
N THR A 121 -4.62 -8.86 -2.19
CA THR A 121 -4.36 -9.57 -3.45
C THR A 121 -3.80 -8.56 -4.49
N SER A 122 -2.48 -8.61 -4.70
CA SER A 122 -1.78 -7.63 -5.55
C SER A 122 -1.37 -8.29 -6.88
N THR A 123 -2.12 -8.00 -7.94
CA THR A 123 -1.84 -8.52 -9.30
C THR A 123 -0.83 -7.60 -10.02
N PHE A 124 0.38 -8.12 -10.21
CA PHE A 124 1.43 -7.48 -11.02
C PHE A 124 1.09 -7.63 -12.53
N PRO A 125 1.61 -6.72 -13.42
CA PRO A 125 1.20 -6.67 -14.85
C PRO A 125 1.48 -8.01 -15.61
N THR A 126 2.78 -8.35 -15.76
CA THR A 126 3.25 -9.53 -16.52
C THR A 126 4.78 -9.67 -16.38
N GLU A 127 5.46 -10.45 -17.28
CA GLU A 127 6.94 -10.60 -17.33
C GLU A 127 7.48 -11.41 -16.11
N SER A 128 6.54 -12.06 -15.35
CA SER A 128 6.82 -12.69 -14.04
C SER A 128 7.39 -11.67 -13.02
N ALA A 129 6.91 -10.41 -13.12
CA ALA A 129 7.34 -9.28 -12.25
C ALA A 129 7.09 -9.57 -10.75
N ALA A 130 5.97 -10.25 -10.46
CA ALA A 130 5.62 -10.69 -9.09
C ALA A 130 6.58 -11.78 -8.55
N GLN A 131 6.89 -12.74 -9.43
CA GLN A 131 7.87 -13.81 -9.12
C GLN A 131 9.26 -13.22 -8.83
N GLN A 132 9.74 -12.33 -9.73
CA GLN A 132 11.07 -11.69 -9.60
C GLN A 132 11.13 -10.80 -8.33
N ALA A 133 9.98 -10.24 -7.94
CA ALA A 133 9.82 -9.51 -6.66
C ALA A 133 10.13 -10.45 -5.44
N ILE A 134 9.72 -11.71 -5.55
CA ILE A 134 10.07 -12.76 -4.54
C ILE A 134 11.58 -13.08 -4.57
N ASP A 135 12.17 -13.18 -5.78
CA ASP A 135 13.62 -13.45 -5.97
C ASP A 135 14.50 -12.33 -5.34
N MET A 136 14.07 -11.06 -5.46
CA MET A 136 14.81 -9.91 -4.88
C MET A 136 14.60 -9.82 -3.34
N GLY A 137 13.50 -10.43 -2.83
CA GLY A 137 13.17 -10.39 -1.40
C GLY A 137 12.46 -9.11 -0.97
N VAL A 138 11.49 -8.65 -1.78
CA VAL A 138 10.73 -7.41 -1.53
C VAL A 138 9.63 -7.61 -0.46
N GLU A 139 9.36 -8.89 -0.09
CA GLU A 139 8.36 -9.27 0.96
C GLU A 139 8.62 -8.49 2.27
N THR A 140 9.86 -8.56 2.78
CA THR A 140 10.27 -7.91 4.05
C THR A 140 10.26 -6.36 3.93
N GLY A 141 10.49 -5.84 2.70
CA GLY A 141 10.40 -4.39 2.43
C GLY A 141 8.97 -3.84 2.51
N MET A 142 8.02 -4.53 1.87
CA MET A 142 6.57 -4.19 1.91
C MET A 142 5.99 -4.45 3.32
N ASN A 143 6.54 -5.49 4.00
CA ASN A 143 6.21 -5.83 5.40
C ASN A 143 6.62 -4.68 6.33
N SER A 144 7.83 -4.12 6.10
CA SER A 144 8.38 -2.99 6.89
C SER A 144 7.51 -1.72 6.75
N THR A 145 7.00 -1.47 5.53
CA THR A 145 6.07 -0.34 5.24
C THR A 145 4.74 -0.51 6.02
N LEU A 146 4.24 -1.76 6.10
CA LEU A 146 3.03 -2.11 6.90
C LEU A 146 3.34 -2.12 8.42
N ASN A 147 4.61 -2.32 8.79
CA ASN A 147 5.07 -2.17 10.19
C ASN A 147 5.08 -0.67 10.58
N GLN A 148 5.34 0.23 9.61
CA GLN A 148 5.23 1.71 9.82
C GLN A 148 3.75 2.11 10.00
N LEU A 149 2.85 1.36 9.33
CA LEU A 149 1.38 1.48 9.50
C LEU A 149 0.97 1.03 10.92
N GLU A 150 1.69 0.04 11.48
CA GLU A 150 1.44 -0.44 12.86
C GLU A 150 1.70 0.68 13.91
N LYS A 151 2.76 1.50 13.68
CA LYS A 151 3.06 2.72 14.51
C LYS A 151 1.88 3.71 14.45
N LEU A 152 1.40 3.96 13.22
CA LEU A 152 0.28 4.90 12.94
C LEU A 152 -1.02 4.52 13.71
N LEU A 153 -1.44 3.26 13.54
CA LEU A 153 -2.74 2.77 14.07
C LEU A 153 -2.74 2.64 15.60
N ASN A 154 -1.63 2.15 16.17
CA ASN A 154 -1.44 2.07 17.64
C ASN A 154 -1.06 3.44 18.24
N GLN A 155 -0.57 4.37 17.37
CA GLN A 155 -0.12 5.74 17.73
C GLN A 155 1.18 5.70 18.61
N LYS A 156 1.05 5.23 19.86
CA LYS A 156 2.19 5.03 20.78
C LYS A 156 2.69 3.56 20.72
N LEU A 157 3.52 3.24 19.71
CA LEU A 157 4.12 1.88 19.55
C LEU A 157 5.31 1.93 18.56
N GLU A 158 6.53 2.12 19.09
CA GLU A 158 7.79 2.05 18.30
C GLU A 158 8.99 1.72 19.23
N HIS A 159 10.08 1.16 18.63
CA HIS A 159 11.35 0.77 19.35
C HIS A 159 11.21 -0.60 20.08
N HIS A 160 10.02 -0.85 20.67
CA HIS A 160 9.73 -2.11 21.41
C HIS A 160 9.68 -3.32 20.44
N HIS A 161 10.84 -3.98 20.26
CA HIS A 161 11.02 -5.13 19.33
C HIS A 161 10.68 -6.49 19.99
N HIS A 162 10.24 -6.48 21.27
CA HIS A 162 9.78 -7.69 21.98
C HIS A 162 8.49 -8.26 21.30
N HIS A 163 8.69 -9.18 20.34
CA HIS A 163 7.60 -9.74 19.51
C HIS A 163 7.42 -11.27 19.75
N HIS A 164 6.26 -11.79 19.32
CA HIS A 164 5.90 -13.22 19.43
C HIS A 164 4.85 -13.61 18.37
N MET A 1 5.93 -12.81 6.11
CA MET A 1 6.74 -14.05 6.25
C MET A 1 5.86 -15.28 5.94
N THR A 2 6.10 -15.90 4.76
CA THR A 2 5.34 -17.05 4.24
C THR A 2 3.86 -16.66 3.87
N ILE A 3 3.71 -15.95 2.74
CA ILE A 3 2.39 -15.59 2.14
C ILE A 3 2.11 -16.47 0.89
N GLU A 4 1.16 -16.04 0.03
CA GLU A 4 0.89 -16.70 -1.27
C GLU A 4 1.72 -16.04 -2.40
N LYS A 5 2.49 -16.87 -3.13
CA LYS A 5 3.36 -16.42 -4.24
C LYS A 5 2.84 -16.95 -5.61
N LYS A 6 2.47 -16.03 -6.51
CA LYS A 6 2.05 -16.35 -7.89
C LYS A 6 3.18 -15.91 -8.88
N LYS A 7 2.94 -16.05 -10.20
CA LYS A 7 3.94 -15.65 -11.23
C LYS A 7 4.01 -14.12 -11.39
N ASN A 8 2.92 -13.52 -11.91
CA ASN A 8 2.81 -12.04 -12.09
C ASN A 8 1.87 -11.42 -11.04
N LYS A 9 1.76 -12.08 -9.88
CA LYS A 9 0.92 -11.62 -8.76
C LYS A 9 1.55 -12.04 -7.41
N ILE A 10 1.37 -11.21 -6.39
CA ILE A 10 1.77 -11.50 -5.00
C ILE A 10 0.60 -11.19 -4.05
N ILE A 11 0.12 -12.21 -3.33
CA ILE A 11 -0.97 -12.07 -2.37
C ILE A 11 -0.38 -12.00 -0.94
N PHE A 12 -0.39 -10.78 -0.36
CA PHE A 12 0.25 -10.47 0.94
C PHE A 12 -0.80 -10.43 2.07
N THR A 13 -0.39 -10.80 3.29
CA THR A 13 -1.26 -10.70 4.50
C THR A 13 -0.46 -10.11 5.69
N ARG A 14 -1.13 -9.27 6.50
CA ARG A 14 -0.52 -8.59 7.67
C ARG A 14 -1.58 -8.31 8.75
N THR A 15 -1.28 -8.70 10.00
CA THR A 15 -2.18 -8.51 11.15
C THR A 15 -1.72 -7.30 12.01
N PHE A 16 -2.52 -6.21 11.99
CA PHE A 16 -2.26 -4.98 12.78
C PHE A 16 -3.02 -5.05 14.13
N SER A 17 -2.36 -4.61 15.23
CA SER A 17 -3.04 -4.47 16.54
C SER A 17 -3.87 -3.16 16.55
N ALA A 18 -5.16 -3.27 16.15
CA ALA A 18 -6.07 -2.12 15.95
C ALA A 18 -7.46 -2.59 15.47
N PRO A 19 -8.53 -1.75 15.64
CA PRO A 19 -9.79 -1.91 14.88
C PRO A 19 -9.60 -1.61 13.36
N ILE A 20 -10.30 -2.40 12.51
CA ILE A 20 -10.16 -2.35 11.03
C ILE A 20 -10.59 -0.99 10.42
N ASN A 21 -11.42 -0.26 11.17
CA ASN A 21 -11.90 1.10 10.81
C ASN A 21 -10.70 2.06 10.58
N LYS A 22 -9.74 2.06 11.52
CA LYS A 22 -8.52 2.93 11.46
C LYS A 22 -7.64 2.56 10.23
N VAL A 23 -7.56 1.25 9.99
CA VAL A 23 -6.80 0.64 8.89
C VAL A 23 -7.37 1.06 7.52
N PHE A 24 -8.70 1.10 7.43
CA PHE A 24 -9.43 1.58 6.23
C PHE A 24 -9.26 3.11 6.04
N ASP A 25 -9.24 3.87 7.17
CA ASP A 25 -8.97 5.33 7.15
C ASP A 25 -7.59 5.65 6.54
N ALA A 26 -6.62 4.75 6.77
CA ALA A 26 -5.25 4.88 6.20
C ALA A 26 -5.24 4.74 4.65
N TYR A 27 -6.23 4.02 4.09
CA TYR A 27 -6.37 3.79 2.63
C TYR A 27 -7.26 4.88 1.96
N THR A 28 -7.92 5.75 2.76
CA THR A 28 -8.90 6.76 2.27
C THR A 28 -8.50 8.22 2.60
N LYS A 29 -7.71 8.40 3.65
CA LYS A 29 -7.29 9.74 4.14
C LYS A 29 -5.79 9.97 3.83
N ARG A 30 -5.48 11.11 3.19
CA ARG A 30 -4.11 11.44 2.74
C ARG A 30 -3.16 11.75 3.91
N GLU A 31 -3.67 12.48 4.91
CA GLU A 31 -2.95 12.88 6.13
C GLU A 31 -2.49 11.65 6.97
N LEU A 32 -3.12 10.49 6.72
CA LEU A 32 -2.72 9.21 7.34
C LEU A 32 -1.83 8.40 6.38
N PHE A 33 -2.24 8.39 5.09
CA PHE A 33 -1.57 7.65 3.99
C PHE A 33 -0.08 8.03 3.86
N GLU A 34 0.22 9.33 3.97
CA GLU A 34 1.62 9.84 3.87
C GLU A 34 2.44 9.59 5.16
N GLN A 35 1.78 9.14 6.26
CA GLN A 35 2.48 8.75 7.50
C GLN A 35 3.06 7.31 7.42
N TRP A 36 2.46 6.44 6.57
CA TRP A 36 2.84 5.00 6.50
C TRP A 36 3.36 4.58 5.09
N PHE A 37 2.69 5.02 4.02
CA PHE A 37 2.96 4.54 2.64
C PHE A 37 4.24 5.16 2.06
N HIS A 38 5.37 4.55 2.40
CA HIS A 38 6.70 4.89 1.85
C HIS A 38 7.64 3.66 2.01
N PRO A 39 8.58 3.40 1.02
CA PRO A 39 9.45 2.20 1.02
C PRO A 39 10.18 1.98 2.38
N GLN A 40 11.01 2.97 2.79
CA GLN A 40 11.59 3.04 4.15
C GLN A 40 12.35 4.38 4.34
N ASP A 41 13.54 4.48 3.73
CA ASP A 41 14.44 5.66 3.83
C ASP A 41 13.88 6.86 3.03
N ALA A 42 13.23 6.55 1.90
CA ALA A 42 12.51 7.54 1.08
C ALA A 42 11.14 7.89 1.72
N SER A 43 10.83 9.19 1.76
CA SER A 43 9.55 9.72 2.29
C SER A 43 8.49 9.84 1.16
N VAL A 44 7.31 10.39 1.49
CA VAL A 44 6.17 10.54 0.56
C VAL A 44 5.41 11.86 0.84
N THR A 45 4.84 12.47 -0.23
CA THR A 45 4.05 13.71 -0.15
C THR A 45 2.80 13.58 -1.04
N VAL A 46 1.60 13.56 -0.42
CA VAL A 46 0.32 13.45 -1.15
C VAL A 46 -0.26 14.86 -1.43
N TYR A 47 -0.41 15.20 -2.73
CA TYR A 47 -0.94 16.50 -3.18
C TYR A 47 -2.48 16.44 -3.35
N ASP A 48 -2.97 15.32 -3.92
CA ASP A 48 -4.40 15.09 -4.20
C ASP A 48 -4.81 13.68 -3.74
N PHE A 49 -6.05 13.53 -3.25
CA PHE A 49 -6.57 12.21 -2.79
C PHE A 49 -8.10 12.16 -2.92
N ASN A 50 -8.60 11.04 -3.49
CA ASN A 50 -10.05 10.76 -3.60
C ASN A 50 -10.27 9.23 -3.66
N ALA A 51 -10.74 8.62 -2.55
CA ALA A 51 -10.99 7.17 -2.47
C ALA A 51 -12.48 6.88 -2.20
N THR A 52 -13.32 7.00 -3.25
CA THR A 52 -14.77 6.75 -3.15
C THR A 52 -15.38 6.32 -4.52
N LYS A 53 -15.02 5.09 -4.96
CA LYS A 53 -15.62 4.42 -6.15
C LYS A 53 -15.44 5.23 -7.47
N GLY A 54 -14.43 4.84 -8.27
CA GLY A 54 -14.04 5.61 -9.48
C GLY A 54 -13.31 6.91 -9.16
N GLY A 55 -12.49 6.88 -8.09
CA GLY A 55 -11.67 8.05 -7.66
C GLY A 55 -10.19 7.90 -8.01
N SER A 56 -9.33 8.81 -7.47
CA SER A 56 -7.87 8.77 -7.69
C SER A 56 -7.09 9.58 -6.63
N ALA A 57 -5.83 9.18 -6.39
CA ALA A 57 -4.92 9.87 -5.44
C ALA A 57 -3.56 10.18 -6.11
N PHE A 58 -3.25 11.48 -6.30
CA PHE A 58 -1.94 11.94 -6.83
C PHE A 58 -0.96 12.21 -5.67
N TYR A 59 0.08 11.39 -5.60
CA TYR A 59 1.16 11.54 -4.60
C TYR A 59 2.54 11.35 -5.27
N ALA A 60 3.61 11.63 -4.53
CA ALA A 60 4.99 11.51 -5.01
C ALA A 60 5.91 10.95 -3.90
N ILE A 61 6.68 9.90 -4.22
CA ILE A 61 7.69 9.33 -3.32
C ILE A 61 8.94 10.24 -3.31
N GLN A 62 9.07 11.02 -2.23
CA GLN A 62 10.17 11.98 -2.05
C GLN A 62 11.41 11.25 -1.48
N ALA A 63 12.35 10.89 -2.36
CA ALA A 63 13.61 10.20 -1.99
C ALA A 63 14.75 11.21 -1.72
N PRO A 64 15.82 10.84 -0.91
CA PRO A 64 16.98 11.74 -0.60
C PRO A 64 17.62 12.48 -1.82
N GLN A 65 17.47 11.91 -3.03
CA GLN A 65 17.91 12.54 -4.30
C GLN A 65 16.71 12.84 -5.23
N MET A 66 15.96 11.78 -5.63
CA MET A 66 14.90 11.88 -6.66
C MET A 66 13.48 12.08 -6.05
N ILE A 67 12.52 12.51 -6.89
CA ILE A 67 11.07 12.56 -6.54
C ILE A 67 10.27 11.89 -7.69
N SER A 68 9.72 10.70 -7.43
CA SER A 68 8.94 9.92 -8.43
C SER A 68 7.42 10.07 -8.18
N TYR A 69 6.63 10.19 -9.25
CA TYR A 69 5.17 10.50 -9.18
C TYR A 69 4.32 9.23 -9.40
N THR A 70 3.15 9.15 -8.73
CA THR A 70 2.24 7.97 -8.82
C THR A 70 0.78 8.39 -8.53
N ILE A 71 -0.16 7.95 -9.39
CA ILE A 71 -1.61 8.12 -9.18
C ILE A 71 -2.27 6.72 -8.99
N ALA A 72 -2.97 6.51 -7.86
CA ALA A 72 -3.75 5.27 -7.62
C ALA A 72 -5.24 5.53 -7.93
N GLU A 73 -5.76 4.84 -8.96
CA GLU A 73 -7.20 4.92 -9.35
C GLU A 73 -8.04 3.97 -8.48
N TYR A 74 -8.87 4.52 -7.60
CA TYR A 74 -9.71 3.71 -6.69
C TYR A 74 -10.99 3.25 -7.40
N LEU A 75 -10.90 2.06 -8.03
CA LEU A 75 -11.95 1.52 -8.93
C LEU A 75 -13.22 1.17 -8.12
N GLN A 76 -13.05 0.42 -7.01
CA GLN A 76 -14.16 0.02 -6.11
C GLN A 76 -13.77 0.21 -4.63
N VAL A 77 -14.52 1.08 -3.92
CA VAL A 77 -14.30 1.35 -2.48
C VAL A 77 -15.62 1.09 -1.73
N ASP A 78 -15.62 0.10 -0.82
CA ASP A 78 -16.82 -0.29 -0.06
C ASP A 78 -16.47 -0.69 1.39
N ALA A 79 -16.58 0.30 2.32
CA ALA A 79 -16.50 0.07 3.79
C ALA A 79 -15.12 -0.49 4.27
N PRO A 80 -14.87 -0.63 5.63
CA PRO A 80 -13.76 -1.48 6.15
C PRO A 80 -13.95 -3.02 5.88
N TYR A 81 -14.34 -3.37 4.63
CA TYR A 81 -14.57 -4.77 4.20
C TYR A 81 -13.85 -5.06 2.87
N TYR A 82 -13.96 -4.14 1.88
CA TYR A 82 -13.37 -4.34 0.54
C TYR A 82 -12.80 -3.02 -0.05
N ILE A 83 -11.52 -3.07 -0.48
CA ILE A 83 -10.86 -1.96 -1.19
C ILE A 83 -10.31 -2.50 -2.54
N GLU A 84 -10.41 -1.68 -3.61
CA GLU A 84 -9.86 -2.00 -4.94
C GLU A 84 -9.28 -0.74 -5.61
N TYR A 85 -8.02 -0.80 -6.09
CA TYR A 85 -7.39 0.30 -6.85
C TYR A 85 -6.37 -0.22 -7.90
N LEU A 86 -6.02 0.67 -8.83
CA LEU A 86 -5.02 0.47 -9.89
C LEU A 86 -3.84 1.42 -9.63
N ASP A 87 -2.61 0.91 -9.50
CA ASP A 87 -1.44 1.75 -9.24
C ASP A 87 -0.78 2.13 -10.58
N TYR A 88 -0.95 3.41 -10.98
CA TYR A 88 -0.35 3.97 -12.20
C TYR A 88 0.88 4.81 -11.84
N PHE A 89 2.05 4.42 -12.37
CA PHE A 89 3.25 5.29 -12.39
C PHE A 89 2.90 6.59 -13.17
N ALA A 90 2.94 7.74 -12.48
CA ALA A 90 2.58 9.06 -13.07
C ALA A 90 3.83 9.80 -13.59
N THR A 91 3.59 10.98 -14.21
CA THR A 91 4.65 11.82 -14.82
C THR A 91 4.61 13.25 -14.22
N SER A 92 5.42 14.18 -14.77
CA SER A 92 5.51 15.59 -14.29
C SER A 92 4.15 16.35 -14.39
N LYS A 93 3.31 15.94 -15.37
CA LYS A 93 1.95 16.52 -15.55
C LYS A 93 0.87 15.71 -14.78
N GLY A 94 1.34 14.81 -13.89
CA GLY A 94 0.48 13.83 -13.23
C GLY A 94 0.06 12.71 -14.21
N GLU A 95 -1.09 12.93 -14.86
CA GLU A 95 -1.77 11.98 -15.80
C GLU A 95 -1.44 10.47 -15.56
N LYS A 96 -0.36 10.01 -16.22
CA LYS A 96 0.13 8.62 -16.22
C LYS A 96 1.38 8.56 -17.13
N ASP A 97 2.22 7.54 -16.95
CA ASP A 97 3.46 7.38 -17.74
C ASP A 97 3.25 6.45 -18.96
N THR A 98 2.33 5.45 -18.80
CA THR A 98 1.86 4.55 -19.90
C THR A 98 2.91 3.44 -20.29
N SER A 99 4.19 3.60 -19.87
CA SER A 99 5.25 2.59 -20.14
C SER A 99 5.02 1.26 -19.38
N MET A 100 4.07 1.26 -18.42
CA MET A 100 3.63 0.06 -17.69
C MET A 100 2.09 0.11 -17.44
N PRO A 101 1.39 -1.07 -17.36
CA PRO A 101 -0.08 -1.14 -17.01
C PRO A 101 -0.39 -0.75 -15.53
N GLY A 102 -1.70 -0.59 -15.23
CA GLY A 102 -2.17 -0.26 -13.88
C GLY A 102 -2.16 -1.47 -12.93
N MET A 103 -1.20 -1.47 -11.99
CA MET A 103 -0.98 -2.55 -11.01
C MET A 103 -2.22 -2.72 -10.08
N HIS A 104 -3.01 -3.79 -10.32
CA HIS A 104 -4.35 -3.97 -9.70
C HIS A 104 -4.30 -4.67 -8.31
N ILE A 105 -4.40 -3.86 -7.22
CA ILE A 105 -4.44 -4.38 -5.83
C ILE A 105 -5.92 -4.42 -5.33
N THR A 106 -6.36 -5.59 -4.84
CA THR A 106 -7.67 -5.75 -4.16
C THR A 106 -7.47 -6.32 -2.75
N LEU A 107 -7.81 -5.52 -1.73
CA LEU A 107 -7.55 -5.87 -0.32
C LEU A 107 -8.88 -6.32 0.35
N ASN A 108 -8.83 -7.45 1.07
CA ASN A 108 -10.03 -8.14 1.62
C ASN A 108 -9.90 -8.33 3.13
N PHE A 109 -11.02 -8.21 3.86
CA PHE A 109 -11.03 -8.27 5.35
C PHE A 109 -11.04 -9.74 5.86
N GLU A 110 -10.41 -9.95 7.04
CA GLU A 110 -10.51 -11.20 7.81
C GLU A 110 -10.13 -10.95 9.30
N GLU A 111 -11.02 -10.22 10.01
CA GLU A 111 -10.90 -9.97 11.47
C GLU A 111 -11.21 -11.27 12.27
N VAL A 112 -10.48 -11.50 13.38
CA VAL A 112 -10.62 -12.74 14.19
C VAL A 112 -10.74 -12.44 15.72
N LYS A 113 -9.84 -11.62 16.31
CA LYS A 113 -9.72 -11.48 17.81
C LYS A 113 -9.43 -10.01 18.25
N GLY A 114 -9.99 -9.03 17.53
CA GLY A 114 -9.77 -7.60 17.84
C GLY A 114 -8.48 -7.04 17.23
N LYS A 115 -7.80 -7.85 16.40
CA LYS A 115 -6.61 -7.46 15.64
C LYS A 115 -6.89 -7.59 14.13
N THR A 116 -6.80 -6.47 13.41
CA THR A 116 -7.11 -6.38 11.97
C THR A 116 -6.19 -7.28 11.13
N THR A 117 -6.77 -7.99 10.16
CA THR A 117 -5.98 -8.75 9.17
C THR A 117 -6.62 -8.49 7.78
N VAL A 118 -5.90 -7.74 6.93
CA VAL A 118 -6.36 -7.38 5.58
C VAL A 118 -5.36 -7.92 4.53
N THR A 119 -5.83 -8.92 3.75
CA THR A 119 -5.01 -9.62 2.75
C THR A 119 -5.11 -8.94 1.36
N SER A 120 -3.98 -8.41 0.86
CA SER A 120 -3.89 -7.69 -0.43
C SER A 120 -3.59 -8.67 -1.59
N THR A 121 -4.38 -8.61 -2.67
CA THR A 121 -4.14 -9.38 -3.91
C THR A 121 -3.55 -8.42 -4.97
N SER A 122 -2.21 -8.44 -5.11
CA SER A 122 -1.45 -7.45 -5.91
C SER A 122 -1.05 -8.02 -7.29
N THR A 123 -1.70 -7.53 -8.36
CA THR A 123 -1.41 -7.96 -9.75
C THR A 123 -0.28 -7.09 -10.37
N PHE A 124 0.89 -7.72 -10.55
CA PHE A 124 2.09 -7.09 -11.15
C PHE A 124 2.06 -7.19 -12.72
N PRO A 125 2.88 -6.34 -13.46
CA PRO A 125 2.84 -6.26 -14.95
C PRO A 125 3.49 -7.47 -15.70
N THR A 126 2.75 -8.61 -15.69
CA THR A 126 2.96 -9.85 -16.52
C THR A 126 4.37 -10.50 -16.47
N GLU A 127 4.45 -11.75 -17.01
CA GLU A 127 5.70 -12.53 -17.25
C GLU A 127 6.68 -12.53 -16.05
N SER A 128 6.17 -12.99 -14.89
CA SER A 128 6.96 -13.17 -13.65
C SER A 128 7.55 -11.84 -13.08
N ALA A 129 6.95 -10.68 -13.45
CA ALA A 129 7.34 -9.36 -12.89
C ALA A 129 7.24 -9.34 -11.35
N ALA A 130 6.23 -10.06 -10.83
CA ALA A 130 6.07 -10.26 -9.38
C ALA A 130 7.17 -11.16 -8.78
N GLN A 131 7.51 -12.26 -9.48
CA GLN A 131 8.62 -13.17 -9.08
C GLN A 131 9.95 -12.42 -8.90
N GLN A 132 10.29 -11.55 -9.87
CA GLN A 132 11.51 -10.70 -9.81
C GLN A 132 11.54 -9.86 -8.49
N ALA A 133 10.36 -9.37 -8.09
CA ALA A 133 10.16 -8.65 -6.81
C ALA A 133 10.33 -9.58 -5.58
N ILE A 134 9.85 -10.84 -5.69
CA ILE A 134 10.00 -11.88 -4.62
C ILE A 134 11.49 -12.13 -4.31
N ASP A 135 12.29 -12.30 -5.38
CA ASP A 135 13.77 -12.49 -5.28
C ASP A 135 14.47 -11.21 -4.75
N MET A 136 13.87 -10.04 -5.03
CA MET A 136 14.35 -8.73 -4.52
C MET A 136 14.10 -8.59 -2.99
N GLY A 137 13.04 -9.25 -2.50
CA GLY A 137 12.64 -9.22 -1.08
C GLY A 137 11.46 -8.28 -0.80
N VAL A 138 10.51 -8.24 -1.75
CA VAL A 138 9.33 -7.35 -1.69
C VAL A 138 8.40 -7.68 -0.48
N GLU A 139 8.37 -8.95 -0.04
CA GLU A 139 7.52 -9.41 1.09
C GLU A 139 7.94 -8.71 2.41
N THR A 140 9.25 -8.67 2.66
CA THR A 140 9.84 -7.95 3.82
C THR A 140 9.66 -6.41 3.65
N GLY A 141 9.72 -5.94 2.39
CA GLY A 141 9.47 -4.52 2.06
C GLY A 141 8.03 -4.04 2.31
N MET A 142 7.05 -4.89 1.95
CA MET A 142 5.61 -4.65 2.18
C MET A 142 5.33 -4.57 3.69
N ASN A 143 5.92 -5.54 4.42
CA ASN A 143 5.83 -5.62 5.89
C ASN A 143 6.41 -4.36 6.56
N SER A 144 7.55 -3.87 6.05
CA SER A 144 8.26 -2.68 6.62
C SER A 144 7.42 -1.38 6.45
N THR A 145 6.79 -1.23 5.27
CA THR A 145 5.87 -0.11 4.96
C THR A 145 4.57 -0.20 5.82
N LEU A 146 4.09 -1.43 6.04
CA LEU A 146 2.92 -1.72 6.91
C LEU A 146 3.27 -1.66 8.42
N ASN A 147 4.57 -1.79 8.77
CA ASN A 147 5.07 -1.55 10.14
C ASN A 147 4.88 -0.05 10.48
N GLN A 148 5.15 0.82 9.49
CA GLN A 148 4.90 2.27 9.60
C GLN A 148 3.39 2.56 9.88
N LEU A 149 2.51 1.70 9.32
CA LEU A 149 1.05 1.75 9.55
C LEU A 149 0.67 1.24 10.95
N GLU A 150 1.33 0.16 11.40
CA GLU A 150 1.12 -0.41 12.75
C GLU A 150 1.51 0.61 13.86
N LYS A 151 2.63 1.31 13.63
CA LYS A 151 3.14 2.37 14.56
C LYS A 151 2.23 3.64 14.52
N LEU A 152 1.63 3.92 13.34
CA LEU A 152 0.61 4.98 13.17
C LEU A 152 -0.65 4.72 14.06
N LEU A 153 -1.20 3.50 13.96
CA LEU A 153 -2.52 3.15 14.58
C LEU A 153 -2.39 2.83 16.09
N ASN A 154 -1.33 2.09 16.45
CA ASN A 154 -1.01 1.75 17.85
C ASN A 154 -0.47 2.98 18.62
N GLN A 155 0.25 3.87 17.89
CA GLN A 155 0.81 5.14 18.41
C GLN A 155 2.01 4.91 19.37
N LYS A 156 1.75 4.31 20.55
CA LYS A 156 2.81 4.07 21.59
C LYS A 156 3.68 2.81 21.31
N LEU A 157 3.47 2.15 20.15
CA LEU A 157 4.27 0.95 19.74
C LEU A 157 5.61 1.41 19.09
N GLU A 158 6.43 2.11 19.88
CA GLU A 158 7.75 2.62 19.45
C GLU A 158 8.80 1.48 19.55
N HIS A 159 9.14 1.14 20.80
CA HIS A 159 10.02 0.00 21.15
C HIS A 159 9.79 -0.35 22.64
N HIS A 160 8.53 -0.20 23.07
CA HIS A 160 8.11 -0.49 24.46
C HIS A 160 8.11 -2.03 24.68
N HIS A 161 9.30 -2.55 25.07
CA HIS A 161 9.65 -4.01 25.09
C HIS A 161 9.87 -4.58 23.66
N HIS A 162 10.54 -5.74 23.61
CA HIS A 162 10.88 -6.47 22.36
C HIS A 162 9.97 -7.72 22.20
N HIS A 163 9.48 -7.97 20.98
CA HIS A 163 8.43 -9.00 20.71
C HIS A 163 8.84 -9.96 19.57
N HIS A 164 8.66 -11.28 19.81
CA HIS A 164 8.84 -12.34 18.79
C HIS A 164 7.88 -13.51 19.07
N MET A 1 8.70 -14.85 4.50
CA MET A 1 7.78 -14.77 5.67
C MET A 1 6.46 -15.57 5.44
N THR A 2 6.45 -16.41 4.38
CA THR A 2 5.31 -17.28 3.99
C THR A 2 4.07 -16.48 3.54
N ILE A 3 4.03 -16.15 2.22
CA ILE A 3 2.84 -15.57 1.56
C ILE A 3 2.46 -16.42 0.32
N GLU A 4 1.30 -16.11 -0.29
CA GLU A 4 0.81 -16.81 -1.49
C GLU A 4 1.05 -15.96 -2.76
N LYS A 5 1.57 -16.58 -3.84
CA LYS A 5 1.82 -15.89 -5.13
C LYS A 5 1.36 -16.74 -6.33
N LYS A 6 0.80 -16.09 -7.37
CA LYS A 6 0.41 -16.75 -8.66
C LYS A 6 1.01 -15.98 -9.86
N LYS A 7 2.22 -16.39 -10.32
CA LYS A 7 2.90 -15.87 -11.56
C LYS A 7 3.10 -14.32 -11.56
N ASN A 8 2.02 -13.56 -11.89
CA ASN A 8 2.00 -12.07 -11.88
C ASN A 8 1.01 -11.56 -10.79
N LYS A 9 0.95 -12.26 -9.65
CA LYS A 9 0.08 -11.92 -8.50
C LYS A 9 0.80 -12.21 -7.16
N ILE A 10 0.71 -11.26 -6.20
CA ILE A 10 1.24 -11.44 -4.82
C ILE A 10 0.11 -11.18 -3.77
N ILE A 11 -0.40 -12.27 -3.18
CA ILE A 11 -1.36 -12.23 -2.06
C ILE A 11 -0.60 -12.05 -0.72
N PHE A 12 -0.71 -10.85 -0.12
CA PHE A 12 0.10 -10.44 1.05
C PHE A 12 -0.79 -10.20 2.29
N THR A 13 -0.40 -10.79 3.43
CA THR A 13 -1.15 -10.67 4.71
C THR A 13 -0.34 -9.84 5.74
N ARG A 14 -1.05 -9.13 6.63
CA ARG A 14 -0.44 -8.37 7.75
C ARG A 14 -1.49 -8.11 8.87
N THR A 15 -1.06 -8.20 10.14
CA THR A 15 -1.98 -8.18 11.30
C THR A 15 -1.58 -7.08 12.30
N PHE A 16 -2.56 -6.25 12.71
CA PHE A 16 -2.39 -5.18 13.73
C PHE A 16 -3.54 -5.22 14.77
N SER A 17 -3.20 -5.00 16.06
CA SER A 17 -4.21 -4.84 17.12
C SER A 17 -4.77 -3.40 17.09
N ALA A 18 -5.91 -3.24 16.41
CA ALA A 18 -6.59 -1.94 16.19
C ALA A 18 -7.97 -2.19 15.56
N PRO A 19 -8.97 -1.27 15.75
CA PRO A 19 -10.26 -1.32 14.99
C PRO A 19 -10.02 -1.31 13.46
N ILE A 20 -10.78 -2.14 12.72
CA ILE A 20 -10.60 -2.30 11.24
C ILE A 20 -10.83 -0.99 10.47
N ASN A 21 -11.62 -0.09 11.07
CA ASN A 21 -12.01 1.19 10.46
C ASN A 21 -10.79 2.09 10.18
N LYS A 22 -9.89 2.26 11.19
CA LYS A 22 -8.66 3.08 11.03
C LYS A 22 -7.59 2.37 10.15
N VAL A 23 -7.59 1.03 10.19
CA VAL A 23 -6.72 0.20 9.32
C VAL A 23 -7.11 0.39 7.83
N PHE A 24 -8.42 0.48 7.60
CA PHE A 24 -9.03 0.78 6.29
C PHE A 24 -8.75 2.25 5.87
N ASP A 25 -8.88 3.19 6.84
CA ASP A 25 -8.67 4.63 6.61
C ASP A 25 -7.20 4.99 6.26
N ALA A 26 -6.27 4.04 6.50
CA ALA A 26 -4.87 4.13 6.02
C ALA A 26 -4.79 4.21 4.47
N TYR A 27 -5.77 3.55 3.82
CA TYR A 27 -5.89 3.49 2.35
C TYR A 27 -6.86 4.56 1.81
N THR A 28 -7.73 5.05 2.70
CA THR A 28 -8.93 5.83 2.32
C THR A 28 -8.81 7.34 2.67
N LYS A 29 -7.88 7.70 3.58
CA LYS A 29 -7.55 9.12 3.92
C LYS A 29 -6.03 9.36 3.76
N ARG A 30 -5.62 10.49 3.14
CA ARG A 30 -4.18 10.80 2.92
C ARG A 30 -3.48 11.12 4.24
N GLU A 31 -4.24 11.64 5.24
CA GLU A 31 -3.72 11.96 6.59
C GLU A 31 -2.87 10.81 7.14
N LEU A 32 -3.38 9.61 6.94
CA LEU A 32 -2.74 8.37 7.39
C LEU A 32 -1.84 7.78 6.28
N PHE A 33 -2.32 7.83 5.02
CA PHE A 33 -1.63 7.23 3.84
C PHE A 33 -0.17 7.73 3.68
N GLU A 34 0.02 9.07 3.64
CA GLU A 34 1.36 9.68 3.49
C GLU A 34 2.21 9.66 4.81
N GLN A 35 1.74 8.96 5.84
CA GLN A 35 2.56 8.67 7.06
C GLN A 35 3.15 7.23 7.02
N TRP A 36 2.43 6.26 6.42
CA TRP A 36 2.89 4.85 6.38
C TRP A 36 3.54 4.45 5.02
N PHE A 37 2.90 4.84 3.90
CA PHE A 37 3.29 4.35 2.55
C PHE A 37 4.55 5.09 2.02
N HIS A 38 5.72 4.67 2.52
CA HIS A 38 7.02 5.24 2.11
C HIS A 38 8.17 4.22 2.35
N PRO A 39 9.27 4.26 1.53
CA PRO A 39 10.42 3.33 1.66
C PRO A 39 11.49 3.77 2.70
N GLN A 40 12.71 3.20 2.58
CA GLN A 40 13.83 3.37 3.52
C GLN A 40 14.31 4.84 3.64
N ASP A 41 13.96 5.49 4.79
CA ASP A 41 14.38 6.89 5.12
C ASP A 41 13.93 7.95 4.08
N ALA A 42 13.02 7.56 3.18
CA ALA A 42 12.40 8.44 2.20
C ALA A 42 10.93 8.67 2.59
N SER A 43 10.50 9.92 2.59
CA SER A 43 9.12 10.33 2.98
C SER A 43 8.18 10.32 1.76
N VAL A 44 6.92 10.73 1.98
CA VAL A 44 5.88 10.84 0.94
C VAL A 44 4.88 11.97 1.27
N THR A 45 4.38 12.67 0.24
CA THR A 45 3.33 13.70 0.38
C THR A 45 2.34 13.59 -0.81
N VAL A 46 1.04 13.65 -0.50
CA VAL A 46 -0.03 13.53 -1.49
C VAL A 46 -0.55 14.93 -1.91
N TYR A 47 -0.41 15.26 -3.21
CA TYR A 47 -0.84 16.55 -3.80
C TYR A 47 -2.37 16.61 -4.04
N ASP A 48 -2.98 15.43 -4.28
CA ASP A 48 -4.44 15.28 -4.49
C ASP A 48 -4.85 13.86 -4.07
N PHE A 49 -5.95 13.71 -3.30
CA PHE A 49 -6.39 12.39 -2.78
C PHE A 49 -7.93 12.29 -2.77
N ASN A 50 -8.48 11.35 -3.55
CA ASN A 50 -9.92 11.00 -3.52
C ASN A 50 -10.07 9.46 -3.54
N ALA A 51 -10.35 8.87 -2.37
CA ALA A 51 -10.52 7.41 -2.23
C ALA A 51 -12.02 7.04 -2.13
N THR A 52 -12.57 6.61 -3.26
CA THR A 52 -13.99 6.21 -3.40
C THR A 52 -14.16 5.29 -4.63
N LYS A 53 -15.36 4.76 -4.85
CA LYS A 53 -15.66 3.99 -6.08
C LYS A 53 -15.66 4.93 -7.30
N GLY A 54 -14.67 4.75 -8.18
CA GLY A 54 -14.40 5.69 -9.28
C GLY A 54 -13.54 6.90 -8.87
N GLY A 55 -12.69 6.72 -7.82
CA GLY A 55 -11.80 7.79 -7.32
C GLY A 55 -10.40 7.80 -7.94
N SER A 56 -9.50 8.69 -7.42
CA SER A 56 -8.09 8.82 -7.89
C SER A 56 -7.26 9.66 -6.88
N ALA A 57 -5.96 9.32 -6.72
CA ALA A 57 -5.06 10.01 -5.77
C ALA A 57 -3.64 10.22 -6.33
N PHE A 58 -3.25 11.48 -6.58
CA PHE A 58 -1.90 11.84 -7.07
C PHE A 58 -0.96 12.17 -5.87
N TYR A 59 0.07 11.33 -5.68
CA TYR A 59 1.10 11.51 -4.62
C TYR A 59 2.52 11.38 -5.20
N ALA A 60 3.53 11.64 -4.35
CA ALA A 60 4.96 11.55 -4.72
C ALA A 60 5.83 11.12 -3.52
N ILE A 61 6.74 10.17 -3.78
CA ILE A 61 7.74 9.70 -2.80
C ILE A 61 8.91 10.71 -2.72
N GLN A 62 8.96 11.45 -1.61
CA GLN A 62 10.00 12.48 -1.36
C GLN A 62 11.26 11.84 -0.73
N ALA A 63 12.28 11.60 -1.56
CA ALA A 63 13.60 11.08 -1.15
C ALA A 63 14.69 12.20 -1.23
N PRO A 64 15.82 12.13 -0.44
CA PRO A 64 16.85 13.22 -0.39
C PRO A 64 17.68 13.40 -1.71
N GLN A 65 17.43 12.56 -2.73
CA GLN A 65 18.09 12.67 -4.06
C GLN A 65 17.07 12.56 -5.23
N MET A 66 15.81 12.16 -4.93
CA MET A 66 14.80 11.84 -5.97
C MET A 66 13.35 12.07 -5.48
N ILE A 67 12.45 12.49 -6.39
CA ILE A 67 10.99 12.57 -6.10
C ILE A 67 10.23 11.75 -7.18
N SER A 68 9.46 10.74 -6.75
CA SER A 68 8.81 9.76 -7.68
C SER A 68 7.27 9.86 -7.62
N TYR A 69 6.66 10.28 -8.73
CA TYR A 69 5.22 10.63 -8.82
C TYR A 69 4.37 9.42 -9.26
N THR A 70 3.17 9.27 -8.67
CA THR A 70 2.28 8.09 -8.90
C THR A 70 0.81 8.45 -8.57
N ILE A 71 -0.13 8.03 -9.44
CA ILE A 71 -1.59 8.19 -9.21
C ILE A 71 -2.25 6.81 -9.03
N ALA A 72 -2.98 6.62 -7.91
CA ALA A 72 -3.78 5.39 -7.71
C ALA A 72 -5.25 5.66 -8.06
N GLU A 73 -5.76 4.99 -9.12
CA GLU A 73 -7.17 5.08 -9.55
C GLU A 73 -8.03 4.08 -8.73
N TYR A 74 -8.89 4.60 -7.85
CA TYR A 74 -9.71 3.74 -6.97
C TYR A 74 -10.94 3.22 -7.73
N LEU A 75 -10.85 1.97 -8.24
CA LEU A 75 -11.91 1.33 -9.03
C LEU A 75 -13.18 1.09 -8.16
N GLN A 76 -13.01 0.32 -7.07
CA GLN A 76 -14.09 0.06 -6.10
C GLN A 76 -13.54 0.08 -4.65
N VAL A 77 -13.97 1.07 -3.86
CA VAL A 77 -13.72 1.12 -2.40
C VAL A 77 -15.09 1.07 -1.70
N ASP A 78 -15.41 -0.07 -1.06
CA ASP A 78 -16.78 -0.37 -0.60
C ASP A 78 -16.73 -1.08 0.78
N ALA A 79 -17.31 -0.43 1.81
CA ALA A 79 -17.28 -0.88 3.23
C ALA A 79 -15.83 -0.85 3.82
N PRO A 80 -15.63 -0.90 5.19
CA PRO A 80 -14.27 -1.11 5.79
C PRO A 80 -13.73 -2.57 5.63
N TYR A 81 -14.21 -3.30 4.59
CA TYR A 81 -13.94 -4.74 4.41
C TYR A 81 -13.35 -5.05 3.01
N TYR A 82 -13.56 -4.16 2.01
CA TYR A 82 -13.04 -4.38 0.64
C TYR A 82 -12.51 -3.07 0.01
N ILE A 83 -11.26 -3.13 -0.51
CA ILE A 83 -10.63 -2.04 -1.25
C ILE A 83 -10.15 -2.59 -2.62
N GLU A 84 -10.32 -1.80 -3.68
CA GLU A 84 -9.82 -2.13 -5.03
C GLU A 84 -9.35 -0.85 -5.76
N TYR A 85 -8.07 -0.81 -6.15
CA TYR A 85 -7.50 0.30 -6.94
C TYR A 85 -6.43 -0.19 -7.94
N LEU A 86 -6.10 0.69 -8.88
CA LEU A 86 -5.09 0.47 -9.93
C LEU A 86 -3.96 1.49 -9.72
N ASP A 87 -2.72 1.03 -9.54
CA ASP A 87 -1.57 1.91 -9.30
C ASP A 87 -0.92 2.28 -10.65
N TYR A 88 -1.18 3.51 -11.10
CA TYR A 88 -0.60 4.06 -12.33
C TYR A 88 0.63 4.91 -12.01
N PHE A 89 1.75 4.56 -12.65
CA PHE A 89 2.98 5.38 -12.63
C PHE A 89 2.66 6.75 -13.30
N ALA A 90 3.11 7.87 -12.72
CA ALA A 90 2.84 9.21 -13.28
C ALA A 90 4.04 9.73 -14.10
N THR A 91 3.75 10.54 -15.14
CA THR A 91 4.76 11.11 -16.08
C THR A 91 5.46 12.38 -15.51
N SER A 92 5.50 12.48 -14.16
CA SER A 92 6.19 13.54 -13.36
C SER A 92 5.46 14.92 -13.36
N LYS A 93 4.68 15.19 -14.42
CA LYS A 93 3.95 16.47 -14.60
C LYS A 93 2.74 16.59 -13.65
N GLY A 94 1.92 15.52 -13.56
CA GLY A 94 0.69 15.54 -12.77
C GLY A 94 -0.31 14.46 -13.19
N GLU A 95 -0.16 13.94 -14.43
CA GLU A 95 -1.03 12.88 -15.00
C GLU A 95 -0.26 11.54 -15.13
N LYS A 96 -0.96 10.47 -15.57
CA LYS A 96 -0.36 9.11 -15.75
C LYS A 96 0.80 9.10 -16.78
N ASP A 97 1.60 8.03 -16.76
CA ASP A 97 2.80 7.86 -17.61
C ASP A 97 2.46 7.15 -18.95
N THR A 98 1.58 6.12 -18.88
CA THR A 98 1.06 5.37 -20.07
C THR A 98 2.08 4.32 -20.63
N SER A 99 3.42 4.56 -20.47
CA SER A 99 4.47 3.62 -20.94
C SER A 99 4.46 2.33 -20.09
N MET A 100 3.97 2.44 -18.85
CA MET A 100 3.66 1.28 -17.98
C MET A 100 2.13 1.18 -17.73
N PRO A 101 1.58 -0.07 -17.58
CA PRO A 101 0.11 -0.30 -17.41
C PRO A 101 -0.38 -0.20 -15.93
N GLY A 102 -1.70 -0.42 -15.72
CA GLY A 102 -2.33 -0.33 -14.40
C GLY A 102 -2.01 -1.52 -13.49
N MET A 103 -1.35 -1.25 -12.36
CA MET A 103 -0.97 -2.24 -11.34
C MET A 103 -2.19 -2.57 -10.41
N HIS A 104 -2.87 -3.70 -10.65
CA HIS A 104 -4.19 -4.03 -10.03
C HIS A 104 -4.07 -4.63 -8.59
N ILE A 105 -4.29 -3.78 -7.54
CA ILE A 105 -4.34 -4.24 -6.12
C ILE A 105 -5.82 -4.34 -5.64
N THR A 106 -6.18 -5.50 -5.02
CA THR A 106 -7.45 -5.68 -4.29
C THR A 106 -7.17 -6.19 -2.86
N LEU A 107 -7.48 -5.38 -1.84
CA LEU A 107 -7.26 -5.75 -0.43
C LEU A 107 -8.60 -6.18 0.21
N ASN A 108 -8.74 -7.45 0.56
CA ASN A 108 -9.96 -8.00 1.20
C ASN A 108 -9.69 -8.25 2.71
N PHE A 109 -10.73 -8.09 3.54
CA PHE A 109 -10.62 -8.23 5.02
C PHE A 109 -10.26 -9.68 5.47
N GLU A 110 -9.73 -9.77 6.70
CA GLU A 110 -9.37 -11.06 7.33
C GLU A 110 -9.43 -10.89 8.87
N GLU A 111 -10.06 -11.84 9.56
CA GLU A 111 -10.35 -11.77 11.01
C GLU A 111 -9.16 -12.23 11.87
N VAL A 112 -8.52 -13.35 11.44
CA VAL A 112 -7.44 -14.04 12.21
C VAL A 112 -7.94 -14.58 13.58
N LYS A 113 -8.10 -13.69 14.58
CA LYS A 113 -8.59 -14.06 15.94
C LYS A 113 -9.35 -12.88 16.59
N GLY A 114 -9.66 -11.86 15.77
CA GLY A 114 -10.20 -10.57 16.26
C GLY A 114 -9.23 -9.41 16.03
N LYS A 115 -7.92 -9.75 15.96
CA LYS A 115 -6.87 -8.79 15.54
C LYS A 115 -6.98 -8.53 14.02
N THR A 116 -7.14 -7.25 13.65
CA THR A 116 -7.45 -6.84 12.26
C THR A 116 -6.34 -7.20 11.25
N THR A 117 -6.76 -7.76 10.12
CA THR A 117 -5.88 -8.11 8.99
C THR A 117 -6.58 -7.75 7.66
N VAL A 118 -5.81 -7.26 6.68
CA VAL A 118 -6.34 -7.00 5.33
C VAL A 118 -5.35 -7.55 4.26
N THR A 119 -5.82 -8.58 3.57
CA THR A 119 -5.05 -9.36 2.59
C THR A 119 -4.98 -8.65 1.20
N SER A 120 -3.81 -8.05 0.88
CA SER A 120 -3.60 -7.35 -0.41
C SER A 120 -3.22 -8.33 -1.54
N THR A 121 -4.16 -8.56 -2.45
CA THR A 121 -3.92 -9.38 -3.66
C THR A 121 -3.52 -8.45 -4.84
N SER A 122 -2.21 -8.39 -5.10
CA SER A 122 -1.62 -7.52 -6.13
C SER A 122 -1.59 -8.26 -7.47
N THR A 123 -1.71 -7.54 -8.57
CA THR A 123 -1.54 -8.11 -9.91
C THR A 123 -0.48 -7.29 -10.69
N PHE A 124 0.73 -7.84 -10.76
CA PHE A 124 1.85 -7.29 -11.54
C PHE A 124 1.59 -7.44 -13.06
N PRO A 125 2.26 -6.61 -13.94
CA PRO A 125 1.97 -6.57 -15.39
C PRO A 125 2.27 -7.93 -16.11
N THR A 126 3.56 -8.31 -16.16
CA THR A 126 4.06 -9.46 -16.97
C THR A 126 5.58 -9.65 -16.73
N GLU A 127 6.23 -10.55 -17.53
CA GLU A 127 7.67 -10.93 -17.38
C GLU A 127 7.91 -11.65 -16.01
N SER A 128 6.81 -12.17 -15.42
CA SER A 128 6.78 -12.74 -14.05
C SER A 128 7.33 -11.74 -13.02
N ALA A 129 7.01 -10.44 -13.21
CA ALA A 129 7.47 -9.33 -12.33
C ALA A 129 7.13 -9.57 -10.83
N ALA A 130 6.02 -10.28 -10.59
CA ALA A 130 5.60 -10.69 -9.22
C ALA A 130 6.49 -11.79 -8.62
N GLN A 131 6.80 -12.82 -9.43
CA GLN A 131 7.75 -13.89 -9.05
C GLN A 131 9.15 -13.30 -8.75
N GLN A 132 9.65 -12.48 -9.69
CA GLN A 132 10.94 -11.78 -9.56
C GLN A 132 10.96 -10.82 -8.32
N ALA A 133 9.77 -10.31 -7.93
CA ALA A 133 9.60 -9.52 -6.68
C ALA A 133 9.79 -10.41 -5.42
N ILE A 134 9.33 -11.67 -5.49
CA ILE A 134 9.58 -12.68 -4.41
C ILE A 134 11.10 -12.98 -4.30
N ASP A 135 11.77 -13.08 -5.46
CA ASP A 135 13.25 -13.20 -5.53
C ASP A 135 13.96 -11.93 -5.01
N MET A 136 13.29 -10.77 -5.14
CA MET A 136 13.77 -9.47 -4.61
C MET A 136 13.56 -9.36 -3.07
N GLY A 137 12.73 -10.27 -2.52
CA GLY A 137 12.39 -10.25 -1.09
C GLY A 137 11.42 -9.13 -0.73
N VAL A 138 10.41 -8.95 -1.60
CA VAL A 138 9.38 -7.88 -1.50
C VAL A 138 8.59 -7.95 -0.16
N GLU A 139 8.55 -9.16 0.44
CA GLU A 139 7.94 -9.38 1.77
C GLU A 139 8.57 -8.47 2.84
N THR A 140 9.91 -8.52 2.93
CA THR A 140 10.69 -7.76 3.94
C THR A 140 10.53 -6.24 3.74
N GLY A 141 10.61 -5.79 2.47
CA GLY A 141 10.47 -4.36 2.11
C GLY A 141 9.08 -3.78 2.45
N MET A 142 8.02 -4.52 2.06
CA MET A 142 6.62 -4.11 2.33
C MET A 142 6.28 -4.20 3.84
N ASN A 143 6.89 -5.18 4.57
CA ASN A 143 6.73 -5.29 6.04
C ASN A 143 7.36 -4.07 6.78
N SER A 144 8.42 -3.48 6.20
CA SER A 144 9.05 -2.23 6.74
C SER A 144 8.12 -1.00 6.52
N THR A 145 7.46 -0.95 5.35
CA THR A 145 6.46 0.11 5.03
C THR A 145 5.18 -0.05 5.91
N LEU A 146 4.81 -1.30 6.19
CA LEU A 146 3.70 -1.65 7.13
C LEU A 146 4.13 -1.51 8.60
N ASN A 147 5.44 -1.59 8.86
CA ASN A 147 6.03 -1.29 10.19
C ASN A 147 5.87 0.22 10.51
N GLN A 148 5.74 1.05 9.46
CA GLN A 148 5.36 2.47 9.60
C GLN A 148 3.84 2.61 9.89
N LEU A 149 3.02 1.69 9.32
CA LEU A 149 1.55 1.61 9.58
C LEU A 149 1.28 1.21 11.06
N GLU A 150 2.15 0.36 11.61
CA GLU A 150 2.20 0.04 13.06
C GLU A 150 2.28 1.34 13.91
N LYS A 151 3.29 2.16 13.60
CA LYS A 151 3.61 3.40 14.35
C LYS A 151 2.56 4.51 14.11
N LEU A 152 1.93 4.45 12.94
CA LEU A 152 0.82 5.33 12.54
C LEU A 152 -0.45 5.09 13.40
N LEU A 153 -0.85 3.81 13.50
CA LEU A 153 -2.06 3.40 14.25
C LEU A 153 -1.84 3.49 15.78
N ASN A 154 -0.57 3.43 16.21
CA ASN A 154 -0.16 3.75 17.60
C ASN A 154 -0.04 5.29 17.81
N GLN A 155 0.08 6.05 16.69
CA GLN A 155 0.15 7.53 16.64
C GLN A 155 1.44 8.11 17.30
N LYS A 156 2.35 8.67 16.45
CA LYS A 156 3.60 9.36 16.91
C LYS A 156 4.63 8.36 17.55
N LEU A 157 4.42 7.05 17.30
CA LEU A 157 5.29 5.97 17.85
C LEU A 157 6.43 5.64 16.86
N GLU A 158 7.10 6.69 16.31
CA GLU A 158 8.14 6.52 15.26
C GLU A 158 9.51 6.05 15.85
N HIS A 159 9.51 4.83 16.42
CA HIS A 159 10.67 4.20 17.11
C HIS A 159 10.47 2.67 17.22
N HIS A 160 11.62 1.95 17.33
CA HIS A 160 11.70 0.51 17.67
C HIS A 160 11.14 -0.44 16.56
N HIS A 161 12.05 -1.19 15.92
CA HIS A 161 11.70 -2.27 14.98
C HIS A 161 11.27 -3.53 15.77
N HIS A 162 9.97 -3.89 15.71
CA HIS A 162 9.44 -5.09 16.42
C HIS A 162 9.71 -6.37 15.60
N HIS A 163 10.79 -7.10 15.97
CA HIS A 163 11.14 -8.40 15.36
C HIS A 163 10.15 -9.50 15.81
N HIS A 164 9.65 -9.36 17.06
CA HIS A 164 8.51 -10.15 17.59
C HIS A 164 7.48 -9.21 18.25
N MET A 1 5.21 -16.57 9.69
CA MET A 1 5.33 -15.41 8.78
C MET A 1 5.81 -15.85 7.37
N THR A 2 4.84 -16.04 6.45
CA THR A 2 5.11 -16.43 5.04
C THR A 2 3.85 -16.21 4.18
N ILE A 3 4.03 -15.64 2.98
CA ILE A 3 2.90 -15.31 2.07
C ILE A 3 3.10 -15.94 0.67
N GLU A 4 2.01 -15.97 -0.13
CA GLU A 4 1.95 -16.75 -1.40
C GLU A 4 2.27 -15.87 -2.63
N LYS A 5 3.04 -16.44 -3.58
CA LYS A 5 3.40 -15.77 -4.87
C LYS A 5 3.19 -16.77 -6.04
N LYS A 6 2.54 -16.30 -7.13
CA LYS A 6 2.23 -17.12 -8.33
C LYS A 6 2.49 -16.31 -9.62
N LYS A 7 3.77 -16.30 -10.08
CA LYS A 7 4.23 -15.68 -11.36
C LYS A 7 3.99 -14.14 -11.43
N ASN A 8 2.73 -13.73 -11.65
CA ASN A 8 2.33 -12.30 -11.75
C ASN A 8 1.22 -11.96 -10.73
N LYS A 9 1.25 -12.61 -9.56
CA LYS A 9 0.28 -12.37 -8.46
C LYS A 9 0.92 -12.64 -7.08
N ILE A 10 0.92 -11.65 -6.19
CA ILE A 10 1.42 -11.79 -4.81
C ILE A 10 0.26 -11.61 -3.80
N ILE A 11 -0.07 -12.72 -3.11
CA ILE A 11 -1.08 -12.77 -2.06
C ILE A 11 -0.39 -12.51 -0.69
N PHE A 12 -0.58 -11.30 -0.14
CA PHE A 12 0.03 -10.87 1.14
C PHE A 12 -1.02 -10.88 2.28
N THR A 13 -0.59 -11.16 3.52
CA THR A 13 -1.47 -11.08 4.73
C THR A 13 -0.69 -10.46 5.91
N ARG A 14 -1.41 -9.72 6.79
CA ARG A 14 -0.80 -9.03 7.95
C ARG A 14 -1.90 -8.70 9.00
N THR A 15 -1.60 -9.01 10.28
CA THR A 15 -2.53 -8.76 11.41
C THR A 15 -2.09 -7.51 12.23
N PHE A 16 -2.93 -6.46 12.22
CA PHE A 16 -2.68 -5.18 12.93
C PHE A 16 -3.36 -5.19 14.32
N SER A 17 -2.69 -4.64 15.34
CA SER A 17 -3.29 -4.45 16.68
C SER A 17 -4.11 -3.13 16.69
N ALA A 18 -5.42 -3.24 16.37
CA ALA A 18 -6.32 -2.09 16.11
C ALA A 18 -7.69 -2.57 15.56
N PRO A 19 -8.77 -1.72 15.63
CA PRO A 19 -10.00 -1.93 14.81
C PRO A 19 -9.74 -1.64 13.30
N ILE A 20 -10.47 -2.36 12.42
CA ILE A 20 -10.27 -2.31 10.94
C ILE A 20 -10.58 -0.91 10.33
N ASN A 21 -11.41 -0.12 11.04
CA ASN A 21 -11.79 1.24 10.62
C ASN A 21 -10.56 2.17 10.46
N LYS A 22 -9.62 2.10 11.44
CA LYS A 22 -8.37 2.91 11.42
C LYS A 22 -7.45 2.46 10.27
N VAL A 23 -7.37 1.13 10.12
CA VAL A 23 -6.58 0.45 9.06
C VAL A 23 -7.05 0.92 7.67
N PHE A 24 -8.38 1.03 7.52
CA PHE A 24 -9.03 1.51 6.30
C PHE A 24 -8.81 3.04 6.08
N ASP A 25 -8.77 3.82 7.19
CA ASP A 25 -8.51 5.27 7.14
C ASP A 25 -7.10 5.61 6.59
N ALA A 26 -6.19 4.64 6.65
CA ALA A 26 -4.85 4.75 6.03
C ALA A 26 -4.91 4.76 4.49
N TYR A 27 -5.96 4.12 3.92
CA TYR A 27 -6.18 4.03 2.46
C TYR A 27 -7.14 5.14 1.95
N THR A 28 -7.78 5.88 2.90
CA THR A 28 -8.82 6.90 2.55
C THR A 28 -8.44 8.34 2.97
N LYS A 29 -7.57 8.48 3.96
CA LYS A 29 -7.11 9.81 4.48
C LYS A 29 -5.61 9.99 4.17
N ARG A 30 -5.27 11.04 3.38
CA ARG A 30 -3.87 11.27 2.92
C ARG A 30 -2.90 11.56 4.07
N GLU A 31 -3.41 12.23 5.11
CA GLU A 31 -2.65 12.57 6.34
C GLU A 31 -2.16 11.32 7.09
N LEU A 32 -2.76 10.15 6.81
CA LEU A 32 -2.31 8.85 7.36
C LEU A 32 -1.51 8.07 6.30
N PHE A 33 -2.00 8.13 5.04
CA PHE A 33 -1.40 7.43 3.87
C PHE A 33 0.12 7.76 3.72
N GLU A 34 0.45 9.05 3.77
CA GLU A 34 1.85 9.50 3.65
C GLU A 34 2.72 9.16 4.89
N GLN A 35 2.09 8.83 6.04
CA GLN A 35 2.82 8.45 7.28
C GLN A 35 3.33 6.99 7.26
N TRP A 36 2.64 6.08 6.52
CA TRP A 36 3.07 4.65 6.42
C TRP A 36 3.65 4.34 5.01
N PHE A 37 2.90 4.69 3.94
CA PHE A 37 3.25 4.31 2.54
C PHE A 37 4.42 5.16 1.99
N HIS A 38 5.65 4.75 2.28
CA HIS A 38 6.89 5.41 1.79
C HIS A 38 8.12 4.49 2.01
N PRO A 39 9.19 4.59 1.15
CA PRO A 39 10.42 3.76 1.30
C PRO A 39 11.29 4.16 2.53
N GLN A 40 12.36 3.37 2.76
CA GLN A 40 13.25 3.51 3.94
C GLN A 40 14.12 4.79 3.85
N ASP A 41 14.11 5.59 4.95
CA ASP A 41 14.86 6.88 5.05
C ASP A 41 14.37 7.95 4.04
N ALA A 42 13.11 7.80 3.55
CA ALA A 42 12.50 8.73 2.57
C ALA A 42 10.99 8.96 2.86
N SER A 43 10.47 10.08 2.34
CA SER A 43 9.07 10.52 2.54
C SER A 43 8.25 10.42 1.22
N VAL A 44 6.99 10.89 1.26
CA VAL A 44 6.09 10.91 0.08
C VAL A 44 5.16 12.17 0.14
N THR A 45 5.21 13.00 -0.92
CA THR A 45 4.34 14.19 -1.08
C THR A 45 3.02 13.82 -1.80
N VAL A 46 1.89 13.84 -1.08
CA VAL A 46 0.55 13.65 -1.68
C VAL A 46 -0.03 15.02 -2.09
N TYR A 47 -0.13 15.27 -3.41
CA TYR A 47 -0.65 16.52 -3.98
C TYR A 47 -2.20 16.57 -3.89
N ASP A 48 -2.83 15.44 -4.23
CA ASP A 48 -4.30 15.31 -4.29
C ASP A 48 -4.71 13.85 -3.95
N PHE A 49 -5.94 13.67 -3.40
CA PHE A 49 -6.38 12.36 -2.88
C PHE A 49 -7.93 12.26 -2.86
N ASN A 50 -8.46 11.19 -3.47
CA ASN A 50 -9.92 10.88 -3.48
C ASN A 50 -10.09 9.34 -3.47
N ALA A 51 -10.46 8.78 -2.31
CA ALA A 51 -10.62 7.32 -2.14
C ALA A 51 -12.10 6.90 -2.14
N THR A 52 -12.59 6.57 -3.35
CA THR A 52 -13.97 6.11 -3.57
C THR A 52 -14.04 5.31 -4.90
N LYS A 53 -15.14 4.58 -5.13
CA LYS A 53 -15.35 3.85 -6.40
C LYS A 53 -15.46 4.87 -7.60
N GLY A 54 -14.44 4.84 -8.48
CA GLY A 54 -14.26 5.86 -9.53
C GLY A 54 -13.42 7.07 -9.08
N GLY A 55 -12.58 6.87 -8.04
CA GLY A 55 -11.72 7.94 -7.47
C GLY A 55 -10.27 7.90 -7.96
N SER A 56 -9.42 8.80 -7.42
CA SER A 56 -8.00 8.95 -7.84
C SER A 56 -7.15 9.68 -6.77
N ALA A 57 -5.85 9.35 -6.69
CA ALA A 57 -4.91 9.99 -5.72
C ALA A 57 -3.55 10.27 -6.37
N PHE A 58 -3.24 11.56 -6.60
CA PHE A 58 -1.96 12.01 -7.20
C PHE A 58 -0.92 12.29 -6.09
N TYR A 59 0.18 11.52 -6.09
CA TYR A 59 1.27 11.67 -5.13
C TYR A 59 2.65 11.54 -5.82
N ALA A 60 3.73 11.63 -5.02
CA ALA A 60 5.12 11.49 -5.49
C ALA A 60 6.04 11.07 -4.33
N ILE A 61 6.99 10.17 -4.61
CA ILE A 61 7.97 9.70 -3.61
C ILE A 61 9.07 10.77 -3.39
N GLN A 62 9.00 11.44 -2.23
CA GLN A 62 9.94 12.53 -1.88
C GLN A 62 11.16 11.94 -1.14
N ALA A 63 12.26 11.76 -1.88
CA ALA A 63 13.57 11.38 -1.32
C ALA A 63 14.50 12.62 -1.29
N PRO A 64 15.56 12.66 -0.40
CA PRO A 64 16.53 13.80 -0.35
C PRO A 64 17.31 14.04 -1.68
N GLN A 65 17.23 13.06 -2.61
CA GLN A 65 17.82 13.17 -3.96
C GLN A 65 16.72 13.17 -5.07
N MET A 66 15.91 12.09 -5.12
CA MET A 66 14.92 11.85 -6.21
C MET A 66 13.47 12.20 -5.80
N ILE A 67 12.70 12.84 -6.71
CA ILE A 67 11.23 13.04 -6.53
C ILE A 67 10.50 12.44 -7.77
N SER A 68 9.83 11.28 -7.58
CA SER A 68 9.21 10.50 -8.70
C SER A 68 7.68 10.36 -8.51
N TYR A 69 6.92 10.69 -9.56
CA TYR A 69 5.44 10.88 -9.47
C TYR A 69 4.64 9.60 -9.81
N THR A 70 3.57 9.33 -9.04
CA THR A 70 2.72 8.12 -9.20
C THR A 70 1.26 8.43 -8.75
N ILE A 71 0.27 7.90 -9.50
CA ILE A 71 -1.19 8.08 -9.20
C ILE A 71 -1.86 6.71 -8.95
N ALA A 72 -2.74 6.62 -7.93
CA ALA A 72 -3.59 5.43 -7.70
C ALA A 72 -5.07 5.74 -8.05
N GLU A 73 -5.61 5.05 -9.07
CA GLU A 73 -7.04 5.13 -9.45
C GLU A 73 -7.88 4.15 -8.59
N TYR A 74 -8.74 4.67 -7.70
CA TYR A 74 -9.59 3.83 -6.84
C TYR A 74 -10.80 3.30 -7.63
N LEU A 75 -10.71 2.03 -8.07
CA LEU A 75 -11.72 1.39 -8.94
C LEU A 75 -13.01 1.11 -8.12
N GLN A 76 -12.86 0.35 -7.02
CA GLN A 76 -13.98 -0.01 -6.12
C GLN A 76 -13.56 0.11 -4.64
N VAL A 77 -14.41 0.80 -3.84
CA VAL A 77 -14.28 0.87 -2.38
C VAL A 77 -15.60 0.36 -1.75
N ASP A 78 -15.53 -0.79 -1.04
CA ASP A 78 -16.70 -1.46 -0.45
C ASP A 78 -16.55 -1.58 1.09
N ALA A 79 -17.24 -0.68 1.84
CA ALA A 79 -17.22 -0.65 3.34
C ALA A 79 -15.78 -0.38 3.91
N PRO A 80 -15.56 -0.31 5.28
CA PRO A 80 -14.18 -0.37 5.87
C PRO A 80 -13.42 -1.72 5.69
N TYR A 81 -13.95 -2.64 4.86
CA TYR A 81 -13.53 -4.05 4.82
C TYR A 81 -12.85 -4.44 3.48
N TYR A 82 -13.29 -3.87 2.35
CA TYR A 82 -12.72 -4.19 1.01
C TYR A 82 -12.26 -2.92 0.27
N ILE A 83 -11.01 -2.94 -0.22
CA ILE A 83 -10.41 -1.86 -1.03
C ILE A 83 -9.97 -2.45 -2.40
N GLU A 84 -10.15 -1.68 -3.48
CA GLU A 84 -9.59 -2.01 -4.81
C GLU A 84 -9.11 -0.72 -5.51
N TYR A 85 -7.84 -0.71 -5.97
CA TYR A 85 -7.27 0.40 -6.75
C TYR A 85 -6.27 -0.10 -7.81
N LEU A 86 -5.91 0.80 -8.73
CA LEU A 86 -4.96 0.56 -9.82
C LEU A 86 -3.80 1.56 -9.68
N ASP A 87 -2.57 1.08 -9.62
CA ASP A 87 -1.39 1.92 -9.51
C ASP A 87 -0.89 2.26 -10.93
N TYR A 88 -1.12 3.50 -11.35
CA TYR A 88 -0.58 4.07 -12.60
C TYR A 88 0.65 4.92 -12.28
N PHE A 89 1.80 4.62 -12.91
CA PHE A 89 2.96 5.54 -12.89
C PHE A 89 2.56 6.87 -13.57
N ALA A 90 2.93 8.01 -12.96
CA ALA A 90 2.56 9.34 -13.50
C ALA A 90 3.70 9.91 -14.37
N THR A 91 3.29 10.68 -15.40
CA THR A 91 4.23 11.36 -16.33
C THR A 91 4.71 12.74 -15.79
N SER A 92 4.39 13.02 -14.50
CA SER A 92 4.78 14.25 -13.74
C SER A 92 3.92 15.49 -14.11
N LYS A 93 3.32 15.50 -15.32
CA LYS A 93 2.39 16.57 -15.79
C LYS A 93 1.11 16.69 -14.91
N GLY A 94 0.83 15.61 -14.14
CA GLY A 94 -0.41 15.49 -13.35
C GLY A 94 -1.30 14.36 -13.84
N GLU A 95 -0.86 13.66 -14.91
CA GLU A 95 -1.61 12.52 -15.51
C GLU A 95 -0.77 11.21 -15.49
N LYS A 96 -1.40 10.15 -16.01
CA LYS A 96 -0.79 8.81 -16.22
C LYS A 96 0.38 8.84 -17.26
N ASP A 97 1.25 7.81 -17.21
CA ASP A 97 2.46 7.72 -18.09
C ASP A 97 2.26 6.70 -19.25
N THR A 98 1.56 5.58 -18.94
CA THR A 98 1.22 4.46 -19.87
C THR A 98 2.43 3.70 -20.48
N SER A 99 3.65 3.93 -19.96
CA SER A 99 4.82 3.05 -20.29
C SER A 99 4.73 1.70 -19.51
N MET A 100 3.91 1.70 -18.44
CA MET A 100 3.58 0.49 -17.66
C MET A 100 2.06 0.47 -17.31
N PRO A 101 1.40 -0.74 -17.28
CA PRO A 101 -0.08 -0.87 -16.99
C PRO A 101 -0.48 -0.48 -15.54
N GLY A 102 -1.82 -0.33 -15.33
CA GLY A 102 -2.40 -0.02 -14.01
C GLY A 102 -2.34 -1.21 -13.04
N MET A 103 -1.24 -1.28 -12.25
CA MET A 103 -0.95 -2.35 -11.27
C MET A 103 -2.13 -2.59 -10.29
N HIS A 104 -2.77 -3.77 -10.40
CA HIS A 104 -4.04 -4.06 -9.71
C HIS A 104 -3.83 -4.63 -8.28
N ILE A 105 -4.21 -3.84 -7.25
CA ILE A 105 -4.25 -4.27 -5.83
C ILE A 105 -5.72 -4.38 -5.35
N THR A 106 -6.03 -5.48 -4.63
CA THR A 106 -7.30 -5.66 -3.91
C THR A 106 -7.00 -6.15 -2.48
N LEU A 107 -7.35 -5.34 -1.47
CA LEU A 107 -7.15 -5.71 -0.05
C LEU A 107 -8.51 -6.13 0.56
N ASN A 108 -8.54 -7.26 1.26
CA ASN A 108 -9.81 -7.91 1.70
C ASN A 108 -9.76 -8.31 3.20
N PHE A 109 -10.86 -8.02 3.89
CA PHE A 109 -11.10 -8.41 5.32
C PHE A 109 -11.05 -9.95 5.53
N GLU A 110 -10.40 -10.40 6.62
CA GLU A 110 -10.18 -11.84 6.90
C GLU A 110 -10.69 -12.23 8.31
N GLU A 111 -10.27 -11.47 9.35
CA GLU A 111 -10.62 -11.76 10.75
C GLU A 111 -10.96 -10.45 11.53
N VAL A 112 -12.23 -10.33 11.97
CA VAL A 112 -12.76 -9.14 12.70
C VAL A 112 -13.03 -9.46 14.19
N LYS A 113 -12.49 -10.61 14.69
CA LYS A 113 -12.66 -11.07 16.10
C LYS A 113 -12.25 -9.99 17.13
N GLY A 114 -11.06 -9.42 16.94
CA GLY A 114 -10.59 -8.28 17.74
C GLY A 114 -9.50 -7.50 17.01
N LYS A 115 -8.38 -8.18 16.74
CA LYS A 115 -7.25 -7.63 15.96
C LYS A 115 -7.57 -7.74 14.45
N THR A 116 -7.27 -6.67 13.69
CA THR A 116 -7.51 -6.62 12.24
C THR A 116 -6.61 -7.59 11.46
N THR A 117 -7.18 -8.30 10.47
CA THR A 117 -6.41 -9.13 9.52
C THR A 117 -6.95 -8.87 8.11
N VAL A 118 -6.10 -8.32 7.22
CA VAL A 118 -6.49 -7.96 5.82
C VAL A 118 -5.45 -8.52 4.82
N THR A 119 -5.94 -9.40 3.92
CA THR A 119 -5.13 -10.00 2.82
C THR A 119 -5.13 -9.09 1.56
N SER A 120 -3.94 -8.60 1.14
CA SER A 120 -3.80 -7.84 -0.12
C SER A 120 -3.42 -8.80 -1.29
N THR A 121 -4.38 -9.07 -2.18
CA THR A 121 -4.14 -9.81 -3.43
C THR A 121 -3.72 -8.83 -4.52
N SER A 122 -2.48 -8.97 -5.01
CA SER A 122 -1.84 -7.98 -5.91
C SER A 122 -1.45 -8.65 -7.23
N THR A 123 -2.21 -8.39 -8.30
CA THR A 123 -1.96 -9.00 -9.61
C THR A 123 -1.06 -8.09 -10.47
N PHE A 124 0.22 -8.47 -10.53
CA PHE A 124 1.28 -7.79 -11.29
C PHE A 124 1.09 -7.99 -12.84
N PRO A 125 1.62 -7.04 -13.68
CA PRO A 125 1.39 -7.02 -15.15
C PRO A 125 2.21 -8.09 -15.96
N THR A 126 1.80 -9.37 -15.80
CA THR A 126 2.33 -10.58 -16.51
C THR A 126 3.90 -10.66 -16.58
N GLU A 127 4.43 -11.62 -17.39
CA GLU A 127 5.89 -11.71 -17.71
C GLU A 127 6.77 -12.00 -16.44
N SER A 128 6.13 -12.63 -15.42
CA SER A 128 6.75 -12.94 -14.11
C SER A 128 7.18 -11.68 -13.34
N ALA A 129 6.43 -10.57 -13.54
CA ALA A 129 6.68 -9.28 -12.85
C ALA A 129 6.69 -9.43 -11.30
N ALA A 130 5.78 -10.26 -10.79
CA ALA A 130 5.69 -10.58 -9.35
C ALA A 130 6.81 -11.51 -8.87
N GLN A 131 7.31 -12.39 -9.77
CA GLN A 131 8.54 -13.19 -9.51
C GLN A 131 9.76 -12.27 -9.32
N GLN A 132 9.94 -11.29 -10.22
CA GLN A 132 11.06 -10.31 -10.11
C GLN A 132 10.97 -9.48 -8.80
N ALA A 133 9.74 -9.34 -8.27
CA ALA A 133 9.51 -8.75 -6.93
C ALA A 133 10.04 -9.67 -5.79
N ILE A 134 9.93 -11.01 -5.98
CA ILE A 134 10.52 -12.00 -5.03
C ILE A 134 12.07 -11.89 -5.03
N ASP A 135 12.64 -11.82 -6.26
CA ASP A 135 14.09 -11.59 -6.47
C ASP A 135 14.55 -10.24 -5.87
N MET A 136 13.64 -9.24 -5.90
CA MET A 136 13.86 -7.91 -5.28
C MET A 136 13.83 -7.99 -3.73
N GLY A 137 13.05 -8.95 -3.19
CA GLY A 137 12.87 -9.10 -1.74
C GLY A 137 11.74 -8.22 -1.19
N VAL A 138 10.57 -8.29 -1.84
CA VAL A 138 9.42 -7.41 -1.57
C VAL A 138 8.63 -7.79 -0.28
N GLU A 139 8.69 -9.08 0.12
CA GLU A 139 7.85 -9.64 1.21
C GLU A 139 8.13 -8.97 2.58
N THR A 140 9.42 -8.84 2.92
CA THR A 140 9.87 -8.12 4.14
C THR A 140 9.58 -6.60 4.02
N GLY A 141 9.76 -6.05 2.80
CA GLY A 141 9.51 -4.62 2.54
C GLY A 141 8.05 -4.19 2.77
N MET A 142 7.10 -5.04 2.33
CA MET A 142 5.65 -4.81 2.50
C MET A 142 5.24 -4.91 3.98
N ASN A 143 5.73 -5.97 4.66
CA ASN A 143 5.46 -6.20 6.10
C ASN A 143 6.03 -5.05 6.96
N SER A 144 7.25 -4.60 6.61
CA SER A 144 7.96 -3.49 7.31
C SER A 144 7.16 -2.19 7.27
N THR A 145 6.66 -1.85 6.06
CA THR A 145 5.79 -0.68 5.82
C THR A 145 4.46 -0.79 6.62
N LEU A 146 3.96 -2.03 6.77
CA LEU A 146 2.75 -2.33 7.58
C LEU A 146 3.03 -2.34 9.12
N ASN A 147 4.29 -2.56 9.53
CA ASN A 147 4.72 -2.32 10.95
C ASN A 147 4.66 -0.81 11.25
N GLN A 148 5.03 0.00 10.25
CA GLN A 148 4.93 1.47 10.32
C GLN A 148 3.46 1.93 10.36
N LEU A 149 2.59 1.19 9.63
CA LEU A 149 1.13 1.41 9.64
C LEU A 149 0.53 1.08 11.03
N GLU A 150 0.94 -0.04 11.63
CA GLU A 150 0.47 -0.45 12.97
C GLU A 150 0.84 0.60 14.06
N LYS A 151 2.10 1.07 14.03
CA LYS A 151 2.59 2.14 14.96
C LYS A 151 1.94 3.53 14.67
N LEU A 152 1.58 3.77 13.40
CA LEU A 152 0.80 4.97 12.97
C LEU A 152 -0.60 5.01 13.65
N LEU A 153 -1.34 3.90 13.53
CA LEU A 153 -2.72 3.77 14.05
C LEU A 153 -2.73 3.74 15.59
N ASN A 154 -1.70 3.10 16.17
CA ASN A 154 -1.49 3.06 17.64
C ASN A 154 -0.80 4.35 18.14
N GLN A 155 -0.40 5.24 17.18
CA GLN A 155 0.10 6.61 17.41
C GLN A 155 1.47 6.61 18.14
N LYS A 156 1.47 6.34 19.45
CA LYS A 156 2.70 6.25 20.27
C LYS A 156 2.98 4.80 20.71
N LEU A 157 2.97 3.85 19.74
CA LEU A 157 3.35 2.45 19.98
C LEU A 157 4.89 2.38 20.19
N GLU A 158 5.30 2.45 21.47
CA GLU A 158 6.71 2.35 21.90
C GLU A 158 6.74 1.75 23.32
N HIS A 159 6.11 0.57 23.47
CA HIS A 159 6.13 -0.24 24.70
C HIS A 159 6.29 -1.73 24.34
N HIS A 160 7.55 -2.17 24.26
CA HIS A 160 7.95 -3.48 23.71
C HIS A 160 7.90 -4.60 24.77
N HIS A 161 6.90 -5.48 24.67
CA HIS A 161 6.76 -6.69 25.51
C HIS A 161 6.90 -7.95 24.62
N HIS A 162 7.77 -8.90 25.05
CA HIS A 162 8.18 -10.11 24.26
C HIS A 162 8.96 -9.67 22.98
N HIS A 163 10.28 -9.95 22.97
CA HIS A 163 11.27 -9.39 22.00
C HIS A 163 10.84 -9.53 20.51
N HIS A 164 10.95 -10.75 19.96
CA HIS A 164 10.62 -11.07 18.53
C HIS A 164 11.29 -10.11 17.52
N MET A 1 6.18 -15.43 8.82
CA MET A 1 5.16 -14.86 7.91
C MET A 1 5.15 -15.61 6.56
N THR A 2 4.40 -16.73 6.49
CA THR A 2 4.25 -17.52 5.24
C THR A 2 3.03 -17.04 4.43
N ILE A 3 3.25 -16.66 3.15
CA ILE A 3 2.18 -16.13 2.26
C ILE A 3 2.10 -16.89 0.91
N GLU A 4 1.11 -16.54 0.07
CA GLU A 4 0.83 -17.22 -1.21
C GLU A 4 1.54 -16.51 -2.40
N LYS A 5 2.08 -17.31 -3.33
CA LYS A 5 2.87 -16.84 -4.50
C LYS A 5 2.28 -17.43 -5.82
N LYS A 6 1.78 -16.56 -6.71
CA LYS A 6 1.24 -16.97 -8.06
C LYS A 6 2.18 -16.48 -9.21
N LYS A 7 1.68 -16.55 -10.47
CA LYS A 7 2.44 -16.13 -11.68
C LYS A 7 2.70 -14.61 -11.72
N ASN A 8 1.65 -13.81 -12.05
CA ASN A 8 1.71 -12.32 -12.05
C ASN A 8 0.96 -11.76 -10.83
N LYS A 9 0.99 -12.48 -9.71
CA LYS A 9 0.25 -12.11 -8.49
C LYS A 9 0.98 -12.61 -7.22
N ILE A 10 1.13 -11.74 -6.23
CA ILE A 10 1.68 -12.10 -4.89
C ILE A 10 0.68 -11.65 -3.80
N ILE A 11 0.29 -12.59 -2.93
CA ILE A 11 -0.76 -12.37 -1.91
C ILE A 11 -0.12 -12.33 -0.49
N PHE A 12 -0.11 -11.14 0.15
CA PHE A 12 0.46 -10.94 1.50
C PHE A 12 -0.67 -10.94 2.57
N THR A 13 -0.38 -11.41 3.80
CA THR A 13 -1.32 -11.31 4.95
C THR A 13 -0.64 -10.64 6.16
N ARG A 14 -1.38 -9.78 6.89
CA ARG A 14 -0.84 -9.04 8.05
C ARG A 14 -1.94 -8.68 9.06
N THR A 15 -1.68 -8.97 10.36
CA THR A 15 -2.60 -8.66 11.47
C THR A 15 -2.20 -7.33 12.16
N PHE A 16 -3.05 -6.30 12.04
CA PHE A 16 -2.82 -4.97 12.65
C PHE A 16 -3.53 -4.87 14.02
N SER A 17 -2.80 -4.46 15.08
CA SER A 17 -3.40 -4.21 16.41
C SER A 17 -4.10 -2.82 16.41
N ALA A 18 -5.42 -2.84 16.12
CA ALA A 18 -6.27 -1.63 15.98
C ALA A 18 -7.70 -2.05 15.53
N PRO A 19 -8.76 -1.19 15.72
CA PRO A 19 -10.08 -1.39 15.06
C PRO A 19 -10.01 -1.30 13.51
N ILE A 20 -10.73 -2.22 12.82
CA ILE A 20 -10.82 -2.29 11.33
C ILE A 20 -11.18 -0.93 10.66
N ASN A 21 -11.91 -0.10 11.41
CA ASN A 21 -12.41 1.22 10.95
C ASN A 21 -11.26 2.18 10.58
N LYS A 22 -10.30 2.36 11.51
CA LYS A 22 -9.14 3.28 11.29
C LYS A 22 -8.08 2.64 10.36
N VAL A 23 -8.01 1.30 10.36
CA VAL A 23 -7.09 0.54 9.48
C VAL A 23 -7.51 0.70 7.99
N PHE A 24 -8.82 0.76 7.75
CA PHE A 24 -9.40 1.07 6.43
C PHE A 24 -9.20 2.56 6.09
N ASP A 25 -9.35 3.44 7.09
CA ASP A 25 -9.14 4.91 6.92
C ASP A 25 -7.69 5.27 6.52
N ALA A 26 -6.76 4.32 6.73
CA ALA A 26 -5.34 4.44 6.37
C ALA A 26 -5.10 4.87 4.89
N TYR A 27 -5.91 4.34 3.95
CA TYR A 27 -5.74 4.65 2.50
C TYR A 27 -6.79 5.65 1.99
N THR A 28 -7.88 5.86 2.77
CA THR A 28 -8.98 6.80 2.37
C THR A 28 -8.68 8.25 2.76
N LYS A 29 -7.86 8.45 3.79
CA LYS A 29 -7.46 9.79 4.28
C LYS A 29 -5.95 10.01 4.00
N ARG A 30 -5.60 11.11 3.28
CA ARG A 30 -4.20 11.39 2.85
C ARG A 30 -3.28 11.59 4.05
N GLU A 31 -3.85 12.14 5.14
CA GLU A 31 -3.18 12.34 6.44
C GLU A 31 -2.42 11.07 6.86
N LEU A 32 -3.17 9.97 6.88
CA LEU A 32 -2.67 8.66 7.32
C LEU A 32 -1.80 8.01 6.22
N PHE A 33 -2.30 8.10 4.96
CA PHE A 33 -1.65 7.49 3.77
C PHE A 33 -0.17 7.88 3.63
N GLU A 34 0.12 9.19 3.72
CA GLU A 34 1.50 9.72 3.53
C GLU A 34 2.39 9.49 4.77
N GLN A 35 1.80 9.04 5.90
CA GLN A 35 2.56 8.68 7.12
C GLN A 35 3.11 7.24 7.05
N TRP A 36 2.39 6.30 6.39
CA TRP A 36 2.83 4.88 6.29
C TRP A 36 3.38 4.53 4.88
N PHE A 37 2.61 4.90 3.81
CA PHE A 37 2.93 4.49 2.41
C PHE A 37 4.13 5.29 1.83
N HIS A 38 5.36 4.80 2.12
CA HIS A 38 6.63 5.34 1.58
C HIS A 38 7.81 4.40 1.94
N PRO A 39 8.93 4.43 1.15
CA PRO A 39 10.22 3.79 1.53
C PRO A 39 10.77 4.29 2.90
N GLN A 40 11.63 3.47 3.53
CA GLN A 40 12.12 3.71 4.92
C GLN A 40 13.00 4.98 5.04
N ASP A 41 13.82 5.25 4.01
CA ASP A 41 14.75 6.41 3.99
C ASP A 41 14.11 7.66 3.35
N ALA A 42 13.23 7.45 2.35
CA ALA A 42 12.62 8.54 1.55
C ALA A 42 11.18 8.89 2.02
N SER A 43 10.81 10.16 1.81
CA SER A 43 9.48 10.71 2.18
C SER A 43 8.47 10.53 1.01
N VAL A 44 7.23 11.01 1.22
CA VAL A 44 6.17 11.06 0.19
C VAL A 44 5.36 12.37 0.37
N THR A 45 4.86 12.92 -0.74
CA THR A 45 4.18 14.23 -0.77
C THR A 45 2.90 14.14 -1.62
N VAL A 46 1.74 14.18 -0.95
CA VAL A 46 0.43 14.16 -1.61
C VAL A 46 0.03 15.60 -2.03
N TYR A 47 -0.18 15.79 -3.35
CA TYR A 47 -0.67 17.07 -3.91
C TYR A 47 -2.20 17.03 -4.09
N ASP A 48 -2.71 15.88 -4.57
CA ASP A 48 -4.15 15.64 -4.79
C ASP A 48 -4.54 14.24 -4.26
N PHE A 49 -5.78 14.09 -3.75
CA PHE A 49 -6.22 12.83 -3.11
C PHE A 49 -7.75 12.70 -3.09
N ASN A 50 -8.28 11.75 -3.88
CA ASN A 50 -9.71 11.37 -3.85
C ASN A 50 -9.80 9.85 -3.70
N ALA A 51 -10.30 9.38 -2.55
CA ALA A 51 -10.40 7.94 -2.24
C ALA A 51 -11.86 7.47 -2.12
N THR A 52 -12.39 6.97 -3.23
CA THR A 52 -13.74 6.38 -3.32
C THR A 52 -13.79 5.35 -4.47
N LYS A 53 -14.92 4.64 -4.62
CA LYS A 53 -15.16 3.75 -5.77
C LYS A 53 -15.29 4.61 -7.05
N GLY A 54 -14.21 4.62 -7.87
CA GLY A 54 -14.07 5.54 -9.00
C GLY A 54 -13.29 6.83 -8.66
N GLY A 55 -12.36 6.73 -7.69
CA GLY A 55 -11.51 7.87 -7.28
C GLY A 55 -10.05 7.78 -7.80
N SER A 56 -9.22 8.77 -7.42
CA SER A 56 -7.79 8.87 -7.87
C SER A 56 -6.96 9.76 -6.93
N ALA A 57 -5.72 9.35 -6.61
CA ALA A 57 -4.85 10.09 -5.65
C ALA A 57 -3.44 10.34 -6.22
N PHE A 58 -3.10 11.62 -6.48
CA PHE A 58 -1.76 12.02 -6.98
C PHE A 58 -0.80 12.35 -5.80
N TYR A 59 0.25 11.54 -5.68
CA TYR A 59 1.33 11.73 -4.69
C TYR A 59 2.72 11.61 -5.37
N ALA A 60 3.78 11.91 -4.62
CA ALA A 60 5.17 11.91 -5.14
C ALA A 60 6.17 11.46 -4.06
N ILE A 61 6.96 10.41 -4.36
CA ILE A 61 7.99 9.90 -3.42
C ILE A 61 9.20 10.87 -3.41
N GLN A 62 9.31 11.63 -2.30
CA GLN A 62 10.35 12.66 -2.15
C GLN A 62 11.61 12.03 -1.48
N ALA A 63 12.56 11.63 -2.31
CA ALA A 63 13.86 11.09 -1.89
C ALA A 63 14.91 12.22 -1.71
N PRO A 64 15.99 12.03 -0.86
CA PRO A 64 17.04 13.08 -0.60
C PRO A 64 17.65 13.74 -1.88
N GLN A 65 17.64 13.01 -3.01
CA GLN A 65 18.20 13.49 -4.31
C GLN A 65 17.10 13.62 -5.41
N MET A 66 16.01 12.83 -5.29
CA MET A 66 15.01 12.64 -6.39
C MET A 66 13.55 12.91 -5.92
N ILE A 67 12.68 13.37 -6.84
CA ILE A 67 11.21 13.41 -6.62
C ILE A 67 10.52 12.65 -7.78
N SER A 68 10.00 11.45 -7.50
CA SER A 68 9.29 10.59 -8.49
C SER A 68 7.78 10.63 -8.24
N TYR A 69 6.98 10.59 -9.32
CA TYR A 69 5.50 10.82 -9.24
C TYR A 69 4.73 9.50 -9.49
N THR A 70 3.64 9.29 -8.73
CA THR A 70 2.77 8.08 -8.85
C THR A 70 1.33 8.40 -8.38
N ILE A 71 0.34 7.95 -9.16
CA ILE A 71 -1.10 8.09 -8.84
C ILE A 71 -1.73 6.72 -8.59
N ALA A 72 -2.37 6.51 -7.43
CA ALA A 72 -3.19 5.30 -7.19
C ALA A 72 -4.67 5.64 -7.41
N GLU A 73 -5.29 5.03 -8.44
CA GLU A 73 -6.71 5.24 -8.78
C GLU A 73 -7.57 4.14 -8.14
N TYR A 74 -8.43 4.55 -7.19
CA TYR A 74 -9.24 3.62 -6.38
C TYR A 74 -10.47 3.15 -7.19
N LEU A 75 -10.40 1.91 -7.68
CA LEU A 75 -11.38 1.34 -8.63
C LEU A 75 -12.70 0.96 -7.92
N GLN A 76 -12.61 0.10 -6.89
CA GLN A 76 -13.78 -0.46 -6.18
C GLN A 76 -13.57 -0.43 -4.64
N VAL A 77 -14.45 0.30 -3.95
CA VAL A 77 -14.43 0.45 -2.47
C VAL A 77 -15.78 -0.05 -1.89
N ASP A 78 -15.72 -1.03 -0.96
CA ASP A 78 -16.92 -1.69 -0.40
C ASP A 78 -16.72 -2.04 1.09
N ALA A 79 -17.45 -1.31 2.00
CA ALA A 79 -17.37 -1.50 3.49
C ALA A 79 -15.95 -1.18 4.05
N PRO A 80 -15.71 -1.17 5.41
CA PRO A 80 -14.33 -1.17 5.96
C PRO A 80 -13.53 -2.50 5.72
N TYR A 81 -14.10 -3.45 4.93
CA TYR A 81 -13.56 -4.82 4.78
C TYR A 81 -12.94 -5.10 3.39
N TYR A 82 -13.38 -4.40 2.31
CA TYR A 82 -12.83 -4.63 0.95
C TYR A 82 -12.25 -3.34 0.32
N ILE A 83 -11.07 -3.48 -0.30
CA ILE A 83 -10.34 -2.42 -0.99
C ILE A 83 -9.91 -2.91 -2.41
N GLU A 84 -10.06 -2.06 -3.43
CA GLU A 84 -9.50 -2.32 -4.78
C GLU A 84 -9.01 -1.00 -5.42
N TYR A 85 -7.72 -0.96 -5.82
CA TYR A 85 -7.15 0.18 -6.56
C TYR A 85 -6.15 -0.29 -7.64
N LEU A 86 -5.77 0.66 -8.49
CA LEU A 86 -4.84 0.48 -9.61
C LEU A 86 -3.70 1.48 -9.43
N ASP A 87 -2.45 1.01 -9.37
CA ASP A 87 -1.30 1.90 -9.16
C ASP A 87 -0.70 2.28 -10.53
N TYR A 88 -1.00 3.49 -10.97
CA TYR A 88 -0.45 4.06 -12.21
C TYR A 88 0.76 4.94 -11.84
N PHE A 89 1.95 4.56 -12.32
CA PHE A 89 3.15 5.42 -12.19
C PHE A 89 2.92 6.70 -13.04
N ALA A 90 3.13 7.89 -12.44
CA ALA A 90 2.81 9.17 -13.10
C ALA A 90 4.03 9.72 -13.87
N THR A 91 3.77 10.29 -15.07
CA THR A 91 4.83 10.74 -16.00
C THR A 91 5.66 11.93 -15.45
N SER A 92 4.99 13.06 -15.17
CA SER A 92 5.64 14.36 -14.76
C SER A 92 4.57 15.47 -14.63
N LYS A 93 3.60 15.46 -15.56
CA LYS A 93 2.57 16.53 -15.71
C LYS A 93 1.48 16.50 -14.61
N GLY A 94 1.60 15.59 -13.64
CA GLY A 94 0.56 15.37 -12.62
C GLY A 94 -0.48 14.33 -13.04
N GLU A 95 -0.26 13.69 -14.21
CA GLU A 95 -1.12 12.59 -14.73
C GLU A 95 -0.28 11.32 -14.95
N LYS A 96 -0.96 10.21 -15.31
CA LYS A 96 -0.34 8.86 -15.46
C LYS A 96 0.74 8.80 -16.59
N ASP A 97 1.56 7.74 -16.56
CA ASP A 97 2.56 7.46 -17.62
C ASP A 97 1.97 6.47 -18.64
N THR A 98 2.21 6.72 -19.94
CA THR A 98 1.62 5.95 -21.05
C THR A 98 2.37 4.62 -21.35
N SER A 99 3.54 4.39 -20.73
CA SER A 99 4.31 3.13 -20.91
C SER A 99 3.99 2.10 -19.80
N MET A 100 3.88 2.57 -18.54
CA MET A 100 3.52 1.71 -17.39
C MET A 100 1.98 1.58 -17.22
N PRO A 101 1.48 0.39 -16.79
CA PRO A 101 0.03 0.13 -16.59
C PRO A 101 -0.46 0.37 -15.12
N GLY A 102 -1.72 -0.02 -14.85
CA GLY A 102 -2.31 0.04 -13.51
C GLY A 102 -2.03 -1.23 -12.70
N MET A 103 -0.97 -1.17 -11.86
CA MET A 103 -0.61 -2.25 -10.90
C MET A 103 -1.79 -2.53 -9.92
N HIS A 104 -2.50 -3.62 -10.17
CA HIS A 104 -3.82 -3.90 -9.56
C HIS A 104 -3.70 -4.57 -8.16
N ILE A 105 -3.85 -3.79 -7.08
CA ILE A 105 -3.92 -4.34 -5.70
C ILE A 105 -5.40 -4.41 -5.25
N THR A 106 -5.86 -5.59 -4.85
CA THR A 106 -7.11 -5.79 -4.11
C THR A 106 -6.76 -6.26 -2.68
N LEU A 107 -7.11 -5.48 -1.65
CA LEU A 107 -6.88 -5.89 -0.24
C LEU A 107 -8.21 -6.39 0.36
N ASN A 108 -8.15 -7.57 0.98
CA ASN A 108 -9.34 -8.32 1.44
C ASN A 108 -9.28 -8.50 2.97
N PHE A 109 -10.45 -8.46 3.63
CA PHE A 109 -10.56 -8.87 5.04
C PHE A 109 -10.34 -10.40 5.19
N GLU A 110 -9.68 -10.82 6.27
CA GLU A 110 -9.46 -12.25 6.56
C GLU A 110 -9.96 -12.55 7.99
N GLU A 111 -11.14 -13.20 8.08
CA GLU A 111 -11.82 -13.56 9.35
C GLU A 111 -12.33 -12.31 10.13
N VAL A 112 -13.59 -12.37 10.61
CA VAL A 112 -14.13 -11.36 11.55
C VAL A 112 -13.50 -11.55 12.97
N LYS A 113 -12.25 -11.10 13.08
CA LYS A 113 -11.39 -11.26 14.29
C LYS A 113 -11.45 -9.99 15.17
N GLY A 114 -11.04 -10.12 16.45
CA GLY A 114 -10.94 -8.98 17.38
C GLY A 114 -9.86 -7.98 16.94
N LYS A 115 -8.67 -8.51 16.62
CA LYS A 115 -7.58 -7.74 15.97
C LYS A 115 -7.75 -7.77 14.44
N THR A 116 -7.57 -6.63 13.78
CA THR A 116 -7.69 -6.51 12.30
C THR A 116 -6.68 -7.41 11.57
N THR A 117 -7.12 -8.04 10.46
CA THR A 117 -6.25 -8.86 9.59
C THR A 117 -6.65 -8.64 8.12
N VAL A 118 -5.81 -7.91 7.38
CA VAL A 118 -6.05 -7.60 5.95
C VAL A 118 -5.01 -8.32 5.07
N THR A 119 -5.52 -9.24 4.24
CA THR A 119 -4.73 -10.00 3.27
C THR A 119 -4.74 -9.29 1.89
N SER A 120 -3.60 -8.67 1.53
CA SER A 120 -3.45 -7.94 0.25
C SER A 120 -3.17 -8.90 -0.94
N THR A 121 -4.15 -9.07 -1.82
CA THR A 121 -3.98 -9.81 -3.08
C THR A 121 -3.51 -8.84 -4.20
N SER A 122 -2.20 -8.82 -4.47
CA SER A 122 -1.57 -7.83 -5.37
C SER A 122 -1.24 -8.46 -6.73
N THR A 123 -2.06 -8.12 -7.74
CA THR A 123 -1.87 -8.60 -9.13
C THR A 123 -0.92 -7.66 -9.91
N PHE A 124 0.31 -8.15 -10.13
CA PHE A 124 1.34 -7.51 -10.98
C PHE A 124 0.94 -7.59 -12.48
N PRO A 125 1.52 -6.69 -13.36
CA PRO A 125 1.19 -6.65 -14.82
C PRO A 125 1.19 -8.04 -15.52
N THR A 126 2.40 -8.59 -15.79
CA THR A 126 2.60 -9.87 -16.53
C THR A 126 4.13 -10.11 -16.75
N GLU A 127 4.49 -11.07 -17.64
CA GLU A 127 5.86 -11.28 -18.17
C GLU A 127 6.83 -11.87 -17.10
N SER A 128 7.34 -11.01 -16.20
CA SER A 128 8.30 -11.40 -15.13
C SER A 128 8.33 -10.36 -14.00
N ALA A 129 7.28 -9.52 -13.89
CA ALA A 129 7.20 -8.43 -12.87
C ALA A 129 7.06 -8.99 -11.44
N ALA A 130 6.08 -9.90 -11.25
CA ALA A 130 5.85 -10.58 -9.96
C ALA A 130 6.98 -11.55 -9.64
N GLN A 131 7.46 -12.25 -10.68
CA GLN A 131 8.64 -13.15 -10.57
C GLN A 131 9.88 -12.41 -10.06
N GLN A 132 10.15 -11.24 -10.64
CA GLN A 132 11.28 -10.36 -10.24
C GLN A 132 11.14 -9.92 -8.77
N ALA A 133 9.89 -9.69 -8.32
CA ALA A 133 9.56 -9.38 -6.92
C ALA A 133 9.80 -10.59 -5.97
N ILE A 134 9.66 -11.83 -6.50
CA ILE A 134 10.01 -13.07 -5.75
C ILE A 134 11.54 -13.15 -5.50
N ASP A 135 12.32 -12.90 -6.58
CA ASP A 135 13.80 -12.83 -6.53
C ASP A 135 14.30 -11.67 -5.64
N MET A 136 13.57 -10.55 -5.67
CA MET A 136 13.87 -9.35 -4.84
C MET A 136 13.54 -9.60 -3.35
N GLY A 137 12.52 -10.45 -3.11
CA GLY A 137 12.02 -10.71 -1.75
C GLY A 137 11.09 -9.60 -1.25
N VAL A 138 10.01 -9.36 -2.01
CA VAL A 138 9.04 -8.27 -1.75
C VAL A 138 8.21 -8.52 -0.45
N GLU A 139 8.28 -9.74 0.10
CA GLU A 139 7.64 -10.13 1.39
C GLU A 139 8.06 -9.18 2.53
N THR A 140 9.38 -8.98 2.66
CA THR A 140 9.97 -8.03 3.62
C THR A 140 9.65 -6.57 3.23
N GLY A 141 9.66 -6.27 1.90
CA GLY A 141 9.37 -4.92 1.39
C GLY A 141 7.99 -4.38 1.73
N MET A 142 6.95 -5.22 1.54
CA MET A 142 5.55 -4.90 1.86
C MET A 142 5.36 -4.76 3.40
N ASN A 143 5.97 -5.69 4.16
CA ASN A 143 5.95 -5.68 5.64
C ASN A 143 6.60 -4.40 6.22
N SER A 144 7.69 -3.94 5.57
CA SER A 144 8.46 -2.73 6.02
C SER A 144 7.57 -1.46 6.02
N THR A 145 6.72 -1.35 5.00
CA THR A 145 5.78 -0.21 4.83
C THR A 145 4.59 -0.31 5.84
N LEU A 146 4.19 -1.55 6.15
CA LEU A 146 3.11 -1.85 7.14
C LEU A 146 3.57 -1.64 8.60
N ASN A 147 4.91 -1.71 8.84
CA ASN A 147 5.51 -1.40 10.16
C ASN A 147 5.10 0.01 10.65
N GLN A 148 5.22 1.02 9.74
CA GLN A 148 4.81 2.41 10.05
C GLN A 148 3.27 2.52 10.22
N LEU A 149 2.52 1.65 9.52
CA LEU A 149 1.03 1.67 9.53
C LEU A 149 0.44 1.31 10.91
N GLU A 150 0.96 0.24 11.56
CA GLU A 150 0.46 -0.15 12.90
C GLU A 150 0.75 0.96 13.96
N LYS A 151 1.98 1.50 13.93
CA LYS A 151 2.42 2.54 14.91
C LYS A 151 1.66 3.87 14.70
N LEU A 152 1.34 4.16 13.42
CA LEU A 152 0.44 5.26 13.01
C LEU A 152 -0.93 5.17 13.72
N LEU A 153 -1.59 4.01 13.58
CA LEU A 153 -2.98 3.78 14.03
C LEU A 153 -3.08 3.62 15.58
N ASN A 154 -2.00 3.13 16.19
CA ASN A 154 -1.87 3.07 17.66
C ASN A 154 -1.65 4.49 18.27
N GLN A 155 -0.84 5.32 17.56
CA GLN A 155 -0.43 6.69 18.00
C GLN A 155 0.46 6.64 19.28
N LYS A 156 -0.17 6.26 20.40
CA LYS A 156 0.45 6.07 21.74
C LYS A 156 1.74 5.19 21.74
N LEU A 157 1.88 4.28 20.75
CA LEU A 157 3.00 3.29 20.67
C LEU A 157 4.32 3.93 20.09
N GLU A 158 4.72 5.11 20.63
CA GLU A 158 5.93 5.84 20.17
C GLU A 158 7.23 5.22 20.77
N HIS A 159 7.79 4.21 20.06
CA HIS A 159 9.12 3.60 20.36
C HIS A 159 9.20 2.92 21.77
N HIS A 160 8.04 2.79 22.45
CA HIS A 160 7.97 2.28 23.84
C HIS A 160 8.35 0.77 23.92
N HIS A 161 8.00 0.01 22.86
CA HIS A 161 8.29 -1.43 22.81
C HIS A 161 8.68 -1.87 21.37
N HIS A 162 9.99 -1.91 21.10
CA HIS A 162 10.56 -2.49 19.86
C HIS A 162 10.98 -3.97 20.10
N HIS A 163 11.15 -4.34 21.39
CA HIS A 163 11.62 -5.69 21.81
C HIS A 163 10.66 -6.83 21.38
N HIS A 164 11.25 -8.01 21.04
CA HIS A 164 10.52 -9.21 20.57
C HIS A 164 9.70 -8.94 19.28
N MET A 1 5.19 -14.21 7.73
CA MET A 1 6.23 -14.58 6.74
C MET A 1 5.61 -15.32 5.53
N THR A 2 4.65 -16.23 5.81
CA THR A 2 3.94 -17.03 4.78
C THR A 2 3.01 -16.14 3.93
N ILE A 3 3.50 -15.76 2.72
CA ILE A 3 2.72 -14.96 1.74
C ILE A 3 2.51 -15.74 0.43
N GLU A 4 1.37 -15.53 -0.22
CA GLU A 4 0.96 -16.31 -1.41
C GLU A 4 1.35 -15.56 -2.71
N LYS A 5 1.78 -16.30 -3.75
CA LYS A 5 2.21 -15.72 -5.05
C LYS A 5 1.58 -16.48 -6.24
N LYS A 6 0.94 -15.74 -7.18
CA LYS A 6 0.38 -16.29 -8.42
C LYS A 6 1.04 -15.63 -9.67
N LYS A 7 2.22 -16.13 -10.09
CA LYS A 7 2.94 -15.72 -11.33
C LYS A 7 3.22 -14.18 -11.42
N ASN A 8 2.20 -13.41 -11.89
CA ASN A 8 2.23 -11.92 -11.94
C ASN A 8 1.29 -11.33 -10.84
N LYS A 9 1.29 -11.97 -9.66
CA LYS A 9 0.51 -11.53 -8.48
C LYS A 9 1.23 -11.92 -7.17
N ILE A 10 1.20 -11.03 -6.16
CA ILE A 10 1.59 -11.32 -4.77
C ILE A 10 0.41 -11.00 -3.82
N ILE A 11 -0.17 -12.04 -3.21
CA ILE A 11 -1.18 -11.90 -2.17
C ILE A 11 -0.48 -11.79 -0.78
N PHE A 12 -0.47 -10.58 -0.20
CA PHE A 12 0.27 -10.28 1.06
C PHE A 12 -0.70 -10.20 2.27
N THR A 13 -0.46 -11.02 3.31
CA THR A 13 -1.28 -11.02 4.55
C THR A 13 -0.51 -10.37 5.74
N ARG A 14 -1.17 -9.47 6.48
CA ARG A 14 -0.57 -8.75 7.61
C ARG A 14 -1.65 -8.41 8.67
N THR A 15 -1.35 -8.74 9.94
CA THR A 15 -2.22 -8.43 11.09
C THR A 15 -1.73 -7.15 11.80
N PHE A 16 -2.55 -6.08 11.78
CA PHE A 16 -2.22 -4.77 12.41
C PHE A 16 -2.78 -4.72 13.84
N SER A 17 -2.00 -4.24 14.83
CA SER A 17 -2.53 -3.95 16.18
C SER A 17 -3.31 -2.62 16.15
N ALA A 18 -4.62 -2.75 15.88
CA ALA A 18 -5.54 -1.63 15.58
C ALA A 18 -6.93 -2.20 15.19
N PRO A 19 -8.06 -1.48 15.51
CA PRO A 19 -9.40 -1.78 14.93
C PRO A 19 -9.47 -1.53 13.38
N ILE A 20 -10.41 -2.24 12.71
CA ILE A 20 -10.63 -2.17 11.23
C ILE A 20 -10.93 -0.73 10.74
N ASN A 21 -11.47 0.10 11.65
CA ASN A 21 -11.77 1.53 11.38
C ASN A 21 -10.48 2.30 10.97
N LYS A 22 -9.41 2.15 11.76
CA LYS A 22 -8.10 2.82 11.49
C LYS A 22 -7.47 2.29 10.18
N VAL A 23 -7.56 0.96 10.02
CA VAL A 23 -6.94 0.21 8.93
C VAL A 23 -7.55 0.61 7.56
N PHE A 24 -8.87 0.83 7.52
CA PHE A 24 -9.58 1.31 6.31
C PHE A 24 -9.15 2.76 5.93
N ASP A 25 -9.32 3.69 6.89
CA ASP A 25 -8.97 5.12 6.72
C ASP A 25 -7.49 5.35 6.29
N ALA A 26 -6.62 4.37 6.61
CA ALA A 26 -5.19 4.36 6.19
C ALA A 26 -5.02 4.31 4.65
N TYR A 27 -5.85 3.50 3.99
CA TYR A 27 -5.82 3.28 2.52
C TYR A 27 -6.73 4.28 1.79
N THR A 28 -7.69 4.85 2.53
CA THR A 28 -8.84 5.59 1.96
C THR A 28 -8.73 7.12 2.18
N LYS A 29 -7.87 7.55 3.13
CA LYS A 29 -7.58 8.99 3.39
C LYS A 29 -6.07 9.26 3.34
N ARG A 30 -5.67 10.41 2.74
CA ARG A 30 -4.24 10.79 2.60
C ARG A 30 -3.60 11.15 3.94
N GLU A 31 -4.42 11.71 4.86
CA GLU A 31 -3.99 12.16 6.21
C GLU A 31 -3.22 11.06 6.98
N LEU A 32 -3.48 9.80 6.61
CA LEU A 32 -2.77 8.62 7.14
C LEU A 32 -1.85 7.99 6.07
N PHE A 33 -2.29 7.99 4.79
CA PHE A 33 -1.55 7.34 3.67
C PHE A 33 -0.10 7.89 3.51
N GLU A 34 0.05 9.24 3.49
CA GLU A 34 1.39 9.89 3.42
C GLU A 34 2.16 9.85 4.76
N GLN A 35 1.60 9.20 5.80
CA GLN A 35 2.32 8.95 7.06
C GLN A 35 2.99 7.55 7.08
N TRP A 36 2.41 6.55 6.35
CA TRP A 36 2.93 5.15 6.39
C TRP A 36 3.59 4.69 5.07
N PHE A 37 3.00 5.07 3.91
CA PHE A 37 3.42 4.53 2.59
C PHE A 37 4.72 5.20 2.08
N HIS A 38 5.87 4.72 2.59
CA HIS A 38 7.20 5.25 2.20
C HIS A 38 8.33 4.25 2.60
N PRO A 39 9.48 4.26 1.85
CA PRO A 39 10.71 3.57 2.30
C PRO A 39 11.37 4.27 3.51
N GLN A 40 12.23 3.54 4.25
CA GLN A 40 12.88 4.04 5.48
C GLN A 40 13.94 5.13 5.16
N ASP A 41 14.02 6.16 6.05
CA ASP A 41 14.87 7.37 5.88
C ASP A 41 14.48 8.21 4.62
N ALA A 42 13.25 8.00 4.12
CA ALA A 42 12.68 8.75 2.98
C ALA A 42 11.18 9.08 3.25
N SER A 43 10.76 10.29 2.86
CA SER A 43 9.40 10.81 3.12
C SER A 43 8.42 10.49 1.96
N VAL A 44 7.14 10.90 2.13
CA VAL A 44 6.10 10.85 1.07
C VAL A 44 5.07 11.99 1.27
N THR A 45 4.62 12.62 0.18
CA THR A 45 3.59 13.68 0.21
C THR A 45 2.52 13.44 -0.87
N VAL A 46 1.26 13.39 -0.45
CA VAL A 46 0.10 13.31 -1.37
C VAL A 46 -0.42 14.73 -1.68
N TYR A 47 -0.50 15.06 -2.98
CA TYR A 47 -0.96 16.39 -3.46
C TYR A 47 -2.46 16.35 -3.89
N ASP A 48 -2.96 15.13 -4.16
CA ASP A 48 -4.36 14.89 -4.57
C ASP A 48 -4.78 13.47 -4.13
N PHE A 49 -6.01 13.31 -3.61
CA PHE A 49 -6.49 12.00 -3.09
C PHE A 49 -8.03 11.95 -3.08
N ASN A 50 -8.60 10.98 -3.79
CA ASN A 50 -10.05 10.68 -3.78
C ASN A 50 -10.25 9.15 -3.81
N ALA A 51 -10.76 8.59 -2.71
CA ALA A 51 -11.04 7.14 -2.59
C ALA A 51 -12.53 6.89 -2.26
N THR A 52 -13.39 7.15 -3.26
CA THR A 52 -14.86 6.97 -3.12
C THR A 52 -15.53 6.66 -4.50
N LYS A 53 -15.41 5.39 -4.92
CA LYS A 53 -16.10 4.81 -6.12
C LYS A 53 -15.81 5.61 -7.44
N GLY A 54 -14.71 5.25 -8.13
CA GLY A 54 -14.32 5.91 -9.40
C GLY A 54 -13.42 7.15 -9.21
N GLY A 55 -12.65 7.18 -8.12
CA GLY A 55 -11.72 8.29 -7.81
C GLY A 55 -10.26 8.03 -8.24
N SER A 56 -9.35 8.93 -7.81
CA SER A 56 -7.89 8.84 -8.12
C SER A 56 -7.07 9.62 -7.07
N ALA A 57 -5.79 9.22 -6.90
CA ALA A 57 -4.90 9.79 -5.86
C ALA A 57 -3.46 10.03 -6.38
N PHE A 58 -3.09 11.31 -6.61
CA PHE A 58 -1.73 11.70 -7.03
C PHE A 58 -0.85 11.95 -5.80
N TYR A 59 0.17 11.09 -5.61
CA TYR A 59 1.16 11.22 -4.52
C TYR A 59 2.60 11.09 -5.07
N ALA A 60 3.60 11.30 -4.19
CA ALA A 60 5.03 11.26 -4.58
C ALA A 60 5.94 10.88 -3.40
N ILE A 61 6.83 9.90 -3.62
CA ILE A 61 7.86 9.49 -2.64
C ILE A 61 9.02 10.52 -2.65
N GLN A 62 9.17 11.26 -1.54
CA GLN A 62 10.28 12.21 -1.36
C GLN A 62 11.52 11.45 -0.83
N ALA A 63 12.45 11.13 -1.74
CA ALA A 63 13.76 10.53 -1.40
C ALA A 63 14.86 11.63 -1.40
N PRO A 64 15.98 11.48 -0.61
CA PRO A 64 17.08 12.50 -0.56
C PRO A 64 17.91 12.64 -1.87
N GLN A 65 17.56 11.85 -2.91
CA GLN A 65 18.18 11.95 -4.26
C GLN A 65 17.16 12.43 -5.32
N MET A 66 15.88 12.01 -5.18
CA MET A 66 14.84 12.23 -6.21
C MET A 66 13.41 12.18 -5.60
N ILE A 67 12.41 12.72 -6.33
CA ILE A 67 10.98 12.60 -5.96
C ILE A 67 10.24 11.84 -7.08
N SER A 68 9.74 10.62 -6.77
CA SER A 68 9.08 9.75 -7.78
C SER A 68 7.56 9.78 -7.59
N TYR A 69 6.82 10.05 -8.69
CA TYR A 69 5.36 10.32 -8.66
C TYR A 69 4.56 9.06 -9.08
N THR A 70 3.35 8.89 -8.51
CA THR A 70 2.47 7.73 -8.79
C THR A 70 0.99 8.08 -8.48
N ILE A 71 0.06 7.67 -9.36
CA ILE A 71 -1.40 7.86 -9.16
C ILE A 71 -2.09 6.51 -8.89
N ALA A 72 -2.77 6.37 -7.74
CA ALA A 72 -3.61 5.19 -7.42
C ALA A 72 -5.09 5.53 -7.70
N GLU A 73 -5.71 4.81 -8.66
CA GLU A 73 -7.11 5.09 -9.08
C GLU A 73 -8.09 4.14 -8.35
N TYR A 74 -8.94 4.69 -7.47
CA TYR A 74 -9.86 3.88 -6.62
C TYR A 74 -11.23 3.67 -7.31
N LEU A 75 -11.37 2.56 -8.06
CA LEU A 75 -12.60 2.27 -8.86
C LEU A 75 -13.79 1.84 -7.97
N GLN A 76 -13.55 0.99 -6.96
CA GLN A 76 -14.62 0.47 -6.07
C GLN A 76 -14.17 0.55 -4.59
N VAL A 77 -15.08 1.04 -3.73
CA VAL A 77 -14.89 1.07 -2.26
C VAL A 77 -16.11 0.41 -1.60
N ASP A 78 -15.93 -0.81 -1.07
CA ASP A 78 -17.04 -1.63 -0.55
C ASP A 78 -16.89 -1.86 0.97
N ALA A 79 -17.52 -0.95 1.77
CA ALA A 79 -17.43 -0.96 3.26
C ALA A 79 -15.95 -0.77 3.76
N PRO A 80 -15.67 -0.72 5.11
CA PRO A 80 -14.28 -0.85 5.65
C PRO A 80 -13.57 -2.22 5.34
N TYR A 81 -14.29 -3.16 4.71
CA TYR A 81 -13.86 -4.57 4.55
C TYR A 81 -13.21 -4.88 3.17
N TYR A 82 -13.55 -4.10 2.12
CA TYR A 82 -12.99 -4.32 0.75
C TYR A 82 -12.65 -2.98 0.05
N ILE A 83 -11.40 -2.88 -0.44
CA ILE A 83 -10.92 -1.73 -1.23
C ILE A 83 -10.42 -2.25 -2.61
N GLU A 84 -10.70 -1.51 -3.68
CA GLU A 84 -10.29 -1.89 -5.07
C GLU A 84 -9.69 -0.67 -5.78
N TYR A 85 -8.39 -0.75 -6.16
CA TYR A 85 -7.73 0.33 -6.92
C TYR A 85 -6.64 -0.17 -7.90
N LEU A 86 -6.42 0.61 -8.95
CA LEU A 86 -5.27 0.49 -9.88
C LEU A 86 -4.11 1.36 -9.37
N ASP A 87 -2.88 1.06 -9.82
CA ASP A 87 -1.69 1.85 -9.51
C ASP A 87 -0.90 2.14 -10.80
N TYR A 88 -0.95 3.39 -11.26
CA TYR A 88 -0.22 3.86 -12.44
C TYR A 88 1.00 4.69 -11.99
N PHE A 89 2.22 4.22 -12.34
CA PHE A 89 3.43 5.05 -12.20
C PHE A 89 3.27 6.34 -13.02
N ALA A 90 3.54 7.50 -12.42
CA ALA A 90 3.36 8.78 -13.11
C ALA A 90 4.67 9.17 -13.83
N THR A 91 4.51 9.72 -15.03
CA THR A 91 5.62 10.04 -15.96
C THR A 91 6.65 11.02 -15.34
N SER A 92 6.19 12.23 -15.03
CA SER A 92 7.02 13.38 -14.57
C SER A 92 6.10 14.59 -14.40
N LYS A 93 5.28 14.82 -15.43
CA LYS A 93 4.16 15.77 -15.42
C LYS A 93 3.10 15.38 -14.37
N GLY A 94 2.34 14.28 -14.65
CA GLY A 94 1.31 13.81 -13.73
C GLY A 94 0.62 12.51 -14.19
N GLU A 95 0.05 12.53 -15.43
CA GLU A 95 -0.90 11.50 -15.94
C GLU A 95 -0.46 10.02 -15.69
N LYS A 96 0.50 9.50 -16.48
CA LYS A 96 1.06 8.13 -16.31
C LYS A 96 2.27 7.92 -17.23
N ASP A 97 3.08 6.90 -16.94
CA ASP A 97 4.26 6.55 -17.73
C ASP A 97 3.91 5.30 -18.59
N THR A 98 4.24 5.36 -19.89
CA THR A 98 3.89 4.29 -20.86
C THR A 98 4.76 3.01 -20.69
N SER A 99 5.77 3.05 -19.80
CA SER A 99 6.65 1.88 -19.52
C SER A 99 5.93 0.76 -18.72
N MET A 100 4.81 1.08 -18.04
CA MET A 100 4.00 0.06 -17.29
C MET A 100 2.47 0.35 -17.38
N PRO A 101 1.60 -0.72 -17.38
CA PRO A 101 0.11 -0.58 -17.32
C PRO A 101 -0.44 -0.49 -15.85
N GLY A 102 -1.74 -0.83 -15.67
CA GLY A 102 -2.41 -0.73 -14.35
C GLY A 102 -2.05 -1.84 -13.36
N MET A 103 -1.23 -1.48 -12.34
CA MET A 103 -0.89 -2.35 -11.19
C MET A 103 -2.11 -2.47 -10.22
N HIS A 104 -2.84 -3.59 -10.25
CA HIS A 104 -4.18 -3.71 -9.60
C HIS A 104 -4.12 -4.33 -8.18
N ILE A 105 -4.29 -3.50 -7.13
CA ILE A 105 -4.39 -3.98 -5.73
C ILE A 105 -5.87 -4.06 -5.29
N THR A 106 -6.32 -5.24 -4.84
CA THR A 106 -7.64 -5.43 -4.19
C THR A 106 -7.43 -6.01 -2.77
N LEU A 107 -7.77 -5.23 -1.74
CA LEU A 107 -7.50 -5.61 -0.34
C LEU A 107 -8.80 -6.12 0.32
N ASN A 108 -8.73 -7.30 0.94
CA ASN A 108 -9.89 -8.07 1.41
C ASN A 108 -9.73 -8.44 2.89
N PHE A 109 -10.79 -8.24 3.69
CA PHE A 109 -10.81 -8.66 5.11
C PHE A 109 -10.85 -10.21 5.20
N GLU A 110 -10.24 -10.78 6.25
CA GLU A 110 -10.34 -12.24 6.52
C GLU A 110 -10.83 -12.50 7.95
N GLU A 111 -10.31 -11.74 8.93
CA GLU A 111 -10.69 -11.86 10.35
C GLU A 111 -10.23 -10.64 11.18
N VAL A 112 -11.06 -10.22 12.16
CA VAL A 112 -10.74 -9.12 13.09
C VAL A 112 -11.35 -9.42 14.51
N LYS A 113 -10.57 -10.11 15.36
CA LYS A 113 -10.99 -10.45 16.74
C LYS A 113 -10.59 -9.31 17.71
N GLY A 114 -9.27 -9.14 17.90
CA GLY A 114 -8.70 -8.01 18.67
C GLY A 114 -7.80 -7.14 17.79
N LYS A 115 -7.02 -7.79 16.91
CA LYS A 115 -6.17 -7.13 15.90
C LYS A 115 -6.70 -7.46 14.47
N THR A 116 -6.72 -6.45 13.58
CA THR A 116 -7.30 -6.58 12.22
C THR A 116 -6.36 -7.34 11.25
N THR A 117 -6.94 -8.18 10.38
CA THR A 117 -6.20 -8.91 9.33
C THR A 117 -6.88 -8.66 7.97
N VAL A 118 -6.29 -7.73 7.19
CA VAL A 118 -6.72 -7.41 5.81
C VAL A 118 -5.59 -7.79 4.83
N THR A 119 -5.87 -8.80 4.00
CA THR A 119 -4.90 -9.37 3.05
C THR A 119 -5.04 -8.70 1.67
N SER A 120 -3.94 -8.04 1.22
CA SER A 120 -3.86 -7.40 -0.10
C SER A 120 -3.69 -8.47 -1.20
N THR A 121 -4.44 -8.34 -2.29
CA THR A 121 -4.27 -9.18 -3.49
C THR A 121 -3.76 -8.28 -4.64
N SER A 122 -2.44 -8.27 -4.83
CA SER A 122 -1.77 -7.31 -5.71
C SER A 122 -1.34 -7.97 -7.04
N THR A 123 -2.10 -7.72 -8.11
CA THR A 123 -1.77 -8.18 -9.47
C THR A 123 -0.75 -7.24 -10.13
N PHE A 124 0.49 -7.74 -10.27
CA PHE A 124 1.62 -7.04 -10.92
C PHE A 124 1.44 -7.00 -12.47
N PRO A 125 2.10 -6.00 -13.18
CA PRO A 125 1.86 -5.70 -14.62
C PRO A 125 1.91 -6.95 -15.55
N THR A 126 3.11 -7.58 -15.66
CA THR A 126 3.35 -8.77 -16.54
C THR A 126 4.84 -9.19 -16.47
N GLU A 127 5.24 -10.18 -17.32
CA GLU A 127 6.64 -10.70 -17.41
C GLU A 127 7.11 -11.36 -16.09
N SER A 128 6.12 -11.79 -15.26
CA SER A 128 6.35 -12.32 -13.89
C SER A 128 7.15 -11.31 -13.02
N ALA A 129 6.78 -10.00 -13.13
CA ALA A 129 7.34 -8.91 -12.29
C ALA A 129 7.10 -9.17 -10.79
N ALA A 130 6.00 -9.88 -10.47
CA ALA A 130 5.68 -10.31 -9.09
C ALA A 130 6.68 -11.34 -8.55
N GLN A 131 6.95 -12.39 -9.36
CA GLN A 131 7.99 -13.40 -9.04
C GLN A 131 9.36 -12.72 -8.89
N GLN A 132 9.73 -11.90 -9.88
CA GLN A 132 11.01 -11.17 -9.90
C GLN A 132 11.16 -10.24 -8.66
N ALA A 133 10.02 -9.70 -8.18
CA ALA A 133 9.96 -8.90 -6.94
C ALA A 133 10.32 -9.75 -5.68
N ILE A 134 9.88 -11.01 -5.67
CA ILE A 134 10.25 -11.99 -4.62
C ILE A 134 11.77 -12.28 -4.64
N ASP A 135 12.33 -12.46 -5.84
CA ASP A 135 13.79 -12.63 -6.04
C ASP A 135 14.57 -11.32 -5.72
N MET A 136 13.86 -10.17 -5.73
CA MET A 136 14.41 -8.85 -5.36
C MET A 136 14.37 -8.66 -3.81
N GLY A 137 13.46 -9.38 -3.13
CA GLY A 137 13.29 -9.29 -1.67
C GLY A 137 12.19 -8.31 -1.24
N VAL A 138 11.02 -8.37 -1.92
CA VAL A 138 9.90 -7.43 -1.69
C VAL A 138 9.11 -7.76 -0.39
N GLU A 139 9.21 -9.02 0.07
CA GLU A 139 8.44 -9.55 1.22
C GLU A 139 8.72 -8.73 2.51
N THR A 140 10.03 -8.52 2.76
CA THR A 140 10.50 -7.72 3.91
C THR A 140 10.11 -6.24 3.77
N GLY A 141 10.17 -5.72 2.53
CA GLY A 141 9.84 -4.29 2.24
C GLY A 141 8.38 -3.93 2.50
N MET A 142 7.46 -4.78 1.99
CA MET A 142 6.00 -4.60 2.17
C MET A 142 5.61 -4.74 3.66
N ASN A 143 6.21 -5.74 4.34
CA ASN A 143 6.02 -5.96 5.78
C ASN A 143 6.45 -4.71 6.59
N SER A 144 7.67 -4.22 6.30
CA SER A 144 8.30 -3.07 7.01
C SER A 144 7.43 -1.80 6.88
N THR A 145 6.88 -1.57 5.67
CA THR A 145 5.99 -0.41 5.39
C THR A 145 4.63 -0.55 6.13
N LEU A 146 4.14 -1.80 6.28
CA LEU A 146 2.93 -2.11 7.08
C LEU A 146 3.21 -2.09 8.62
N ASN A 147 4.49 -2.26 9.02
CA ASN A 147 4.92 -1.97 10.42
C ASN A 147 4.97 -0.44 10.66
N GLN A 148 5.25 0.34 9.58
CA GLN A 148 5.15 1.82 9.63
C GLN A 148 3.67 2.26 9.79
N LEU A 149 2.76 1.48 9.17
CA LEU A 149 1.30 1.68 9.27
C LEU A 149 0.79 1.37 10.68
N GLU A 150 1.20 0.23 11.26
CA GLU A 150 0.84 -0.14 12.63
C GLU A 150 1.34 0.91 13.66
N LYS A 151 2.62 1.30 13.52
CA LYS A 151 3.28 2.36 14.33
C LYS A 151 2.52 3.72 14.25
N LEU A 152 2.08 4.06 13.03
CA LEU A 152 1.21 5.23 12.75
C LEU A 152 -0.11 5.17 13.58
N LEU A 153 -0.84 4.05 13.45
CA LEU A 153 -2.19 3.88 14.04
C LEU A 153 -2.14 3.75 15.59
N ASN A 154 -0.96 3.33 16.11
CA ASN A 154 -0.67 3.29 17.56
C ASN A 154 -0.39 4.72 18.12
N GLN A 155 -0.08 5.67 17.20
CA GLN A 155 0.04 7.14 17.47
C GLN A 155 1.22 7.51 18.41
N LYS A 156 1.03 7.33 19.74
CA LYS A 156 2.04 7.66 20.78
C LYS A 156 3.31 6.76 20.66
N LEU A 157 3.11 5.55 20.10
CA LEU A 157 4.21 4.59 19.82
C LEU A 157 5.20 5.14 18.77
N GLU A 158 4.68 5.95 17.82
CA GLU A 158 5.50 6.52 16.73
C GLU A 158 6.48 7.61 17.23
N HIS A 159 7.74 7.20 17.43
CA HIS A 159 8.87 8.12 17.72
C HIS A 159 9.76 8.26 16.47
N HIS A 160 9.07 8.38 15.29
CA HIS A 160 9.68 8.42 13.93
C HIS A 160 10.34 7.06 13.57
N HIS A 161 11.48 6.75 14.20
CA HIS A 161 12.18 5.45 14.02
C HIS A 161 12.06 4.57 15.30
N HIS A 162 12.63 3.37 15.23
CA HIS A 162 12.70 2.42 16.38
C HIS A 162 13.94 1.52 16.23
N HIS A 163 14.23 1.11 14.98
CA HIS A 163 15.50 0.46 14.60
C HIS A 163 16.48 1.49 13.99
N HIS A 164 17.71 1.02 13.68
CA HIS A 164 18.74 1.83 12.98
C HIS A 164 19.84 0.91 12.42
N MET A 1 4.35 -13.86 7.26
CA MET A 1 5.81 -14.19 7.34
C MET A 1 6.33 -14.64 5.95
N THR A 2 5.99 -15.88 5.54
CA THR A 2 6.29 -16.40 4.19
C THR A 2 5.03 -16.33 3.31
N ILE A 3 4.92 -15.25 2.52
CA ILE A 3 3.71 -14.92 1.74
C ILE A 3 3.56 -15.79 0.45
N GLU A 4 2.30 -16.05 0.06
CA GLU A 4 1.98 -16.88 -1.12
C GLU A 4 1.68 -16.00 -2.35
N LYS A 5 1.95 -16.54 -3.56
CA LYS A 5 1.79 -15.79 -4.85
C LYS A 5 1.01 -16.66 -5.87
N LYS A 6 0.13 -16.02 -6.64
CA LYS A 6 -0.62 -16.66 -7.75
C LYS A 6 -0.19 -16.07 -9.11
N LYS A 7 0.91 -16.62 -9.68
CA LYS A 7 1.45 -16.25 -11.03
C LYS A 7 1.99 -14.79 -11.05
N ASN A 8 1.09 -13.80 -11.28
CA ASN A 8 1.43 -12.37 -11.33
C ASN A 8 0.77 -11.57 -10.18
N LYS A 9 0.09 -12.28 -9.26
CA LYS A 9 -0.51 -11.70 -8.04
C LYS A 9 0.32 -12.09 -6.79
N ILE A 10 0.49 -11.15 -5.84
CA ILE A 10 1.14 -11.41 -4.54
C ILE A 10 0.10 -11.25 -3.43
N ILE A 11 -0.06 -12.29 -2.60
CA ILE A 11 -0.93 -12.27 -1.42
C ILE A 11 -0.08 -12.02 -0.17
N PHE A 12 -0.15 -10.80 0.38
CA PHE A 12 0.54 -10.41 1.62
C PHE A 12 -0.49 -10.33 2.76
N THR A 13 -0.34 -11.18 3.78
CA THR A 13 -1.17 -11.11 4.99
C THR A 13 -0.38 -10.44 6.13
N ARG A 14 -1.10 -9.72 6.98
CA ARG A 14 -0.51 -8.96 8.10
C ARG A 14 -1.58 -8.71 9.18
N THR A 15 -1.12 -8.58 10.43
CA THR A 15 -2.03 -8.43 11.60
C THR A 15 -1.57 -7.27 12.50
N PHE A 16 -2.43 -6.23 12.64
CA PHE A 16 -2.18 -5.05 13.50
C PHE A 16 -3.27 -4.99 14.60
N SER A 17 -2.87 -4.94 15.87
CA SER A 17 -3.81 -4.81 17.01
C SER A 17 -4.45 -3.41 17.03
N ALA A 18 -5.65 -3.33 16.42
CA ALA A 18 -6.38 -2.06 16.15
C ALA A 18 -7.77 -2.39 15.54
N PRO A 19 -8.75 -1.43 15.58
CA PRO A 19 -10.02 -1.57 14.79
C PRO A 19 -9.76 -1.50 13.27
N ILE A 20 -10.50 -2.32 12.48
CA ILE A 20 -10.34 -2.39 11.01
C ILE A 20 -10.72 -1.04 10.32
N ASN A 21 -11.53 -0.25 11.02
CA ASN A 21 -12.03 1.06 10.56
C ASN A 21 -10.87 2.04 10.21
N LYS A 22 -9.94 2.23 11.18
CA LYS A 22 -8.77 3.13 10.99
C LYS A 22 -7.76 2.55 9.98
N VAL A 23 -7.70 1.21 9.91
CA VAL A 23 -6.84 0.48 8.96
C VAL A 23 -7.33 0.73 7.50
N PHE A 24 -8.66 0.77 7.32
CA PHE A 24 -9.30 1.13 6.04
C PHE A 24 -9.01 2.61 5.69
N ASP A 25 -9.03 3.49 6.72
CA ASP A 25 -8.71 4.93 6.56
C ASP A 25 -7.23 5.18 6.17
N ALA A 26 -6.35 4.18 6.41
CA ALA A 26 -4.94 4.24 5.95
C ALA A 26 -4.81 4.15 4.41
N TYR A 27 -5.83 3.55 3.76
CA TYR A 27 -5.87 3.37 2.28
C TYR A 27 -6.90 4.33 1.60
N THR A 28 -7.67 5.10 2.41
CA THR A 28 -8.74 6.02 1.90
C THR A 28 -8.52 7.49 2.28
N LYS A 29 -7.78 7.74 3.35
CA LYS A 29 -7.51 9.09 3.89
C LYS A 29 -5.99 9.39 3.82
N ARG A 30 -5.63 10.57 3.25
CA ARG A 30 -4.22 10.89 2.94
C ARG A 30 -3.38 11.14 4.19
N GLU A 31 -3.97 11.81 5.20
CA GLU A 31 -3.28 12.19 6.46
C GLU A 31 -2.63 10.97 7.17
N LEU A 32 -3.11 9.75 6.85
CA LEU A 32 -2.53 8.49 7.34
C LEU A 32 -1.61 7.86 6.27
N PHE A 33 -2.08 7.86 5.00
CA PHE A 33 -1.38 7.22 3.84
C PHE A 33 0.06 7.77 3.65
N GLU A 34 0.21 9.10 3.68
CA GLU A 34 1.54 9.77 3.55
C GLU A 34 2.38 9.73 4.86
N GLN A 35 1.95 8.94 5.86
CA GLN A 35 2.76 8.67 7.07
C GLN A 35 3.42 7.26 7.01
N TRP A 36 2.72 6.28 6.39
CA TRP A 36 3.23 4.88 6.34
C TRP A 36 3.82 4.50 4.95
N PHE A 37 3.11 4.85 3.85
CA PHE A 37 3.44 4.37 2.48
C PHE A 37 4.65 5.14 1.89
N HIS A 38 5.87 4.66 2.21
CA HIS A 38 7.13 5.26 1.71
C HIS A 38 8.32 4.26 1.88
N PRO A 39 9.39 4.36 1.02
CA PRO A 39 10.61 3.52 1.16
C PRO A 39 11.58 4.00 2.29
N GLN A 40 12.76 3.35 2.39
CA GLN A 40 13.74 3.55 3.48
C GLN A 40 14.32 5.00 3.50
N ASP A 41 13.94 5.78 4.55
CA ASP A 41 14.43 7.17 4.81
C ASP A 41 14.06 8.17 3.68
N ALA A 42 13.07 7.82 2.85
CA ALA A 42 12.50 8.72 1.82
C ALA A 42 11.03 9.00 2.16
N SER A 43 10.62 10.28 2.08
CA SER A 43 9.27 10.77 2.46
C SER A 43 8.25 10.57 1.31
N VAL A 44 7.00 10.99 1.54
CA VAL A 44 5.90 10.94 0.56
C VAL A 44 4.92 12.13 0.78
N THR A 45 4.49 12.75 -0.32
CA THR A 45 3.60 13.93 -0.32
C THR A 45 2.38 13.65 -1.21
N VAL A 46 1.19 13.48 -0.59
CA VAL A 46 -0.08 13.32 -1.34
C VAL A 46 -0.71 14.71 -1.63
N TYR A 47 -0.76 15.06 -2.92
CA TYR A 47 -1.32 16.35 -3.40
C TYR A 47 -2.87 16.35 -3.31
N ASP A 48 -3.48 15.26 -3.78
CA ASP A 48 -4.95 15.06 -3.76
C ASP A 48 -5.27 13.58 -3.47
N PHE A 49 -6.42 13.30 -2.82
CA PHE A 49 -6.82 11.92 -2.47
C PHE A 49 -8.36 11.80 -2.43
N ASN A 50 -8.90 10.82 -3.18
CA ASN A 50 -10.33 10.44 -3.14
C ASN A 50 -10.43 8.92 -3.40
N ALA A 51 -11.00 8.18 -2.44
CA ALA A 51 -11.12 6.72 -2.50
C ALA A 51 -12.59 6.27 -2.42
N THR A 52 -13.16 5.93 -3.58
CA THR A 52 -14.55 5.47 -3.73
C THR A 52 -14.71 4.69 -5.04
N LYS A 53 -15.95 4.35 -5.41
CA LYS A 53 -16.26 3.83 -6.75
C LYS A 53 -16.15 5.00 -7.77
N GLY A 54 -14.99 5.12 -8.43
CA GLY A 54 -14.71 6.23 -9.36
C GLY A 54 -14.03 7.43 -8.70
N GLY A 55 -13.12 7.16 -7.75
CA GLY A 55 -12.24 8.17 -7.16
C GLY A 55 -10.80 8.11 -7.72
N SER A 56 -9.90 8.98 -7.24
CA SER A 56 -8.47 8.95 -7.62
C SER A 56 -7.59 9.75 -6.62
N ALA A 57 -6.30 9.42 -6.59
CA ALA A 57 -5.29 10.09 -5.73
C ALA A 57 -3.98 10.31 -6.51
N PHE A 58 -3.25 11.38 -6.15
CA PHE A 58 -1.91 11.68 -6.70
C PHE A 58 -0.94 11.98 -5.56
N TYR A 59 0.23 11.32 -5.60
CA TYR A 59 1.30 11.48 -4.60
C TYR A 59 2.69 11.40 -5.26
N ALA A 60 3.74 11.77 -4.49
CA ALA A 60 5.14 11.73 -4.95
C ALA A 60 6.08 11.34 -3.80
N ILE A 61 6.99 10.40 -4.06
CA ILE A 61 8.02 9.98 -3.10
C ILE A 61 9.14 11.04 -3.03
N GLN A 62 9.15 11.82 -1.94
CA GLN A 62 10.14 12.89 -1.70
C GLN A 62 11.42 12.28 -1.07
N ALA A 63 12.42 12.01 -1.91
CA ALA A 63 13.75 11.50 -1.50
C ALA A 63 14.77 12.67 -1.47
N PRO A 64 15.85 12.61 -0.61
CA PRO A 64 16.85 13.71 -0.46
C PRO A 64 17.63 14.10 -1.76
N GLN A 65 17.49 13.33 -2.86
CA GLN A 65 18.08 13.69 -4.19
C GLN A 65 17.19 13.24 -5.39
N MET A 66 15.92 12.87 -5.12
CA MET A 66 14.98 12.34 -6.16
C MET A 66 13.50 12.60 -5.76
N ILE A 67 12.63 12.91 -6.74
CA ILE A 67 11.16 13.01 -6.52
C ILE A 67 10.45 12.18 -7.62
N SER A 68 9.72 11.12 -7.21
CA SER A 68 9.08 10.17 -8.15
C SER A 68 7.54 10.14 -7.96
N TYR A 69 6.80 10.38 -9.05
CA TYR A 69 5.34 10.64 -9.01
C TYR A 69 4.50 9.37 -9.34
N THR A 70 3.30 9.23 -8.73
CA THR A 70 2.38 8.09 -8.97
C THR A 70 0.89 8.52 -8.75
N ILE A 71 0.01 8.17 -9.72
CA ILE A 71 -1.45 8.45 -9.69
C ILE A 71 -2.25 7.12 -9.56
N ALA A 72 -2.98 6.93 -8.45
CA ALA A 72 -3.84 5.72 -8.26
C ALA A 72 -5.32 6.04 -8.58
N GLU A 73 -5.86 5.37 -9.62
CA GLU A 73 -7.30 5.42 -9.95
C GLU A 73 -8.09 4.44 -9.05
N TYR A 74 -8.94 4.97 -8.15
CA TYR A 74 -9.76 4.15 -7.24
C TYR A 74 -11.06 3.71 -7.92
N LEU A 75 -11.09 2.44 -8.36
CA LEU A 75 -12.16 1.89 -9.22
C LEU A 75 -13.41 1.53 -8.39
N GLN A 76 -13.25 0.67 -7.36
CA GLN A 76 -14.33 0.30 -6.42
C GLN A 76 -13.78 0.25 -4.96
N VAL A 77 -14.25 1.18 -4.10
CA VAL A 77 -13.84 1.22 -2.67
C VAL A 77 -15.11 1.39 -1.81
N ASP A 78 -15.44 0.36 -0.99
CA ASP A 78 -16.76 0.24 -0.35
C ASP A 78 -16.66 -0.50 1.01
N ALA A 79 -17.08 0.20 2.11
CA ALA A 79 -17.11 -0.35 3.50
C ALA A 79 -15.68 -0.67 4.06
N PRO A 80 -15.47 -0.86 5.42
CA PRO A 80 -14.14 -1.29 5.98
C PRO A 80 -13.86 -2.80 5.72
N TYR A 81 -14.21 -3.29 4.51
CA TYR A 81 -14.11 -4.72 4.15
C TYR A 81 -13.41 -4.93 2.78
N TYR A 82 -13.62 -3.99 1.82
CA TYR A 82 -13.09 -4.17 0.44
C TYR A 82 -12.49 -2.86 -0.16
N ILE A 83 -11.29 -2.99 -0.77
CA ILE A 83 -10.61 -1.94 -1.55
C ILE A 83 -10.27 -2.49 -2.97
N GLU A 84 -10.49 -1.68 -4.01
CA GLU A 84 -10.08 -2.01 -5.41
C GLU A 84 -9.61 -0.72 -6.12
N TYR A 85 -8.33 -0.68 -6.58
CA TYR A 85 -7.81 0.46 -7.37
C TYR A 85 -6.71 0.03 -8.36
N LEU A 86 -6.63 0.78 -9.48
CA LEU A 86 -5.51 0.73 -10.43
C LEU A 86 -4.43 1.75 -9.99
N ASP A 87 -3.18 1.31 -9.77
CA ASP A 87 -2.08 2.21 -9.40
C ASP A 87 -1.22 2.49 -10.65
N TYR A 88 -1.42 3.65 -11.28
CA TYR A 88 -0.61 4.07 -12.44
C TYR A 88 0.61 4.86 -11.94
N PHE A 89 1.82 4.35 -12.19
CA PHE A 89 3.05 5.15 -12.02
C PHE A 89 2.97 6.38 -12.96
N ALA A 90 3.26 7.58 -12.44
CA ALA A 90 3.20 8.81 -13.25
C ALA A 90 4.59 9.13 -13.85
N THR A 91 4.60 9.60 -15.11
CA THR A 91 5.86 9.93 -15.83
C THR A 91 6.59 11.16 -15.23
N SER A 92 5.92 12.33 -15.26
CA SER A 92 6.52 13.64 -14.89
C SER A 92 5.49 14.79 -15.04
N LYS A 93 4.71 14.73 -16.14
CA LYS A 93 3.78 15.83 -16.57
C LYS A 93 2.46 15.91 -15.75
N GLY A 94 2.41 15.25 -14.57
CA GLY A 94 1.17 15.12 -13.81
C GLY A 94 0.18 14.14 -14.44
N GLU A 95 0.71 13.17 -15.20
CA GLU A 95 -0.08 12.12 -15.89
C GLU A 95 0.66 10.77 -15.84
N LYS A 96 -0.05 9.68 -16.21
CA LYS A 96 0.46 8.29 -16.17
C LYS A 96 1.74 8.05 -17.02
N ASP A 97 2.40 6.91 -16.79
CA ASP A 97 3.64 6.53 -17.49
C ASP A 97 3.32 5.69 -18.76
N THR A 98 4.15 5.83 -19.81
CA THR A 98 3.94 5.13 -21.10
C THR A 98 4.75 3.81 -21.21
N SER A 99 5.77 3.63 -20.35
CA SER A 99 6.65 2.43 -20.34
C SER A 99 6.05 1.26 -19.52
N MET A 100 5.13 1.58 -18.58
CA MET A 100 4.42 0.55 -17.77
C MET A 100 2.89 0.85 -17.68
N PRO A 101 2.01 -0.22 -17.55
CA PRO A 101 0.54 -0.04 -17.36
C PRO A 101 0.13 0.10 -15.85
N GLY A 102 -1.19 -0.06 -15.58
CA GLY A 102 -1.75 0.09 -14.23
C GLY A 102 -1.57 -1.15 -13.33
N MET A 103 -1.02 -0.91 -12.14
CA MET A 103 -0.82 -1.90 -11.06
C MET A 103 -2.16 -2.14 -10.28
N HIS A 104 -2.93 -3.20 -10.66
CA HIS A 104 -4.31 -3.42 -10.14
C HIS A 104 -4.31 -4.12 -8.75
N ILE A 105 -4.56 -3.33 -7.69
CA ILE A 105 -4.71 -3.81 -6.30
C ILE A 105 -6.18 -4.25 -5.98
N THR A 106 -6.30 -5.36 -5.21
CA THR A 106 -7.54 -5.75 -4.49
C THR A 106 -7.20 -6.16 -3.05
N LEU A 107 -7.71 -5.40 -2.05
CA LEU A 107 -7.52 -5.73 -0.62
C LEU A 107 -8.85 -6.28 -0.03
N ASN A 108 -8.75 -7.28 0.85
CA ASN A 108 -9.93 -7.99 1.41
C ASN A 108 -9.76 -8.16 2.94
N PHE A 109 -10.88 -8.15 3.67
CA PHE A 109 -10.89 -8.33 5.15
C PHE A 109 -10.61 -9.80 5.56
N GLU A 110 -10.07 -9.97 6.78
CA GLU A 110 -9.79 -11.31 7.38
C GLU A 110 -9.61 -11.14 8.94
N GLU A 111 -10.30 -10.12 9.51
CA GLU A 111 -10.19 -9.74 10.95
C GLU A 111 -10.63 -10.92 11.87
N VAL A 112 -9.80 -11.21 12.89
CA VAL A 112 -9.96 -12.41 13.76
C VAL A 112 -10.66 -12.04 15.12
N LYS A 113 -9.91 -11.38 16.03
CA LYS A 113 -10.36 -11.10 17.44
C LYS A 113 -9.91 -9.68 17.88
N GLY A 114 -10.41 -8.65 17.19
CA GLY A 114 -10.05 -7.23 17.47
C GLY A 114 -8.67 -6.83 16.92
N LYS A 115 -7.97 -7.81 16.32
CA LYS A 115 -6.63 -7.64 15.71
C LYS A 115 -6.78 -7.71 14.17
N THR A 116 -6.70 -6.55 13.52
CA THR A 116 -7.03 -6.42 12.08
C THR A 116 -6.08 -7.23 11.19
N THR A 117 -6.65 -8.04 10.30
CA THR A 117 -5.93 -8.82 9.32
C THR A 117 -6.57 -8.55 7.96
N VAL A 118 -5.80 -8.00 7.03
CA VAL A 118 -6.28 -7.68 5.68
C VAL A 118 -5.42 -8.45 4.66
N THR A 119 -6.07 -9.31 3.87
CA THR A 119 -5.42 -10.11 2.83
C THR A 119 -5.26 -9.25 1.55
N SER A 120 -4.02 -8.79 1.30
CA SER A 120 -3.71 -7.92 0.15
C SER A 120 -3.31 -8.75 -1.09
N THR A 121 -4.17 -8.78 -2.11
CA THR A 121 -3.90 -9.50 -3.38
C THR A 121 -3.68 -8.47 -4.52
N SER A 122 -2.43 -8.33 -4.94
CA SER A 122 -2.01 -7.25 -5.88
C SER A 122 -1.38 -7.83 -7.16
N THR A 123 -1.96 -7.51 -8.34
CA THR A 123 -1.45 -8.04 -9.63
C THR A 123 -0.45 -7.08 -10.31
N PHE A 124 0.78 -7.58 -10.46
CA PHE A 124 1.84 -6.97 -11.27
C PHE A 124 1.57 -7.22 -12.79
N PRO A 125 2.26 -6.49 -13.74
CA PRO A 125 1.96 -6.57 -15.20
C PRO A 125 2.51 -7.87 -15.88
N THR A 126 1.84 -9.01 -15.57
CA THR A 126 2.07 -10.36 -16.16
C THR A 126 3.57 -10.80 -16.16
N GLU A 127 3.90 -11.92 -16.85
CA GLU A 127 5.31 -12.33 -17.13
C GLU A 127 6.07 -12.70 -15.80
N SER A 128 5.29 -13.06 -14.76
CA SER A 128 5.80 -13.38 -13.39
C SER A 128 6.54 -12.20 -12.73
N ALA A 129 6.22 -10.95 -13.16
CA ALA A 129 6.83 -9.70 -12.61
C ALA A 129 6.70 -9.62 -11.06
N ALA A 130 5.60 -10.19 -10.56
CA ALA A 130 5.32 -10.32 -9.11
C ALA A 130 6.22 -11.37 -8.43
N GLN A 131 6.40 -12.52 -9.11
CA GLN A 131 7.26 -13.62 -8.62
C GLN A 131 8.72 -13.16 -8.47
N GLN A 132 9.28 -12.54 -9.53
CA GLN A 132 10.68 -12.05 -9.53
C GLN A 132 10.96 -11.07 -8.35
N ALA A 133 9.92 -10.31 -7.94
CA ALA A 133 10.01 -9.39 -6.78
C ALA A 133 10.26 -10.16 -5.46
N ILE A 134 9.59 -11.32 -5.31
CA ILE A 134 9.73 -12.21 -4.13
C ILE A 134 11.16 -12.82 -4.07
N ASP A 135 11.65 -13.25 -5.25
CA ASP A 135 13.02 -13.79 -5.39
C ASP A 135 14.10 -12.71 -5.10
N MET A 136 13.75 -11.44 -5.35
CA MET A 136 14.60 -10.26 -5.00
C MET A 136 14.58 -10.01 -3.47
N GLY A 137 13.44 -10.34 -2.82
CA GLY A 137 13.26 -10.13 -1.37
C GLY A 137 12.42 -8.89 -1.04
N VAL A 138 11.33 -8.67 -1.80
CA VAL A 138 10.40 -7.52 -1.58
C VAL A 138 9.56 -7.70 -0.27
N GLU A 139 9.47 -8.95 0.22
CA GLU A 139 8.68 -9.31 1.43
C GLU A 139 9.08 -8.44 2.64
N THR A 140 10.39 -8.42 2.97
CA THR A 140 10.92 -7.69 4.15
C THR A 140 10.80 -6.15 3.99
N GLY A 141 10.88 -5.67 2.74
CA GLY A 141 10.72 -4.24 2.44
C GLY A 141 9.29 -3.75 2.69
N MET A 142 8.31 -4.51 2.19
CA MET A 142 6.86 -4.25 2.41
C MET A 142 6.49 -4.47 3.90
N ASN A 143 7.12 -5.47 4.54
CA ASN A 143 6.87 -5.82 5.96
C ASN A 143 7.30 -4.66 6.90
N SER A 144 8.41 -3.98 6.55
CA SER A 144 8.92 -2.81 7.32
C SER A 144 8.06 -1.55 7.10
N THR A 145 7.58 -1.33 5.86
CA THR A 145 6.66 -0.21 5.51
C THR A 145 5.27 -0.39 6.18
N LEU A 146 4.82 -1.65 6.25
CA LEU A 146 3.58 -2.04 6.95
C LEU A 146 3.77 -2.08 8.48
N ASN A 147 5.01 -2.25 8.93
CA ASN A 147 5.39 -2.06 10.35
C ASN A 147 5.26 -0.55 10.73
N GLN A 148 5.54 0.35 9.76
CA GLN A 148 5.33 1.81 9.94
C GLN A 148 3.81 2.13 10.02
N LEU A 149 3.00 1.33 9.27
CA LEU A 149 1.53 1.36 9.34
C LEU A 149 1.03 0.94 10.75
N GLU A 150 1.73 -0.03 11.38
CA GLU A 150 1.45 -0.44 12.78
C GLU A 150 1.71 0.74 13.76
N LYS A 151 2.87 1.41 13.62
CA LYS A 151 3.25 2.59 14.47
C LYS A 151 2.22 3.74 14.31
N LEU A 152 1.76 3.92 13.06
CA LEU A 152 0.75 4.92 12.67
C LEU A 152 -0.61 4.70 13.39
N LEU A 153 -1.19 3.50 13.19
CA LEU A 153 -2.55 3.16 13.67
C LEU A 153 -2.62 3.04 15.22
N ASN A 154 -1.47 2.75 15.83
CA ASN A 154 -1.31 2.76 17.30
C ASN A 154 -1.12 4.20 17.83
N GLN A 155 -0.48 5.08 17.01
CA GLN A 155 -0.17 6.51 17.34
C GLN A 155 0.83 6.66 18.52
N LYS A 156 0.42 6.21 19.71
CA LYS A 156 1.21 6.21 20.96
C LYS A 156 2.27 5.03 20.99
N LEU A 157 2.83 4.68 19.81
CA LEU A 157 3.85 3.62 19.67
C LEU A 157 5.11 4.20 19.00
N GLU A 158 6.24 4.20 19.73
CA GLU A 158 7.53 4.79 19.29
C GLU A 158 8.55 3.69 18.88
N HIS A 159 8.85 2.80 19.84
CA HIS A 159 9.96 1.83 19.74
C HIS A 159 9.64 0.69 18.75
N HIS A 160 10.22 0.79 17.54
CA HIS A 160 10.14 -0.28 16.50
C HIS A 160 11.32 -1.29 16.68
N HIS A 161 11.30 -2.01 17.82
CA HIS A 161 12.43 -2.82 18.33
C HIS A 161 12.57 -4.21 17.61
N HIS A 162 11.79 -4.43 16.53
CA HIS A 162 11.94 -5.63 15.66
C HIS A 162 13.37 -5.70 15.04
N HIS A 163 13.83 -6.92 14.74
CA HIS A 163 15.22 -7.17 14.29
C HIS A 163 15.52 -6.47 12.92
N HIS A 164 14.64 -6.70 11.92
CA HIS A 164 14.69 -6.02 10.58
C HIS A 164 13.47 -6.42 9.72
N MET A 1 7.02 -16.99 4.73
CA MET A 1 5.85 -17.76 5.27
C MET A 1 4.56 -16.90 5.43
N THR A 2 4.65 -15.61 5.03
CA THR A 2 3.52 -14.63 5.15
C THR A 2 2.89 -14.32 3.77
N ILE A 3 3.70 -14.40 2.70
CA ILE A 3 3.21 -14.24 1.30
C ILE A 3 2.52 -15.52 0.77
N GLU A 4 1.88 -15.41 -0.40
CA GLU A 4 1.24 -16.53 -1.10
C GLU A 4 1.33 -16.29 -2.62
N LYS A 5 2.27 -16.98 -3.27
CA LYS A 5 2.70 -16.66 -4.65
C LYS A 5 1.99 -17.49 -5.73
N LYS A 6 1.46 -16.79 -6.75
CA LYS A 6 0.95 -17.40 -8.01
C LYS A 6 1.62 -16.69 -9.22
N LYS A 7 1.32 -17.18 -10.45
CA LYS A 7 2.03 -16.81 -11.74
C LYS A 7 2.61 -15.38 -11.80
N ASN A 8 1.74 -14.36 -11.79
CA ASN A 8 2.13 -12.93 -11.80
C ASN A 8 1.39 -12.15 -10.70
N LYS A 9 1.26 -12.78 -9.53
CA LYS A 9 0.46 -12.24 -8.41
C LYS A 9 1.09 -12.58 -7.05
N ILE A 10 1.16 -11.58 -6.15
CA ILE A 10 1.61 -11.77 -4.75
C ILE A 10 0.42 -11.45 -3.80
N ILE A 11 -0.09 -12.49 -3.15
CA ILE A 11 -1.13 -12.38 -2.13
C ILE A 11 -0.47 -12.19 -0.73
N PHE A 12 -0.55 -10.97 -0.17
CA PHE A 12 0.08 -10.63 1.14
C PHE A 12 -0.99 -10.48 2.24
N THR A 13 -1.02 -11.43 3.17
CA THR A 13 -1.96 -11.41 4.32
C THR A 13 -1.23 -10.92 5.59
N ARG A 14 -1.87 -10.04 6.39
CA ARG A 14 -1.27 -9.52 7.63
C ARG A 14 -2.35 -9.07 8.65
N THR A 15 -1.94 -8.96 9.94
CA THR A 15 -2.85 -8.60 11.06
C THR A 15 -2.28 -7.41 11.86
N PHE A 16 -3.14 -6.46 12.24
CA PHE A 16 -2.75 -5.27 13.07
C PHE A 16 -3.52 -5.28 14.40
N SER A 17 -2.82 -5.03 15.52
CA SER A 17 -3.47 -4.80 16.83
C SER A 17 -4.01 -3.34 16.84
N ALA A 18 -5.28 -3.19 16.43
CA ALA A 18 -5.95 -1.88 16.22
C ALA A 18 -7.38 -2.11 15.64
N PRO A 19 -8.38 -1.25 15.98
CA PRO A 19 -9.72 -1.30 15.34
C PRO A 19 -9.68 -0.92 13.83
N ILE A 20 -10.64 -1.48 13.07
CA ILE A 20 -10.79 -1.26 11.60
C ILE A 20 -10.93 0.26 11.22
N ASN A 21 -11.43 1.06 12.16
CA ASN A 21 -11.64 2.52 11.96
C ASN A 21 -10.31 3.25 11.65
N LYS A 22 -9.23 2.76 12.26
CA LYS A 22 -7.86 3.27 12.04
C LYS A 22 -7.24 2.66 10.76
N VAL A 23 -7.39 1.32 10.66
CA VAL A 23 -6.73 0.47 9.65
C VAL A 23 -7.22 0.78 8.20
N PHE A 24 -8.55 0.71 7.99
CA PHE A 24 -9.18 0.99 6.68
C PHE A 24 -8.89 2.43 6.20
N ASP A 25 -9.15 3.41 7.07
CA ASP A 25 -8.97 4.84 6.77
C ASP A 25 -7.49 5.23 6.49
N ALA A 26 -6.55 4.33 6.80
CA ALA A 26 -5.13 4.48 6.41
C ALA A 26 -4.93 4.30 4.88
N TYR A 27 -5.80 3.48 4.27
CA TYR A 27 -5.85 3.24 2.81
C TYR A 27 -6.79 4.24 2.11
N THR A 28 -7.68 4.85 2.91
CA THR A 28 -8.86 5.61 2.41
C THR A 28 -8.73 7.14 2.63
N LYS A 29 -7.80 7.56 3.52
CA LYS A 29 -7.52 9.00 3.80
C LYS A 29 -6.00 9.28 3.63
N ARG A 30 -5.63 10.38 2.93
CA ARG A 30 -4.19 10.68 2.63
C ARG A 30 -3.39 10.99 3.90
N GLU A 31 -4.04 11.69 4.86
CA GLU A 31 -3.41 12.12 6.13
C GLU A 31 -2.67 10.96 6.86
N LEU A 32 -3.14 9.73 6.64
CA LEU A 32 -2.56 8.51 7.20
C LEU A 32 -1.67 7.79 6.15
N PHE A 33 -2.14 7.78 4.89
CA PHE A 33 -1.44 7.14 3.73
C PHE A 33 0.02 7.65 3.58
N GLU A 34 0.19 8.98 3.57
CA GLU A 34 1.53 9.63 3.49
C GLU A 34 2.38 9.52 4.79
N GLN A 35 1.86 8.85 5.84
CA GLN A 35 2.63 8.55 7.08
C GLN A 35 3.22 7.11 7.06
N TRP A 36 2.60 6.18 6.31
CA TRP A 36 3.06 4.76 6.26
C TRP A 36 3.64 4.36 4.88
N PHE A 37 2.96 4.73 3.78
CA PHE A 37 3.33 4.29 2.41
C PHE A 37 4.55 5.08 1.88
N HIS A 38 5.75 4.58 2.19
CA HIS A 38 7.03 5.16 1.69
C HIS A 38 8.19 4.14 1.85
N PRO A 39 9.24 4.18 0.97
CA PRO A 39 10.44 3.30 1.10
C PRO A 39 11.40 3.75 2.23
N GLN A 40 12.56 3.07 2.33
CA GLN A 40 13.60 3.36 3.35
C GLN A 40 14.16 4.80 3.21
N ASP A 41 14.11 5.58 4.32
CA ASP A 41 14.56 6.99 4.44
C ASP A 41 13.61 8.01 3.73
N ALA A 42 13.23 7.72 2.47
CA ALA A 42 12.49 8.65 1.58
C ALA A 42 11.06 8.99 2.08
N SER A 43 10.68 10.26 1.86
CA SER A 43 9.34 10.80 2.21
C SER A 43 8.30 10.53 1.08
N VAL A 44 7.05 10.99 1.31
CA VAL A 44 5.95 10.90 0.33
C VAL A 44 4.98 12.10 0.49
N THR A 45 4.79 12.88 -0.59
CA THR A 45 3.83 14.01 -0.63
C THR A 45 2.61 13.66 -1.49
N VAL A 46 1.43 13.52 -0.86
CA VAL A 46 0.16 13.31 -1.59
C VAL A 46 -0.44 14.68 -1.98
N TYR A 47 -0.54 14.92 -3.30
CA TYR A 47 -1.10 16.15 -3.88
C TYR A 47 -2.65 16.17 -3.78
N ASP A 48 -3.25 15.04 -4.22
CA ASP A 48 -4.72 14.86 -4.27
C ASP A 48 -5.09 13.42 -3.82
N PHE A 49 -6.30 13.25 -3.26
CA PHE A 49 -6.75 11.92 -2.77
C PHE A 49 -8.30 11.84 -2.78
N ASN A 50 -8.82 10.73 -3.32
CA ASN A 50 -10.27 10.40 -3.28
C ASN A 50 -10.44 8.86 -3.34
N ALA A 51 -10.74 8.22 -2.20
CA ALA A 51 -10.95 6.76 -2.12
C ALA A 51 -12.45 6.43 -1.92
N THR A 52 -13.11 6.06 -3.03
CA THR A 52 -14.57 5.72 -3.04
C THR A 52 -14.87 4.74 -4.20
N LYS A 53 -16.16 4.40 -4.39
CA LYS A 53 -16.62 3.63 -5.58
C LYS A 53 -16.49 4.49 -6.87
N GLY A 54 -15.27 4.59 -7.42
CA GLY A 54 -14.99 5.45 -8.59
C GLY A 54 -14.29 6.76 -8.23
N GLY A 55 -13.25 6.68 -7.35
CA GLY A 55 -12.39 7.83 -7.00
C GLY A 55 -11.01 7.79 -7.66
N SER A 56 -10.12 8.73 -7.26
CA SER A 56 -8.74 8.84 -7.83
C SER A 56 -7.80 9.66 -6.90
N ALA A 57 -6.48 9.46 -7.05
CA ALA A 57 -5.46 10.09 -6.18
C ALA A 57 -4.12 10.28 -6.92
N PHE A 58 -3.32 11.28 -6.49
CA PHE A 58 -1.96 11.52 -7.03
C PHE A 58 -0.99 11.89 -5.87
N TYR A 59 0.19 11.26 -5.87
CA TYR A 59 1.26 11.48 -4.88
C TYR A 59 2.65 11.35 -5.55
N ALA A 60 3.72 11.57 -4.75
CA ALA A 60 5.12 11.42 -5.24
C ALA A 60 6.06 11.07 -4.09
N ILE A 61 6.99 10.13 -4.34
CA ILE A 61 8.02 9.73 -3.37
C ILE A 61 9.16 10.79 -3.36
N GLN A 62 9.18 11.62 -2.30
CA GLN A 62 10.20 12.67 -2.13
C GLN A 62 11.48 12.07 -1.50
N ALA A 63 12.47 11.78 -2.34
CA ALA A 63 13.75 11.16 -1.92
C ALA A 63 14.91 12.19 -2.08
N PRO A 64 16.05 12.05 -1.32
CA PRO A 64 17.14 13.06 -1.30
C PRO A 64 17.80 13.32 -2.69
N GLN A 65 17.98 12.26 -3.50
CA GLN A 65 18.67 12.34 -4.82
C GLN A 65 17.69 12.19 -6.02
N MET A 66 16.40 11.92 -5.75
CA MET A 66 15.38 11.66 -6.82
C MET A 66 13.95 11.97 -6.33
N ILE A 67 13.05 12.33 -7.26
CA ILE A 67 11.59 12.47 -6.96
C ILE A 67 10.79 11.75 -8.08
N SER A 68 10.16 10.62 -7.71
CA SER A 68 9.35 9.82 -8.65
C SER A 68 7.85 10.01 -8.35
N TYR A 69 7.04 10.16 -9.41
CA TYR A 69 5.60 10.50 -9.31
C TYR A 69 4.72 9.26 -9.56
N THR A 70 3.68 9.07 -8.73
CA THR A 70 2.83 7.84 -8.76
C THR A 70 1.36 8.18 -8.44
N ILE A 71 0.43 7.51 -9.12
CA ILE A 71 -1.02 7.75 -9.05
C ILE A 71 -1.74 6.47 -8.54
N ALA A 72 -2.85 6.64 -7.81
CA ALA A 72 -3.74 5.51 -7.39
C ALA A 72 -5.19 5.82 -7.82
N GLU A 73 -5.75 4.98 -8.72
CA GLU A 73 -7.11 5.15 -9.26
C GLU A 73 -8.08 4.16 -8.59
N TYR A 74 -8.98 4.69 -7.75
CA TYR A 74 -9.86 3.85 -6.91
C TYR A 74 -11.12 3.42 -7.68
N LEU A 75 -11.09 2.19 -8.23
CA LEU A 75 -12.18 1.62 -9.04
C LEU A 75 -13.42 1.37 -8.12
N GLN A 76 -13.20 0.58 -7.05
CA GLN A 76 -14.24 0.28 -6.04
C GLN A 76 -13.64 0.29 -4.61
N VAL A 77 -14.10 1.21 -3.75
CA VAL A 77 -13.83 1.10 -2.30
C VAL A 77 -15.20 0.94 -1.61
N ASP A 78 -15.48 -0.29 -1.14
CA ASP A 78 -16.82 -0.72 -0.70
C ASP A 78 -16.77 -1.16 0.77
N ALA A 79 -17.37 -0.32 1.67
CA ALA A 79 -17.41 -0.56 3.13
C ALA A 79 -15.98 -0.55 3.77
N PRO A 80 -15.84 -0.54 5.14
CA PRO A 80 -14.54 -0.84 5.82
C PRO A 80 -13.98 -2.30 5.61
N TYR A 81 -14.26 -2.94 4.45
CA TYR A 81 -13.92 -4.36 4.22
C TYR A 81 -13.25 -4.62 2.86
N TYR A 82 -13.57 -3.80 1.83
CA TYR A 82 -12.99 -3.98 0.47
C TYR A 82 -12.41 -2.66 -0.09
N ILE A 83 -11.15 -2.72 -0.56
CA ILE A 83 -10.48 -1.63 -1.29
C ILE A 83 -10.00 -2.16 -2.66
N GLU A 84 -10.18 -1.37 -3.73
CA GLU A 84 -9.69 -1.71 -5.08
C GLU A 84 -9.16 -0.44 -5.79
N TYR A 85 -7.87 -0.47 -6.20
CA TYR A 85 -7.27 0.64 -6.96
C TYR A 85 -6.21 0.15 -7.98
N LEU A 86 -5.94 1.01 -8.97
CA LEU A 86 -4.92 0.77 -10.01
C LEU A 86 -3.77 1.76 -9.81
N ASP A 87 -2.55 1.27 -9.64
CA ASP A 87 -1.38 2.10 -9.35
C ASP A 87 -0.70 2.50 -10.68
N TYR A 88 -0.97 3.73 -11.13
CA TYR A 88 -0.38 4.29 -12.35
C TYR A 88 0.98 4.92 -12.03
N PHE A 89 1.85 4.95 -13.03
CA PHE A 89 3.12 5.69 -12.96
C PHE A 89 2.91 7.05 -13.65
N ALA A 90 3.31 8.14 -12.97
CA ALA A 90 3.08 9.52 -13.44
C ALA A 90 4.37 10.18 -13.99
N THR A 91 4.24 11.43 -14.46
CA THR A 91 5.37 12.21 -15.05
C THR A 91 5.59 13.53 -14.27
N SER A 92 6.59 14.35 -14.70
CA SER A 92 6.83 15.71 -14.14
C SER A 92 5.64 16.67 -14.38
N LYS A 93 4.83 16.38 -15.42
CA LYS A 93 3.55 17.08 -15.71
C LYS A 93 2.40 16.58 -14.79
N GLY A 94 2.71 15.57 -13.95
CA GLY A 94 1.69 14.80 -13.25
C GLY A 94 1.06 13.77 -14.17
N GLU A 95 0.04 14.24 -14.92
CA GLU A 95 -0.75 13.49 -15.93
C GLU A 95 -0.74 11.94 -15.79
N LYS A 96 0.27 11.30 -16.44
CA LYS A 96 0.47 9.83 -16.47
C LYS A 96 1.68 9.49 -17.37
N ASP A 97 2.13 8.23 -17.30
CA ASP A 97 3.20 7.69 -18.16
C ASP A 97 2.60 6.67 -19.17
N THR A 98 3.04 6.77 -20.43
CA THR A 98 2.52 5.93 -21.55
C THR A 98 2.99 4.46 -21.45
N SER A 99 4.20 4.24 -20.90
CA SER A 99 4.89 2.92 -20.96
C SER A 99 4.24 1.89 -20.00
N MET A 100 4.17 2.22 -18.70
CA MET A 100 3.71 1.28 -17.66
C MET A 100 2.21 1.52 -17.27
N PRO A 101 1.42 0.42 -17.06
CA PRO A 101 -0.05 0.51 -16.84
C PRO A 101 -0.47 0.69 -15.36
N GLY A 102 -1.79 0.54 -15.10
CA GLY A 102 -2.37 0.60 -13.75
C GLY A 102 -2.22 -0.71 -12.97
N MET A 103 -1.16 -0.78 -12.15
CA MET A 103 -0.83 -1.94 -11.28
C MET A 103 -2.01 -2.34 -10.33
N HIS A 104 -2.48 -3.58 -10.48
CA HIS A 104 -3.75 -4.04 -9.86
C HIS A 104 -3.58 -4.48 -8.38
N ILE A 105 -4.01 -3.62 -7.43
CA ILE A 105 -4.09 -3.98 -5.98
C ILE A 105 -5.58 -4.02 -5.53
N THR A 106 -6.03 -5.18 -5.06
CA THR A 106 -7.36 -5.36 -4.43
C THR A 106 -7.20 -6.02 -3.05
N LEU A 107 -7.57 -5.30 -1.98
CA LEU A 107 -7.38 -5.80 -0.59
C LEU A 107 -8.73 -6.30 -0.01
N ASN A 108 -8.69 -7.46 0.64
CA ASN A 108 -9.86 -8.23 1.12
C ASN A 108 -9.63 -8.70 2.57
N PHE A 109 -10.70 -9.06 3.29
CA PHE A 109 -10.60 -9.65 4.65
C PHE A 109 -10.38 -11.18 4.62
N GLU A 110 -9.68 -11.69 5.65
CA GLU A 110 -9.39 -13.12 5.83
C GLU A 110 -9.57 -13.52 7.31
N GLU A 111 -10.68 -14.25 7.61
CA GLU A 111 -10.98 -14.83 8.94
C GLU A 111 -11.33 -13.73 10.01
N VAL A 112 -12.53 -13.82 10.59
CA VAL A 112 -13.06 -12.84 11.56
C VAL A 112 -12.41 -12.97 12.98
N LYS A 113 -11.65 -11.94 13.40
CA LYS A 113 -11.00 -11.87 14.75
C LYS A 113 -11.29 -10.52 15.46
N GLY A 114 -10.66 -10.30 16.63
CA GLY A 114 -10.71 -9.01 17.32
C GLY A 114 -9.80 -7.96 16.66
N LYS A 115 -8.63 -8.43 16.21
CA LYS A 115 -7.68 -7.65 15.39
C LYS A 115 -8.14 -7.63 13.91
N THR A 116 -7.81 -6.54 13.20
CA THR A 116 -8.11 -6.40 11.76
C THR A 116 -7.08 -7.17 10.90
N THR A 117 -7.57 -7.98 9.92
CA THR A 117 -6.72 -8.82 9.04
C THR A 117 -7.09 -8.56 7.57
N VAL A 118 -6.12 -8.04 6.80
CA VAL A 118 -6.34 -7.60 5.40
C VAL A 118 -5.32 -8.30 4.46
N THR A 119 -5.84 -9.15 3.58
CA THR A 119 -5.09 -9.84 2.52
C THR A 119 -5.09 -9.03 1.20
N SER A 120 -3.93 -8.48 0.81
CA SER A 120 -3.76 -7.72 -0.46
C SER A 120 -3.46 -8.66 -1.64
N THR A 121 -4.42 -8.80 -2.56
CA THR A 121 -4.22 -9.49 -3.85
C THR A 121 -3.61 -8.52 -4.88
N SER A 122 -2.28 -8.62 -5.07
CA SER A 122 -1.51 -7.70 -5.96
C SER A 122 -1.12 -8.41 -7.27
N THR A 123 -1.82 -8.09 -8.36
CA THR A 123 -1.58 -8.70 -9.69
C THR A 123 -0.62 -7.82 -10.53
N PHE A 124 0.65 -8.27 -10.61
CA PHE A 124 1.73 -7.62 -11.39
C PHE A 124 1.60 -7.89 -12.92
N PRO A 125 2.26 -7.05 -13.80
CA PRO A 125 2.18 -7.18 -15.28
C PRO A 125 3.01 -8.39 -15.85
N THR A 126 2.43 -9.58 -15.70
CA THR A 126 2.85 -10.86 -16.37
C THR A 126 4.34 -11.29 -16.17
N GLU A 127 5.18 -11.20 -17.23
CA GLU A 127 6.46 -11.96 -17.32
C GLU A 127 7.49 -11.54 -16.24
N SER A 128 7.55 -12.35 -15.16
CA SER A 128 8.53 -12.22 -14.06
C SER A 128 8.44 -10.89 -13.28
N ALA A 129 7.40 -10.09 -13.55
CA ALA A 129 7.20 -8.77 -12.90
C ALA A 129 6.96 -8.91 -11.38
N ALA A 130 6.19 -9.94 -11.01
CA ALA A 130 5.96 -10.32 -9.60
C ALA A 130 7.15 -11.10 -9.00
N GLN A 131 7.89 -11.80 -9.87
CA GLN A 131 9.12 -12.55 -9.50
C GLN A 131 10.22 -11.61 -8.98
N GLN A 132 10.44 -10.48 -9.69
CA GLN A 132 11.46 -9.47 -9.31
C GLN A 132 11.21 -8.91 -7.87
N ALA A 133 9.92 -8.85 -7.48
CA ALA A 133 9.51 -8.45 -6.11
C ALA A 133 9.90 -9.52 -5.06
N ILE A 134 9.79 -10.81 -5.44
CA ILE A 134 10.26 -11.95 -4.58
C ILE A 134 11.79 -11.85 -4.35
N ASP A 135 12.53 -11.60 -5.45
CA ASP A 135 13.99 -11.36 -5.41
C ASP A 135 14.35 -10.06 -4.65
N MET A 136 13.42 -9.09 -4.65
CA MET A 136 13.56 -7.83 -3.88
C MET A 136 13.30 -8.05 -2.36
N GLY A 137 12.70 -9.22 -2.03
CA GLY A 137 12.33 -9.55 -0.65
C GLY A 137 10.99 -8.94 -0.25
N VAL A 138 9.94 -9.21 -1.07
CA VAL A 138 8.60 -8.61 -0.94
C VAL A 138 7.96 -8.81 0.45
N GLU A 139 8.21 -9.97 1.08
CA GLU A 139 7.62 -10.28 2.40
C GLU A 139 8.14 -9.31 3.48
N THR A 140 9.48 -9.19 3.58
CA THR A 140 10.15 -8.27 4.53
C THR A 140 9.86 -6.78 4.18
N GLY A 141 9.80 -6.48 2.85
CA GLY A 141 9.55 -5.12 2.36
C GLY A 141 8.16 -4.58 2.71
N MET A 142 7.13 -5.40 2.43
CA MET A 142 5.74 -5.09 2.82
C MET A 142 5.61 -5.01 4.35
N ASN A 143 6.24 -5.95 5.08
CA ASN A 143 6.26 -5.95 6.57
C ASN A 143 6.85 -4.65 7.16
N SER A 144 7.85 -4.04 6.46
CA SER A 144 8.50 -2.77 6.91
C SER A 144 7.64 -1.51 6.60
N THR A 145 6.97 -1.50 5.43
CA THR A 145 6.04 -0.40 5.04
C THR A 145 4.77 -0.41 5.93
N LEU A 146 4.31 -1.62 6.23
CA LEU A 146 3.19 -1.89 7.17
C LEU A 146 3.64 -1.75 8.64
N ASN A 147 4.97 -1.88 8.90
CA ASN A 147 5.58 -1.58 10.22
C ASN A 147 5.46 -0.06 10.52
N GLN A 148 5.60 0.77 9.46
CA GLN A 148 5.32 2.23 9.52
C GLN A 148 3.82 2.47 9.86
N LEU A 149 2.94 1.63 9.26
CA LEU A 149 1.48 1.65 9.51
C LEU A 149 1.16 1.21 10.95
N GLU A 150 1.94 0.26 11.46
CA GLU A 150 1.80 -0.23 12.84
C GLU A 150 2.13 0.88 13.87
N LYS A 151 3.30 1.52 13.71
CA LYS A 151 3.75 2.62 14.61
C LYS A 151 2.81 3.85 14.49
N LEU A 152 2.25 4.07 13.28
CA LEU A 152 1.22 5.10 13.00
C LEU A 152 -0.05 4.86 13.87
N LEU A 153 -0.65 3.67 13.73
CA LEU A 153 -1.97 3.34 14.33
C LEU A 153 -1.87 3.03 15.85
N ASN A 154 -0.67 2.68 16.33
CA ASN A 154 -0.39 2.50 17.78
C ASN A 154 -0.11 3.85 18.47
N GLN A 155 0.66 4.74 17.78
CA GLN A 155 1.11 6.07 18.29
C GLN A 155 2.20 5.96 19.41
N LYS A 156 1.83 5.29 20.52
CA LYS A 156 2.69 5.12 21.72
C LYS A 156 3.72 3.97 21.57
N LEU A 157 3.95 3.51 20.33
CA LEU A 157 4.82 2.35 20.04
C LEU A 157 5.72 2.65 18.82
N GLU A 158 7.05 2.63 19.04
CA GLU A 158 8.05 2.59 17.96
C GLU A 158 8.65 1.16 17.89
N HIS A 159 9.31 0.76 19.00
CA HIS A 159 9.91 -0.59 19.14
C HIS A 159 9.81 -1.07 20.62
N HIS A 160 9.44 -2.34 20.82
CA HIS A 160 9.25 -2.92 22.18
C HIS A 160 10.60 -3.40 22.80
N HIS A 161 11.61 -3.67 21.94
CA HIS A 161 12.95 -4.11 22.39
C HIS A 161 13.96 -2.93 22.40
N HIS A 162 14.76 -2.84 23.49
CA HIS A 162 15.80 -1.81 23.64
C HIS A 162 17.02 -2.39 24.42
N HIS A 163 18.07 -2.80 23.67
CA HIS A 163 19.33 -3.30 24.26
C HIS A 163 20.24 -2.11 24.71
N HIS A 164 20.99 -2.31 25.81
CA HIS A 164 21.92 -1.30 26.39
C HIS A 164 21.17 -0.04 26.89
N MET A 1 5.58 -10.26 6.32
CA MET A 1 5.06 -11.26 7.30
C MET A 1 4.81 -12.62 6.61
N THR A 2 3.86 -12.65 5.64
CA THR A 2 3.48 -13.88 4.89
C THR A 2 2.87 -13.48 3.52
N ILE A 3 3.22 -14.23 2.43
CA ILE A 3 2.66 -14.00 1.06
C ILE A 3 2.31 -15.33 0.33
N GLU A 4 1.36 -15.24 -0.62
CA GLU A 4 0.97 -16.32 -1.53
C GLU A 4 1.02 -15.81 -3.00
N LYS A 5 1.93 -16.36 -3.82
CA LYS A 5 2.34 -15.71 -5.09
C LYS A 5 1.84 -16.48 -6.33
N LYS A 6 0.79 -15.95 -7.00
CA LYS A 6 0.18 -16.55 -8.21
C LYS A 6 0.68 -15.85 -9.50
N LYS A 7 1.87 -16.27 -9.98
CA LYS A 7 2.49 -15.81 -11.25
C LYS A 7 2.79 -14.27 -11.29
N ASN A 8 1.80 -13.43 -11.68
CA ASN A 8 1.95 -11.95 -11.70
C ASN A 8 1.16 -11.29 -10.55
N LYS A 9 0.81 -12.07 -9.51
CA LYS A 9 0.12 -11.58 -8.30
C LYS A 9 0.85 -12.03 -7.01
N ILE A 10 1.04 -11.09 -6.07
CA ILE A 10 1.55 -11.37 -4.71
C ILE A 10 0.45 -11.01 -3.69
N ILE A 11 -0.18 -12.05 -3.13
CA ILE A 11 -1.21 -11.93 -2.08
C ILE A 11 -0.52 -11.69 -0.71
N PHE A 12 -0.59 -10.44 -0.21
CA PHE A 12 0.15 -10.01 0.99
C PHE A 12 -0.78 -10.01 2.22
N THR A 13 -0.32 -10.57 3.33
CA THR A 13 -1.09 -10.58 4.61
C THR A 13 -0.19 -10.19 5.80
N ARG A 14 -0.68 -9.23 6.62
CA ARG A 14 0.06 -8.69 7.78
C ARG A 14 -0.96 -8.28 8.88
N THR A 15 -0.70 -8.73 10.12
CA THR A 15 -1.61 -8.53 11.26
C THR A 15 -1.25 -7.24 12.06
N PHE A 16 -2.16 -6.26 12.05
CA PHE A 16 -2.00 -4.98 12.79
C PHE A 16 -2.78 -5.02 14.13
N SER A 17 -2.17 -4.52 15.22
CA SER A 17 -2.89 -4.30 16.51
C SER A 17 -3.65 -2.95 16.47
N ALA A 18 -4.95 -3.01 16.10
CA ALA A 18 -5.79 -1.80 15.91
C ALA A 18 -7.28 -2.16 15.71
N PRO A 19 -8.23 -1.21 16.02
CA PRO A 19 -9.66 -1.30 15.57
C PRO A 19 -9.84 -1.08 14.04
N ILE A 20 -10.84 -1.78 13.44
CA ILE A 20 -11.08 -1.81 11.97
C ILE A 20 -11.33 -0.39 11.36
N ASN A 21 -11.92 0.50 12.16
CA ASN A 21 -12.34 1.83 11.72
C ASN A 21 -11.15 2.67 11.18
N LYS A 22 -10.09 2.81 12.01
CA LYS A 22 -8.87 3.58 11.63
C LYS A 22 -8.02 2.86 10.54
N VAL A 23 -8.10 1.53 10.52
CA VAL A 23 -7.35 0.68 9.57
C VAL A 23 -7.87 0.89 8.12
N PHE A 24 -9.20 0.94 7.96
CA PHE A 24 -9.86 1.22 6.67
C PHE A 24 -9.57 2.68 6.22
N ASP A 25 -9.57 3.61 7.19
CA ASP A 25 -9.26 5.04 6.93
C ASP A 25 -7.80 5.27 6.47
N ALA A 26 -6.89 4.32 6.77
CA ALA A 26 -5.48 4.35 6.29
C ALA A 26 -5.40 4.29 4.75
N TYR A 27 -6.36 3.58 4.13
CA TYR A 27 -6.42 3.35 2.66
C TYR A 27 -7.41 4.32 1.96
N THR A 28 -8.23 5.06 2.76
CA THR A 28 -9.27 5.97 2.22
C THR A 28 -9.01 7.47 2.50
N LYS A 29 -8.19 7.77 3.50
CA LYS A 29 -7.95 9.16 3.96
C LYS A 29 -6.44 9.50 3.87
N ARG A 30 -6.09 10.63 3.20
CA ARG A 30 -4.68 10.98 2.90
C ARG A 30 -3.86 11.23 4.14
N GLU A 31 -4.51 11.82 5.18
CA GLU A 31 -3.86 12.15 6.47
C GLU A 31 -3.03 10.97 6.97
N LEU A 32 -3.66 9.79 6.94
CA LEU A 32 -3.07 8.56 7.43
C LEU A 32 -2.13 7.94 6.36
N PHE A 33 -2.57 7.98 5.08
CA PHE A 33 -1.82 7.38 3.94
C PHE A 33 -0.36 7.90 3.86
N GLU A 34 -0.17 9.23 3.81
CA GLU A 34 1.18 9.84 3.79
C GLU A 34 1.95 9.70 5.14
N GLN A 35 1.29 9.25 6.22
CA GLN A 35 1.97 8.93 7.50
C GLN A 35 2.55 7.48 7.53
N TRP A 36 2.10 6.57 6.62
CA TRP A 36 2.59 5.16 6.62
C TRP A 36 3.21 4.72 5.27
N PHE A 37 2.53 5.03 4.14
CA PHE A 37 2.94 4.56 2.79
C PHE A 37 4.20 5.30 2.30
N HIS A 38 5.36 4.80 2.73
CA HIS A 38 6.68 5.31 2.33
C HIS A 38 7.74 4.21 2.59
N PRO A 39 8.74 4.01 1.68
CA PRO A 39 9.83 3.02 1.89
C PRO A 39 10.83 3.43 3.00
N GLN A 40 11.74 2.50 3.33
CA GLN A 40 12.75 2.70 4.39
C GLN A 40 13.73 3.85 4.01
N ASP A 41 13.95 4.78 4.97
CA ASP A 41 14.84 5.98 4.83
C ASP A 41 14.22 7.10 3.92
N ALA A 42 13.02 6.86 3.34
CA ALA A 42 12.37 7.80 2.40
C ALA A 42 10.95 8.21 2.86
N SER A 43 10.58 9.45 2.53
CA SER A 43 9.24 10.04 2.79
C SER A 43 8.30 9.90 1.56
N VAL A 44 7.08 10.46 1.68
CA VAL A 44 6.08 10.50 0.59
C VAL A 44 5.34 11.87 0.59
N THR A 45 4.88 12.30 -0.59
CA THR A 45 4.18 13.59 -0.80
C THR A 45 2.89 13.35 -1.61
N VAL A 46 1.72 13.55 -1.00
CA VAL A 46 0.43 13.38 -1.69
C VAL A 46 -0.06 14.74 -2.29
N TYR A 47 -0.23 14.79 -3.62
CA TYR A 47 -0.69 15.98 -4.36
C TYR A 47 -2.23 16.01 -4.45
N ASP A 48 -2.82 14.85 -4.78
CA ASP A 48 -4.28 14.65 -4.92
C ASP A 48 -4.66 13.34 -4.21
N PHE A 49 -5.88 13.25 -3.64
CA PHE A 49 -6.34 12.02 -2.95
C PHE A 49 -7.88 12.01 -2.78
N ASN A 50 -8.51 10.96 -3.33
CA ASN A 50 -9.95 10.68 -3.15
C ASN A 50 -10.19 9.17 -3.34
N ALA A 51 -10.67 8.47 -2.30
CA ALA A 51 -10.86 7.01 -2.32
C ALA A 51 -12.35 6.61 -2.28
N THR A 52 -12.85 6.11 -3.43
CA THR A 52 -14.26 5.67 -3.61
C THR A 52 -14.40 4.93 -4.98
N LYS A 53 -15.62 4.66 -5.43
CA LYS A 53 -15.87 4.13 -6.79
C LYS A 53 -15.64 5.27 -7.83
N GLY A 54 -14.57 5.14 -8.61
CA GLY A 54 -14.14 6.19 -9.55
C GLY A 54 -13.27 7.28 -8.91
N GLY A 55 -12.69 6.96 -7.72
CA GLY A 55 -11.79 7.86 -7.00
C GLY A 55 -10.42 8.03 -7.66
N SER A 56 -9.71 9.11 -7.29
CA SER A 56 -8.40 9.46 -7.91
C SER A 56 -7.40 9.99 -6.86
N ALA A 57 -6.13 9.54 -6.96
CA ALA A 57 -5.06 9.96 -6.05
C ALA A 57 -3.70 10.06 -6.78
N PHE A 58 -3.06 11.24 -6.74
CA PHE A 58 -1.69 11.44 -7.25
C PHE A 58 -0.75 11.68 -6.06
N TYR A 59 0.43 11.04 -6.09
CA TYR A 59 1.46 11.22 -5.04
C TYR A 59 2.88 11.01 -5.62
N ALA A 60 3.89 11.08 -4.75
CA ALA A 60 5.30 10.87 -5.13
C ALA A 60 6.13 10.40 -3.92
N ILE A 61 7.00 9.42 -4.14
CA ILE A 61 7.95 8.94 -3.12
C ILE A 61 9.12 9.95 -2.99
N GLN A 62 9.09 10.73 -1.90
CA GLN A 62 10.12 11.75 -1.62
C GLN A 62 11.33 11.07 -0.94
N ALA A 63 12.33 10.73 -1.75
CA ALA A 63 13.60 10.11 -1.28
C ALA A 63 14.66 11.21 -0.99
N PRO A 64 15.69 10.94 -0.10
CA PRO A 64 16.73 11.96 0.28
C PRO A 64 17.51 12.61 -0.91
N GLN A 65 17.57 11.92 -2.06
CA GLN A 65 18.27 12.44 -3.28
C GLN A 65 17.40 12.27 -4.56
N MET A 66 16.08 12.04 -4.39
CA MET A 66 15.15 11.75 -5.53
C MET A 66 13.68 12.05 -5.16
N ILE A 67 12.85 12.45 -6.14
CA ILE A 67 11.38 12.49 -5.99
C ILE A 67 10.74 11.79 -7.21
N SER A 68 10.17 10.58 -6.98
CA SER A 68 9.60 9.72 -8.04
C SER A 68 8.06 9.65 -7.92
N TYR A 69 7.35 9.94 -9.02
CA TYR A 69 5.87 10.15 -9.01
C TYR A 69 5.12 8.83 -9.30
N THR A 70 3.94 8.67 -8.66
CA THR A 70 3.10 7.44 -8.76
C THR A 70 1.61 7.77 -8.47
N ILE A 71 0.67 7.03 -9.09
CA ILE A 71 -0.79 7.31 -9.07
C ILE A 71 -1.57 6.07 -8.55
N ALA A 72 -2.66 6.29 -7.82
CA ALA A 72 -3.66 5.25 -7.48
C ALA A 72 -5.09 5.72 -7.90
N GLU A 73 -5.70 5.02 -8.87
CA GLU A 73 -7.09 5.26 -9.28
C GLU A 73 -8.03 4.24 -8.62
N TYR A 74 -8.86 4.70 -7.68
CA TYR A 74 -9.74 3.83 -6.87
C TYR A 74 -10.99 3.43 -7.69
N LEU A 75 -11.04 2.16 -8.10
CA LEU A 75 -12.10 1.63 -8.98
C LEU A 75 -13.37 1.27 -8.17
N GLN A 76 -13.20 0.46 -7.09
CA GLN A 76 -14.30 0.11 -6.15
C GLN A 76 -13.81 0.12 -4.68
N VAL A 77 -14.36 1.02 -3.86
CA VAL A 77 -14.13 1.01 -2.39
C VAL A 77 -15.49 0.85 -1.68
N ASP A 78 -15.71 -0.32 -1.05
CA ASP A 78 -17.04 -0.73 -0.52
C ASP A 78 -16.88 -1.48 0.81
N ALA A 79 -17.42 -0.88 1.91
CA ALA A 79 -17.35 -1.45 3.29
C ALA A 79 -15.90 -1.46 3.87
N PRO A 80 -15.71 -1.51 5.24
CA PRO A 80 -14.35 -1.63 5.86
C PRO A 80 -13.56 -2.94 5.52
N TYR A 81 -14.12 -3.79 4.63
CA TYR A 81 -13.56 -5.12 4.30
C TYR A 81 -13.13 -5.23 2.80
N TYR A 82 -13.31 -4.16 2.00
CA TYR A 82 -12.92 -4.16 0.56
C TYR A 82 -12.47 -2.77 0.05
N ILE A 83 -11.22 -2.71 -0.46
CA ILE A 83 -10.68 -1.55 -1.20
C ILE A 83 -10.13 -2.06 -2.57
N GLU A 84 -10.29 -1.28 -3.64
CA GLU A 84 -9.73 -1.60 -4.97
C GLU A 84 -9.19 -0.34 -5.66
N TYR A 85 -7.94 -0.39 -6.14
CA TYR A 85 -7.31 0.70 -6.92
C TYR A 85 -6.30 0.18 -7.95
N LEU A 86 -5.98 1.06 -8.91
CA LEU A 86 -5.04 0.78 -10.03
C LEU A 86 -3.82 1.70 -9.89
N ASP A 87 -2.62 1.12 -9.77
CA ASP A 87 -1.40 1.88 -9.49
C ASP A 87 -0.60 2.10 -10.80
N TYR A 88 -0.60 3.35 -11.30
CA TYR A 88 0.17 3.74 -12.48
C TYR A 88 1.41 4.54 -12.04
N PHE A 89 2.62 4.04 -12.34
CA PHE A 89 3.86 4.82 -12.18
C PHE A 89 3.77 6.10 -13.03
N ALA A 90 3.85 7.26 -12.40
CA ALA A 90 3.68 8.57 -13.07
C ALA A 90 5.03 9.15 -13.52
N THR A 91 5.02 9.89 -14.66
CA THR A 91 6.22 10.58 -15.17
C THR A 91 6.50 11.89 -14.36
N SER A 92 5.55 12.84 -14.40
CA SER A 92 5.63 14.17 -13.70
C SER A 92 4.44 15.07 -14.11
N LYS A 93 3.98 14.92 -15.37
CA LYS A 93 2.96 15.81 -16.01
C LYS A 93 1.50 15.53 -15.55
N GLY A 94 1.31 14.97 -14.34
CA GLY A 94 -0.04 14.68 -13.82
C GLY A 94 -0.67 13.38 -14.37
N GLU A 95 0.11 12.61 -15.15
CA GLU A 95 -0.35 11.34 -15.75
C GLU A 95 0.74 10.25 -15.61
N LYS A 96 0.43 9.03 -16.09
CA LYS A 96 1.34 7.85 -16.05
C LYS A 96 2.67 8.08 -16.82
N ASP A 97 3.59 7.09 -16.72
CA ASP A 97 4.93 7.13 -17.33
C ASP A 97 4.88 7.48 -18.84
N THR A 98 4.46 6.50 -19.66
CA THR A 98 4.20 6.66 -21.11
C THR A 98 3.13 5.64 -21.53
N SER A 99 3.40 4.35 -21.20
CA SER A 99 2.51 3.22 -21.52
C SER A 99 2.85 2.01 -20.61
N MET A 100 2.10 1.84 -19.51
CA MET A 100 2.26 0.69 -18.57
C MET A 100 0.89 0.15 -18.10
N PRO A 101 0.76 -1.21 -17.87
CA PRO A 101 -0.46 -1.80 -17.24
C PRO A 101 -0.69 -1.34 -15.76
N GLY A 102 -1.98 -1.17 -15.38
CA GLY A 102 -2.36 -0.72 -14.03
C GLY A 102 -2.15 -1.79 -12.95
N MET A 103 -1.22 -1.53 -12.04
CA MET A 103 -0.91 -2.39 -10.87
C MET A 103 -2.15 -2.48 -9.91
N HIS A 104 -2.93 -3.55 -10.07
CA HIS A 104 -4.29 -3.69 -9.47
C HIS A 104 -4.27 -4.35 -8.08
N ILE A 105 -4.34 -3.53 -7.00
CA ILE A 105 -4.43 -4.04 -5.61
C ILE A 105 -5.93 -4.10 -5.18
N THR A 106 -6.38 -5.29 -4.71
CA THR A 106 -7.67 -5.46 -4.01
C THR A 106 -7.44 -6.04 -2.61
N LEU A 107 -7.79 -5.28 -1.56
CA LEU A 107 -7.54 -5.67 -0.17
C LEU A 107 -8.85 -6.19 0.47
N ASN A 108 -8.87 -7.51 0.79
CA ASN A 108 -10.03 -8.20 1.41
C ASN A 108 -9.64 -8.91 2.73
N PHE A 109 -10.61 -9.04 3.64
CA PHE A 109 -10.47 -9.90 4.84
C PHE A 109 -10.87 -11.35 4.51
N GLU A 110 -9.85 -12.23 4.39
CA GLU A 110 -10.06 -13.70 4.27
C GLU A 110 -10.63 -14.27 5.59
N GLU A 111 -10.22 -13.65 6.71
CA GLU A 111 -10.68 -14.00 8.08
C GLU A 111 -10.86 -12.70 8.92
N VAL A 112 -12.04 -12.56 9.55
CA VAL A 112 -12.31 -11.44 10.48
C VAL A 112 -11.68 -11.76 11.87
N LYS A 113 -10.46 -11.23 12.10
CA LYS A 113 -9.79 -11.30 13.43
C LYS A 113 -10.15 -10.07 14.32
N GLY A 114 -9.77 -10.16 15.61
CA GLY A 114 -9.81 -9.00 16.53
C GLY A 114 -8.64 -8.05 16.25
N LYS A 115 -7.49 -8.65 15.93
CA LYS A 115 -6.30 -7.95 15.40
C LYS A 115 -6.41 -7.83 13.87
N THR A 116 -6.65 -6.60 13.39
CA THR A 116 -7.04 -6.34 11.99
C THR A 116 -5.99 -6.79 10.96
N THR A 117 -6.36 -7.78 10.13
CA THR A 117 -5.48 -8.33 9.08
C THR A 117 -6.18 -8.21 7.71
N VAL A 118 -5.83 -7.17 6.94
CA VAL A 118 -6.37 -6.98 5.58
C VAL A 118 -5.36 -7.49 4.53
N THR A 119 -5.79 -8.50 3.78
CA THR A 119 -4.96 -9.19 2.80
C THR A 119 -5.03 -8.50 1.41
N SER A 120 -3.91 -7.88 0.97
CA SER A 120 -3.83 -7.15 -0.31
C SER A 120 -3.38 -8.06 -1.48
N THR A 121 -4.31 -8.39 -2.38
CA THR A 121 -3.99 -9.12 -3.63
C THR A 121 -3.42 -8.12 -4.66
N SER A 122 -2.08 -8.14 -4.80
CA SER A 122 -1.33 -7.14 -5.58
C SER A 122 -1.03 -7.68 -6.99
N THR A 123 -1.76 -7.15 -8.00
CA THR A 123 -1.61 -7.61 -9.41
C THR A 123 -0.53 -6.78 -10.13
N PHE A 124 0.66 -7.36 -10.22
CA PHE A 124 1.81 -6.79 -10.93
C PHE A 124 1.61 -6.80 -12.48
N PRO A 125 2.29 -5.85 -13.22
CA PRO A 125 2.08 -5.64 -14.68
C PRO A 125 2.78 -6.70 -15.59
N THR A 126 2.25 -7.95 -15.57
CA THR A 126 2.64 -9.10 -16.45
C THR A 126 4.18 -9.37 -16.51
N GLU A 127 4.62 -10.29 -17.42
CA GLU A 127 6.08 -10.63 -17.65
C GLU A 127 6.75 -11.26 -16.38
N SER A 128 5.91 -11.75 -15.45
CA SER A 128 6.35 -12.27 -14.12
C SER A 128 7.11 -11.18 -13.31
N ALA A 129 6.66 -9.92 -13.44
CA ALA A 129 7.19 -8.76 -12.67
C ALA A 129 7.04 -8.99 -11.14
N ALA A 130 5.98 -9.73 -10.77
CA ALA A 130 5.74 -10.17 -9.39
C ALA A 130 6.81 -11.17 -8.91
N GLN A 131 7.03 -12.22 -9.73
CA GLN A 131 8.08 -13.24 -9.46
C GLN A 131 9.48 -12.61 -9.31
N GLN A 132 9.80 -11.70 -10.23
CA GLN A 132 11.07 -10.94 -10.22
C GLN A 132 11.24 -10.14 -8.89
N ALA A 133 10.11 -9.58 -8.40
CA ALA A 133 10.07 -8.84 -7.12
C ALA A 133 10.27 -9.79 -5.90
N ILE A 134 9.82 -11.05 -6.02
CA ILE A 134 10.06 -12.09 -4.98
C ILE A 134 11.57 -12.37 -4.81
N ASP A 135 12.27 -12.51 -5.97
CA ASP A 135 13.74 -12.67 -6.03
C ASP A 135 14.48 -11.40 -5.55
N MET A 136 13.81 -10.23 -5.64
CA MET A 136 14.33 -8.94 -5.11
C MET A 136 14.20 -8.87 -3.56
N GLY A 137 13.22 -9.61 -3.00
CA GLY A 137 12.93 -9.59 -1.55
C GLY A 137 11.91 -8.51 -1.16
N VAL A 138 10.88 -8.34 -2.00
CA VAL A 138 9.85 -7.29 -1.85
C VAL A 138 8.93 -7.52 -0.61
N GLU A 139 8.88 -8.78 -0.13
CA GLU A 139 8.05 -9.21 1.03
C GLU A 139 8.37 -8.35 2.28
N THR A 140 9.67 -8.28 2.61
CA THR A 140 10.17 -7.60 3.83
C THR A 140 10.08 -6.07 3.69
N GLY A 141 10.29 -5.58 2.45
CA GLY A 141 10.21 -4.17 2.12
C GLY A 141 8.81 -3.57 2.28
N MET A 142 7.80 -4.23 1.68
CA MET A 142 6.38 -3.84 1.81
C MET A 142 5.87 -4.04 3.26
N ASN A 143 6.41 -5.06 3.96
CA ASN A 143 6.13 -5.32 5.39
C ASN A 143 6.67 -4.18 6.28
N SER A 144 7.86 -3.64 5.91
CA SER A 144 8.50 -2.51 6.64
C SER A 144 7.62 -1.24 6.58
N THR A 145 7.02 -1.02 5.39
CA THR A 145 6.03 0.07 5.18
C THR A 145 4.75 -0.15 6.04
N LEU A 146 4.33 -1.42 6.20
CA LEU A 146 3.18 -1.80 7.05
C LEU A 146 3.52 -1.75 8.57
N ASN A 147 4.82 -1.87 8.92
CA ASN A 147 5.29 -1.65 10.30
C ASN A 147 5.11 -0.16 10.70
N GLN A 148 5.28 0.74 9.70
CA GLN A 148 5.04 2.19 9.87
C GLN A 148 3.52 2.47 10.04
N LEU A 149 2.68 1.63 9.38
CA LEU A 149 1.21 1.68 9.51
C LEU A 149 0.77 1.26 10.92
N GLU A 150 1.43 0.26 11.51
CA GLU A 150 1.15 -0.16 12.90
C GLU A 150 1.60 0.95 13.90
N LYS A 151 2.74 1.62 13.63
CA LYS A 151 3.20 2.79 14.43
C LYS A 151 2.15 3.93 14.42
N LEU A 152 1.60 4.20 13.24
CA LEU A 152 0.53 5.19 13.00
C LEU A 152 -0.76 4.90 13.82
N LEU A 153 -1.31 3.69 13.65
CA LEU A 153 -2.61 3.30 14.22
C LEU A 153 -2.56 3.10 15.75
N ASN A 154 -1.39 2.66 16.26
CA ASN A 154 -1.12 2.56 17.71
C ASN A 154 -0.76 3.95 18.32
N GLN A 155 -0.26 4.87 17.46
CA GLN A 155 0.17 6.25 17.82
C GLN A 155 1.42 6.24 18.74
N LYS A 156 1.22 5.74 19.97
CA LYS A 156 2.30 5.45 20.94
C LYS A 156 3.06 4.17 20.52
N LEU A 157 3.86 4.30 19.44
CA LEU A 157 4.67 3.21 18.87
C LEU A 157 5.72 3.82 17.91
N GLU A 158 7.00 3.63 18.25
CA GLU A 158 8.14 4.07 17.40
C GLU A 158 9.40 3.30 17.83
N HIS A 159 9.80 3.47 19.12
CA HIS A 159 10.95 2.76 19.70
C HIS A 159 10.55 1.32 20.12
N HIS A 160 11.25 0.32 19.56
CA HIS A 160 10.99 -1.12 19.84
C HIS A 160 11.45 -1.52 21.26
N HIS A 161 10.62 -2.31 21.97
CA HIS A 161 10.94 -2.82 23.33
C HIS A 161 11.75 -4.14 23.23
N HIS A 162 11.14 -5.19 22.60
CA HIS A 162 11.83 -6.45 22.20
C HIS A 162 12.41 -7.30 23.39
N HIS A 163 12.08 -6.92 24.65
CA HIS A 163 12.61 -7.61 25.86
C HIS A 163 12.01 -9.04 25.99
N HIS A 164 10.79 -9.22 25.45
CA HIS A 164 10.13 -10.53 25.30
C HIS A 164 10.27 -11.04 23.85
N MET A 1 7.75 -16.24 6.94
CA MET A 1 7.45 -15.47 5.72
C MET A 1 7.26 -16.40 4.50
N THR A 2 6.01 -16.50 4.00
CA THR A 2 5.62 -17.39 2.88
C THR A 2 4.21 -17.01 2.31
N ILE A 3 4.14 -15.89 1.55
CA ILE A 3 2.88 -15.47 0.87
C ILE A 3 2.64 -16.20 -0.47
N GLU A 4 1.44 -16.04 -1.05
CA GLU A 4 1.03 -16.76 -2.27
C GLU A 4 1.32 -15.92 -3.54
N LYS A 5 2.04 -16.53 -4.50
CA LYS A 5 2.35 -15.91 -5.81
C LYS A 5 1.67 -16.70 -6.95
N LYS A 6 0.71 -16.05 -7.66
CA LYS A 6 0.02 -16.64 -8.84
C LYS A 6 0.53 -15.99 -10.15
N LYS A 7 1.66 -16.54 -10.67
CA LYS A 7 2.34 -16.06 -11.92
C LYS A 7 2.78 -14.57 -11.81
N ASN A 8 1.85 -13.65 -12.08
CA ASN A 8 2.09 -12.18 -12.04
C ASN A 8 1.33 -11.53 -10.87
N LYS A 9 1.03 -12.31 -9.82
CA LYS A 9 0.23 -11.85 -8.66
C LYS A 9 0.95 -12.19 -7.34
N ILE A 10 1.02 -11.20 -6.44
CA ILE A 10 1.51 -11.37 -5.05
C ILE A 10 0.36 -11.08 -4.08
N ILE A 11 0.01 -12.08 -3.26
CA ILE A 11 -1.08 -12.01 -2.28
C ILE A 11 -0.46 -11.92 -0.86
N PHE A 12 -0.49 -10.73 -0.25
CA PHE A 12 0.14 -10.47 1.06
C PHE A 12 -0.91 -10.48 2.19
N THR A 13 -0.50 -10.90 3.39
CA THR A 13 -1.37 -10.93 4.59
C THR A 13 -0.63 -10.35 5.82
N ARG A 14 -1.32 -9.52 6.61
CA ARG A 14 -0.75 -8.83 7.80
C ARG A 14 -1.83 -8.61 8.87
N THR A 15 -1.47 -8.90 10.14
CA THR A 15 -2.35 -8.69 11.31
C THR A 15 -1.93 -7.40 12.09
N PHE A 16 -2.94 -6.65 12.58
CA PHE A 16 -2.73 -5.51 13.50
C PHE A 16 -3.67 -5.63 14.73
N SER A 17 -3.16 -5.35 15.93
CA SER A 17 -4.02 -5.11 17.11
C SER A 17 -4.52 -3.65 17.05
N ALA A 18 -5.72 -3.49 16.46
CA ALA A 18 -6.33 -2.18 16.15
C ALA A 18 -7.76 -2.40 15.59
N PRO A 19 -8.72 -1.46 15.85
CA PRO A 19 -10.06 -1.46 15.18
C PRO A 19 -9.96 -1.33 13.63
N ILE A 20 -10.84 -2.06 12.93
CA ILE A 20 -10.89 -2.13 11.44
C ILE A 20 -11.07 -0.73 10.77
N ASN A 21 -11.69 0.22 11.50
CA ASN A 21 -11.97 1.60 11.01
C ASN A 21 -10.67 2.39 10.74
N LYS A 22 -9.77 2.49 11.75
CA LYS A 22 -8.49 3.25 11.60
C LYS A 22 -7.54 2.57 10.58
N VAL A 23 -7.63 1.22 10.50
CA VAL A 23 -6.87 0.41 9.53
C VAL A 23 -7.33 0.72 8.07
N PHE A 24 -8.66 0.88 7.91
CA PHE A 24 -9.29 1.28 6.63
C PHE A 24 -8.88 2.71 6.22
N ASP A 25 -8.97 3.66 7.18
CA ASP A 25 -8.66 5.09 6.95
C ASP A 25 -7.16 5.34 6.61
N ALA A 26 -6.31 4.34 6.90
CA ALA A 26 -4.89 4.34 6.46
C ALA A 26 -4.74 4.29 4.92
N TYR A 27 -5.74 3.66 4.27
CA TYR A 27 -5.79 3.45 2.80
C TYR A 27 -6.79 4.41 2.12
N THR A 28 -7.54 5.19 2.94
CA THR A 28 -8.70 5.97 2.46
C THR A 28 -8.56 7.48 2.82
N LYS A 29 -7.71 7.80 3.81
CA LYS A 29 -7.35 9.21 4.18
C LYS A 29 -5.83 9.42 4.00
N ARG A 30 -5.45 10.56 3.34
CA ARG A 30 -4.02 10.88 3.08
C ARG A 30 -3.22 11.22 4.35
N GLU A 31 -3.92 11.79 5.35
CA GLU A 31 -3.33 12.21 6.65
C GLU A 31 -2.61 11.06 7.37
N LEU A 32 -3.04 9.82 7.07
CA LEU A 32 -2.48 8.59 7.67
C LEU A 32 -1.57 7.88 6.65
N PHE A 33 -2.04 7.82 5.38
CA PHE A 33 -1.34 7.17 4.25
C PHE A 33 0.14 7.61 4.14
N GLU A 34 0.36 8.94 4.13
CA GLU A 34 1.72 9.51 3.96
C GLU A 34 2.64 9.28 5.19
N GLN A 35 2.06 8.91 6.36
CA GLN A 35 2.83 8.59 7.59
C GLN A 35 3.54 7.22 7.51
N TRP A 36 2.95 6.25 6.76
CA TRP A 36 3.51 4.88 6.67
C TRP A 36 4.10 4.58 5.26
N PHE A 37 3.36 4.92 4.18
CA PHE A 37 3.72 4.56 2.78
C PHE A 37 4.90 5.44 2.26
N HIS A 38 6.14 5.02 2.57
CA HIS A 38 7.38 5.70 2.10
C HIS A 38 8.63 4.87 2.52
N PRO A 39 9.77 4.95 1.76
CA PRO A 39 11.01 4.21 2.10
C PRO A 39 11.88 4.89 3.21
N GLN A 40 13.10 4.36 3.43
CA GLN A 40 14.03 4.81 4.50
C GLN A 40 14.47 6.28 4.28
N ASP A 41 14.21 7.15 5.31
CA ASP A 41 14.50 8.62 5.30
C ASP A 41 13.56 9.45 4.37
N ALA A 42 13.15 8.86 3.23
CA ALA A 42 12.34 9.56 2.22
C ALA A 42 10.86 9.68 2.64
N SER A 43 10.23 10.77 2.19
CA SER A 43 8.80 11.09 2.43
C SER A 43 7.97 10.88 1.15
N VAL A 44 6.67 11.23 1.21
CA VAL A 44 5.75 11.14 0.05
C VAL A 44 4.78 12.36 0.03
N THR A 45 4.91 13.21 -1.01
CA THR A 45 4.07 14.40 -1.24
C THR A 45 2.75 14.02 -1.93
N VAL A 46 1.64 14.08 -1.17
CA VAL A 46 0.28 13.85 -1.71
C VAL A 46 -0.28 15.14 -2.34
N TYR A 47 -0.55 15.10 -3.66
CA TYR A 47 -1.15 16.22 -4.43
C TYR A 47 -2.69 16.23 -4.29
N ASP A 48 -3.30 15.03 -4.32
CA ASP A 48 -4.74 14.83 -4.04
C ASP A 48 -4.98 13.35 -3.65
N PHE A 49 -6.14 13.07 -3.03
CA PHE A 49 -6.49 11.72 -2.54
C PHE A 49 -8.02 11.55 -2.45
N ASN A 50 -8.60 10.74 -3.34
CA ASN A 50 -10.04 10.39 -3.32
C ASN A 50 -10.21 8.86 -3.47
N ALA A 51 -10.51 8.16 -2.37
CA ALA A 51 -10.70 6.70 -2.35
C ALA A 51 -12.20 6.33 -2.28
N THR A 52 -12.77 5.96 -3.45
CA THR A 52 -14.21 5.62 -3.59
C THR A 52 -14.45 4.83 -4.90
N LYS A 53 -15.73 4.51 -5.23
CA LYS A 53 -16.09 3.93 -6.55
C LYS A 53 -15.83 4.96 -7.67
N GLY A 54 -14.79 4.73 -8.49
CA GLY A 54 -14.42 5.67 -9.57
C GLY A 54 -13.62 6.87 -9.09
N GLY A 55 -12.95 6.73 -7.93
CA GLY A 55 -12.07 7.76 -7.37
C GLY A 55 -10.65 7.73 -7.94
N SER A 56 -9.81 8.68 -7.51
CA SER A 56 -8.39 8.75 -7.94
C SER A 56 -7.54 9.56 -6.95
N ALA A 57 -6.23 9.32 -6.97
CA ALA A 57 -5.24 10.00 -6.10
C ALA A 57 -3.93 10.22 -6.85
N PHE A 58 -3.23 11.32 -6.56
CA PHE A 58 -1.89 11.61 -7.11
C PHE A 58 -0.92 11.91 -5.97
N TYR A 59 0.23 11.24 -5.98
CA TYR A 59 1.30 11.41 -4.97
C TYR A 59 2.69 11.23 -5.62
N ALA A 60 3.75 11.54 -4.85
CA ALA A 60 5.14 11.39 -5.31
C ALA A 60 6.08 11.04 -4.14
N ILE A 61 6.96 10.05 -4.34
CA ILE A 61 7.98 9.67 -3.35
C ILE A 61 9.12 10.72 -3.36
N GLN A 62 9.10 11.58 -2.33
CA GLN A 62 10.06 12.68 -2.17
C GLN A 62 11.34 12.16 -1.43
N ALA A 63 12.40 11.89 -2.20
CA ALA A 63 13.71 11.46 -1.65
C ALA A 63 14.83 12.45 -2.08
N PRO A 64 15.95 12.58 -1.29
CA PRO A 64 17.10 13.49 -1.64
C PRO A 64 17.82 13.10 -2.97
N GLN A 65 17.83 11.79 -3.29
CA GLN A 65 18.53 11.25 -4.48
C GLN A 65 17.60 11.08 -5.70
N MET A 66 16.26 11.10 -5.48
CA MET A 66 15.25 10.89 -6.56
C MET A 66 13.82 11.30 -6.11
N ILE A 67 13.06 11.97 -6.99
CA ILE A 67 11.64 12.31 -6.74
C ILE A 67 10.77 11.63 -7.82
N SER A 68 10.03 10.58 -7.42
CA SER A 68 9.28 9.70 -8.37
C SER A 68 7.76 9.85 -8.19
N TYR A 69 7.01 9.94 -9.31
CA TYR A 69 5.56 10.27 -9.30
C TYR A 69 4.69 9.02 -9.59
N THR A 70 3.47 8.96 -8.99
CA THR A 70 2.54 7.81 -9.14
C THR A 70 1.06 8.23 -8.92
N ILE A 71 0.15 7.70 -9.78
CA ILE A 71 -1.30 7.98 -9.71
C ILE A 71 -2.08 6.66 -9.41
N ALA A 72 -2.90 6.64 -8.33
CA ALA A 72 -3.74 5.47 -7.98
C ALA A 72 -5.23 5.70 -8.37
N GLU A 73 -5.78 4.87 -9.27
CA GLU A 73 -7.19 4.94 -9.73
C GLU A 73 -8.07 3.96 -8.93
N TYR A 74 -8.95 4.46 -8.07
CA TYR A 74 -9.81 3.62 -7.19
C TYR A 74 -11.10 3.22 -7.92
N LEU A 75 -11.24 1.91 -8.28
CA LEU A 75 -12.42 1.42 -9.05
C LEU A 75 -13.62 1.22 -8.12
N GLN A 76 -13.43 0.41 -7.04
CA GLN A 76 -14.45 0.19 -5.99
C GLN A 76 -13.80 0.20 -4.59
N VAL A 77 -14.18 1.17 -3.75
CA VAL A 77 -13.87 1.13 -2.31
C VAL A 77 -15.20 0.99 -1.56
N ASP A 78 -15.42 -0.19 -0.97
CA ASP A 78 -16.75 -0.61 -0.45
C ASP A 78 -16.60 -1.17 0.97
N ALA A 79 -17.03 -0.35 1.98
CA ALA A 79 -16.94 -0.69 3.43
C ALA A 79 -15.46 -0.80 3.92
N PRO A 80 -15.18 -0.89 5.27
CA PRO A 80 -13.82 -1.24 5.80
C PRO A 80 -13.32 -2.69 5.47
N TYR A 81 -14.03 -3.40 4.57
CA TYR A 81 -13.80 -4.84 4.27
C TYR A 81 -13.34 -5.08 2.80
N TYR A 82 -13.35 -4.01 1.96
CA TYR A 82 -12.94 -4.11 0.53
C TYR A 82 -12.46 -2.75 -0.04
N ILE A 83 -11.24 -2.74 -0.63
CA ILE A 83 -10.66 -1.60 -1.36
C ILE A 83 -10.11 -2.12 -2.72
N GLU A 84 -10.24 -1.33 -3.81
CA GLU A 84 -9.72 -1.69 -5.16
C GLU A 84 -9.13 -0.46 -5.87
N TYR A 85 -7.90 -0.58 -6.43
CA TYR A 85 -7.24 0.51 -7.20
C TYR A 85 -6.20 0.01 -8.24
N LEU A 86 -5.77 0.95 -9.12
CA LEU A 86 -4.74 0.74 -10.17
C LEU A 86 -3.54 1.69 -9.92
N ASP A 87 -2.33 1.14 -9.80
CA ASP A 87 -1.11 1.92 -9.55
C ASP A 87 -0.39 2.19 -10.90
N TYR A 88 -0.45 3.45 -11.36
CA TYR A 88 0.22 3.90 -12.60
C TYR A 88 1.48 4.71 -12.26
N PHE A 89 2.65 4.23 -12.71
CA PHE A 89 3.92 4.99 -12.61
C PHE A 89 3.83 6.26 -13.48
N ALA A 90 3.76 7.43 -12.83
CA ALA A 90 3.56 8.73 -13.50
C ALA A 90 4.90 9.43 -13.80
N THR A 91 4.93 10.21 -14.90
CA THR A 91 6.12 11.01 -15.30
C THR A 91 6.28 12.26 -14.40
N SER A 92 5.25 13.14 -14.40
CA SER A 92 5.27 14.49 -13.79
C SER A 92 4.04 15.31 -14.22
N LYS A 93 3.64 15.13 -15.51
CA LYS A 93 2.59 15.93 -16.19
C LYS A 93 1.13 15.57 -15.74
N GLY A 94 0.97 14.86 -14.62
CA GLY A 94 -0.35 14.36 -14.20
C GLY A 94 -0.85 13.21 -15.06
N GLU A 95 0.11 12.42 -15.59
CA GLU A 95 -0.16 11.23 -16.44
C GLU A 95 0.99 10.21 -16.34
N LYS A 96 0.79 9.03 -16.97
CA LYS A 96 1.77 7.91 -16.96
C LYS A 96 3.17 8.31 -17.51
N ASP A 97 4.20 7.52 -17.18
CA ASP A 97 5.59 7.78 -17.57
C ASP A 97 5.80 7.61 -19.09
N THR A 98 5.84 6.35 -19.55
CA THR A 98 5.85 6.00 -20.98
C THR A 98 4.54 5.26 -21.33
N SER A 99 4.38 4.04 -20.77
CA SER A 99 3.18 3.20 -20.95
C SER A 99 3.32 1.88 -20.15
N MET A 100 2.92 1.88 -18.86
CA MET A 100 2.80 0.62 -18.07
C MET A 100 1.31 0.19 -17.95
N PRO A 101 1.02 -1.15 -17.93
CA PRO A 101 -0.33 -1.67 -17.55
C PRO A 101 -0.68 -1.36 -16.06
N GLY A 102 -1.95 -1.02 -15.81
CA GLY A 102 -2.44 -0.66 -14.47
C GLY A 102 -2.30 -1.76 -13.41
N MET A 103 -1.36 -1.55 -12.48
CA MET A 103 -1.06 -2.45 -11.35
C MET A 103 -2.29 -2.59 -10.39
N HIS A 104 -3.00 -3.73 -10.46
CA HIS A 104 -4.35 -3.90 -9.85
C HIS A 104 -4.32 -4.54 -8.44
N ILE A 105 -4.46 -3.72 -7.37
CA ILE A 105 -4.58 -4.21 -5.98
C ILE A 105 -6.07 -4.26 -5.54
N THR A 106 -6.49 -5.39 -4.93
CA THR A 106 -7.77 -5.48 -4.17
C THR A 106 -7.47 -6.01 -2.75
N LEU A 107 -7.71 -5.18 -1.72
CA LEU A 107 -7.45 -5.54 -0.31
C LEU A 107 -8.79 -5.90 0.35
N ASN A 108 -8.84 -7.07 1.03
CA ASN A 108 -10.09 -7.65 1.55
C ASN A 108 -9.88 -8.22 2.97
N PHE A 109 -10.96 -8.27 3.76
CA PHE A 109 -10.92 -8.81 5.14
C PHE A 109 -10.59 -10.34 5.15
N GLU A 110 -9.46 -10.69 5.75
CA GLU A 110 -9.06 -12.11 5.96
C GLU A 110 -9.59 -12.60 7.33
N GLU A 111 -9.10 -11.98 8.41
CA GLU A 111 -9.52 -12.30 9.81
C GLU A 111 -9.92 -10.99 10.52
N VAL A 112 -11.11 -10.97 11.14
CA VAL A 112 -11.64 -9.78 11.84
C VAL A 112 -12.51 -10.23 13.06
N LYS A 113 -11.89 -10.26 14.26
CA LYS A 113 -12.54 -10.63 15.54
C LYS A 113 -12.34 -9.49 16.59
N GLY A 114 -11.15 -9.49 17.23
CA GLY A 114 -10.71 -8.37 18.08
C GLY A 114 -9.55 -7.62 17.41
N LYS A 115 -8.69 -8.42 16.73
CA LYS A 115 -7.57 -7.90 15.90
C LYS A 115 -7.96 -7.95 14.40
N THR A 116 -7.45 -6.99 13.64
CA THR A 116 -7.68 -6.88 12.18
C THR A 116 -6.61 -7.67 11.38
N THR A 117 -7.02 -8.25 10.24
CA THR A 117 -6.11 -8.90 9.26
C THR A 117 -6.71 -8.70 7.86
N VAL A 118 -6.00 -7.96 7.00
CA VAL A 118 -6.46 -7.63 5.64
C VAL A 118 -5.46 -8.14 4.57
N THR A 119 -5.95 -9.01 3.67
CA THR A 119 -5.19 -9.59 2.55
C THR A 119 -5.15 -8.64 1.33
N SER A 120 -3.94 -8.19 0.94
CA SER A 120 -3.74 -7.36 -0.28
C SER A 120 -3.47 -8.28 -1.50
N THR A 121 -4.43 -8.34 -2.43
CA THR A 121 -4.32 -9.15 -3.66
C THR A 121 -3.77 -8.27 -4.79
N SER A 122 -2.47 -8.37 -5.04
CA SER A 122 -1.73 -7.44 -5.92
C SER A 122 -1.36 -8.11 -7.26
N THR A 123 -2.10 -7.76 -8.31
CA THR A 123 -1.84 -8.27 -9.69
C THR A 123 -0.86 -7.32 -10.42
N PHE A 124 0.41 -7.74 -10.46
CA PHE A 124 1.49 -7.03 -11.17
C PHE A 124 1.31 -7.07 -12.72
N PRO A 125 1.95 -6.12 -13.47
CA PRO A 125 1.79 -5.98 -14.96
C PRO A 125 2.55 -7.05 -15.80
N THR A 126 2.24 -8.35 -15.54
CA THR A 126 2.64 -9.54 -16.37
C THR A 126 4.17 -9.79 -16.47
N GLU A 127 4.52 -11.03 -16.88
CA GLU A 127 5.90 -11.45 -17.30
C GLU A 127 7.01 -11.02 -16.30
N SER A 128 7.13 -11.79 -15.20
CA SER A 128 8.19 -11.65 -14.16
C SER A 128 8.14 -10.30 -13.38
N ALA A 129 7.08 -9.49 -13.56
CA ALA A 129 6.89 -8.20 -12.84
C ALA A 129 6.68 -8.41 -11.32
N ALA A 130 5.97 -9.49 -10.97
CA ALA A 130 5.79 -9.93 -9.57
C ALA A 130 6.99 -10.76 -9.07
N GLN A 131 7.56 -11.58 -9.97
CA GLN A 131 8.73 -12.44 -9.69
C GLN A 131 9.95 -11.61 -9.22
N GLN A 132 10.26 -10.52 -9.96
CA GLN A 132 11.42 -9.64 -9.67
C GLN A 132 11.33 -9.00 -8.26
N ALA A 133 10.08 -8.79 -7.79
CA ALA A 133 9.79 -8.30 -6.43
C ALA A 133 10.14 -9.37 -5.37
N ILE A 134 9.83 -10.65 -5.68
CA ILE A 134 10.19 -11.80 -4.81
C ILE A 134 11.73 -12.00 -4.76
N ASP A 135 12.38 -11.75 -5.92
CA ASP A 135 13.86 -11.73 -6.04
C ASP A 135 14.47 -10.60 -5.18
N MET A 136 13.74 -9.46 -5.14
CA MET A 136 14.08 -8.28 -4.30
C MET A 136 13.80 -8.54 -2.79
N GLY A 137 12.93 -9.52 -2.50
CA GLY A 137 12.50 -9.81 -1.12
C GLY A 137 11.39 -8.88 -0.64
N VAL A 138 10.34 -8.74 -1.47
CA VAL A 138 9.25 -7.74 -1.28
C VAL A 138 8.43 -7.99 0.00
N GLU A 139 8.27 -9.26 0.41
CA GLU A 139 7.48 -9.65 1.61
C GLU A 139 8.07 -9.03 2.90
N THR A 140 9.41 -9.00 2.97
CA THR A 140 10.16 -8.31 4.05
C THR A 140 9.86 -6.79 4.05
N GLY A 141 9.93 -6.19 2.84
CA GLY A 141 9.67 -4.74 2.65
C GLY A 141 8.25 -4.29 3.00
N MET A 142 7.25 -5.10 2.59
CA MET A 142 5.81 -4.86 2.89
C MET A 142 5.58 -4.85 4.42
N ASN A 143 6.07 -5.92 5.08
CA ASN A 143 5.97 -6.11 6.55
C ASN A 143 6.61 -4.93 7.34
N SER A 144 7.76 -4.44 6.83
CA SER A 144 8.52 -3.30 7.43
C SER A 144 7.73 -1.97 7.33
N THR A 145 7.17 -1.69 6.14
CA THR A 145 6.38 -0.46 5.86
C THR A 145 5.06 -0.46 6.69
N LEU A 146 4.53 -1.67 6.94
CA LEU A 146 3.34 -1.88 7.79
C LEU A 146 3.66 -1.78 9.30
N ASN A 147 4.93 -1.95 9.70
CA ASN A 147 5.39 -1.58 11.09
C ASN A 147 5.37 -0.05 11.32
N GLN A 148 5.56 0.72 10.22
CA GLN A 148 5.36 2.20 10.24
C GLN A 148 3.86 2.53 10.42
N LEU A 149 2.99 1.71 9.76
CA LEU A 149 1.52 1.78 9.89
C LEU A 149 1.07 1.38 11.31
N GLU A 150 1.72 0.38 11.88
CA GLU A 150 1.46 -0.12 13.25
C GLU A 150 1.72 1.00 14.30
N LYS A 151 2.91 1.62 14.19
CA LYS A 151 3.31 2.81 14.99
C LYS A 151 2.26 3.93 14.92
N LEU A 152 1.83 4.23 13.69
CA LEU A 152 0.77 5.20 13.36
C LEU A 152 -0.57 4.88 14.10
N LEU A 153 -1.06 3.65 13.94
CA LEU A 153 -2.38 3.22 14.48
C LEU A 153 -2.38 3.11 16.02
N ASN A 154 -1.19 3.01 16.62
CA ASN A 154 -1.02 3.09 18.09
C ASN A 154 -1.03 4.55 18.59
N GLN A 155 -0.48 5.48 17.76
CA GLN A 155 -0.30 6.94 18.10
C GLN A 155 0.57 7.17 19.36
N LYS A 156 1.36 6.15 19.72
CA LYS A 156 2.11 6.11 21.00
C LYS A 156 3.35 5.18 20.88
N LEU A 157 3.42 4.39 19.79
CA LEU A 157 4.50 3.39 19.55
C LEU A 157 5.69 4.05 18.78
N GLU A 158 6.12 5.25 19.22
CA GLU A 158 7.21 6.01 18.55
C GLU A 158 8.63 5.58 19.04
N HIS A 159 8.82 4.24 19.16
CA HIS A 159 10.08 3.59 19.61
C HIS A 159 10.53 4.09 21.01
N HIS A 160 10.13 3.35 22.06
CA HIS A 160 10.35 3.77 23.47
C HIS A 160 10.28 2.57 24.43
N HIS A 161 10.94 2.71 25.60
CA HIS A 161 10.87 1.71 26.70
C HIS A 161 9.92 2.21 27.81
N HIS A 162 9.69 1.38 28.84
CA HIS A 162 8.91 1.79 30.04
C HIS A 162 9.25 0.89 31.24
N HIS A 163 9.06 -0.44 31.08
CA HIS A 163 9.33 -1.44 32.15
C HIS A 163 10.08 -2.66 31.54
N HIS A 164 11.17 -3.07 32.22
CA HIS A 164 12.08 -4.14 31.76
C HIS A 164 11.36 -5.50 31.64
N MET A 1 3.36 -19.84 6.54
CA MET A 1 4.73 -19.59 6.01
C MET A 1 4.75 -18.26 5.21
N THR A 2 5.19 -17.18 5.90
CA THR A 2 5.23 -15.79 5.37
C THR A 2 3.95 -15.38 4.56
N ILE A 3 3.99 -15.53 3.21
CA ILE A 3 2.85 -15.24 2.30
C ILE A 3 2.83 -16.23 1.11
N GLU A 4 1.77 -16.16 0.30
CA GLU A 4 1.54 -17.09 -0.83
C GLU A 4 1.68 -16.35 -2.17
N LYS A 5 2.53 -16.88 -3.10
CA LYS A 5 2.84 -16.23 -4.39
C LYS A 5 2.31 -17.05 -5.61
N LYS A 6 1.51 -16.38 -6.44
CA LYS A 6 0.93 -16.92 -7.70
C LYS A 6 1.84 -16.53 -8.92
N LYS A 7 1.32 -16.61 -10.18
CA LYS A 7 2.14 -16.29 -11.39
C LYS A 7 2.54 -14.79 -11.44
N ASN A 8 1.58 -13.92 -11.81
CA ASN A 8 1.77 -12.44 -11.78
C ASN A 8 1.16 -11.82 -10.50
N LYS A 9 0.56 -12.65 -9.65
CA LYS A 9 -0.13 -12.20 -8.42
C LYS A 9 0.67 -12.59 -7.16
N ILE A 10 0.71 -11.69 -6.17
CA ILE A 10 1.16 -12.01 -4.80
C ILE A 10 0.01 -11.78 -3.81
N ILE A 11 -0.32 -12.81 -3.03
CA ILE A 11 -1.33 -12.73 -1.96
C ILE A 11 -0.62 -12.51 -0.60
N PHE A 12 -0.75 -11.27 -0.08
CA PHE A 12 -0.12 -10.84 1.18
C PHE A 12 -1.14 -10.85 2.34
N THR A 13 -0.68 -11.13 3.56
CA THR A 13 -1.53 -11.07 4.79
C THR A 13 -0.75 -10.41 5.95
N ARG A 14 -1.47 -9.68 6.82
CA ARG A 14 -0.84 -8.88 7.91
C ARG A 14 -1.88 -8.56 9.01
N THR A 15 -1.51 -8.83 10.29
CA THR A 15 -2.38 -8.58 11.46
C THR A 15 -1.96 -7.27 12.19
N PHE A 16 -2.85 -6.27 12.19
CA PHE A 16 -2.66 -4.99 12.91
C PHE A 16 -3.39 -5.01 14.27
N SER A 17 -2.71 -4.60 15.37
CA SER A 17 -3.40 -4.32 16.65
C SER A 17 -4.14 -2.97 16.53
N ALA A 18 -5.41 -3.04 16.11
CA ALA A 18 -6.25 -1.86 15.76
C ALA A 18 -7.63 -2.35 15.24
N PRO A 19 -8.71 -1.52 15.34
CA PRO A 19 -9.99 -1.77 14.61
C PRO A 19 -9.88 -1.52 13.08
N ILE A 20 -10.73 -2.24 12.30
CA ILE A 20 -10.82 -2.14 10.81
C ILE A 20 -11.08 -0.69 10.32
N ASN A 21 -11.66 0.13 11.20
CA ASN A 21 -11.96 1.56 10.95
C ASN A 21 -10.67 2.35 10.60
N LYS A 22 -9.65 2.21 11.48
CA LYS A 22 -8.36 2.93 11.35
C LYS A 22 -7.53 2.34 10.18
N VAL A 23 -7.59 1.01 10.07
CA VAL A 23 -6.85 0.22 9.05
C VAL A 23 -7.36 0.54 7.62
N PHE A 24 -8.67 0.81 7.50
CA PHE A 24 -9.28 1.28 6.23
C PHE A 24 -8.83 2.72 5.90
N ASP A 25 -8.99 3.62 6.89
CA ASP A 25 -8.61 5.06 6.78
C ASP A 25 -7.10 5.25 6.49
N ALA A 26 -6.31 4.21 6.77
CA ALA A 26 -4.88 4.14 6.42
C ALA A 26 -4.65 4.28 4.89
N TYR A 27 -5.45 3.54 4.11
CA TYR A 27 -5.34 3.51 2.64
C TYR A 27 -6.25 4.57 1.97
N THR A 28 -7.28 5.04 2.70
CA THR A 28 -8.34 5.92 2.13
C THR A 28 -8.28 7.39 2.55
N LYS A 29 -7.58 7.70 3.65
CA LYS A 29 -7.45 9.09 4.15
C LYS A 29 -5.95 9.46 4.27
N ARG A 30 -5.57 10.62 3.69
CA ARG A 30 -4.15 11.02 3.54
C ARG A 30 -3.47 11.29 4.89
N GLU A 31 -4.29 11.60 5.91
CA GLU A 31 -3.84 11.80 7.30
C GLU A 31 -2.90 10.68 7.75
N LEU A 32 -3.29 9.45 7.39
CA LEU A 32 -2.56 8.25 7.78
C LEU A 32 -1.67 7.79 6.62
N PHE A 33 -2.19 7.87 5.38
CA PHE A 33 -1.48 7.38 4.16
C PHE A 33 -0.05 7.94 4.04
N GLU A 34 0.10 9.27 4.21
CA GLU A 34 1.41 9.94 4.04
C GLU A 34 2.37 9.67 5.25
N GLN A 35 1.85 9.10 6.34
CA GLN A 35 2.66 8.75 7.54
C GLN A 35 3.24 7.30 7.48
N TRP A 36 2.71 6.41 6.61
CA TRP A 36 3.25 5.01 6.46
C TRP A 36 3.87 4.77 5.06
N PHE A 37 3.23 5.30 4.00
CA PHE A 37 3.63 5.02 2.60
C PHE A 37 4.88 5.86 2.21
N HIS A 38 6.07 5.30 2.45
CA HIS A 38 7.37 5.90 2.08
C HIS A 38 8.47 4.81 2.05
N PRO A 39 9.23 4.66 0.91
CA PRO A 39 10.09 3.48 0.63
C PRO A 39 11.17 3.17 1.72
N GLN A 40 11.99 4.18 2.07
CA GLN A 40 13.09 4.02 3.06
C GLN A 40 13.50 5.40 3.67
N ASP A 41 14.63 5.99 3.22
CA ASP A 41 15.08 7.33 3.67
C ASP A 41 14.47 8.40 2.72
N ALA A 42 13.13 8.54 2.80
CA ALA A 42 12.34 9.39 1.89
C ALA A 42 10.96 9.70 2.48
N SER A 43 10.30 10.72 1.91
CA SER A 43 8.93 11.15 2.32
C SER A 43 7.97 11.08 1.10
N VAL A 44 6.71 11.46 1.33
CA VAL A 44 5.66 11.51 0.29
C VAL A 44 4.79 12.78 0.44
N THR A 45 4.48 13.43 -0.68
CA THR A 45 3.59 14.62 -0.73
C THR A 45 2.28 14.27 -1.48
N VAL A 46 1.14 14.36 -0.78
CA VAL A 46 -0.19 14.16 -1.40
C VAL A 46 -0.76 15.51 -1.87
N TYR A 47 -1.00 15.62 -3.19
CA TYR A 47 -1.53 16.86 -3.82
C TYR A 47 -3.07 16.93 -3.67
N ASP A 48 -3.75 15.85 -4.13
CA ASP A 48 -5.21 15.71 -4.03
C ASP A 48 -5.57 14.23 -3.78
N PHE A 49 -6.26 13.93 -2.67
CA PHE A 49 -6.60 12.53 -2.29
C PHE A 49 -8.13 12.30 -2.36
N ASN A 50 -8.56 11.43 -3.29
CA ASN A 50 -9.98 11.00 -3.39
C ASN A 50 -10.06 9.47 -3.41
N ALA A 51 -10.44 8.87 -2.27
CA ALA A 51 -10.60 7.42 -2.14
C ALA A 51 -12.09 7.03 -2.09
N THR A 52 -12.62 6.70 -3.27
CA THR A 52 -14.02 6.29 -3.45
C THR A 52 -14.13 5.37 -4.67
N LYS A 53 -15.31 4.78 -4.88
CA LYS A 53 -15.58 3.90 -6.03
C LYS A 53 -15.58 4.72 -7.35
N GLY A 54 -14.47 4.63 -8.10
CA GLY A 54 -14.23 5.48 -9.29
C GLY A 54 -13.45 6.76 -8.99
N GLY A 55 -12.74 6.80 -7.84
CA GLY A 55 -11.92 7.96 -7.42
C GLY A 55 -10.42 7.81 -7.75
N SER A 56 -9.58 8.72 -7.22
CA SER A 56 -8.09 8.67 -7.43
C SER A 56 -7.34 9.56 -6.41
N ALA A 57 -6.16 9.09 -5.96
CA ALA A 57 -5.23 9.87 -5.13
C ALA A 57 -3.93 10.18 -5.90
N PHE A 58 -3.66 11.48 -6.12
CA PHE A 58 -2.42 11.95 -6.78
C PHE A 58 -1.38 12.33 -5.70
N TYR A 59 -0.19 11.73 -5.78
CA TYR A 59 0.92 11.98 -4.83
C TYR A 59 2.31 11.77 -5.48
N ALA A 60 3.38 12.06 -4.72
CA ALA A 60 4.78 11.98 -5.20
C ALA A 60 5.74 11.51 -4.10
N ILE A 61 6.71 10.66 -4.46
CA ILE A 61 7.77 10.21 -3.53
C ILE A 61 8.97 11.19 -3.57
N GLN A 62 9.13 11.96 -2.49
CA GLN A 62 10.22 12.94 -2.32
C GLN A 62 11.47 12.25 -1.70
N ALA A 63 12.44 11.91 -2.55
CA ALA A 63 13.70 11.24 -2.13
C ALA A 63 14.92 12.17 -2.37
N PRO A 64 15.99 12.11 -1.51
CA PRO A 64 17.18 13.01 -1.62
C PRO A 64 17.98 12.84 -2.95
N GLN A 65 17.83 11.68 -3.64
CA GLN A 65 18.51 11.44 -4.94
C GLN A 65 17.57 11.68 -6.16
N MET A 66 16.24 11.61 -5.96
CA MET A 66 15.24 11.69 -7.07
C MET A 66 13.82 12.01 -6.52
N ILE A 67 13.02 12.74 -7.30
CA ILE A 67 11.60 12.99 -6.94
C ILE A 67 10.69 12.32 -7.99
N SER A 68 10.06 11.21 -7.58
CA SER A 68 9.19 10.40 -8.45
C SER A 68 7.70 10.72 -8.19
N TYR A 69 6.80 10.29 -9.10
CA TYR A 69 5.35 10.61 -9.03
C TYR A 69 4.50 9.33 -9.23
N THR A 70 3.53 9.10 -8.33
CA THR A 70 2.66 7.90 -8.37
C THR A 70 1.18 8.30 -8.17
N ILE A 71 0.32 7.81 -9.07
CA ILE A 71 -1.12 8.10 -9.09
C ILE A 71 -1.91 6.79 -8.87
N ALA A 72 -2.65 6.65 -7.75
CA ALA A 72 -3.46 5.45 -7.49
C ALA A 72 -4.95 5.72 -7.83
N GLU A 73 -5.48 5.04 -8.86
CA GLU A 73 -6.89 5.16 -9.27
C GLU A 73 -7.76 4.17 -8.46
N TYR A 74 -8.60 4.68 -7.55
CA TYR A 74 -9.49 3.84 -6.72
C TYR A 74 -10.70 3.37 -7.56
N LEU A 75 -10.54 2.19 -8.18
CA LEU A 75 -11.50 1.60 -9.12
C LEU A 75 -12.83 1.27 -8.40
N GLN A 76 -12.73 0.43 -7.36
CA GLN A 76 -13.90 -0.12 -6.64
C GLN A 76 -13.64 -0.08 -5.12
N VAL A 77 -14.43 0.70 -4.39
CA VAL A 77 -14.33 0.86 -2.92
C VAL A 77 -15.74 0.73 -2.30
N ASP A 78 -15.91 -0.25 -1.40
CA ASP A 78 -17.20 -0.55 -0.76
C ASP A 78 -16.97 -1.14 0.65
N ALA A 79 -17.48 -0.43 1.69
CA ALA A 79 -17.33 -0.80 3.13
C ALA A 79 -15.85 -0.65 3.61
N PRO A 80 -15.57 -0.62 4.97
CA PRO A 80 -14.18 -0.71 5.48
C PRO A 80 -13.50 -2.09 5.21
N TYR A 81 -14.27 -3.05 4.67
CA TYR A 81 -13.85 -4.45 4.49
C TYR A 81 -13.30 -4.77 3.08
N TYR A 82 -13.47 -3.85 2.10
CA TYR A 82 -12.96 -4.08 0.72
C TYR A 82 -12.46 -2.77 0.04
N ILE A 83 -11.23 -2.85 -0.53
CA ILE A 83 -10.62 -1.78 -1.36
C ILE A 83 -10.14 -2.41 -2.69
N GLU A 84 -10.26 -1.66 -3.80
CA GLU A 84 -9.67 -2.02 -5.11
C GLU A 84 -9.14 -0.76 -5.81
N TYR A 85 -7.85 -0.75 -6.20
CA TYR A 85 -7.24 0.36 -6.96
C TYR A 85 -6.20 -0.12 -7.99
N LEU A 86 -5.85 0.80 -8.91
CA LEU A 86 -4.82 0.61 -9.94
C LEU A 86 -3.67 1.59 -9.66
N ASP A 87 -2.46 1.10 -9.49
CA ASP A 87 -1.29 1.94 -9.20
C ASP A 87 -0.57 2.27 -10.52
N TYR A 88 -0.75 3.50 -11.00
CA TYR A 88 -0.08 4.01 -12.20
C TYR A 88 1.15 4.82 -11.80
N PHE A 89 2.31 4.47 -12.35
CA PHE A 89 3.50 5.34 -12.34
C PHE A 89 3.21 6.56 -13.25
N ALA A 90 3.79 7.72 -12.95
CA ALA A 90 3.61 8.93 -13.78
C ALA A 90 4.89 9.25 -14.57
N THR A 91 4.71 9.69 -15.83
CA THR A 91 5.82 10.17 -16.70
C THR A 91 6.17 11.67 -16.43
N SER A 92 5.78 12.14 -15.22
CA SER A 92 5.98 13.53 -14.71
C SER A 92 4.96 14.54 -15.29
N LYS A 93 4.30 14.19 -16.43
CA LYS A 93 3.21 15.01 -17.03
C LYS A 93 1.95 15.06 -16.12
N GLY A 94 1.81 14.04 -15.24
CA GLY A 94 0.73 13.98 -14.25
C GLY A 94 -0.51 13.22 -14.71
N GLU A 95 -0.43 12.54 -15.87
CA GLU A 95 -1.55 11.73 -16.43
C GLU A 95 -1.31 10.23 -16.08
N LYS A 96 -0.30 9.63 -16.73
CA LYS A 96 0.19 8.25 -16.43
C LYS A 96 1.48 7.97 -17.24
N ASP A 97 2.18 6.88 -16.93
CA ASP A 97 3.38 6.45 -17.68
C ASP A 97 2.99 5.43 -18.78
N THR A 98 3.57 5.62 -19.97
CA THR A 98 3.31 4.77 -21.16
C THR A 98 4.22 3.52 -21.20
N SER A 99 5.27 3.48 -20.34
CA SER A 99 6.23 2.35 -20.29
C SER A 99 5.63 1.14 -19.52
N MET A 100 5.11 1.39 -18.30
CA MET A 100 4.52 0.33 -17.44
C MET A 100 2.96 0.48 -17.32
N PRO A 101 2.20 -0.66 -17.21
CA PRO A 101 0.71 -0.65 -17.05
C PRO A 101 0.22 -0.36 -15.59
N GLY A 102 -1.11 -0.45 -15.37
CA GLY A 102 -1.73 -0.23 -14.05
C GLY A 102 -1.61 -1.43 -13.10
N MET A 103 -0.87 -1.23 -12.00
CA MET A 103 -0.63 -2.25 -10.96
C MET A 103 -1.90 -2.45 -10.05
N HIS A 104 -2.68 -3.51 -10.33
CA HIS A 104 -4.02 -3.72 -9.74
C HIS A 104 -3.96 -4.43 -8.34
N ILE A 105 -4.07 -3.64 -7.25
CA ILE A 105 -4.21 -4.18 -5.86
C ILE A 105 -5.71 -4.29 -5.49
N THR A 106 -6.08 -5.37 -4.77
CA THR A 106 -7.39 -5.52 -4.11
C THR A 106 -7.18 -5.99 -2.66
N LEU A 107 -7.56 -5.18 -1.66
CA LEU A 107 -7.37 -5.52 -0.24
C LEU A 107 -8.71 -6.02 0.36
N ASN A 108 -8.67 -7.17 1.05
CA ASN A 108 -9.86 -7.91 1.50
C ASN A 108 -9.83 -8.11 3.03
N PHE A 109 -11.01 -8.10 3.67
CA PHE A 109 -11.15 -8.37 5.11
C PHE A 109 -10.74 -9.83 5.45
N GLU A 110 -9.99 -9.99 6.56
CA GLU A 110 -9.47 -11.31 7.00
C GLU A 110 -9.26 -11.31 8.53
N GLU A 111 -9.96 -10.39 9.27
CA GLU A 111 -9.77 -10.18 10.73
C GLU A 111 -9.86 -11.51 11.51
N VAL A 112 -8.70 -11.96 12.03
CA VAL A 112 -8.51 -13.30 12.65
C VAL A 112 -9.53 -13.58 13.78
N LYS A 113 -9.62 -12.66 14.77
CA LYS A 113 -10.57 -12.74 15.90
C LYS A 113 -10.96 -11.31 16.37
N GLY A 114 -10.05 -10.65 17.12
CA GLY A 114 -10.29 -9.29 17.64
C GLY A 114 -9.45 -8.23 16.91
N LYS A 115 -8.14 -8.52 16.76
CA LYS A 115 -7.20 -7.63 16.02
C LYS A 115 -7.40 -7.79 14.49
N THR A 116 -7.48 -6.64 13.80
CA THR A 116 -7.73 -6.60 12.34
C THR A 116 -6.60 -7.28 11.54
N THR A 117 -7.00 -7.93 10.44
CA THR A 117 -6.10 -8.61 9.50
C THR A 117 -6.68 -8.38 8.10
N VAL A 118 -5.85 -7.91 7.16
CA VAL A 118 -6.30 -7.59 5.78
C VAL A 118 -5.38 -8.28 4.74
N THR A 119 -5.97 -9.19 3.95
CA THR A 119 -5.27 -9.89 2.87
C THR A 119 -5.27 -9.05 1.58
N SER A 120 -4.09 -8.50 1.21
CA SER A 120 -3.94 -7.71 -0.02
C SER A 120 -3.57 -8.64 -1.21
N THR A 121 -4.53 -8.84 -2.11
CA THR A 121 -4.37 -9.61 -3.35
C THR A 121 -3.92 -8.66 -4.50
N SER A 122 -2.61 -8.64 -4.77
CA SER A 122 -1.97 -7.70 -5.71
C SER A 122 -1.53 -8.41 -7.01
N THR A 123 -1.84 -7.82 -8.17
CA THR A 123 -1.46 -8.39 -9.49
C THR A 123 -0.41 -7.49 -10.20
N PHE A 124 0.84 -7.97 -10.18
CA PHE A 124 1.98 -7.38 -10.92
C PHE A 124 1.82 -7.58 -12.47
N PRO A 125 2.55 -6.77 -13.32
CA PRO A 125 2.34 -6.74 -14.80
C PRO A 125 2.91 -7.97 -15.58
N THR A 126 2.26 -9.15 -15.39
CA THR A 126 2.55 -10.45 -16.09
C THR A 126 4.08 -10.82 -16.14
N GLU A 127 4.45 -11.86 -16.94
CA GLU A 127 5.86 -12.28 -17.17
C GLU A 127 6.54 -12.79 -15.85
N SER A 128 5.71 -13.15 -14.85
CA SER A 128 6.15 -13.49 -13.47
C SER A 128 6.96 -12.35 -12.80
N ALA A 129 6.59 -11.09 -13.13
CA ALA A 129 7.16 -9.86 -12.51
C ALA A 129 6.96 -9.86 -10.97
N ALA A 130 5.91 -10.57 -10.51
CA ALA A 130 5.60 -10.79 -9.10
C ALA A 130 6.63 -11.71 -8.42
N GLN A 131 7.00 -12.81 -9.10
CA GLN A 131 8.09 -13.70 -8.65
C GLN A 131 9.41 -12.93 -8.56
N GLN A 132 9.77 -12.26 -9.67
CA GLN A 132 10.99 -11.42 -9.74
C GLN A 132 10.99 -10.28 -8.68
N ALA A 133 9.79 -9.85 -8.26
CA ALA A 133 9.63 -8.88 -7.15
C ALA A 133 10.05 -9.49 -5.80
N ILE A 134 9.73 -10.79 -5.60
CA ILE A 134 10.16 -11.56 -4.40
C ILE A 134 11.70 -11.80 -4.42
N ASP A 135 12.25 -12.07 -5.62
CA ASP A 135 13.71 -12.18 -5.83
C ASP A 135 14.42 -10.82 -5.61
N MET A 136 13.67 -9.71 -5.80
CA MET A 136 14.12 -8.34 -5.44
C MET A 136 13.98 -8.12 -3.90
N GLY A 137 12.98 -8.78 -3.29
CA GLY A 137 12.73 -8.72 -1.83
C GLY A 137 11.49 -7.89 -1.43
N VAL A 138 10.40 -8.00 -2.21
CA VAL A 138 9.14 -7.27 -1.95
C VAL A 138 8.36 -7.91 -0.77
N GLU A 139 8.61 -9.20 -0.49
CA GLU A 139 8.03 -9.91 0.68
C GLU A 139 8.45 -9.22 2.00
N THR A 140 9.76 -8.93 2.10
CA THR A 140 10.35 -8.18 3.23
C THR A 140 9.90 -6.70 3.21
N GLY A 141 9.89 -6.09 2.00
CA GLY A 141 9.54 -4.67 1.83
C GLY A 141 8.11 -4.30 2.27
N MET A 142 7.11 -5.04 1.76
CA MET A 142 5.67 -4.83 2.08
C MET A 142 5.38 -5.05 3.58
N ASN A 143 6.09 -6.04 4.18
CA ASN A 143 5.99 -6.33 5.63
C ASN A 143 6.47 -5.11 6.44
N SER A 144 7.70 -4.65 6.13
CA SER A 144 8.37 -3.53 6.83
C SER A 144 7.59 -2.19 6.70
N THR A 145 6.91 -2.03 5.54
CA THR A 145 6.09 -0.82 5.25
C THR A 145 4.80 -0.81 6.12
N LEU A 146 4.19 -2.01 6.33
CA LEU A 146 3.01 -2.17 7.21
C LEU A 146 3.39 -2.15 8.72
N ASN A 147 4.67 -2.41 9.04
CA ASN A 147 5.24 -2.12 10.40
C ASN A 147 5.19 -0.60 10.70
N GLN A 148 5.44 0.22 9.66
CA GLN A 148 5.35 1.71 9.76
C GLN A 148 3.87 2.14 9.97
N LEU A 149 2.96 1.33 9.42
CA LEU A 149 1.50 1.51 9.55
C LEU A 149 1.01 1.11 10.97
N GLU A 150 1.66 0.11 11.60
CA GLU A 150 1.30 -0.35 12.97
C GLU A 150 1.51 0.77 14.03
N LYS A 151 2.75 1.32 14.08
CA LYS A 151 3.11 2.41 15.03
C LYS A 151 2.28 3.70 14.77
N LEU A 152 1.80 3.85 13.52
CA LEU A 152 0.93 4.95 13.06
C LEU A 152 -0.51 4.83 13.63
N LEU A 153 -1.13 3.65 13.50
CA LEU A 153 -2.52 3.42 13.92
C LEU A 153 -2.64 3.27 15.45
N ASN A 154 -1.56 2.79 16.09
CA ASN A 154 -1.49 2.65 17.55
C ASN A 154 -1.10 4.00 18.23
N GLN A 155 -0.02 4.63 17.69
CA GLN A 155 0.58 5.90 18.20
C GLN A 155 1.22 5.74 19.61
N LYS A 156 2.48 6.24 19.76
CA LYS A 156 3.31 6.08 20.99
C LYS A 156 3.65 4.57 21.23
N LEU A 157 3.75 3.82 20.10
CA LEU A 157 3.97 2.36 20.08
C LEU A 157 5.30 2.03 19.33
N GLU A 158 6.06 3.09 18.98
CA GLU A 158 7.30 2.98 18.18
C GLU A 158 8.34 2.11 18.92
N HIS A 159 8.86 1.11 18.20
CA HIS A 159 9.70 0.02 18.78
C HIS A 159 11.19 0.46 18.89
N HIS A 160 11.74 0.37 20.11
CA HIS A 160 13.13 0.83 20.41
C HIS A 160 13.74 0.01 21.57
N HIS A 161 15.03 -0.36 21.40
CA HIS A 161 15.84 -1.12 22.40
C HIS A 161 15.10 -2.39 22.92
N HIS A 162 15.01 -3.41 22.06
CA HIS A 162 14.40 -4.71 22.39
C HIS A 162 15.00 -5.82 21.49
N HIS A 163 15.67 -6.79 22.14
CA HIS A 163 16.26 -7.97 21.47
C HIS A 163 15.30 -9.18 21.55
N HIS A 164 15.43 -10.11 20.59
CA HIS A 164 14.63 -11.36 20.54
C HIS A 164 15.39 -12.49 19.84
#